data_7CN2
#
_entry.id   7CN2
#
loop_
_entity.id
_entity.type
_entity.pdbx_description
1 polymer 'The light chain variable region of H16.001 Fab fragment'
2 polymer 'The heavy chain variable region of H16.001 Fab fragment'
3 polymer 'Major capsid protein L1'
#
loop_
_entity_poly.entity_id
_entity_poly.type
_entity_poly.pdbx_seq_one_letter_code
_entity_poly.pdbx_strand_id
1 'polypeptide(L)'
;DPMLTQTAASVEVAVGGTVTIKCQASQSIGGYLSWYQQKPGQRPKLLIYRASTLASGVPSRFKGSGSGTEYTLTFSGVEC
ADAAAYYCQQGYTSSDINNAFGGGTEVVVK
;
g,i,j,k,m,L
2 'polypeptide(L)'
;QSVKESEGRLVTPGTPLTLTCTASGFTMSRYHMTWVRQAPGKGLEWIGIIYARNSDTYYANWAKGRFTISKTSTTVDLKI
TSPTIEDTATYFCARVDSDSSGAFDRLDLWGQGTLVTVSS
;
G,I,J,K,M,H
3 'polypeptide(L)'
;MSLWLPSEATVYLPPVPVSKVVSTDEYVARTNIYYHAGTSRLLAVGHPYFPIKKPNNNKILVPKVSGLQYRVFRIHLPDP
NKFGFPDTSFYNPDTQRLVWACVGVEVGRGQPLGVGISGHPLLNKLDDTENASAYAANAGVDNRECISMDYKQTQLCLIG
CKPPIGEHWGKGSPCTNVAVNPGDCPPLELINTVIQDGDMVDTGFGAMDFTTLQANKSEVPLDICTSICKYPDYIKMVSE
PYGDSLFFYLRREQMFVRHLFNRAGAVGENVPDDLYIKGSGSTANLASSNYFPTPSGSMVTSDAQIFNKPYWLQRAQGHN
NGICWGNQLFVTVVDTTRSTNMSLCAAISTSETTYKNTNFKEYLRHGEEYDLQFIFQLCKITLTADVMTYIHSMNSTILE
DWNFGLQPPPGGTLEDTYRFVTSQAIACQKHTPPAPKEDPLKKYTFWEVNLKEKFSADLDQFPLGRKFLLQAGLKAKPKF
TLGKRKATPTTSSTSTTAKRKKRKL
;
A,B,C,D,E,F
#
# COMPACT_ATOMS: atom_id res chain seq x y z
N ASP A 1 30.95 28.38 42.11
CA ASP A 1 31.48 29.56 41.44
C ASP A 1 33.02 29.58 41.23
N PRO A 2 33.42 29.41 39.98
CA PRO A 2 34.86 29.53 39.64
C PRO A 2 35.26 31.00 39.67
N MET A 3 36.28 31.32 40.47
CA MET A 3 36.72 32.70 40.65
C MET A 3 38.20 32.83 40.32
N LEU A 4 38.51 33.79 39.45
CA LEU A 4 39.88 34.21 39.22
C LEU A 4 40.10 35.57 39.88
N THR A 5 41.02 35.63 40.82
CA THR A 5 41.17 36.81 41.66
C THR A 5 41.95 37.92 40.95
N GLN A 6 43.20 37.62 40.57
CA GLN A 6 44.17 38.59 40.04
C GLN A 6 44.32 39.79 40.99
N THR A 7 44.91 39.51 42.15
CA THR A 7 45.27 40.57 43.11
C THR A 7 46.78 40.80 42.96
N ALA A 8 47.16 41.48 41.88
CA ALA A 8 48.56 41.67 41.55
C ALA A 8 48.70 42.93 40.71
N ALA A 9 49.20 44.00 41.32
CA ALA A 9 49.54 45.22 40.60
C ALA A 9 50.91 45.08 39.98
N SER A 10 51.06 45.55 38.75
CA SER A 10 52.22 45.19 37.94
C SER A 10 53.45 46.00 38.34
N VAL A 11 54.62 45.38 38.18
CA VAL A 11 55.88 45.99 38.57
C VAL A 11 56.47 46.77 37.38
N GLU A 12 57.15 47.88 37.69
CA GLU A 12 57.82 48.74 36.72
C GLU A 12 58.86 47.93 35.94
N VAL A 13 58.75 47.93 34.61
CA VAL A 13 59.64 47.18 33.74
C VAL A 13 60.21 48.09 32.67
N ALA A 14 61.42 47.78 32.25
CA ALA A 14 62.14 48.54 31.26
C ALA A 14 61.96 47.90 29.89
N VAL A 15 62.64 48.46 28.88
CA VAL A 15 62.52 47.93 27.54
C VAL A 15 63.29 46.61 27.46
N GLY A 16 62.59 45.55 27.07
CA GLY A 16 63.19 44.24 26.97
C GLY A 16 63.02 43.34 28.17
N GLY A 17 62.29 43.76 29.20
CA GLY A 17 62.07 42.93 30.37
C GLY A 17 61.05 41.84 30.13
N THR A 18 60.89 40.98 31.13
CA THR A 18 59.95 39.86 31.09
C THR A 18 59.03 39.95 32.28
N VAL A 19 57.72 39.81 32.04
CA VAL A 19 56.70 40.00 33.05
C VAL A 19 55.91 38.70 33.18
N THR A 20 55.67 38.26 34.42
CA THR A 20 54.93 37.04 34.68
C THR A 20 53.62 37.37 35.38
N ILE A 21 52.55 37.52 34.61
CA ILE A 21 51.22 37.76 35.16
C ILE A 21 50.56 36.41 35.41
N LYS A 22 50.11 36.18 36.64
CA LYS A 22 49.61 34.89 37.07
C LYS A 22 48.15 35.01 37.47
N CYS A 23 47.30 34.18 36.86
CA CYS A 23 45.86 34.21 37.10
C CYS A 23 45.45 32.84 37.61
N GLN A 24 45.00 32.78 38.87
CA GLN A 24 44.69 31.53 39.54
C GLN A 24 43.18 31.38 39.67
N ALA A 25 42.69 30.15 39.57
CA ALA A 25 41.26 29.88 39.62
C ALA A 25 40.97 28.89 40.73
N SER A 26 39.80 29.07 41.37
CA SER A 26 39.39 28.20 42.46
C SER A 26 38.94 26.83 41.95
N GLN A 27 37.98 26.83 41.04
CA GLN A 27 37.51 25.57 40.47
C GLN A 27 38.28 25.25 39.20
N SER A 28 38.33 23.97 38.85
CA SER A 28 39.00 23.56 37.62
C SER A 28 38.12 23.92 36.42
N ILE A 29 38.71 24.63 35.46
CA ILE A 29 37.98 25.14 34.30
C ILE A 29 38.43 24.46 33.01
N GLY A 30 39.37 23.52 33.09
CA GLY A 30 39.94 22.99 31.87
C GLY A 30 40.91 24.00 31.28
N GLY A 31 41.02 23.97 29.95
CA GLY A 31 41.87 24.91 29.26
C GLY A 31 41.17 26.16 28.75
N TYR A 32 39.88 26.31 29.03
CA TYR A 32 39.08 27.39 28.46
C TYR A 32 39.38 28.69 29.19
N LEU A 33 40.24 29.52 28.61
CA LEU A 33 40.65 30.77 29.24
C LEU A 33 41.09 31.75 28.17
N SER A 34 40.80 33.03 28.38
CA SER A 34 41.12 34.08 27.43
C SER A 34 41.93 35.18 28.11
N TRP A 35 42.55 36.01 27.27
CA TRP A 35 43.33 37.16 27.74
C TRP A 35 43.09 38.33 26.82
N TYR A 36 43.17 39.54 27.39
CA TYR A 36 42.83 40.76 26.67
C TYR A 36 43.79 41.87 27.05
N GLN A 37 43.98 42.80 26.12
CA GLN A 37 44.71 44.03 26.38
C GLN A 37 43.73 45.18 26.21
N GLN A 38 43.72 46.09 27.18
CA GLN A 38 42.81 47.22 27.18
C GLN A 38 43.63 48.50 27.20
N LYS A 39 43.73 49.13 26.06
CA LYS A 39 44.30 50.46 26.03
C LYS A 39 43.26 51.44 26.57
N PRO A 40 43.67 52.40 27.41
CA PRO A 40 42.69 53.15 28.21
C PRO A 40 41.89 54.21 27.47
N GLY A 41 41.93 54.20 26.13
CA GLY A 41 41.16 55.15 25.35
C GLY A 41 40.20 54.50 24.38
N GLN A 42 40.38 53.22 24.08
CA GLN A 42 39.57 52.56 23.07
C GLN A 42 39.05 51.22 23.57
N ARG A 43 38.45 50.46 22.65
CA ARG A 43 37.84 49.16 22.89
C ARG A 43 38.89 48.12 23.28
N PRO A 44 38.50 47.10 24.04
CA PRO A 44 39.45 46.04 24.38
C PRO A 44 39.76 45.16 23.18
N LYS A 45 40.85 44.41 23.32
CA LYS A 45 41.48 43.73 22.21
C LYS A 45 42.17 42.48 22.72
N LEU A 46 41.80 41.35 22.10
CA LEU A 46 42.27 40.00 22.51
C LEU A 46 43.66 39.67 22.00
N LEU A 47 44.34 38.76 22.71
CA LEU A 47 45.61 38.21 22.28
C LEU A 47 45.54 36.71 22.08
N ILE A 48 45.17 35.97 23.12
CA ILE A 48 45.31 34.51 23.13
C ILE A 48 44.07 33.91 23.78
N TYR A 49 43.62 32.77 23.26
CA TYR A 49 42.54 31.99 23.84
C TYR A 49 42.96 30.53 23.96
N ARG A 50 42.31 29.84 24.91
CA ARG A 50 42.61 28.46 25.31
C ARG A 50 44.05 28.28 25.78
N ALA A 51 44.66 29.36 26.27
CA ALA A 51 45.98 29.43 26.89
C ALA A 51 47.15 29.01 26.01
N SER A 52 46.90 28.66 24.74
CA SER A 52 47.98 28.28 23.83
C SER A 52 47.86 28.83 22.42
N THR A 53 46.67 29.20 21.95
CA THR A 53 46.43 29.54 20.56
C THR A 53 46.27 31.05 20.42
N LEU A 54 47.19 31.69 19.70
CA LEU A 54 47.13 33.14 19.54
C LEU A 54 46.24 33.52 18.37
N ALA A 55 45.79 34.79 18.38
CA ALA A 55 44.85 35.28 17.38
C ALA A 55 45.61 35.84 16.19
N SER A 56 44.87 36.27 15.17
CA SER A 56 45.47 36.81 13.96
C SER A 56 45.94 38.24 14.17
N GLY A 57 46.97 38.63 13.42
CA GLY A 57 47.51 39.98 13.48
C GLY A 57 48.23 40.33 14.76
N VAL A 58 48.76 39.33 15.47
CA VAL A 58 49.41 39.52 16.75
C VAL A 58 50.78 38.86 16.64
N PRO A 59 51.87 39.50 17.04
CA PRO A 59 53.19 38.87 16.89
C PRO A 59 53.36 37.69 17.82
N SER A 60 54.28 36.79 17.46
CA SER A 60 54.47 35.54 18.17
C SER A 60 55.41 35.69 19.35
N ARG A 61 55.68 36.93 19.78
CA ARG A 61 56.53 37.20 20.92
C ARG A 61 55.76 37.19 22.24
N PHE A 62 54.45 37.00 22.21
CA PHE A 62 53.68 36.73 23.42
C PHE A 62 53.61 35.22 23.63
N LYS A 63 53.61 34.81 24.90
CA LYS A 63 53.68 33.40 25.24
C LYS A 63 52.41 32.99 25.98
N GLY A 64 52.12 31.69 25.96
CA GLY A 64 51.00 31.16 26.71
C GLY A 64 51.27 29.79 27.31
N SER A 65 50.93 29.61 28.57
CA SER A 65 51.17 28.35 29.26
C SER A 65 50.16 28.23 30.41
N GLY A 66 50.36 27.22 31.25
CA GLY A 66 49.49 26.98 32.40
C GLY A 66 48.36 26.02 32.08
N SER A 67 48.11 25.13 33.03
CA SER A 67 47.03 24.15 32.90
C SER A 67 46.41 23.91 34.26
N GLY A 68 45.18 23.43 34.25
CA GLY A 68 44.47 23.07 35.48
C GLY A 68 43.79 24.28 36.12
N THR A 69 44.35 24.74 37.24
CA THR A 69 43.75 25.82 38.02
C THR A 69 44.50 27.14 37.92
N GLU A 70 45.79 27.11 37.63
CA GLU A 70 46.60 28.32 37.54
C GLU A 70 47.18 28.46 36.15
N TYR A 71 47.28 29.70 35.68
CA TYR A 71 47.73 30.00 34.32
C TYR A 71 48.59 31.25 34.35
N THR A 72 49.35 31.45 33.27
CA THR A 72 50.28 32.57 33.18
C THR A 72 50.20 33.22 31.79
N LEU A 73 50.89 34.35 31.67
CA LEU A 73 51.04 35.04 30.40
C LEU A 73 52.33 35.84 30.45
N THR A 74 53.34 35.40 29.69
CA THR A 74 54.64 36.07 29.67
C THR A 74 54.93 36.60 28.27
N PHE A 75 55.77 37.63 28.21
CA PHE A 75 56.32 38.12 26.95
C PHE A 75 57.58 38.91 27.26
N SER A 76 58.35 39.20 26.21
CA SER A 76 59.59 39.94 26.33
C SER A 76 59.71 40.90 25.16
N GLY A 77 60.58 41.90 25.33
CA GLY A 77 60.73 42.95 24.34
C GLY A 77 59.59 43.94 24.37
N VAL A 78 59.43 44.65 25.48
CA VAL A 78 58.30 45.55 25.66
C VAL A 78 58.52 46.82 24.83
N GLU A 79 57.55 47.12 23.98
CA GLU A 79 57.56 48.31 23.14
C GLU A 79 57.10 49.54 23.92
N CYS A 80 56.73 50.57 23.17
CA CYS A 80 56.18 51.80 23.74
C CYS A 80 54.65 51.73 23.83
N ALA A 81 53.99 50.97 22.96
CA ALA A 81 52.54 50.88 22.92
C ALA A 81 52.00 49.71 23.72
N ASP A 82 52.76 49.20 24.68
CA ASP A 82 52.29 48.14 25.56
C ASP A 82 51.73 48.66 26.87
N ALA A 83 51.59 49.98 27.00
CA ALA A 83 50.97 50.59 28.17
C ALA A 83 49.46 50.43 28.02
N ALA A 84 48.91 49.45 28.71
CA ALA A 84 47.49 49.09 28.57
C ALA A 84 47.03 48.44 29.85
N ALA A 85 45.85 47.80 29.80
CA ALA A 85 45.30 47.06 30.92
C ALA A 85 45.03 45.63 30.49
N TYR A 86 45.35 44.68 31.36
CA TYR A 86 45.28 43.25 31.05
C TYR A 86 44.20 42.59 31.89
N TYR A 87 43.62 41.52 31.35
CA TYR A 87 42.52 40.81 32.02
C TYR A 87 42.54 39.35 31.62
N CYS A 88 42.54 38.45 32.62
CA CYS A 88 42.32 37.03 32.37
C CYS A 88 40.83 36.72 32.50
N GLN A 89 40.37 35.74 31.72
CA GLN A 89 38.93 35.48 31.65
C GLN A 89 38.66 34.01 31.31
N GLN A 90 37.79 33.38 32.09
CA GLN A 90 37.42 31.98 31.93
C GLN A 90 36.18 31.86 31.06
N GLY A 91 35.89 30.63 30.64
CA GLY A 91 34.74 30.33 29.79
C GLY A 91 33.87 29.19 30.26
N TYR A 92 33.65 29.07 31.57
CA TYR A 92 32.89 27.94 32.11
C TYR A 92 31.39 28.14 32.02
N THR A 93 30.93 29.29 31.48
CA THR A 93 29.55 29.72 31.15
C THR A 93 28.48 29.27 32.13
N SER A 94 28.80 29.24 33.42
CA SER A 94 27.85 28.74 34.41
C SER A 94 26.77 29.77 34.67
N SER A 95 25.80 29.43 35.52
CA SER A 95 24.63 30.26 35.76
C SER A 95 24.73 31.08 37.04
N ASP A 96 25.07 30.46 38.15
CA ASP A 96 25.02 31.10 39.46
C ASP A 96 26.29 31.88 39.81
N ILE A 97 27.10 32.22 38.83
CA ILE A 97 28.35 32.93 39.08
C ILE A 97 28.20 34.42 38.79
N ASN A 98 29.11 35.20 39.35
CA ASN A 98 29.15 36.65 39.26
C ASN A 98 30.56 37.12 38.93
N ASN A 99 31.13 36.53 37.89
CA ASN A 99 32.57 36.54 37.60
C ASN A 99 33.22 37.91 37.49
N ALA A 100 32.84 38.65 36.43
CA ALA A 100 33.39 39.93 35.97
C ALA A 100 34.84 39.82 35.48
N PHE A 101 35.47 38.64 35.62
CA PHE A 101 36.84 38.24 35.26
C PHE A 101 37.89 39.31 35.49
N GLY A 102 37.85 39.97 36.64
CA GLY A 102 38.59 41.19 36.83
C GLY A 102 40.02 41.01 37.29
N GLY A 103 40.70 42.14 37.41
CA GLY A 103 42.09 42.22 37.84
C GLY A 103 43.03 42.47 36.68
N GLY A 104 44.15 43.13 37.00
CA GLY A 104 45.21 43.32 36.02
C GLY A 104 45.44 44.74 35.58
N THR A 105 46.71 45.16 35.59
CA THR A 105 47.12 46.47 35.14
C THR A 105 48.52 46.38 34.56
N GLU A 106 48.94 47.47 33.94
CA GLU A 106 50.30 47.59 33.34
C GLU A 106 50.81 49.02 33.58
N VAL A 107 52.03 49.17 34.08
CA VAL A 107 52.62 50.50 34.25
C VAL A 107 53.00 51.10 32.91
N VAL A 108 53.30 52.40 32.89
CA VAL A 108 53.91 53.03 31.73
C VAL A 108 55.37 52.60 31.70
N VAL A 109 55.79 52.01 30.57
CA VAL A 109 57.15 51.52 30.45
C VAL A 109 58.13 52.68 30.28
N LYS A 110 59.25 52.62 31.01
CA LYS A 110 60.29 53.62 30.86
C LYS A 110 61.04 53.44 29.55
N GLN B 1 32.10 41.34 10.29
CA GLN B 1 33.30 41.63 11.07
C GLN B 1 33.05 42.77 12.06
N SER B 2 32.85 43.98 11.55
CA SER B 2 32.68 45.14 12.42
C SER B 2 31.33 45.10 13.12
N VAL B 3 31.31 45.57 14.36
CA VAL B 3 30.14 45.52 15.23
C VAL B 3 29.74 46.95 15.53
N LYS B 4 28.45 47.26 15.34
CA LYS B 4 27.94 48.61 15.39
C LYS B 4 26.98 48.74 16.56
N GLU B 5 26.87 49.96 17.08
CA GLU B 5 26.00 50.26 18.20
C GLU B 5 25.09 51.44 17.88
N SER B 6 24.17 51.71 18.82
CA SER B 6 23.32 52.88 18.78
C SER B 6 23.94 53.98 19.63
N GLU B 7 23.61 55.23 19.32
CA GLU B 7 24.30 56.34 19.96
C GLU B 7 23.74 56.60 21.36
N GLY B 8 24.62 57.05 22.25
CA GLY B 8 24.28 57.13 23.65
C GLY B 8 23.39 58.31 23.98
N ARG B 9 22.81 58.25 25.18
CA ARG B 9 21.83 59.23 25.64
C ARG B 9 22.08 59.54 27.11
N LEU B 10 21.88 60.80 27.48
CA LEU B 10 21.86 61.21 28.88
C LEU B 10 20.41 61.21 29.34
N VAL B 11 20.07 60.25 30.22
CA VAL B 11 18.70 60.04 30.64
C VAL B 11 18.60 60.30 32.14
N THR B 12 17.38 60.19 32.65
CA THR B 12 16.83 60.33 34.00
C THR B 12 16.50 58.96 34.57
N PRO B 13 16.70 58.75 35.87
CA PRO B 13 16.37 57.44 36.46
C PRO B 13 14.87 57.21 36.52
N GLY B 14 14.46 56.02 36.09
CA GLY B 14 13.05 55.66 36.03
C GLY B 14 12.49 55.53 34.63
N THR B 15 13.32 55.58 33.59
CA THR B 15 12.94 55.53 32.19
C THR B 15 13.59 54.31 31.54
N PRO B 16 12.85 53.55 30.73
CA PRO B 16 13.46 52.42 30.01
C PRO B 16 14.44 52.90 28.95
N LEU B 17 15.41 52.03 28.67
CA LEU B 17 16.54 52.41 27.85
C LEU B 17 16.91 51.21 26.96
N THR B 18 17.26 51.50 25.72
CA THR B 18 17.62 50.47 24.75
C THR B 18 18.95 50.79 24.07
N LEU B 19 19.65 49.75 23.64
CA LEU B 19 20.77 49.88 22.71
C LEU B 19 20.71 48.71 21.71
N THR B 20 20.51 49.04 20.45
CA THR B 20 20.59 48.05 19.38
C THR B 20 22.05 47.78 19.00
N CYS B 21 22.27 46.61 18.39
CA CYS B 21 23.59 46.18 17.97
C CYS B 21 23.47 45.43 16.65
N THR B 22 24.04 46.01 15.59
CA THR B 22 23.99 45.39 14.28
C THR B 22 25.40 44.98 13.87
N ALA B 23 25.48 43.95 13.01
CA ALA B 23 26.76 43.44 12.53
C ALA B 23 26.94 43.79 11.05
N SER B 24 28.18 43.67 10.58
CA SER B 24 28.50 44.01 9.19
C SER B 24 28.46 42.78 8.28
N GLY B 25 29.34 41.82 8.50
CA GLY B 25 29.50 40.73 7.54
C GLY B 25 28.84 39.40 7.87
N PHE B 26 29.06 38.91 9.08
CA PHE B 26 28.53 37.61 9.46
C PHE B 26 27.03 37.72 9.72
N THR B 27 26.36 36.57 9.75
CA THR B 27 24.96 36.53 10.17
C THR B 27 24.93 36.11 11.63
N MET B 28 23.91 36.59 12.35
CA MET B 28 23.87 36.45 13.80
C MET B 28 23.15 35.18 14.26
N SER B 29 22.41 34.52 13.36
CA SER B 29 21.75 33.26 13.70
C SER B 29 22.72 32.09 13.78
N ARG B 30 23.98 32.30 13.40
CA ARG B 30 25.04 31.31 13.51
C ARG B 30 25.81 31.41 14.81
N TYR B 31 26.19 32.62 15.22
CA TYR B 31 27.04 32.82 16.38
C TYR B 31 26.24 33.35 17.57
N HIS B 32 26.95 33.60 18.67
CA HIS B 32 26.33 34.09 19.88
C HIS B 32 26.71 35.54 20.15
N MET B 33 25.95 36.18 21.04
CA MET B 33 26.18 37.57 21.42
C MET B 33 26.15 37.71 22.94
N THR B 34 26.90 38.70 23.44
CA THR B 34 26.85 39.07 24.85
C THR B 34 27.14 40.55 24.98
N TRP B 35 27.12 41.04 26.23
CA TRP B 35 27.28 42.45 26.54
C TRP B 35 28.15 42.59 27.79
N VAL B 36 29.09 43.55 27.75
CA VAL B 36 29.94 43.89 28.87
C VAL B 36 29.83 45.38 29.15
N ARG B 37 30.11 45.76 30.39
CA ARG B 37 29.96 47.14 30.84
C ARG B 37 31.26 47.62 31.47
N GLN B 38 31.82 48.71 30.94
CA GLN B 38 33.10 49.23 31.41
C GLN B 38 32.88 50.46 32.27
N ALA B 39 33.03 50.29 33.58
CA ALA B 39 32.86 51.39 34.52
C ALA B 39 34.20 52.09 34.75
N PRO B 40 34.19 53.33 35.24
CA PRO B 40 35.45 54.02 35.54
C PRO B 40 36.17 53.41 36.74
N GLY B 41 37.48 53.71 36.81
CA GLY B 41 38.35 53.12 37.81
C GLY B 41 38.97 51.86 37.26
N LYS B 42 38.46 50.72 37.71
CA LYS B 42 38.65 49.44 37.02
C LYS B 42 37.60 49.22 35.95
N GLY B 43 36.36 49.59 36.26
CA GLY B 43 35.22 48.68 36.09
C GLY B 43 35.13 48.02 34.74
N LEU B 44 34.90 46.71 34.75
CA LEU B 44 34.65 45.93 33.55
C LEU B 44 33.79 44.74 33.95
N GLU B 45 32.51 44.78 33.57
CA GLU B 45 31.51 43.90 34.13
C GLU B 45 30.67 43.29 33.02
N TRP B 46 30.54 41.96 33.05
CA TRP B 46 29.82 41.23 32.03
C TRP B 46 28.35 41.11 32.41
N ILE B 47 27.46 41.22 31.42
CA ILE B 47 26.01 41.27 31.71
C ILE B 47 25.35 39.91 31.57
N GLY B 48 25.41 39.32 30.37
CA GLY B 48 24.65 38.11 30.12
C GLY B 48 25.21 37.40 28.90
N ILE B 49 24.37 36.55 28.31
CA ILE B 49 24.71 35.88 27.05
C ILE B 49 23.42 35.47 26.35
N ILE B 50 23.49 35.30 25.04
CA ILE B 50 22.38 34.77 24.23
C ILE B 50 22.96 33.88 23.14
N TYR B 51 22.32 32.74 22.89
CA TYR B 51 22.81 31.75 21.96
C TYR B 51 22.08 31.82 20.62
N ALA B 52 22.56 31.01 19.67
CA ALA B 52 22.25 31.18 18.26
C ALA B 52 20.91 30.55 17.85
N ARG B 53 20.81 29.22 17.91
CA ARG B 53 19.61 28.56 17.41
C ARG B 53 18.76 28.04 18.55
N ASN B 54 19.41 27.69 19.67
CA ASN B 54 18.69 27.41 20.91
C ASN B 54 18.00 28.66 21.43
N SER B 55 18.62 29.83 21.21
CA SER B 55 18.08 31.16 21.54
C SER B 55 17.82 31.29 23.05
N ASP B 56 18.65 30.62 23.85
CA ASP B 56 18.57 30.69 25.30
C ASP B 56 19.33 31.90 25.82
N THR B 57 19.18 32.16 27.11
CA THR B 57 19.88 33.27 27.75
C THR B 57 20.34 32.86 29.14
N TYR B 58 21.46 33.43 29.56
CA TYR B 58 21.96 33.28 30.92
C TYR B 58 22.56 34.61 31.35
N TYR B 59 22.11 35.13 32.48
CA TYR B 59 22.52 36.43 32.98
C TYR B 59 23.52 36.26 34.13
N ALA B 60 23.92 37.38 34.71
CA ALA B 60 24.73 37.36 35.91
C ALA B 60 23.84 37.10 37.13
N ASN B 61 24.46 36.93 38.29
CA ASN B 61 23.70 36.65 39.50
C ASN B 61 22.97 37.90 39.98
N TRP B 62 23.65 39.06 39.93
CA TRP B 62 23.01 40.31 40.35
C TRP B 62 22.13 40.91 39.26
N ALA B 63 22.17 40.37 38.04
CA ALA B 63 21.54 41.03 36.90
C ALA B 63 20.17 40.47 36.56
N LYS B 64 19.63 39.54 37.35
CA LYS B 64 18.29 39.05 37.09
C LYS B 64 17.23 40.07 37.48
N GLY B 65 16.16 40.11 36.70
CA GLY B 65 15.13 41.11 36.91
C GLY B 65 15.51 42.50 36.45
N ARG B 66 16.63 42.65 35.76
CA ARG B 66 17.16 43.97 35.45
C ARG B 66 17.55 44.16 34.00
N PHE B 67 17.68 43.09 33.21
CA PHE B 67 18.02 43.21 31.80
C PHE B 67 17.25 42.14 31.04
N THR B 68 16.79 42.50 29.83
CA THR B 68 16.13 41.56 28.93
C THR B 68 16.76 41.70 27.55
N ILE B 69 17.31 40.60 27.04
CA ILE B 69 18.05 40.60 25.78
C ILE B 69 17.12 40.11 24.68
N SER B 70 16.91 40.93 23.66
CA SER B 70 16.07 40.60 22.53
C SER B 70 16.92 40.36 21.28
N LYS B 71 16.46 39.45 20.42
CA LYS B 71 17.22 39.15 19.22
C LYS B 71 16.30 38.80 18.06
N THR B 72 16.49 39.46 16.93
CA THR B 72 15.91 39.05 15.66
C THR B 72 17.02 38.54 14.76
N SER B 73 16.64 38.09 13.56
CA SER B 73 17.64 37.64 12.59
C SER B 73 18.47 38.78 12.03
N THR B 74 18.00 40.02 12.17
CA THR B 74 18.70 41.17 11.61
C THR B 74 19.47 41.97 12.66
N THR B 75 18.98 42.02 13.90
CA THR B 75 19.51 42.90 14.93
C THR B 75 19.38 42.23 16.29
N VAL B 76 20.42 42.38 17.11
CA VAL B 76 20.32 42.02 18.52
C VAL B 76 20.29 43.34 19.30
N ASP B 77 19.71 43.30 20.50
CA ASP B 77 19.68 44.45 21.39
C ASP B 77 19.56 43.96 22.82
N LEU B 78 19.74 44.87 23.76
CA LEU B 78 19.50 44.62 25.17
C LEU B 78 18.66 45.75 25.73
N LYS B 79 18.04 45.51 26.89
CA LYS B 79 17.08 46.46 27.44
C LYS B 79 17.37 46.69 28.92
N ILE B 80 17.03 47.89 29.40
CA ILE B 80 17.13 48.23 30.82
C ILE B 80 15.73 48.65 31.29
N THR B 81 15.32 48.14 32.44
CA THR B 81 13.97 48.38 32.93
C THR B 81 13.92 49.52 33.94
N SER B 82 14.79 49.50 34.94
CA SER B 82 14.78 50.50 36.01
C SER B 82 16.22 50.86 36.32
N PRO B 83 16.71 51.99 35.80
CA PRO B 83 18.12 52.33 35.99
C PRO B 83 18.39 52.84 37.40
N THR B 84 19.51 52.41 37.95
CA THR B 84 20.04 52.96 39.18
C THR B 84 21.19 53.90 38.80
N ILE B 85 21.54 54.79 39.72
CA ILE B 85 22.46 55.91 39.49
C ILE B 85 23.83 55.48 38.96
N GLU B 86 24.36 54.37 39.47
CA GLU B 86 25.77 54.04 39.29
C GLU B 86 26.03 53.20 38.04
N ASP B 87 25.16 53.27 37.03
CA ASP B 87 25.40 52.58 35.76
C ASP B 87 25.88 53.53 34.67
N THR B 88 26.35 54.72 35.03
CA THR B 88 27.03 55.56 34.06
C THR B 88 28.39 54.94 33.71
N ALA B 89 28.47 54.34 32.52
CA ALA B 89 29.60 53.52 32.14
C ALA B 89 29.57 53.33 30.62
N THR B 90 30.45 52.45 30.14
CA THR B 90 30.60 52.16 28.72
C THR B 90 30.20 50.73 28.42
N TYR B 91 29.30 50.57 27.44
CA TYR B 91 28.80 49.26 27.06
C TYR B 91 29.40 48.84 25.73
N PHE B 92 29.49 47.52 25.54
CA PHE B 92 30.10 46.94 24.35
C PHE B 92 29.30 45.72 23.90
N CYS B 93 29.24 45.51 22.58
CA CYS B 93 28.61 44.36 21.96
C CYS B 93 29.66 43.61 21.15
N ALA B 94 29.72 42.28 21.30
CA ALA B 94 30.78 41.52 20.68
C ALA B 94 30.28 40.13 20.30
N ARG B 95 30.92 39.55 19.28
CA ARG B 95 30.54 38.26 18.72
C ARG B 95 31.33 37.14 19.41
N VAL B 96 30.61 36.10 19.83
CA VAL B 96 31.24 34.92 20.40
C VAL B 96 31.68 34.01 19.26
N ASP B 97 32.96 34.09 18.90
CA ASP B 97 33.57 33.11 18.01
C ASP B 97 33.84 31.84 18.82
N SER B 98 33.16 30.76 18.46
CA SER B 98 33.27 29.50 19.19
C SER B 98 33.49 28.37 18.21
N ASP B 99 33.36 27.14 18.71
CA ASP B 99 33.56 25.97 17.87
C ASP B 99 32.33 25.09 17.91
N SER B 100 32.48 23.84 17.48
CA SER B 100 31.36 22.90 17.40
C SER B 100 30.81 22.49 18.75
N SER B 101 31.48 22.81 19.85
CA SER B 101 31.02 22.37 21.16
C SER B 101 31.07 23.42 22.26
N GLY B 102 31.96 24.40 22.17
CA GLY B 102 32.25 25.22 23.33
C GLY B 102 31.16 26.19 23.73
N ALA B 103 30.90 27.16 22.85
CA ALA B 103 30.18 28.40 23.18
C ALA B 103 30.79 29.06 24.41
N PHE B 104 32.11 29.01 24.51
CA PHE B 104 32.79 29.60 25.64
C PHE B 104 32.99 31.08 25.37
N ASP B 105 33.27 31.83 26.43
CA ASP B 105 32.98 33.25 26.42
C ASP B 105 34.08 34.09 25.76
N ARG B 106 34.82 33.53 24.81
CA ARG B 106 35.70 34.34 23.96
C ARG B 106 34.86 35.29 23.12
N LEU B 107 35.15 36.58 23.28
CA LEU B 107 34.60 37.64 22.45
C LEU B 107 35.70 38.14 21.54
N ASP B 108 35.71 37.64 20.29
CA ASP B 108 36.84 37.83 19.40
C ASP B 108 36.76 39.21 18.75
N LEU B 109 35.67 39.49 18.05
CA LEU B 109 35.51 40.75 17.33
C LEU B 109 34.60 41.65 18.15
N TRP B 110 35.16 42.72 18.68
CA TRP B 110 34.44 43.59 19.59
C TRP B 110 33.67 44.65 18.82
N GLY B 111 32.96 45.49 19.57
CA GLY B 111 32.35 46.69 19.04
C GLY B 111 33.07 47.94 19.53
N GLN B 112 32.78 49.06 18.85
CA GLN B 112 33.50 50.29 19.14
C GLN B 112 33.10 50.91 20.48
N GLY B 113 31.84 50.73 20.89
CA GLY B 113 31.41 51.16 22.20
C GLY B 113 31.06 52.64 22.31
N THR B 114 29.88 52.93 22.85
CA THR B 114 29.42 54.29 23.07
C THR B 114 29.18 54.52 24.56
N LEU B 115 28.98 55.78 24.91
CA LEU B 115 28.85 56.22 26.29
C LEU B 115 27.38 56.44 26.64
N VAL B 116 26.91 55.74 27.68
CA VAL B 116 25.57 55.94 28.21
C VAL B 116 25.70 56.38 29.67
N THR B 117 24.90 57.37 30.04
CA THR B 117 24.95 57.89 31.40
C THR B 117 23.56 58.32 31.84
N VAL B 118 23.31 58.20 33.15
CA VAL B 118 22.05 58.61 33.74
C VAL B 118 22.34 59.73 34.74
N SER B 119 21.39 60.64 34.89
CA SER B 119 21.56 61.79 35.78
C SER B 119 20.20 62.27 36.23
N SER B 120 20.15 62.77 37.47
CA SER B 120 18.92 63.30 38.05
C SER B 120 19.15 64.72 38.58
N ASP C 1 -18.17 19.99 36.00
CA ASP C 1 -17.32 21.00 36.63
C ASP C 1 -16.63 20.57 37.94
N PRO C 2 -15.32 20.37 37.86
CA PRO C 2 -14.53 20.09 39.07
C PRO C 2 -14.37 21.37 39.89
N MET C 3 -14.79 21.30 41.15
CA MET C 3 -14.78 22.48 42.02
C MET C 3 -13.98 22.20 43.28
N LEU C 4 -13.02 23.06 43.58
CA LEU C 4 -12.35 23.08 44.87
C LEU C 4 -12.85 24.27 45.68
N THR C 5 -13.45 23.98 46.83
CA THR C 5 -14.14 25.01 47.59
C THR C 5 -13.18 25.87 48.40
N GLN C 6 -12.44 25.26 49.31
CA GLN C 6 -11.59 25.93 50.30
C GLN C 6 -12.40 26.96 51.11
N THR C 7 -13.31 26.45 51.92
CA THR C 7 -14.06 27.28 52.87
C THR C 7 -13.43 27.06 54.26
N ALA C 8 -12.27 27.67 54.44
CA ALA C 8 -11.49 27.45 55.66
C ALA C 8 -10.61 28.66 55.90
N ALA C 9 -10.98 29.50 56.87
CA ALA C 9 -10.16 30.61 57.31
C ALA C 9 -9.12 30.10 58.31
N SER C 10 -7.89 30.59 58.18
CA SER C 10 -6.78 29.96 58.87
C SER C 10 -6.72 30.33 60.35
N VAL C 11 -6.22 29.41 61.16
CA VAL C 11 -6.16 29.60 62.60
C VAL C 11 -4.82 30.23 62.99
N GLU C 12 -4.86 31.08 64.03
CA GLU C 12 -3.69 31.75 64.59
C GLU C 12 -2.64 30.71 65.04
N VAL C 13 -1.42 30.85 64.52
CA VAL C 13 -0.34 29.91 64.80
C VAL C 13 0.89 30.69 65.26
N ALA C 14 1.67 30.05 66.12
CA ALA C 14 2.86 30.63 66.69
C ALA C 14 4.08 30.16 65.89
N VAL C 15 5.26 30.56 66.34
CA VAL C 15 6.49 30.18 65.66
C VAL C 15 6.77 28.70 65.92
N GLY C 16 6.86 27.92 64.86
CA GLY C 16 7.11 26.50 64.96
C GLY C 16 5.88 25.61 64.92
N GLY C 17 4.69 26.17 64.72
CA GLY C 17 3.48 25.36 64.65
C GLY C 17 3.34 24.65 63.31
N THR C 18 2.31 23.81 63.24
CA THR C 18 2.02 23.03 62.05
C THR C 18 0.58 23.31 61.62
N VAL C 19 0.39 23.57 60.32
CA VAL C 19 -0.90 23.99 59.78
C VAL C 19 -1.31 22.99 58.72
N THR C 20 -2.58 22.55 58.77
CA THR C 20 -3.11 21.58 57.81
C THR C 20 -4.18 22.26 56.96
N ILE C 21 -3.79 22.77 55.79
CA ILE C 21 -4.74 23.35 54.85
C ILE C 21 -5.22 22.24 53.93
N LYS C 22 -6.54 22.09 53.84
CA LYS C 22 -7.16 20.97 53.15
C LYS C 22 -8.00 21.49 51.99
N CYS C 23 -7.73 20.99 50.79
CA CYS C 23 -8.42 21.44 49.57
C CYS C 23 -9.08 20.22 48.95
N GLN C 24 -10.41 20.21 48.93
CA GLN C 24 -11.20 19.07 48.48
C GLN C 24 -11.81 19.37 47.13
N ALA C 25 -11.92 18.34 46.29
CA ALA C 25 -12.44 18.50 44.93
C ALA C 25 -13.63 17.58 44.72
N SER C 26 -14.59 18.07 43.93
CA SER C 26 -15.79 17.30 43.64
C SER C 26 -15.50 16.15 42.66
N GLN C 27 -14.96 16.49 41.51
CA GLN C 27 -14.61 15.47 40.52
C GLN C 27 -13.16 15.01 40.72
N SER C 28 -12.87 13.81 40.27
CA SER C 28 -11.51 13.29 40.35
C SER C 28 -10.64 13.97 39.29
N ILE C 29 -9.51 14.54 39.73
CA ILE C 29 -8.63 15.31 38.86
C ILE C 29 -7.30 14.61 38.66
N GLY C 30 -7.10 13.43 39.23
CA GLY C 30 -5.78 12.85 39.21
C GLY C 30 -4.87 13.56 40.20
N GLY C 31 -3.59 13.59 39.87
CA GLY C 31 -2.63 14.27 40.69
C GLY C 31 -2.32 15.70 40.28
N TYR C 32 -2.99 16.21 39.26
CA TYR C 32 -2.67 17.51 38.69
C TYR C 32 -3.22 18.61 39.58
N LEU C 33 -2.36 19.18 40.41
CA LEU C 33 -2.78 20.21 41.36
C LEU C 33 -1.59 21.08 41.71
N SER C 34 -1.84 22.38 41.90
CA SER C 34 -0.80 23.35 42.19
C SER C 34 -1.13 24.11 43.47
N TRP C 35 -0.12 24.77 44.03
CA TRP C 35 -0.26 25.59 45.22
C TRP C 35 0.56 26.86 45.06
N TYR C 36 0.10 27.94 45.69
CA TYR C 36 0.71 29.25 45.51
C TYR C 36 0.70 29.99 46.83
N GLN C 37 1.68 30.89 46.99
CA GLN C 37 1.71 31.82 48.10
C GLN C 37 1.60 33.22 47.52
N GLN C 38 0.72 34.03 48.09
CA GLN C 38 0.45 35.38 47.61
C GLN C 38 0.74 36.35 48.73
N LYS C 39 1.89 37.00 48.66
CA LYS C 39 2.15 38.10 49.55
C LYS C 39 1.33 39.30 49.09
N PRO C 40 0.70 40.05 50.02
CA PRO C 40 -0.34 41.00 49.62
C PRO C 40 0.14 42.29 48.99
N GLY C 41 1.41 42.36 48.59
CA GLY C 41 1.93 43.54 47.93
C GLY C 41 2.53 43.27 46.57
N GLN C 42 2.81 42.02 46.24
CA GLN C 42 3.50 41.69 45.01
C GLN C 42 2.80 40.54 44.28
N ARG C 43 3.46 40.05 43.23
CA ARG C 43 2.99 38.99 42.36
C ARG C 43 2.92 37.66 43.11
N PRO C 44 2.04 36.75 42.69
CA PRO C 44 1.98 35.44 43.34
C PRO C 44 3.18 34.57 42.97
N LYS C 45 3.37 33.53 43.77
CA LYS C 45 4.61 32.77 43.78
C LYS C 45 4.30 31.33 44.18
N LEU C 46 4.82 30.39 43.41
CA LEU C 46 4.42 28.99 43.51
C LEU C 46 5.40 28.17 44.33
N LEU C 47 4.87 27.15 45.01
CA LEU C 47 5.68 26.28 45.85
C LEU C 47 5.78 24.87 45.28
N ILE C 48 4.65 24.21 45.05
CA ILE C 48 4.64 22.79 44.74
C ILE C 48 3.60 22.54 43.64
N TYR C 49 3.90 21.61 42.73
CA TYR C 49 2.98 21.17 41.71
C TYR C 49 2.95 19.64 41.69
N ARG C 50 1.82 19.12 41.20
CA ARG C 50 1.48 17.68 41.17
C ARG C 50 1.49 17.05 42.57
N ALA C 51 1.27 17.88 43.60
CA ALA C 51 1.11 17.50 45.00
C ALA C 51 2.30 16.82 45.64
N SER C 52 3.41 16.64 44.92
CA SER C 52 4.60 16.01 45.48
C SER C 52 5.91 16.67 45.09
N THR C 53 5.99 17.40 43.99
CA THR C 53 7.26 17.89 43.44
C THR C 53 7.38 19.38 43.70
N LEU C 54 8.34 19.75 44.54
CA LEU C 54 8.58 21.18 44.90
C LEU C 54 9.37 21.88 43.79
N ALA C 55 9.28 23.21 43.74
CA ALA C 55 9.95 24.03 42.74
C ALA C 55 11.35 24.41 43.21
N SER C 56 12.09 25.11 42.34
CA SER C 56 13.45 25.53 42.66
C SER C 56 13.45 26.74 43.59
N GLY C 57 14.50 26.84 44.39
CA GLY C 57 14.67 27.96 45.30
C GLY C 57 13.70 28.00 46.46
N VAL C 58 13.17 26.85 46.86
CA VAL C 58 12.17 26.75 47.92
C VAL C 58 12.69 25.72 48.91
N PRO C 59 12.69 25.99 50.21
CA PRO C 59 13.23 25.01 51.16
C PRO C 59 12.36 23.76 51.24
N SER C 60 12.97 22.66 51.69
CA SER C 60 12.30 21.37 51.71
C SER C 60 11.49 21.16 52.98
N ARG C 61 11.23 22.22 53.73
CA ARG C 61 10.43 22.16 54.93
C ARG C 61 8.94 22.29 54.66
N PHE C 62 8.54 22.51 53.42
CA PHE C 62 7.14 22.40 53.03
C PHE C 62 6.85 20.97 52.57
N LYS C 63 5.65 20.50 52.85
CA LYS C 63 5.29 19.10 52.59
C LYS C 63 4.16 19.05 51.57
N GLY C 64 4.04 17.90 50.90
CA GLY C 64 2.96 17.67 49.98
C GLY C 64 2.43 16.25 50.00
N SER C 65 1.11 16.10 50.04
CA SER C 65 0.49 14.78 50.09
C SER C 65 -0.92 14.89 49.52
N GLY C 66 -1.68 13.83 49.65
CA GLY C 66 -3.06 13.78 49.16
C GLY C 66 -3.15 13.21 47.76
N SER C 67 -4.17 12.38 47.56
CA SER C 67 -4.43 11.78 46.26
C SER C 67 -5.93 11.65 46.05
N GLY C 68 -6.33 11.55 44.80
CA GLY C 68 -7.73 11.33 44.45
C GLY C 68 -8.51 12.65 44.41
N THR C 69 -9.38 12.85 45.40
CA THR C 69 -10.26 14.01 45.43
C THR C 69 -9.89 15.05 46.47
N GLU C 70 -9.20 14.66 47.54
CA GLU C 70 -8.81 15.58 48.60
C GLU C 70 -7.30 15.63 48.72
N TYR C 71 -6.78 16.81 49.03
CA TYR C 71 -5.34 17.05 49.10
C TYR C 71 -5.04 17.98 50.26
N THR C 72 -3.77 18.02 50.66
CA THR C 72 -3.35 18.81 51.80
C THR C 72 -2.04 19.54 51.49
N LEU C 73 -1.66 20.42 52.41
CA LEU C 73 -0.37 21.13 52.35
C LEU C 73 0.02 21.50 53.78
N THR C 74 1.04 20.83 54.32
CA THR C 74 1.50 21.09 55.67
C THR C 74 2.94 21.59 55.65
N PHE C 75 3.30 22.33 56.69
CA PHE C 75 4.69 22.71 56.93
C PHE C 75 4.83 23.07 58.41
N SER C 76 6.08 23.19 58.84
CA SER C 76 6.39 23.52 60.23
C SER C 76 7.58 24.47 60.26
N GLY C 77 7.74 25.15 61.39
CA GLY C 77 8.75 26.17 61.53
C GLY C 77 8.40 27.45 60.80
N VAL C 78 7.32 28.10 61.24
CA VAL C 78 6.82 29.29 60.54
C VAL C 78 7.72 30.48 60.86
N GLU C 79 8.23 31.11 59.81
CA GLU C 79 9.07 32.29 59.92
C GLU C 79 8.22 33.55 60.12
N CYS C 80 8.86 34.71 59.86
CA CYS C 80 8.17 35.99 59.91
C CYS C 80 7.60 36.37 58.56
N ALA C 81 8.19 35.90 57.46
CA ALA C 81 7.75 36.25 56.12
C ALA C 81 6.78 35.24 55.52
N ASP C 82 6.10 34.47 56.36
CA ASP C 82 5.08 33.54 55.90
C ASP C 82 3.68 34.13 55.97
N ALA C 83 3.56 35.41 56.28
CA ALA C 83 2.27 36.10 56.27
C ALA C 83 1.92 36.41 54.82
N ALA C 84 1.04 35.59 54.25
CA ALA C 84 0.72 35.68 52.82
C ALA C 84 -0.68 35.12 52.61
N ALA C 85 -1.02 34.86 51.35
CA ALA C 85 -2.29 34.25 50.99
C ALA C 85 -2.01 32.98 50.18
N TYR C 86 -2.77 31.93 50.45
CA TYR C 86 -2.55 30.62 49.86
C TYR C 86 -3.72 30.25 48.96
N TYR C 87 -3.44 29.43 47.94
CA TYR C 87 -4.45 29.05 46.95
C TYR C 87 -4.12 27.66 46.40
N CYS C 88 -5.09 26.76 46.44
CA CYS C 88 -4.98 25.48 45.75
C CYS C 88 -5.60 25.62 44.35
N GLN C 89 -5.05 24.87 43.39
CA GLN C 89 -5.44 25.04 42.00
C GLN C 89 -5.27 23.76 41.20
N GLN C 90 -6.31 23.36 40.48
CA GLN C 90 -6.31 22.15 39.67
C GLN C 90 -5.90 22.46 38.24
N GLY C 91 -5.65 21.40 37.47
CA GLY C 91 -5.22 21.52 36.09
C GLY C 91 -6.00 20.65 35.11
N TYR C 92 -7.31 20.52 35.29
CA TYR C 92 -8.10 19.63 34.44
C TYR C 92 -8.50 20.28 33.12
N THR C 93 -8.08 21.54 32.88
CA THR C 93 -8.20 22.39 31.68
C THR C 93 -9.49 22.21 30.88
N SER C 94 -10.60 22.00 31.56
CA SER C 94 -11.87 21.74 30.87
C SER C 94 -12.43 23.03 30.29
N SER C 95 -13.55 22.94 29.59
CA SER C 95 -14.12 24.06 28.87
C SER C 95 -15.27 24.74 29.61
N ASP C 96 -16.24 23.96 30.09
CA ASP C 96 -17.47 24.52 30.65
C ASP C 96 -17.37 24.85 32.13
N ILE C 97 -16.16 25.01 32.66
CA ILE C 97 -15.97 25.28 34.08
C ILE C 97 -15.69 26.76 34.29
N ASN C 98 -15.89 27.20 35.53
CA ASN C 98 -15.75 28.59 35.97
C ASN C 98 -14.97 28.64 37.28
N ASN C 99 -13.82 27.96 37.29
CA ASN C 99 -13.08 27.58 38.49
C ASN C 99 -12.72 28.69 39.45
N ALA C 100 -11.82 29.57 38.99
CA ALA C 100 -11.15 30.66 39.74
C ALA C 100 -10.22 30.16 40.85
N PHE C 101 -10.20 28.84 41.10
CA PHE C 101 -9.44 28.08 42.09
C PHE C 101 -9.27 28.77 43.44
N GLY C 102 -10.35 29.33 43.95
CA GLY C 102 -10.26 30.27 45.06
C GLY C 102 -10.24 29.63 46.44
N GLY C 103 -10.07 30.50 47.43
CA GLY C 103 -10.04 30.15 48.84
C GLY C 103 -8.63 30.17 49.39
N GLY C 104 -8.55 30.45 50.70
CA GLY C 104 -7.29 30.38 51.39
C GLY C 104 -6.74 31.70 51.89
N THR C 105 -6.32 31.71 53.16
CA THR C 105 -5.71 32.88 53.78
C THR C 105 -4.73 32.40 54.83
N GLU C 106 -4.01 33.34 55.43
CA GLU C 106 -3.06 33.02 56.48
C GLU C 106 -2.91 34.25 57.37
N VAL C 107 -3.04 34.05 58.68
CA VAL C 107 -2.95 35.14 59.66
C VAL C 107 -1.54 35.68 59.76
N VAL C 108 -1.39 36.83 60.42
CA VAL C 108 -0.07 37.32 60.79
C VAL C 108 0.42 36.49 61.96
N VAL C 109 1.59 35.87 61.80
CA VAL C 109 2.13 34.99 62.84
C VAL C 109 2.65 35.84 64.01
N LYS C 110 2.32 35.39 65.22
CA LYS C 110 2.82 36.05 66.43
C LYS C 110 4.31 35.74 66.63
N GLN D 1 12.47 33.82 30.41
CA GLN D 1 12.18 33.72 31.84
C GLN D 1 11.22 34.83 32.27
N SER D 2 11.68 36.07 32.25
CA SER D 2 10.87 37.19 32.73
C SER D 2 9.73 37.48 31.75
N VAL D 3 8.59 37.87 32.30
CA VAL D 3 7.37 38.10 31.54
C VAL D 3 7.01 39.57 31.68
N LYS D 4 6.77 40.24 30.56
CA LYS D 4 6.61 41.67 30.49
C LYS D 4 5.18 42.01 30.08
N GLU D 5 4.71 43.17 30.51
CA GLU D 5 3.37 43.64 30.19
C GLU D 5 3.41 45.04 29.60
N SER D 6 2.24 45.51 29.18
CA SER D 6 2.03 46.88 28.74
C SER D 6 1.49 47.70 29.90
N GLU D 7 1.73 49.02 29.85
CA GLU D 7 1.43 49.85 31.00
C GLU D 7 -0.06 50.17 31.05
N GLY D 8 -0.57 50.31 32.27
CA GLY D 8 -1.99 50.41 32.49
C GLY D 8 -2.56 51.77 32.13
N ARG D 9 -3.89 51.81 32.01
CA ARG D 9 -4.61 52.99 31.57
C ARG D 9 -5.89 53.14 32.38
N LEU D 10 -6.24 54.40 32.69
CA LEU D 10 -7.53 54.72 33.28
C LEU D 10 -8.48 55.09 32.14
N VAL D 11 -9.45 54.22 31.86
CA VAL D 11 -10.34 54.39 30.72
C VAL D 11 -11.76 54.58 31.22
N THR D 12 -12.68 54.79 30.28
CA THR D 12 -14.12 55.00 30.29
C THR D 12 -14.83 53.74 29.81
N PRO D 13 -16.00 53.42 30.38
CA PRO D 13 -16.72 52.22 29.93
C PRO D 13 -17.31 52.42 28.54
N GLY D 14 -17.11 51.42 27.68
CA GLY D 14 -17.56 51.47 26.30
C GLY D 14 -16.45 51.58 25.28
N THR D 15 -15.19 51.46 25.67
CA THR D 15 -14.00 51.59 24.83
C THR D 15 -13.22 50.28 24.83
N PRO D 16 -12.76 49.80 23.68
CA PRO D 16 -11.93 48.59 23.67
C PRO D 16 -10.58 48.82 24.31
N LEU D 17 -10.02 47.74 24.85
CA LEU D 17 -8.84 47.82 25.67
C LEU D 17 -7.94 46.64 25.36
N THR D 18 -6.63 46.87 25.32
CA THR D 18 -5.66 45.84 25.02
C THR D 18 -4.55 45.82 26.07
N LEU D 19 -3.94 44.65 26.25
CA LEU D 19 -2.68 44.50 26.97
C LEU D 19 -1.82 43.46 26.24
N THR D 20 -0.69 43.89 25.71
CA THR D 20 0.29 42.98 25.14
C THR D 20 1.14 42.33 26.24
N CYS D 21 1.73 41.18 25.88
CA CYS D 21 2.56 40.42 26.81
C CYS D 21 3.72 39.81 26.03
N THR D 22 4.93 40.26 26.34
CA THR D 22 6.12 39.76 25.67
C THR D 22 6.97 38.99 26.68
N ALA D 23 7.75 38.04 26.17
CA ALA D 23 8.63 37.21 26.99
C ALA D 23 10.09 37.57 26.74
N SER D 24 10.95 37.14 27.66
CA SER D 24 12.38 37.45 27.56
C SER D 24 13.17 36.33 26.86
N GLY D 25 13.22 35.15 27.46
CA GLY D 25 14.11 34.12 26.95
C GLY D 25 13.52 33.01 26.10
N PHE D 26 12.44 32.41 26.58
CA PHE D 26 11.84 31.29 25.87
C PHE D 26 11.07 31.80 24.65
N THR D 27 10.75 30.90 23.73
CA THR D 27 9.89 31.22 22.62
C THR D 27 8.48 30.75 22.98
N MET D 28 7.48 31.45 22.46
CA MET D 28 6.10 31.25 22.88
C MET D 28 5.36 30.21 22.03
N SER D 29 5.91 29.83 20.88
CA SER D 29 5.30 28.80 20.05
C SER D 29 5.51 27.40 20.61
N ARG D 30 6.31 27.27 21.66
CA ARG D 30 6.53 26.01 22.36
C ARG D 30 5.58 25.82 23.54
N TYR D 31 5.38 26.85 24.36
CA TYR D 31 4.61 26.74 25.58
C TYR D 31 3.25 27.40 25.43
N HIS D 32 2.47 27.40 26.51
CA HIS D 32 1.14 27.97 26.51
C HIS D 32 1.10 29.24 27.35
N MET D 33 0.04 30.02 27.17
CA MET D 33 -0.19 31.26 27.89
C MET D 33 -1.61 31.33 28.43
N THR D 34 -1.77 32.02 29.55
CA THR D 34 -3.09 32.32 30.09
C THR D 34 -3.04 33.65 30.83
N TRP D 35 -4.19 34.05 31.38
CA TRP D 35 -4.37 35.34 32.03
C TRP D 35 -5.22 35.18 33.28
N VAL D 36 -4.82 35.83 34.36
CA VAL D 36 -5.57 35.85 35.62
C VAL D 36 -5.78 37.29 36.03
N ARG D 37 -6.83 37.51 36.83
CA ARG D 37 -7.24 38.85 37.23
C ARG D 37 -7.36 38.91 38.74
N GLN D 38 -6.61 39.83 39.38
CA GLN D 38 -6.57 39.94 40.83
C GLN D 38 -7.40 41.13 41.27
N ALA D 39 -8.59 40.87 41.80
CA ALA D 39 -9.47 41.90 42.31
C ALA D 39 -9.19 42.19 43.78
N PRO D 40 -9.58 43.36 44.28
CA PRO D 40 -9.40 43.64 45.71
C PRO D 40 -10.30 42.78 46.60
N GLY D 41 -9.91 42.71 47.88
CA GLY D 41 -10.57 41.85 48.84
C GLY D 41 -9.89 40.49 48.85
N LYS D 42 -10.55 39.51 48.22
CA LYS D 42 -9.89 38.28 47.80
C LYS D 42 -9.27 38.42 46.42
N GLY D 43 -9.97 39.10 45.52
CA GLY D 43 -10.26 38.57 44.19
C GLY D 43 -9.05 38.02 43.45
N LEU D 44 -9.20 36.83 42.88
CA LEU D 44 -8.20 36.22 42.02
C LEU D 44 -8.94 35.30 41.06
N GLU D 45 -9.02 35.72 39.80
CA GLU D 45 -9.95 35.13 38.84
C GLU D 45 -9.21 34.85 37.54
N TRP D 46 -9.34 33.61 37.06
CA TRP D 46 -8.68 33.16 35.84
C TRP D 46 -9.55 33.44 34.63
N ILE D 47 -8.93 33.85 33.52
CA ILE D 47 -9.69 34.29 32.35
C ILE D 47 -9.86 33.17 31.32
N GLY D 48 -8.76 32.67 30.79
CA GLY D 48 -8.83 31.73 29.69
C GLY D 48 -7.53 30.97 29.56
N ILE D 49 -7.30 30.41 28.37
CA ILE D 49 -6.04 29.74 28.05
C ILE D 49 -5.86 29.75 26.54
N ILE D 50 -4.60 29.64 26.10
CA ILE D 50 -4.28 29.49 24.68
C ILE D 50 -3.09 28.53 24.56
N TYR D 51 -3.14 27.64 23.59
CA TYR D 51 -2.14 26.59 23.42
C TYR D 51 -1.13 26.94 22.33
N ALA D 52 -0.12 26.08 22.20
CA ALA D 52 1.11 26.41 21.48
C ALA D 52 1.00 26.21 19.97
N ARG D 53 0.84 24.96 19.52
CA ARG D 53 0.86 24.69 18.09
C ARG D 53 -0.53 24.37 17.57
N ASN D 54 -1.36 23.79 18.45
CA ASN D 54 -2.78 23.65 18.15
C ASN D 54 -3.45 25.02 18.06
N SER D 55 -2.98 25.98 18.88
CA SER D 55 -3.42 27.37 18.88
C SER D 55 -4.91 27.50 19.21
N ASP D 56 -5.40 26.58 20.04
CA ASP D 56 -6.79 26.58 20.47
C ASP D 56 -6.95 27.50 21.68
N THR D 57 -8.20 27.73 22.08
CA THR D 57 -8.51 28.56 23.23
C THR D 57 -9.66 27.96 24.01
N TYR D 58 -9.64 28.16 25.32
CA TYR D 58 -10.75 27.82 26.19
C TYR D 58 -10.89 28.90 27.26
N TYR D 59 -12.08 29.45 27.39
CA TYR D 59 -12.34 30.56 28.30
C TYR D 59 -13.07 30.05 29.53
N ALA D 60 -13.42 30.98 30.42
CA ALA D 60 -14.27 30.67 31.55
C ALA D 60 -15.73 30.61 31.10
N ASN D 61 -16.62 30.19 32.01
CA ASN D 61 -18.03 30.09 31.67
C ASN D 61 -18.67 31.46 31.54
N TRP D 62 -18.33 32.38 32.44
CA TRP D 62 -18.87 33.73 32.38
C TRP D 62 -18.13 34.61 31.39
N ALA D 63 -17.01 34.16 30.85
CA ALA D 63 -16.13 35.02 30.07
C ALA D 63 -16.32 34.89 28.57
N LYS D 64 -17.28 34.12 28.09
CA LYS D 64 -17.53 34.03 26.66
C LYS D 64 -18.21 35.27 26.15
N GLY D 65 -17.86 35.67 24.93
CA GLY D 65 -18.35 36.90 24.37
C GLY D 65 -17.73 38.15 24.94
N ARG D 66 -16.68 38.03 25.74
CA ARG D 66 -16.15 39.16 26.48
C ARG D 66 -14.65 39.31 26.38
N PHE D 67 -13.91 38.29 25.92
CA PHE D 67 -12.47 38.38 25.77
C PHE D 67 -12.06 37.62 24.52
N THR D 68 -11.09 38.15 23.78
CA THR D 68 -10.51 37.50 22.62
C THR D 68 -9.00 37.52 22.76
N ILE D 69 -8.38 36.33 22.75
CA ILE D 69 -6.95 36.21 22.97
C ILE D 69 -6.25 36.05 21.63
N SER D 70 -5.34 36.96 21.32
CA SER D 70 -4.58 36.94 20.07
C SER D 70 -3.14 36.53 20.34
N LYS D 71 -2.53 35.84 19.38
CA LYS D 71 -1.15 35.41 19.56
C LYS D 71 -0.41 35.39 18.23
N THR D 72 0.76 36.04 18.21
CA THR D 72 1.72 35.88 17.13
C THR D 72 2.92 35.12 17.66
N SER D 73 3.89 34.87 16.78
CA SER D 73 5.13 34.21 17.20
C SER D 73 5.99 35.11 18.08
N THR D 74 5.76 36.41 18.06
CA THR D 74 6.58 37.35 18.81
C THR D 74 5.90 37.84 20.10
N THR D 75 4.58 37.95 20.10
CA THR D 75 3.83 38.59 21.18
C THR D 75 2.48 37.91 21.35
N VAL D 76 2.08 37.72 22.61
CA VAL D 76 0.70 37.33 22.90
C VAL D 76 0.03 38.55 23.52
N ASP D 77 -1.30 38.61 23.40
CA ASP D 77 -2.07 39.68 24.01
C ASP D 77 -3.49 39.16 24.24
N LEU D 78 -4.26 39.93 25.00
CA LEU D 78 -5.68 39.68 25.20
C LEU D 78 -6.44 40.98 24.95
N LYS D 79 -7.75 40.86 24.74
CA LYS D 79 -8.56 42.00 24.34
C LYS D 79 -9.83 42.05 25.18
N ILE D 80 -10.34 43.27 25.38
CA ILE D 80 -11.62 43.49 26.05
C ILE D 80 -12.51 44.26 25.08
N THR D 81 -13.77 43.82 24.96
CA THR D 81 -14.69 44.41 24.00
C THR D 81 -15.59 45.47 24.63
N SER D 82 -16.23 45.14 25.75
CA SER D 82 -17.19 46.04 26.38
C SER D 82 -16.96 45.97 27.89
N PRO D 83 -16.25 46.94 28.45
CA PRO D 83 -15.92 46.87 29.88
C PRO D 83 -17.12 47.20 30.75
N THR D 84 -17.27 46.44 31.83
CA THR D 84 -18.21 46.75 32.89
C THR D 84 -17.42 47.34 34.05
N ILE D 85 -18.10 48.06 34.93
CA ILE D 85 -17.53 48.88 35.99
C ILE D 85 -16.57 48.11 36.91
N GLU D 86 -16.92 46.87 37.24
CA GLU D 86 -16.28 46.17 38.34
C GLU D 86 -15.06 45.36 37.92
N ASP D 87 -14.41 45.73 36.81
CA ASP D 87 -13.17 45.08 36.38
C ASP D 87 -11.93 45.91 36.70
N THR D 88 -12.05 46.90 37.59
CA THR D 88 -10.86 47.57 38.10
C THR D 88 -10.09 46.61 39.02
N ALA D 89 -8.98 46.08 38.51
CA ALA D 89 -8.27 44.99 39.17
C ALA D 89 -6.87 44.90 38.55
N THR D 90 -6.16 43.84 38.92
CA THR D 90 -4.79 43.61 38.50
C THR D 90 -4.72 42.35 37.62
N TYR D 91 -4.11 42.51 36.45
CA TYR D 91 -4.01 41.42 35.48
C TYR D 91 -2.56 40.92 35.44
N PHE D 92 -2.42 39.63 35.09
CA PHE D 92 -1.12 38.98 35.04
C PHE D 92 -1.04 38.05 33.84
N CYS D 93 0.17 37.95 33.28
CA CYS D 93 0.48 37.06 32.17
C CYS D 93 1.57 36.09 32.62
N ALA D 94 1.38 34.79 32.35
CA ALA D 94 2.30 33.79 32.87
C ALA D 94 2.41 32.62 31.90
N ARG D 95 3.56 31.93 31.96
CA ARG D 95 3.90 30.84 31.07
C ARG D 95 3.46 29.52 31.68
N VAL D 96 2.77 28.70 30.90
CA VAL D 96 2.41 27.36 31.32
C VAL D 96 3.58 26.42 31.07
N ASP D 97 4.37 26.16 32.10
CA ASP D 97 5.36 25.10 32.07
C ASP D 97 4.64 23.77 32.24
N SER D 98 4.69 22.93 31.20
CA SER D 98 3.97 21.66 31.19
C SER D 98 4.91 20.57 30.73
N ASP D 99 4.35 19.40 30.45
CA ASP D 99 5.15 18.26 30.00
C ASP D 99 4.63 17.76 28.66
N SER D 100 5.04 16.55 28.30
CA SER D 100 4.68 15.97 27.00
C SER D 100 3.20 15.66 26.87
N SER D 101 2.42 15.72 27.94
CA SER D 101 1.02 15.35 27.86
C SER D 101 0.05 16.27 28.57
N GLY D 102 0.48 16.97 29.61
CA GLY D 102 -0.45 17.61 30.50
C GLY D 102 -1.16 18.83 29.94
N ALA D 103 -0.39 19.88 29.68
CA ALA D 103 -0.88 21.25 29.50
C ALA D 103 -1.80 21.64 30.65
N PHE D 104 -1.44 21.21 31.86
CA PHE D 104 -2.22 21.54 33.03
C PHE D 104 -1.84 22.91 33.52
N ASP D 105 -2.69 23.49 34.34
CA ASP D 105 -2.71 24.94 34.49
C ASP D 105 -1.67 25.47 35.48
N ARG D 106 -0.56 24.77 35.67
CA ARG D 106 0.59 25.35 36.37
C ARG D 106 1.12 26.55 35.61
N LEU D 107 1.14 27.69 36.28
CA LEU D 107 1.77 28.90 35.80
C LEU D 107 3.04 29.13 36.61
N ASP D 108 4.17 28.71 36.05
CA ASP D 108 5.42 28.63 36.82
C ASP D 108 6.07 30.01 36.90
N LEU D 109 6.36 30.62 35.76
CA LEU D 109 7.04 31.91 35.71
C LEU D 109 6.01 32.99 35.44
N TRP D 110 5.74 33.82 36.44
CA TRP D 110 4.68 34.81 36.35
C TRP D 110 5.19 36.09 35.69
N GLY D 111 4.27 37.05 35.55
CA GLY D 111 4.61 38.39 35.16
C GLY D 111 4.47 39.36 36.33
N GLN D 112 5.06 40.55 36.16
CA GLN D 112 5.10 41.52 37.25
C GLN D 112 3.74 42.15 37.51
N GLY D 113 2.91 42.31 36.49
CA GLY D 113 1.55 42.77 36.67
C GLY D 113 1.40 44.28 36.81
N THR D 114 0.50 44.86 36.03
CA THR D 114 0.19 46.29 36.08
C THR D 114 -1.27 46.48 36.44
N LEU D 115 -1.61 47.73 36.74
CA LEU D 115 -2.93 48.12 37.22
C LEU D 115 -3.76 48.71 36.10
N VAL D 116 -4.92 48.12 35.83
CA VAL D 116 -5.88 48.66 34.88
C VAL D 116 -7.17 48.96 35.61
N THR D 117 -7.76 50.13 35.32
CA THR D 117 -8.98 50.53 35.98
C THR D 117 -9.86 51.30 35.00
N VAL D 118 -11.17 51.19 35.20
CA VAL D 118 -12.15 51.89 34.39
C VAL D 118 -12.92 52.83 35.31
N SER D 119 -13.36 53.97 34.77
CA SER D 119 -14.08 54.97 35.55
C SER D 119 -14.96 55.79 34.63
N SER D 120 -16.11 56.21 35.15
CA SER D 120 -17.04 57.04 34.41
C SER D 120 -17.40 58.30 35.18
N ASP E 1 -29.46 26.63 -12.36
CA ASP E 1 -29.70 27.30 -11.10
C ASP E 1 -30.73 26.63 -10.16
N PRO E 2 -30.23 26.05 -9.08
CA PRO E 2 -31.13 25.49 -8.05
C PRO E 2 -31.76 26.62 -7.25
N MET E 3 -33.09 26.64 -7.22
CA MET E 3 -33.82 27.71 -6.56
C MET E 3 -34.77 27.14 -5.50
N LEU E 4 -34.67 27.72 -4.31
CA LEU E 4 -35.62 27.41 -3.21
C LEU E 4 -36.48 28.67 -3.14
N THR E 5 -37.80 28.54 -3.29
CA THR E 5 -38.68 29.70 -3.35
C THR E 5 -39.06 30.21 -1.96
N GLN E 6 -39.72 29.35 -1.16
CA GLN E 6 -40.32 29.68 0.12
C GLN E 6 -41.27 30.88 -0.02
N THR E 7 -42.39 30.64 -0.72
CA THR E 7 -43.46 31.62 -0.81
C THR E 7 -44.57 31.16 0.15
N ALA E 8 -44.32 31.38 1.44
CA ALA E 8 -45.22 30.88 2.48
C ALA E 8 -45.07 31.76 3.71
N ALA E 9 -46.05 32.63 3.95
CA ALA E 9 -46.12 33.41 5.17
C ALA E 9 -46.74 32.57 6.28
N SER E 10 -46.18 32.67 7.48
CA SER E 10 -46.49 31.71 8.52
C SER E 10 -47.84 31.99 9.18
N VAL E 11 -48.50 30.92 9.63
CA VAL E 11 -49.82 31.02 10.23
C VAL E 11 -49.70 31.21 11.74
N GLU E 12 -50.63 31.98 12.31
CA GLU E 12 -50.71 32.23 13.75
C GLU E 12 -50.85 30.92 14.52
N VAL E 13 -49.95 30.69 15.48
CA VAL E 13 -49.92 29.47 16.26
C VAL E 13 -49.88 29.81 17.74
N ALA E 14 -50.47 28.94 18.54
CA ALA E 14 -50.57 29.10 19.97
C ALA E 14 -49.45 28.32 20.64
N VAL E 15 -49.45 28.33 21.97
CA VAL E 15 -48.42 27.61 22.72
C VAL E 15 -48.67 26.11 22.62
N GLY E 16 -47.69 25.38 22.11
CA GLY E 16 -47.79 23.95 21.94
C GLY E 16 -48.23 23.48 20.56
N GLY E 17 -48.39 24.39 19.60
CA GLY E 17 -48.78 23.98 18.26
C GLY E 17 -47.63 23.40 17.46
N THR E 18 -47.96 22.92 16.27
CA THR E 18 -46.98 22.31 15.37
C THR E 18 -47.04 23.03 14.02
N VAL E 19 -45.88 23.40 13.50
CA VAL E 19 -45.77 24.21 12.30
C VAL E 19 -44.97 23.41 11.26
N THR E 20 -45.47 23.39 10.02
CA THR E 20 -44.82 22.67 8.93
C THR E 20 -44.33 23.67 7.89
N ILE E 21 -43.07 24.08 8.00
CA ILE E 21 -42.46 24.97 7.01
C ILE E 21 -41.83 24.10 5.93
N LYS E 22 -42.20 24.36 4.68
CA LYS E 22 -41.83 23.51 3.55
C LYS E 22 -40.99 24.31 2.56
N CYS E 23 -39.79 23.81 2.25
CA CYS E 23 -38.86 24.48 1.36
C CYS E 23 -38.57 23.55 0.19
N GLN E 24 -39.00 23.94 -1.00
CA GLN E 24 -38.93 23.12 -2.20
C GLN E 24 -37.83 23.64 -3.12
N ALA E 25 -37.14 22.74 -3.80
CA ALA E 25 -36.03 23.10 -4.67
C ALA E 25 -36.29 22.59 -6.08
N SER E 26 -35.84 23.38 -7.06
CA SER E 26 -36.02 23.02 -8.47
C SER E 26 -35.09 21.88 -8.87
N GLN E 27 -33.79 22.08 -8.68
CA GLN E 27 -32.81 21.05 -9.00
C GLN E 27 -32.55 20.17 -7.79
N SER E 28 -32.10 18.95 -8.04
CA SER E 28 -31.75 18.05 -6.94
C SER E 28 -30.43 18.47 -6.32
N ILE E 29 -30.42 18.66 -5.01
CA ILE E 29 -29.26 19.16 -4.28
C ILE E 29 -28.66 18.09 -3.36
N GLY E 30 -29.23 16.89 -3.35
CA GLY E 30 -28.79 15.94 -2.36
C GLY E 30 -29.36 16.30 -1.00
N GLY E 31 -28.63 15.95 0.04
CA GLY E 31 -29.04 16.27 1.39
C GLY E 31 -28.46 17.56 1.94
N TYR E 32 -27.69 18.29 1.15
CA TYR E 32 -26.95 19.46 1.63
C TYR E 32 -27.91 20.63 1.77
N LEU E 33 -28.37 20.89 2.99
CA LEU E 33 -29.33 21.95 3.24
C LEU E 33 -29.20 22.41 4.69
N SER E 34 -29.39 23.70 4.91
CA SER E 34 -29.25 24.30 6.24
C SER E 34 -30.52 25.08 6.60
N TRP E 35 -30.65 25.37 7.89
CA TRP E 35 -31.77 26.16 8.40
C TRP E 35 -31.26 27.11 9.47
N TYR E 36 -31.92 28.25 9.59
CA TYR E 36 -31.47 29.32 10.46
C TYR E 36 -32.67 29.99 11.13
N GLN E 37 -32.43 30.52 12.32
CA GLN E 37 -33.41 31.37 13.00
C GLN E 37 -32.80 32.75 13.13
N GLN E 38 -33.59 33.77 12.77
CA GLN E 38 -33.14 35.15 12.77
C GLN E 38 -34.04 35.95 13.71
N LYS E 39 -33.54 36.21 14.89
CA LYS E 39 -34.23 37.15 15.76
C LYS E 39 -33.98 38.56 15.23
N PRO E 40 -35.01 39.42 15.22
CA PRO E 40 -34.92 40.66 14.42
C PRO E 40 -34.08 41.77 15.04
N GLY E 41 -33.28 41.46 16.04
CA GLY E 41 -32.42 42.46 16.65
C GLY E 41 -30.95 42.09 16.64
N GLN E 42 -30.63 40.81 16.40
CA GLN E 42 -29.26 40.35 16.50
C GLN E 42 -28.88 39.49 15.29
N ARG E 43 -27.71 38.88 15.37
CA ARG E 43 -27.11 38.04 14.34
C ARG E 43 -27.93 36.77 14.14
N PRO E 44 -27.90 36.19 12.94
CA PRO E 44 -28.61 34.93 12.71
C PRO E 44 -27.92 33.76 13.40
N LYS E 45 -28.68 32.67 13.52
CA LYS E 45 -28.31 31.57 14.41
C LYS E 45 -28.90 30.28 13.85
N LEU E 46 -28.06 29.25 13.77
CA LEU E 46 -28.36 28.04 13.02
C LEU E 46 -28.87 26.93 13.93
N LEU E 47 -29.75 26.09 13.38
CA LEU E 47 -30.33 24.98 14.12
C LEU E 47 -29.84 23.63 13.61
N ILE E 48 -30.05 23.36 12.32
CA ILE E 48 -29.85 22.03 11.78
C ILE E 48 -29.19 22.14 10.40
N TYR E 49 -28.29 21.22 10.10
CA TYR E 49 -27.67 21.11 8.79
C TYR E 49 -27.76 19.66 8.30
N ARG E 50 -27.71 19.53 6.97
CA ARG E 50 -27.89 18.26 6.24
C ARG E 50 -29.24 17.60 6.53
N ALA E 51 -30.23 18.41 6.92
CA ALA E 51 -31.63 18.05 7.14
C ALA E 51 -31.87 16.99 8.22
N SER E 52 -30.82 16.53 8.90
CA SER E 52 -31.00 15.55 9.97
C SER E 52 -30.15 15.78 11.21
N THR E 53 -29.04 16.51 11.12
CA THR E 53 -28.08 16.61 12.21
C THR E 53 -28.18 17.98 12.85
N LEU E 54 -28.56 18.01 14.13
CA LEU E 54 -28.72 19.29 14.82
C LEU E 54 -27.40 19.75 15.44
N ALA E 55 -27.33 21.06 15.72
CA ALA E 55 -26.11 21.67 16.22
C ALA E 55 -26.06 21.60 17.74
N SER E 56 -24.96 22.07 18.31
CA SER E 56 -24.77 22.05 19.75
C SER E 56 -25.57 23.16 20.43
N GLY E 57 -25.96 22.90 21.68
CA GLY E 57 -26.69 23.89 22.47
C GLY E 57 -28.11 24.17 22.01
N VAL E 58 -28.73 23.21 21.33
CA VAL E 58 -30.06 23.38 20.76
C VAL E 58 -30.88 22.20 21.25
N PRO E 59 -32.10 22.40 21.77
CA PRO E 59 -32.86 21.26 22.28
C PRO E 59 -33.33 20.34 21.16
N SER E 60 -33.61 19.09 21.53
CA SER E 60 -33.93 18.06 20.56
C SER E 60 -35.41 18.05 20.19
N ARG E 61 -36.13 19.11 20.53
CA ARG E 61 -37.55 19.25 20.22
C ARG E 61 -37.78 19.83 18.83
N PHE E 62 -36.73 20.21 18.11
CA PHE E 62 -36.83 20.54 16.70
C PHE E 62 -36.59 19.29 15.86
N LYS E 63 -37.29 19.19 14.74
CA LYS E 63 -37.26 17.99 13.91
C LYS E 63 -36.68 18.32 12.55
N GLY E 64 -36.17 17.29 11.88
CA GLY E 64 -35.67 17.45 10.52
C GLY E 64 -35.96 16.24 9.64
N SER E 65 -36.46 16.49 8.43
CA SER E 65 -36.78 15.43 7.50
C SER E 65 -36.73 15.99 6.08
N GLY E 66 -37.17 15.19 5.12
CA GLY E 66 -37.18 15.58 3.72
C GLY E 66 -35.93 15.13 2.99
N SER E 67 -36.14 14.65 1.76
CA SER E 67 -35.04 14.22 0.92
C SER E 67 -35.35 14.55 -0.53
N GLY E 68 -34.31 14.64 -1.34
CA GLY E 68 -34.48 14.87 -2.78
C GLY E 68 -34.61 16.36 -3.10
N THR E 69 -35.82 16.77 -3.47
CA THR E 69 -36.07 18.14 -3.91
C THR E 69 -36.86 18.97 -2.92
N GLU E 70 -37.65 18.34 -2.05
CA GLU E 70 -38.46 19.06 -1.07
C GLU E 70 -38.05 18.64 0.34
N TYR E 71 -38.10 19.61 1.26
CA TYR E 71 -37.67 19.39 2.64
C TYR E 71 -38.60 20.14 3.58
N THR E 72 -38.55 19.77 4.86
CA THR E 72 -39.43 20.35 5.86
C THR E 72 -38.65 20.66 7.14
N LEU E 73 -39.34 21.35 8.05
CA LEU E 73 -38.80 21.63 9.39
C LEU E 73 -39.98 21.81 10.33
N THR E 74 -40.19 20.85 11.22
CA THR E 74 -41.29 20.88 12.17
C THR E 74 -40.76 20.93 13.60
N PHE E 75 -41.57 21.48 14.50
CA PHE E 75 -41.31 21.42 15.93
C PHE E 75 -42.62 21.65 16.66
N SER E 76 -42.61 21.37 17.96
CA SER E 76 -43.78 21.52 18.81
C SER E 76 -43.35 22.08 20.16
N GLY E 77 -44.32 22.63 20.88
CA GLY E 77 -44.05 23.28 22.14
C GLY E 77 -43.40 24.64 21.96
N VAL E 78 -44.11 25.57 21.34
CA VAL E 78 -43.57 26.88 21.01
C VAL E 78 -43.48 27.73 22.28
N GLU E 79 -42.28 28.23 22.57
CA GLU E 79 -42.02 29.09 23.71
C GLU E 79 -42.42 30.53 23.40
N CYS E 80 -41.89 31.45 24.22
CA CYS E 80 -42.07 32.88 24.01
C CYS E 80 -40.96 33.49 23.15
N ALA E 81 -39.77 32.90 23.17
CA ALA E 81 -38.63 33.42 22.43
C ALA E 81 -38.46 32.78 21.06
N ASP E 82 -39.53 32.21 20.51
CA ASP E 82 -39.50 31.65 19.17
C ASP E 82 -40.00 32.64 18.11
N ALA E 83 -40.24 33.88 18.49
CA ALA E 83 -40.63 34.93 17.54
C ALA E 83 -39.36 35.38 16.83
N ALA E 84 -39.16 34.90 15.62
CA ALA E 84 -37.93 35.13 14.87
C ALA E 84 -38.23 35.03 13.38
N ALA E 85 -37.18 34.94 12.58
CA ALA E 85 -37.30 34.76 11.13
C ALA E 85 -36.53 33.52 10.72
N TYR E 86 -37.12 32.72 9.83
CA TYR E 86 -36.56 31.44 9.44
C TYR E 86 -36.13 31.47 7.97
N TYR E 87 -35.14 30.66 7.64
CA TYR E 87 -34.57 30.63 6.29
C TYR E 87 -34.03 29.24 5.98
N CYS E 88 -34.45 28.67 4.86
CA CYS E 88 -33.84 27.45 4.34
C CYS E 88 -32.74 27.82 3.36
N GLN E 89 -31.70 26.98 3.31
CA GLN E 89 -30.51 27.33 2.53
C GLN E 89 -29.78 26.09 2.04
N GLN E 90 -29.48 26.06 0.74
CA GLN E 90 -28.80 24.93 0.10
C GLN E 90 -27.30 25.17 0.08
N GLY E 91 -26.55 24.11 -0.27
CA GLY E 91 -25.11 24.15 -0.32
C GLY E 91 -24.51 23.60 -1.61
N TYR E 92 -25.12 23.87 -2.76
CA TYR E 92 -24.64 23.30 -4.01
C TYR E 92 -23.49 24.09 -4.63
N THR E 93 -23.05 25.18 -3.96
CA THR E 93 -21.90 26.07 -4.21
C THR E 93 -21.59 26.33 -5.69
N SER E 94 -22.63 26.44 -6.52
CA SER E 94 -22.42 26.60 -7.95
C SER E 94 -21.97 28.02 -8.27
N SER E 95 -21.70 28.30 -9.53
CA SER E 95 -21.14 29.57 -9.96
C SER E 95 -22.18 30.53 -10.53
N ASP E 96 -23.00 30.07 -11.46
CA ASP E 96 -23.90 30.94 -12.21
C ASP E 96 -25.24 31.17 -11.51
N ILE E 97 -25.32 30.94 -10.21
CA ILE E 97 -26.57 31.08 -9.48
C ILE E 97 -26.58 32.40 -8.72
N ASN E 98 -27.78 32.82 -8.34
CA ASN E 98 -28.06 34.08 -7.65
C ASN E 98 -29.03 33.84 -6.49
N ASN E 99 -28.69 32.85 -5.66
CA ASN E 99 -29.60 32.20 -4.72
C ASN E 99 -30.31 33.11 -3.73
N ALA E 100 -29.53 33.71 -2.82
CA ALA E 100 -29.93 34.50 -1.66
C ALA E 100 -30.69 33.70 -0.60
N PHE E 101 -31.00 32.42 -0.89
CA PHE E 101 -31.73 31.42 -0.09
C PHE E 101 -32.90 31.98 0.72
N GLY E 102 -33.71 32.82 0.09
CA GLY E 102 -34.66 33.63 0.84
C GLY E 102 -35.99 32.97 1.13
N GLY E 103 -36.81 33.70 1.86
CA GLY E 103 -38.14 33.30 2.26
C GLY E 103 -38.19 32.87 3.72
N GLY E 104 -39.37 33.06 4.32
CA GLY E 104 -39.60 32.58 5.66
C GLY E 104 -39.81 33.64 6.71
N THR E 105 -40.86 33.48 7.51
CA THR E 105 -41.17 34.38 8.61
C THR E 105 -41.85 33.58 9.71
N GLU E 106 -42.11 34.24 10.84
CA GLU E 106 -42.80 33.60 11.94
C GLU E 106 -43.52 34.69 12.73
N VAL E 107 -44.80 34.47 13.02
CA VAL E 107 -45.62 35.44 13.74
C VAL E 107 -45.20 35.53 15.20
N VAL E 108 -45.70 36.55 15.90
CA VAL E 108 -45.56 36.60 17.35
C VAL E 108 -46.57 35.61 17.93
N VAL E 109 -46.06 34.68 18.74
CA VAL E 109 -46.92 33.65 19.32
C VAL E 109 -47.79 34.24 20.42
N LYS E 110 -49.06 33.86 20.41
CA LYS E 110 -49.98 34.29 21.47
C LYS E 110 -49.70 33.53 22.76
N GLN F 1 -13.30 31.36 17.27
CA GLN F 1 -14.75 31.27 17.43
C GLN F 1 -15.44 32.57 17.03
N SER F 2 -15.22 33.64 17.79
CA SER F 2 -15.88 34.91 17.51
C SER F 2 -15.32 35.56 16.26
N VAL F 3 -16.19 36.21 15.52
CA VAL F 3 -15.86 36.83 14.24
C VAL F 3 -16.06 38.33 14.37
N LYS F 4 -15.04 39.09 13.97
CA LYS F 4 -14.98 40.53 14.22
C LYS F 4 -15.03 41.26 12.89
N GLU F 5 -15.55 42.49 12.94
CA GLU F 5 -15.66 43.33 11.75
C GLU F 5 -15.04 44.69 12.00
N SER F 6 -15.01 45.49 10.92
CA SER F 6 -14.61 46.88 10.98
C SER F 6 -15.84 47.76 11.11
N GLU F 7 -15.66 48.96 11.68
CA GLU F 7 -16.80 49.78 12.00
C GLU F 7 -17.32 50.51 10.77
N GLY F 8 -18.64 50.71 10.75
CA GLY F 8 -19.31 51.20 9.55
C GLY F 8 -19.10 52.68 9.31
N ARG F 9 -19.42 53.08 8.09
CA ARG F 9 -19.19 54.45 7.63
C ARG F 9 -20.36 54.91 6.78
N LEU F 10 -20.71 56.19 6.91
CA LEU F 10 -21.68 56.82 6.02
C LEU F 10 -20.90 57.51 4.91
N VAL F 11 -21.00 56.97 3.69
CA VAL F 11 -20.20 57.43 2.56
C VAL F 11 -21.13 57.99 1.50
N THR F 12 -20.52 58.50 0.43
CA THR F 12 -21.00 59.10 -0.80
C THR F 12 -20.83 58.12 -1.97
N PRO F 13 -21.76 58.11 -2.92
CA PRO F 13 -21.62 57.19 -4.06
C PRO F 13 -20.48 57.62 -4.99
N GLY F 14 -19.65 56.65 -5.36
CA GLY F 14 -18.49 56.90 -6.20
C GLY F 14 -17.16 56.76 -5.50
N THR F 15 -17.13 56.27 -4.27
CA THR F 15 -15.94 56.11 -3.43
C THR F 15 -15.75 54.63 -3.10
N PRO F 16 -14.52 54.10 -3.18
CA PRO F 16 -14.30 52.71 -2.79
C PRO F 16 -14.45 52.52 -1.29
N LEU F 17 -14.82 51.29 -0.92
CA LEU F 17 -15.21 51.00 0.45
C LEU F 17 -14.67 49.63 0.81
N THR F 18 -14.20 49.49 2.05
CA THR F 18 -13.64 48.24 2.54
C THR F 18 -14.26 47.86 3.87
N LEU F 19 -14.29 46.55 4.15
CA LEU F 19 -14.55 46.02 5.48
C LEU F 19 -13.64 44.82 5.72
N THR F 20 -12.75 44.95 6.71
CA THR F 20 -11.93 43.84 7.14
C THR F 20 -12.70 42.92 8.08
N CYS F 21 -12.23 41.67 8.18
CA CYS F 21 -12.87 40.65 9.02
C CYS F 21 -11.78 39.79 9.64
N THR F 22 -11.65 39.86 10.96
CA THR F 22 -10.66 39.09 11.67
C THR F 22 -11.36 38.06 12.56
N ALA F 23 -10.66 36.95 12.83
CA ALA F 23 -11.20 35.87 13.65
C ALA F 23 -10.46 35.82 14.98
N SER F 24 -11.07 35.12 15.95
CA SER F 24 -10.49 35.01 17.28
C SER F 24 -9.63 33.77 17.45
N GLY F 25 -10.21 32.59 17.36
CA GLY F 25 -9.50 31.37 17.71
C GLY F 25 -8.93 30.53 16.59
N PHE F 26 -9.75 30.23 15.60
CA PHE F 26 -9.32 29.37 14.51
C PHE F 26 -8.41 30.13 13.57
N THR F 27 -7.68 29.40 12.73
CA THR F 27 -6.90 30.02 11.67
C THR F 27 -7.71 29.94 10.39
N MET F 28 -7.51 30.92 9.51
CA MET F 28 -8.37 31.09 8.34
C MET F 28 -7.86 30.36 7.11
N SER F 29 -6.61 29.90 7.13
CA SER F 29 -6.06 29.12 6.03
C SER F 29 -6.58 27.69 5.99
N ARG F 30 -7.32 27.29 7.02
CA ARG F 30 -7.96 25.98 7.09
C ARG F 30 -9.39 26.00 6.57
N TYR F 31 -10.19 27.00 6.94
CA TYR F 31 -11.60 27.04 6.61
C TYR F 31 -11.87 28.07 5.51
N HIS F 32 -13.14 28.20 5.17
CA HIS F 32 -13.56 29.13 4.13
C HIS F 32 -14.31 30.32 4.72
N MET F 33 -14.45 31.37 3.91
CA MET F 33 -15.16 32.58 4.30
C MET F 33 -16.12 33.01 3.21
N THR F 34 -17.21 33.66 3.62
CA THR F 34 -18.14 34.29 2.69
C THR F 34 -18.76 35.51 3.35
N TRP F 35 -19.64 36.19 2.60
CA TRP F 35 -20.26 37.44 3.01
C TRP F 35 -21.73 37.44 2.59
N VAL F 36 -22.60 37.90 3.50
CA VAL F 36 -24.02 38.06 3.24
C VAL F 36 -24.42 39.49 3.58
N ARG F 37 -25.51 39.94 2.95
CA ARG F 37 -25.96 41.32 3.10
C ARG F 37 -27.44 41.32 3.50
N GLN F 38 -27.74 41.96 4.63
CA GLN F 38 -29.10 41.98 5.16
C GLN F 38 -29.75 43.33 4.90
N ALA F 39 -30.65 43.37 3.92
CA ALA F 39 -31.36 44.59 3.58
C ALA F 39 -32.65 44.70 4.39
N PRO F 40 -33.21 45.91 4.53
CA PRO F 40 -34.49 46.05 5.24
C PRO F 40 -35.66 45.42 4.48
N GLY F 41 -36.74 45.17 5.21
CA GLY F 41 -37.89 44.47 4.69
C GLY F 41 -37.74 42.99 4.92
N LYS F 42 -37.41 42.27 3.85
CA LYS F 42 -36.83 40.93 3.96
C LYS F 42 -35.32 40.97 4.10
N GLY F 43 -34.68 41.87 3.38
CA GLY F 43 -33.54 41.50 2.54
C GLY F 43 -32.48 40.69 3.24
N LEU F 44 -32.04 39.62 2.58
CA LEU F 44 -30.92 38.80 3.04
C LEU F 44 -30.28 38.18 1.81
N GLU F 45 -29.10 38.68 1.43
CA GLU F 45 -28.52 38.42 0.12
C GLU F 45 -27.07 38.01 0.28
N TRP F 46 -26.70 36.90 -0.35
CA TRP F 46 -25.36 36.34 -0.25
C TRP F 46 -24.48 36.92 -1.36
N ILE F 47 -23.22 37.19 -1.05
CA ILE F 47 -22.34 37.90 -1.99
C ILE F 47 -21.47 36.94 -2.79
N GLY F 48 -20.64 36.17 -2.11
CA GLY F 48 -19.66 35.34 -2.80
C GLY F 48 -19.14 34.27 -1.88
N ILE F 49 -17.96 33.73 -2.22
CA ILE F 49 -17.28 32.76 -1.37
C ILE F 49 -15.79 32.80 -1.69
N ILE F 50 -14.97 32.37 -0.74
CA ILE F 50 -13.54 32.20 -0.93
C ILE F 50 -13.07 30.97 -0.16
N TYR F 51 -12.20 30.17 -0.79
CA TYR F 51 -11.76 28.90 -0.23
C TYR F 51 -10.38 29.01 0.43
N ALA F 52 -9.97 27.91 1.06
CA ALA F 52 -8.87 27.93 2.02
C ALA F 52 -7.48 27.85 1.38
N ARG F 53 -7.17 26.72 0.74
CA ARG F 53 -5.81 26.53 0.22
C ARG F 53 -5.81 26.64 -1.30
N ASN F 54 -6.92 26.27 -1.93
CA ASN F 54 -7.11 26.56 -3.35
C ASN F 54 -7.20 28.06 -3.60
N SER F 55 -7.77 28.79 -2.64
CA SER F 55 -7.86 30.26 -2.63
C SER F 55 -8.65 30.78 -3.84
N ASP F 56 -9.60 29.95 -4.29
CA ASP F 56 -10.50 30.27 -5.42
C ASP F 56 -11.69 31.10 -4.91
N THR F 57 -12.41 31.76 -5.82
CA THR F 57 -13.57 32.58 -5.49
C THR F 57 -14.71 32.28 -6.44
N TYR F 58 -15.94 32.40 -5.95
CA TYR F 58 -17.13 32.33 -6.77
C TYR F 58 -18.13 33.34 -6.23
N TYR F 59 -18.63 34.20 -7.11
CA TYR F 59 -19.53 35.29 -6.75
C TYR F 59 -20.96 34.93 -7.15
N ALA F 60 -21.86 35.88 -6.91
CA ALA F 60 -23.23 35.75 -7.41
C ALA F 60 -23.28 36.13 -8.89
N ASN F 61 -24.45 35.93 -9.50
CA ASN F 61 -24.58 36.24 -10.93
C ASN F 61 -24.61 37.74 -11.15
N TRP F 62 -25.32 38.47 -10.30
CA TRP F 62 -25.39 39.92 -10.43
C TRP F 62 -24.17 40.62 -9.83
N ALA F 63 -23.31 39.90 -9.12
CA ALA F 63 -22.26 40.53 -8.33
C ALA F 63 -20.90 40.53 -9.02
N LYS F 64 -20.80 40.09 -10.27
CA LYS F 64 -19.54 40.15 -10.97
C LYS F 64 -19.22 41.58 -11.41
N GLY F 65 -17.94 41.92 -11.37
CA GLY F 65 -17.52 43.27 -11.66
C GLY F 65 -17.80 44.26 -10.56
N ARG F 66 -18.23 43.80 -9.39
CA ARG F 66 -18.70 44.69 -8.35
C ARG F 66 -18.12 44.42 -6.98
N PHE F 67 -17.49 43.27 -6.75
CA PHE F 67 -16.86 42.96 -5.47
C PHE F 67 -15.58 42.19 -5.73
N THR F 68 -14.55 42.48 -4.93
CA THR F 68 -13.29 41.74 -4.98
C THR F 68 -12.91 41.33 -3.56
N ILE F 69 -12.76 40.02 -3.34
CA ILE F 69 -12.51 39.48 -2.01
C ILE F 69 -11.02 39.22 -1.86
N SER F 70 -10.40 39.86 -0.88
CA SER F 70 -8.98 39.69 -0.60
C SER F 70 -8.78 38.88 0.67
N LYS F 71 -7.70 38.11 0.72
CA LYS F 71 -7.44 37.29 1.91
C LYS F 71 -5.94 37.15 2.13
N THR F 72 -5.51 37.43 3.36
CA THR F 72 -4.19 37.07 3.84
C THR F 72 -4.33 35.97 4.88
N SER F 73 -3.19 35.51 5.40
CA SER F 73 -3.22 34.52 6.47
C SER F 73 -3.73 35.09 7.78
N THR F 74 -3.72 36.40 7.94
CA THR F 74 -4.13 37.03 9.19
C THR F 74 -5.54 37.61 9.14
N THR F 75 -5.97 38.10 7.97
CA THR F 75 -7.21 38.86 7.83
C THR F 75 -7.83 38.57 6.47
N VAL F 76 -9.17 38.43 6.46
CA VAL F 76 -9.90 38.43 5.21
C VAL F 76 -10.66 39.74 5.14
N ASP F 77 -10.98 40.19 3.92
CA ASP F 77 -11.76 41.39 3.71
C ASP F 77 -12.47 41.28 2.37
N LEU F 78 -13.39 42.20 2.13
CA LEU F 78 -14.06 42.33 0.84
C LEU F 78 -14.02 43.81 0.44
N LYS F 79 -14.26 44.07 -0.85
CA LYS F 79 -14.10 45.42 -1.38
C LYS F 79 -15.30 45.78 -2.24
N ILE F 80 -15.60 47.08 -2.30
CA ILE F 80 -16.64 47.61 -3.16
C ILE F 80 -15.99 48.65 -4.07
N THR F 81 -16.31 48.59 -5.36
CA THR F 81 -15.67 49.45 -6.35
C THR F 81 -16.51 50.69 -6.66
N SER F 82 -17.79 50.50 -6.97
CA SER F 82 -18.67 51.59 -7.37
C SER F 82 -20.01 51.37 -6.70
N PRO F 83 -20.29 52.08 -5.60
CA PRO F 83 -21.53 51.84 -4.87
C PRO F 83 -22.72 52.44 -5.57
N THR F 84 -23.83 51.70 -5.56
CA THR F 84 -25.12 52.20 -5.99
C THR F 84 -25.93 52.48 -4.73
N ILE F 85 -26.96 53.31 -4.87
CA ILE F 85 -27.73 53.87 -3.76
C ILE F 85 -28.33 52.82 -2.83
N GLU F 86 -28.82 51.72 -3.39
CA GLU F 86 -29.67 50.80 -2.64
C GLU F 86 -28.89 49.70 -1.91
N ASP F 87 -27.62 49.94 -1.58
CA ASP F 87 -26.85 49.00 -0.78
C ASP F 87 -26.72 49.42 0.68
N THR F 88 -27.54 50.36 1.13
CA THR F 88 -27.62 50.63 2.56
C THR F 88 -28.27 49.45 3.28
N ALA F 89 -27.45 48.66 3.97
CA ALA F 89 -27.88 47.38 4.52
C ALA F 89 -26.86 46.94 5.56
N THR F 90 -27.01 45.70 6.02
CA THR F 90 -26.17 45.11 7.06
C THR F 90 -25.37 43.95 6.49
N TYR F 91 -24.06 43.99 6.68
CA TYR F 91 -23.16 42.97 6.18
C TYR F 91 -22.67 42.08 7.32
N PHE F 92 -22.34 40.83 6.98
CA PHE F 92 -21.91 39.84 7.95
C PHE F 92 -20.77 39.01 7.38
N CYS F 93 -19.86 38.60 8.26
CA CYS F 93 -18.75 37.72 7.92
C CYS F 93 -18.85 36.46 8.77
N ALA F 94 -18.71 35.29 8.15
CA ALA F 94 -18.95 34.03 8.87
C ALA F 94 -18.04 32.93 8.33
N ARG F 95 -17.75 31.96 9.20
CA ARG F 95 -16.84 30.86 8.89
C ARG F 95 -17.62 29.69 8.32
N VAL F 96 -17.13 29.13 7.23
CA VAL F 96 -17.71 27.93 6.65
C VAL F 96 -17.12 26.71 7.36
N ASP F 97 -17.86 26.19 8.33
CA ASP F 97 -17.54 24.89 8.92
C ASP F 97 -17.99 23.82 7.95
N SER F 98 -17.03 23.06 7.42
CA SER F 98 -17.31 22.04 6.42
C SER F 98 -16.60 20.76 6.81
N ASP F 99 -16.57 19.80 5.87
CA ASP F 99 -15.94 18.52 6.13
C ASP F 99 -14.86 18.26 5.10
N SER F 100 -14.43 16.99 5.00
CA SER F 100 -13.36 16.61 4.09
C SER F 100 -13.72 16.74 2.62
N SER F 101 -14.99 16.95 2.28
CA SER F 101 -15.38 17.00 0.88
C SER F 101 -16.33 18.11 0.51
N GLY F 102 -17.14 18.61 1.43
CA GLY F 102 -18.27 19.43 1.05
C GLY F 102 -17.92 20.82 0.57
N ALA F 103 -17.36 21.63 1.49
CA ALA F 103 -17.30 23.09 1.37
C ALA F 103 -18.68 23.66 1.02
N PHE F 104 -19.72 23.09 1.62
CA PHE F 104 -21.06 23.54 1.38
C PHE F 104 -21.36 24.73 2.28
N ASP F 105 -22.38 25.48 1.93
CA ASP F 105 -22.47 26.86 2.37
C ASP F 105 -23.04 27.03 3.78
N ARG F 106 -22.88 26.04 4.66
CA ARG F 106 -23.15 26.23 6.07
C ARG F 106 -22.21 27.28 6.65
N LEU F 107 -22.79 28.32 7.20
CA LEU F 107 -22.08 29.34 7.96
C LEU F 107 -22.43 29.16 9.43
N ASP F 108 -21.54 28.47 10.17
CA ASP F 108 -21.86 27.99 11.51
C ASP F 108 -21.68 29.13 12.52
N LEU F 109 -20.48 29.70 12.58
CA LEU F 109 -20.16 30.75 13.54
C LEU F 109 -20.20 32.09 12.82
N TRP F 110 -21.19 32.90 13.15
CA TRP F 110 -21.41 34.16 12.45
C TRP F 110 -20.58 35.27 13.04
N GLY F 111 -20.70 36.46 12.45
CA GLY F 111 -20.17 37.68 13.00
C GLY F 111 -21.27 38.59 13.53
N GLN F 112 -20.87 39.57 14.33
CA GLN F 112 -21.85 40.42 15.00
C GLN F 112 -22.53 41.39 14.03
N GLY F 113 -21.82 41.83 12.99
CA GLY F 113 -22.42 42.66 11.96
C GLY F 113 -22.54 44.12 12.29
N THR F 114 -22.06 44.98 11.38
CA THR F 114 -22.16 46.42 11.53
C THR F 114 -22.97 47.00 10.38
N LEU F 115 -23.31 48.29 10.53
CA LEU F 115 -24.18 48.99 9.61
C LEU F 115 -23.35 49.86 8.65
N VAL F 116 -23.51 49.63 7.35
CA VAL F 116 -22.90 50.47 6.33
C VAL F 116 -24.01 51.08 5.48
N THR F 117 -23.87 52.37 5.19
CA THR F 117 -24.88 53.06 4.41
C THR F 117 -24.20 54.11 3.52
N VAL F 118 -24.83 54.35 2.36
CA VAL F 118 -24.36 55.35 1.41
C VAL F 118 -25.45 56.42 1.28
N SER F 119 -25.02 57.65 1.03
CA SER F 119 -25.95 58.76 0.92
C SER F 119 -25.34 59.86 0.06
N SER F 120 -26.19 60.55 -0.69
CA SER F 120 -25.75 61.65 -1.54
C SER F 120 -26.56 62.91 -1.25
N ASP G 1 12.88 38.62 -36.45
CA ASP G 1 11.65 39.28 -36.06
C ASP G 1 10.40 38.88 -36.86
N PRO G 2 9.51 38.12 -36.22
CA PRO G 2 8.22 37.79 -36.84
C PRO G 2 7.31 39.01 -36.84
N MET G 3 6.84 39.40 -38.02
CA MET G 3 6.02 40.60 -38.17
C MET G 3 4.70 40.26 -38.83
N LEU G 4 3.61 40.68 -38.19
CA LEU G 4 2.29 40.67 -38.81
C LEU G 4 1.90 42.10 -39.17
N THR G 5 1.67 42.33 -40.46
CA THR G 5 1.49 43.69 -40.95
C THR G 5 0.08 44.21 -40.71
N GLN G 6 -0.92 43.53 -41.26
CA GLN G 6 -2.32 43.97 -41.29
C GLN G 6 -2.44 45.38 -41.87
N THR G 7 -2.16 45.48 -43.17
CA THR G 7 -2.38 46.73 -43.91
C THR G 7 -3.68 46.55 -44.71
N ALA G 8 -4.80 46.63 -43.99
CA ALA G 8 -6.11 46.35 -44.61
C ALA G 8 -7.17 47.10 -43.82
N ALA G 9 -7.67 48.19 -44.39
CA ALA G 9 -8.82 48.91 -43.83
C ALA G 9 -10.10 48.22 -44.26
N SER G 10 -11.05 48.10 -43.33
CA SER G 10 -12.17 47.21 -43.53
C SER G 10 -13.23 47.83 -44.45
N VAL G 11 -13.92 46.95 -45.19
CA VAL G 11 -14.92 47.39 -46.16
C VAL G 11 -16.30 47.46 -45.49
N GLU G 12 -17.11 48.43 -45.93
CA GLU G 12 -18.47 48.63 -45.47
C GLU G 12 -19.31 47.38 -45.71
N VAL G 13 -19.93 46.86 -44.63
CA VAL G 13 -20.71 45.64 -44.69
C VAL G 13 -22.08 45.90 -44.06
N ALA G 14 -23.06 45.18 -44.58
CA ALA G 14 -24.44 45.29 -44.15
C ALA G 14 -24.74 44.20 -43.12
N VAL G 15 -26.00 44.14 -42.68
CA VAL G 15 -26.41 43.14 -41.70
C VAL G 15 -26.46 41.78 -42.38
N GLY G 16 -25.68 40.84 -41.86
CA GLY G 16 -25.63 39.50 -42.41
C GLY G 16 -24.50 39.23 -43.38
N GLY G 17 -23.60 40.19 -43.60
CA GLY G 17 -22.50 39.97 -44.50
C GLY G 17 -21.39 39.14 -43.89
N THR G 18 -20.40 38.81 -44.71
CA THR G 18 -19.25 38.01 -44.29
C THR G 18 -17.97 38.77 -44.59
N VAL G 19 -17.07 38.83 -43.62
CA VAL G 19 -15.86 39.64 -43.69
C VAL G 19 -14.66 38.70 -43.54
N THR G 20 -13.66 38.88 -44.39
CA THR G 20 -12.45 38.06 -44.36
C THR G 20 -11.25 38.93 -43.99
N ILE G 21 -10.92 38.97 -42.71
CA ILE G 21 -9.75 39.70 -42.24
C ILE G 21 -8.56 38.75 -42.28
N LYS G 22 -7.49 39.15 -42.95
CA LYS G 22 -6.35 38.29 -43.22
C LYS G 22 -5.11 38.87 -42.56
N CYS G 23 -4.44 38.07 -41.73
CA CYS G 23 -3.26 38.51 -40.99
C CYS G 23 -2.11 37.59 -41.37
N GLN G 24 -1.11 38.15 -42.05
CA GLN G 24 0.01 37.38 -42.59
C GLN G 24 1.25 37.63 -41.77
N ALA G 25 2.08 36.60 -41.63
CA ALA G 25 3.29 36.69 -40.82
C ALA G 25 4.52 36.34 -41.65
N SER G 26 5.63 37.02 -41.36
CA SER G 26 6.87 36.78 -42.08
C SER G 26 7.50 35.45 -41.68
N GLN G 27 7.77 35.27 -40.39
CA GLN G 27 8.35 34.04 -39.90
C GLN G 27 7.24 33.07 -39.50
N SER G 28 7.57 31.78 -39.51
CA SER G 28 6.61 30.77 -39.09
C SER G 28 6.48 30.78 -37.57
N ILE G 29 5.24 30.89 -37.08
CA ILE G 29 4.97 31.02 -35.66
C ILE G 29 4.26 29.80 -35.11
N GLY G 30 4.00 28.79 -35.94
CA GLY G 30 3.16 27.71 -35.48
C GLY G 30 1.71 28.15 -35.45
N GLY G 31 0.94 27.56 -34.54
CA GLY G 31 -0.44 27.92 -34.37
C GLY G 31 -0.70 28.97 -33.32
N TYR G 32 0.33 29.50 -32.68
CA TYR G 32 0.17 30.39 -31.53
C TYR G 32 -0.22 31.78 -32.03
N LEU G 33 -1.51 32.09 -31.97
CA LEU G 33 -2.01 33.37 -32.46
C LEU G 33 -3.31 33.70 -31.74
N SER G 34 -3.52 34.99 -31.48
CA SER G 34 -4.68 35.46 -30.76
C SER G 34 -5.41 36.54 -31.56
N TRP G 35 -6.66 36.80 -31.17
CA TRP G 35 -7.48 37.83 -31.80
C TRP G 35 -8.27 38.56 -30.73
N TYR G 36 -8.54 39.84 -30.98
CA TYR G 36 -9.17 40.70 -29.99
C TYR G 36 -10.15 41.63 -30.67
N GLN G 37 -11.17 42.03 -29.91
CA GLN G 37 -12.10 43.07 -30.33
C GLN G 37 -11.95 44.23 -29.36
N GLN G 38 -11.82 45.43 -29.91
CA GLN G 38 -11.61 46.65 -29.12
C GLN G 38 -12.75 47.61 -29.41
N LYS G 39 -13.69 47.67 -28.49
CA LYS G 39 -14.68 48.72 -28.57
C LYS G 39 -14.04 50.04 -28.13
N PRO G 40 -14.32 51.14 -28.83
CA PRO G 40 -13.48 52.35 -28.67
C PRO G 40 -13.73 53.15 -27.40
N GLY G 41 -14.44 52.59 -26.43
CA GLY G 41 -14.67 53.28 -25.18
C GLY G 41 -14.18 52.52 -23.96
N GLN G 42 -13.92 51.22 -24.11
CA GLN G 42 -13.58 50.39 -22.96
C GLN G 42 -12.37 49.52 -23.26
N ARG G 43 -12.08 48.60 -22.33
CA ARG G 43 -10.96 47.69 -22.37
C ARG G 43 -11.10 46.70 -23.53
N PRO G 44 -9.98 46.18 -24.05
CA PRO G 44 -10.06 45.18 -25.11
C PRO G 44 -10.55 43.84 -24.58
N LYS G 45 -10.97 42.99 -25.53
CA LYS G 45 -11.73 41.80 -25.21
C LYS G 45 -11.45 40.75 -26.27
N LEU G 46 -11.16 39.53 -25.83
CA LEU G 46 -10.60 38.49 -26.68
C LEU G 46 -11.68 37.52 -27.14
N LEU G 47 -11.51 36.98 -28.35
CA LEU G 47 -12.44 36.05 -28.93
C LEU G 47 -11.86 34.63 -29.04
N ILE G 48 -10.74 34.49 -29.72
CA ILE G 48 -10.22 33.18 -30.10
C ILE G 48 -8.71 33.18 -29.91
N TYR G 49 -8.16 32.04 -29.46
CA TYR G 49 -6.73 31.83 -29.36
C TYR G 49 -6.36 30.51 -30.00
N ARG G 50 -5.10 30.42 -30.43
CA ARG G 50 -4.54 29.28 -31.19
C ARG G 50 -5.29 29.01 -32.49
N ALA G 51 -5.94 30.04 -33.04
CA ALA G 51 -6.63 30.07 -34.32
C ALA G 51 -7.79 29.07 -34.47
N SER G 52 -8.10 28.30 -33.44
CA SER G 52 -9.22 27.36 -33.51
C SER G 52 -10.09 27.30 -32.27
N THR G 53 -9.60 27.69 -31.09
CA THR G 53 -10.30 27.47 -29.84
C THR G 53 -10.88 28.79 -29.34
N LEU G 54 -12.21 28.86 -29.25
CA LEU G 54 -12.85 30.10 -28.81
C LEU G 54 -12.97 30.15 -27.30
N ALA G 55 -13.14 31.37 -26.78
CA ALA G 55 -13.18 31.60 -25.34
C ALA G 55 -14.61 31.45 -24.82
N SER G 56 -14.76 31.57 -23.50
CA SER G 56 -16.06 31.42 -22.86
C SER G 56 -16.91 32.68 -23.06
N GLY G 57 -18.23 32.49 -23.06
CA GLY G 57 -19.16 33.59 -23.20
C GLY G 57 -19.18 34.27 -24.54
N VAL G 58 -18.79 33.56 -25.59
CA VAL G 58 -18.69 34.12 -26.94
C VAL G 58 -19.49 33.19 -27.84
N PRO G 59 -20.37 33.69 -28.71
CA PRO G 59 -21.15 32.79 -29.55
C PRO G 59 -20.30 32.07 -30.59
N SER G 60 -20.81 30.94 -31.06
CA SER G 60 -20.04 30.08 -31.96
C SER G 60 -20.18 30.50 -33.42
N ARG G 61 -20.69 31.70 -33.67
CA ARG G 61 -20.85 32.23 -35.02
C ARG G 61 -19.59 32.93 -35.52
N PHE G 62 -18.55 33.03 -34.70
CA PHE G 62 -17.23 33.45 -35.17
C PHE G 62 -16.43 32.22 -35.58
N LYS G 63 -15.60 32.37 -36.62
CA LYS G 63 -14.88 31.24 -37.18
C LYS G 63 -13.38 31.46 -37.02
N GLY G 64 -12.64 30.36 -37.07
CA GLY G 64 -11.18 30.44 -37.03
C GLY G 64 -10.50 29.41 -37.90
N SER G 65 -9.52 29.85 -38.68
CA SER G 65 -8.80 28.96 -39.58
C SER G 65 -7.41 29.54 -39.84
N GLY G 66 -6.69 28.95 -40.78
CA GLY G 66 -5.36 29.39 -41.14
C GLY G 66 -4.28 28.66 -40.38
N SER G 67 -3.21 28.30 -41.10
CA SER G 67 -2.08 27.61 -40.51
C SER G 67 -0.81 28.09 -41.18
N GLY G 68 0.31 27.93 -40.49
CA GLY G 68 1.62 28.26 -41.05
C GLY G 68 1.96 29.75 -40.86
N THR G 69 1.92 30.50 -41.96
CA THR G 69 2.32 31.90 -41.96
C THR G 69 1.16 32.87 -42.11
N GLU G 70 0.05 32.44 -42.71
CA GLU G 70 -1.10 33.32 -42.92
C GLU G 70 -2.31 32.74 -42.20
N TYR G 71 -3.15 33.62 -41.68
CA TYR G 71 -4.31 33.23 -40.90
C TYR G 71 -5.47 34.17 -41.22
N THR G 72 -6.67 33.74 -40.85
CA THR G 72 -7.89 34.49 -41.14
C THR G 72 -8.82 34.51 -39.94
N LEU G 73 -9.87 35.32 -40.07
CA LEU G 73 -10.94 35.38 -39.07
C LEU G 73 -12.21 35.83 -39.78
N THR G 74 -13.16 34.92 -39.93
CA THR G 74 -14.43 35.22 -40.60
C THR G 74 -15.59 35.05 -39.64
N PHE G 75 -16.68 35.76 -39.92
CA PHE G 75 -17.95 35.56 -39.23
C PHE G 75 -19.06 36.11 -40.11
N SER G 76 -20.30 35.77 -39.75
CA SER G 76 -21.47 36.21 -40.47
C SER G 76 -22.57 36.55 -39.49
N GLY G 77 -23.55 37.32 -39.97
CA GLY G 77 -24.63 37.81 -39.14
C GLY G 77 -24.17 38.95 -38.24
N VAL G 78 -23.78 40.07 -38.83
CA VAL G 78 -23.22 41.19 -38.08
C VAL G 78 -24.35 41.92 -37.35
N GLU G 79 -24.20 42.05 -36.05
CA GLU G 79 -25.15 42.75 -35.20
C GLU G 79 -24.92 44.26 -35.25
N CYS G 80 -25.47 44.95 -34.25
CA CYS G 80 -25.26 46.40 -34.10
C CYS G 80 -24.06 46.71 -33.21
N ALA G 81 -23.70 45.82 -32.28
CA ALA G 81 -22.61 46.04 -31.37
C ALA G 81 -21.30 45.44 -31.84
N ASP G 82 -21.15 45.22 -33.15
CA ASP G 82 -19.90 44.73 -33.71
C ASP G 82 -19.02 45.86 -34.25
N ALA G 83 -19.41 47.11 -34.00
CA ALA G 83 -18.59 48.26 -34.36
C ALA G 83 -17.47 48.39 -33.33
N ALA G 84 -16.28 47.92 -33.70
CA ALA G 84 -15.17 47.85 -32.76
C ALA G 84 -13.87 47.90 -33.55
N ALA G 85 -12.76 47.57 -32.89
CA ALA G 85 -11.46 47.49 -33.53
C ALA G 85 -10.88 46.10 -33.31
N TYR G 86 -10.26 45.55 -34.35
CA TYR G 86 -9.78 44.18 -34.33
C TYR G 86 -8.25 44.16 -34.42
N TYR G 87 -7.65 43.12 -33.85
CA TYR G 87 -6.19 43.01 -33.79
C TYR G 87 -5.79 41.53 -33.79
N CYS G 88 -4.90 41.15 -34.70
CA CYS G 88 -4.26 39.84 -34.66
C CYS G 88 -2.95 39.93 -33.89
N GLN G 89 -2.60 38.85 -33.20
CA GLN G 89 -1.47 38.90 -32.28
C GLN G 89 -0.83 37.52 -32.13
N GLN G 90 0.51 37.47 -32.29
CA GLN G 90 1.27 36.23 -32.21
C GLN G 90 1.80 36.05 -30.79
N GLY G 91 2.33 34.85 -30.53
CA GLY G 91 2.86 34.49 -29.22
C GLY G 91 4.23 33.86 -29.25
N TYR G 92 5.13 34.33 -30.11
CA TYR G 92 6.44 33.71 -30.25
C TYR G 92 7.44 34.18 -29.20
N THR G 93 7.01 35.07 -28.28
CA THR G 93 7.68 35.62 -27.08
C THR G 93 9.18 35.86 -27.23
N SER G 94 9.62 36.29 -28.41
CA SER G 94 11.05 36.45 -28.64
C SER G 94 11.56 37.71 -27.95
N SER G 95 12.87 37.97 -28.05
CA SER G 95 13.51 39.05 -27.33
C SER G 95 13.75 40.29 -28.19
N ASP G 96 14.33 40.11 -29.37
CA ASP G 96 14.79 41.23 -30.19
C ASP G 96 13.70 41.79 -31.11
N ILE G 97 12.44 41.52 -30.81
CA ILE G 97 11.34 41.97 -31.66
C ILE G 97 10.68 43.20 -31.06
N ASN G 98 9.95 43.92 -31.91
CA ASN G 98 9.27 45.17 -31.58
C ASN G 98 7.85 45.16 -32.14
N ASN G 99 7.13 44.07 -31.83
CA ASN G 99 5.91 43.66 -32.52
C ASN G 99 4.79 44.68 -32.58
N ALA G 100 4.21 44.99 -31.41
CA ALA G 100 3.03 45.81 -31.17
C ALA G 100 1.74 45.21 -31.73
N PHE G 101 1.85 44.08 -32.46
CA PHE G 101 0.81 43.28 -33.13
C PHE G 101 -0.32 44.09 -33.76
N GLY G 102 0.04 45.16 -34.47
CA GLY G 102 -0.92 46.16 -34.86
C GLY G 102 -1.68 45.88 -36.15
N GLY G 103 -2.60 46.77 -36.45
CA GLY G 103 -3.44 46.73 -37.62
C GLY G 103 -4.85 46.27 -37.30
N GLY G 104 -5.80 46.75 -38.12
CA GLY G 104 -7.17 46.29 -38.01
C GLY G 104 -8.17 47.32 -37.57
N THR G 105 -9.29 47.41 -38.29
CA THR G 105 -10.38 48.31 -37.95
C THR G 105 -11.68 47.68 -38.43
N GLU G 106 -12.79 48.33 -38.11
CA GLU G 106 -14.09 47.85 -38.55
C GLU G 106 -15.02 49.06 -38.63
N VAL G 107 -15.72 49.20 -39.75
CA VAL G 107 -16.62 50.32 -39.98
C VAL G 107 -17.86 50.21 -39.11
N VAL G 108 -18.63 51.30 -39.05
CA VAL G 108 -19.95 51.25 -38.43
C VAL G 108 -20.89 50.55 -39.41
N VAL G 109 -21.52 49.47 -38.95
CA VAL G 109 -22.39 48.68 -39.81
C VAL G 109 -23.70 49.43 -40.07
N LYS G 110 -24.13 49.43 -41.33
CA LYS G 110 -25.40 50.04 -41.69
C LYS G 110 -26.57 49.18 -41.22
N GLN H 1 -9.61 37.08 -10.77
CA GLN H 1 -10.25 37.40 -12.04
C GLN H 1 -10.04 38.87 -12.40
N SER H 2 -10.65 39.78 -11.64
CA SER H 2 -10.56 41.20 -11.96
C SER H 2 -9.16 41.73 -11.67
N VAL H 3 -8.73 42.66 -12.50
CA VAL H 3 -7.40 43.23 -12.44
C VAL H 3 -7.52 44.72 -12.13
N LYS H 4 -6.78 45.17 -11.12
CA LYS H 4 -6.93 46.50 -10.56
C LYS H 4 -5.67 47.31 -10.82
N GLU H 5 -5.85 48.62 -10.91
CA GLU H 5 -4.73 49.54 -11.15
C GLU H 5 -4.70 50.65 -10.11
N SER H 6 -3.66 51.46 -10.19
CA SER H 6 -3.52 52.67 -9.40
C SER H 6 -4.01 53.86 -10.21
N GLU H 7 -4.45 54.91 -9.51
CA GLU H 7 -5.11 56.01 -10.20
C GLU H 7 -4.08 56.93 -10.86
N GLY H 8 -4.49 57.51 -11.99
CA GLY H 8 -3.57 58.24 -12.82
C GLY H 8 -3.21 59.62 -12.27
N ARG H 9 -2.14 60.17 -12.84
CA ARG H 9 -1.58 61.43 -12.38
C ARG H 9 -1.15 62.27 -13.58
N LEU H 10 -1.34 63.58 -13.48
CA LEU H 10 -0.79 64.53 -14.45
C LEU H 10 0.54 65.02 -13.90
N VAL H 11 1.63 64.62 -14.54
CA VAL H 11 2.98 64.90 -14.07
C VAL H 11 3.70 65.77 -15.08
N THR H 12 4.93 66.14 -14.73
CA THR H 12 5.96 66.93 -15.39
C THR H 12 7.07 66.03 -15.90
N PRO H 13 7.66 66.34 -17.05
CA PRO H 13 8.75 65.50 -17.56
C PRO H 13 10.01 65.64 -16.72
N GLY H 14 10.61 64.50 -16.38
CA GLY H 14 11.79 64.45 -15.53
C GLY H 14 11.56 63.87 -14.16
N THR H 15 10.39 63.32 -13.87
CA THR H 15 9.98 62.77 -12.58
C THR H 15 9.68 61.29 -12.73
N PRO H 16 10.15 60.43 -11.81
CA PRO H 16 9.80 59.01 -11.89
C PRO H 16 8.31 58.78 -11.60
N LEU H 17 7.81 57.70 -12.17
CA LEU H 17 6.38 57.44 -12.16
C LEU H 17 6.16 55.95 -11.96
N THR H 18 5.14 55.61 -11.18
CA THR H 18 4.81 54.21 -10.88
C THR H 18 3.33 53.95 -11.13
N LEU H 19 3.01 52.70 -11.44
CA LEU H 19 1.65 52.18 -11.41
C LEU H 19 1.68 50.76 -10.85
N THR H 20 1.05 50.56 -9.70
CA THR H 20 0.87 49.22 -9.15
C THR H 20 -0.31 48.51 -9.82
N CYS H 21 -0.29 47.19 -9.73
CA CYS H 21 -1.33 46.34 -10.32
C CYS H 21 -1.60 45.17 -9.40
N THR H 22 -2.80 45.11 -8.83
CA THR H 22 -3.16 44.04 -7.93
C THR H 22 -4.27 43.20 -8.58
N ALA H 23 -4.34 41.93 -8.19
CA ALA H 23 -5.34 41.00 -8.72
C ALA H 23 -6.35 40.66 -7.64
N SER H 24 -7.48 40.10 -8.07
CA SER H 24 -8.56 39.74 -7.16
C SER H 24 -8.48 38.30 -6.69
N GLY H 25 -8.63 37.34 -7.61
CA GLY H 25 -8.78 35.96 -7.20
C GLY H 25 -7.56 35.06 -7.30
N PHE H 26 -6.91 35.07 -8.45
CA PHE H 26 -5.78 34.19 -8.68
C PHE H 26 -4.56 34.71 -7.93
N THR H 27 -3.56 33.86 -7.77
CA THR H 27 -2.28 34.29 -7.23
C THR H 27 -1.34 34.53 -8.40
N MET H 28 -0.41 35.46 -8.22
CA MET H 28 0.42 35.95 -9.32
C MET H 28 1.72 35.17 -9.48
N SER H 29 2.10 34.37 -8.48
CA SER H 29 3.30 33.54 -8.58
C SER H 29 3.09 32.33 -9.49
N ARG H 30 1.87 32.09 -9.93
CA ARG H 30 1.54 31.03 -10.87
C ARG H 30 1.57 31.49 -12.32
N TYR H 31 0.99 32.65 -12.62
CA TYR H 31 0.84 33.13 -13.98
C TYR H 31 1.83 34.25 -14.28
N HIS H 32 1.73 34.78 -15.48
CA HIS H 32 2.63 35.85 -15.92
C HIS H 32 1.86 37.16 -16.07
N MET H 33 2.61 38.26 -16.14
CA MET H 33 2.05 39.59 -16.30
C MET H 33 2.79 40.36 -17.39
N THR H 34 2.07 41.27 -18.04
CA THR H 34 2.66 42.19 -18.99
C THR H 34 1.89 43.50 -18.98
N TRP H 35 2.33 44.45 -19.81
CA TRP H 35 1.78 45.80 -19.87
C TRP H 35 1.69 46.26 -21.32
N VAL H 36 0.55 46.88 -21.67
CA VAL H 36 0.35 47.46 -22.98
C VAL H 36 -0.05 48.93 -22.81
N ARG H 37 0.20 49.71 -23.87
CA ARG H 37 -0.04 51.15 -23.82
C ARG H 37 -0.89 51.56 -25.01
N GLN H 38 -2.04 52.18 -24.73
CA GLN H 38 -3.00 52.56 -25.77
C GLN H 38 -2.91 54.06 -26.04
N ALA H 39 -2.28 54.42 -27.16
CA ALA H 39 -2.14 55.82 -27.55
C ALA H 39 -3.33 56.24 -28.41
N PRO H 40 -3.59 57.55 -28.51
CA PRO H 40 -4.67 58.01 -29.38
C PRO H 40 -4.38 57.80 -30.87
N GLY H 41 -5.43 57.83 -31.67
CA GLY H 41 -5.34 57.54 -33.08
C GLY H 41 -5.57 56.06 -33.32
N LYS H 42 -4.48 55.33 -33.58
CA LYS H 42 -4.45 53.88 -33.43
C LYS H 42 -4.08 53.48 -32.00
N GLY H 43 -3.15 54.20 -31.39
CA GLY H 43 -2.00 53.56 -30.75
C GLY H 43 -2.34 52.44 -29.81
N LEU H 44 -1.61 51.33 -29.94
CA LEU H 44 -1.70 50.19 -29.03
C LEU H 44 -0.36 49.50 -29.04
N GLU H 45 0.39 49.65 -27.96
CA GLU H 45 1.82 49.32 -27.94
C GLU H 45 2.13 48.49 -26.70
N TRP H 46 2.80 47.36 -26.91
CA TRP H 46 3.13 46.44 -25.83
C TRP H 46 4.49 46.80 -25.24
N ILE H 47 4.62 46.69 -23.92
CA ILE H 47 5.82 47.16 -23.23
C ILE H 47 6.84 46.04 -22.99
N GLY H 48 6.44 45.01 -22.24
CA GLY H 48 7.37 43.99 -21.83
C GLY H 48 6.64 42.74 -21.38
N ILE H 49 7.33 41.89 -20.63
CA ILE H 49 6.71 40.63 -20.11
C ILE H 49 7.50 40.12 -18.89
N ILE H 50 6.83 39.35 -18.03
CA ILE H 50 7.47 38.74 -16.82
C ILE H 50 6.92 37.31 -16.70
N TYR H 51 7.69 36.38 -16.12
CA TYR H 51 7.23 34.96 -16.01
C TYR H 51 7.03 34.57 -14.54
N ALA H 52 6.04 33.71 -14.30
CA ALA H 52 5.62 33.34 -12.93
C ALA H 52 6.70 32.66 -12.07
N ARG H 53 7.45 31.69 -12.59
CA ARG H 53 8.41 30.99 -11.68
C ARG H 53 9.85 31.48 -11.85
N ASN H 54 10.36 31.53 -13.08
CA ASN H 54 11.76 31.98 -13.32
C ASN H 54 11.92 33.45 -12.92
N SER H 55 10.88 34.25 -13.18
CA SER H 55 10.80 35.72 -12.93
C SER H 55 11.66 36.50 -13.92
N ASP H 56 11.94 35.89 -15.07
CA ASP H 56 12.71 36.54 -16.16
C ASP H 56 11.84 37.62 -16.82
N THR H 57 12.48 38.65 -17.37
CA THR H 57 11.81 39.75 -18.05
C THR H 57 12.33 39.86 -19.48
N TYR H 58 11.46 40.30 -20.38
CA TYR H 58 11.84 40.63 -21.74
C TYR H 58 11.05 41.85 -22.17
N TYR H 59 11.74 42.87 -22.65
CA TYR H 59 11.14 44.15 -23.02
C TYR H 59 11.04 44.25 -24.54
N ALA H 60 10.55 45.40 -25.00
CA ALA H 60 10.56 45.70 -26.42
C ALA H 60 11.96 46.17 -26.83
N ASN H 61 12.14 46.36 -28.15
CA ASN H 61 13.45 46.79 -28.64
C ASN H 61 13.72 48.25 -28.30
N TRP H 62 12.71 49.10 -28.44
CA TRP H 62 12.87 50.51 -28.11
C TRP H 62 12.73 50.78 -26.62
N ALA H 63 12.31 49.80 -25.83
CA ALA H 63 11.94 50.04 -24.45
C ALA H 63 13.03 49.71 -23.45
N LYS H 64 14.23 49.32 -23.90
CA LYS H 64 15.31 49.06 -22.97
C LYS H 64 15.88 50.35 -22.41
N GLY H 65 16.28 50.30 -21.14
CA GLY H 65 16.74 51.49 -20.45
C GLY H 65 15.65 52.45 -20.07
N ARG H 66 14.39 52.06 -20.20
CA ARG H 66 13.29 52.99 -20.03
C ARG H 66 12.18 52.47 -19.13
N PHE H 67 12.12 51.17 -18.83
CA PHE H 67 11.10 50.62 -17.94
C PHE H 67 11.75 49.53 -17.11
N THR H 68 11.34 49.45 -15.84
CA THR H 68 11.77 48.38 -14.94
C THR H 68 10.54 47.79 -14.26
N ILE H 69 10.33 46.48 -14.43
CA ILE H 69 9.14 45.81 -13.93
C ILE H 69 9.49 45.12 -12.63
N SER H 70 8.78 45.48 -11.55
CA SER H 70 8.98 44.90 -10.24
C SER H 70 7.81 43.99 -9.88
N LYS H 71 8.10 42.93 -9.12
CA LYS H 71 7.05 42.00 -8.75
C LYS H 71 7.31 41.41 -7.38
N THR H 72 6.31 41.48 -6.50
CA THR H 72 6.28 40.72 -5.26
C THR H 72 5.20 39.65 -5.38
N SER H 73 5.07 38.84 -4.32
CA SER H 73 4.01 37.84 -4.29
C SER H 73 2.63 38.44 -4.15
N THR H 74 2.53 39.70 -3.70
CA THR H 74 1.24 40.32 -3.49
C THR H 74 0.86 41.30 -4.59
N THR H 75 1.83 41.97 -5.22
CA THR H 75 1.58 43.06 -6.16
C THR H 75 2.65 43.05 -7.24
N VAL H 76 2.22 43.31 -8.48
CA VAL H 76 3.16 43.60 -9.56
C VAL H 76 3.02 45.08 -9.87
N ASP H 77 4.08 45.67 -10.42
CA ASP H 77 4.07 47.06 -10.84
C ASP H 77 5.10 47.24 -11.94
N LEU H 78 5.05 48.40 -12.58
CA LEU H 78 6.05 48.80 -13.56
C LEU H 78 6.50 50.23 -13.22
N LYS H 79 7.65 50.63 -13.77
CA LYS H 79 8.26 51.90 -13.41
C LYS H 79 8.69 52.65 -14.65
N ILE H 80 8.69 53.98 -14.57
CA ILE H 80 9.19 54.85 -15.62
C ILE H 80 10.30 55.71 -15.03
N THR H 81 11.41 55.82 -15.75
CA THR H 81 12.58 56.53 -15.25
C THR H 81 12.64 57.96 -15.74
N SER H 82 12.50 58.17 -17.04
CA SER H 82 12.64 59.50 -17.65
C SER H 82 11.56 59.65 -18.70
N PRO H 83 10.45 60.32 -18.37
CA PRO H 83 9.33 60.41 -19.32
C PRO H 83 9.63 61.37 -20.46
N THR H 84 9.24 60.99 -21.66
CA THR H 84 9.24 61.87 -22.81
C THR H 84 7.79 62.29 -23.05
N ILE H 85 7.61 63.39 -23.77
CA ILE H 85 6.34 64.09 -23.94
C ILE H 85 5.21 63.20 -24.48
N GLU H 86 5.54 62.31 -25.42
CA GLU H 86 4.52 61.64 -26.21
C GLU H 86 4.04 60.33 -25.61
N ASP H 87 4.15 60.16 -24.29
CA ASP H 87 3.62 58.98 -23.61
C ASP H 87 2.31 59.26 -22.89
N THR H 88 1.64 60.36 -23.22
CA THR H 88 0.28 60.56 -22.73
C THR H 88 -0.66 59.58 -23.43
N ALA H 89 -1.07 58.54 -22.70
CA ALA H 89 -1.78 57.41 -23.29
C ALA H 89 -2.44 56.63 -22.16
N THR H 90 -2.98 55.46 -22.51
CA THR H 90 -3.69 54.59 -21.59
C THR H 90 -2.94 53.28 -21.41
N TYR H 91 -2.70 52.93 -20.15
CA TYR H 91 -1.95 51.72 -19.81
C TYR H 91 -2.90 50.67 -19.26
N PHE H 92 -2.52 49.40 -19.44
CA PHE H 92 -3.34 48.26 -19.03
C PHE H 92 -2.45 47.16 -18.45
N CYS H 93 -2.99 46.45 -17.45
CA CYS H 93 -2.34 45.31 -16.82
C CYS H 93 -3.24 44.09 -17.01
N ALA H 94 -2.65 42.97 -17.43
CA ALA H 94 -3.44 41.80 -17.78
C ALA H 94 -2.68 40.52 -17.47
N ARG H 95 -3.43 39.45 -17.22
CA ARG H 95 -2.89 38.16 -16.82
C ARG H 95 -2.66 37.30 -18.05
N VAL H 96 -1.48 36.69 -18.13
CA VAL H 96 -1.17 35.75 -19.20
C VAL H 96 -1.70 34.37 -18.80
N ASP H 97 -2.88 34.03 -19.30
CA ASP H 97 -3.38 32.67 -19.20
C ASP H 97 -2.65 31.82 -20.23
N SER H 98 -1.87 30.85 -19.77
CA SER H 98 -1.05 30.02 -20.65
C SER H 98 -1.24 28.56 -20.27
N ASP H 99 -0.38 27.71 -20.82
CA ASP H 99 -0.46 26.29 -20.55
C ASP H 99 0.86 25.78 -19.99
N SER H 100 1.04 24.46 -20.01
CA SER H 100 2.24 23.84 -19.45
C SER H 100 3.52 24.16 -20.22
N SER H 101 3.43 24.76 -21.40
CA SER H 101 4.61 25.00 -22.20
C SER H 101 4.69 26.36 -22.85
N GLY H 102 3.58 27.01 -23.14
CA GLY H 102 3.60 28.16 -24.03
C GLY H 102 4.22 29.40 -23.46
N ALA H 103 3.57 29.97 -22.42
CA ALA H 103 3.75 31.35 -21.98
C ALA H 103 3.65 32.31 -23.15
N PHE H 104 2.72 32.03 -24.06
CA PHE H 104 2.53 32.87 -25.22
C PHE H 104 1.63 34.03 -24.83
N ASP H 105 1.64 35.06 -25.66
CA ASP H 105 1.25 36.38 -25.17
C ASP H 105 -0.25 36.62 -25.19
N ARG H 106 -1.07 35.57 -25.05
CA ARG H 106 -2.49 35.74 -24.78
C ARG H 106 -2.69 36.43 -23.43
N LEU H 107 -3.36 37.57 -23.46
CA LEU H 107 -3.80 38.28 -22.28
C LEU H 107 -5.31 38.12 -22.16
N ASP H 108 -5.73 37.16 -21.34
CA ASP H 108 -7.12 36.71 -21.33
C ASP H 108 -7.97 37.68 -20.50
N LEU H 109 -7.61 37.88 -19.24
CA LEU H 109 -8.38 38.73 -18.33
C LEU H 109 -7.66 40.06 -18.19
N TRP H 110 -8.26 41.10 -18.74
CA TRP H 110 -7.62 42.40 -18.81
C TRP H 110 -7.88 43.20 -17.52
N GLY H 111 -7.30 44.40 -17.49
CA GLY H 111 -7.61 45.36 -16.46
C GLY H 111 -8.43 46.52 -17.02
N GLN H 112 -9.03 47.29 -16.10
CA GLN H 112 -9.94 48.36 -16.51
C GLN H 112 -9.21 49.53 -17.14
N GLY H 113 -7.99 49.82 -16.72
CA GLY H 113 -7.18 50.84 -17.36
C GLY H 113 -7.47 52.26 -16.91
N THR H 114 -6.43 52.99 -16.54
CA THR H 114 -6.55 54.38 -16.15
C THR H 114 -5.71 55.25 -17.07
N LEU H 115 -5.90 56.56 -16.96
CA LEU H 115 -5.30 57.56 -17.84
C LEU H 115 -4.10 58.20 -17.14
N VAL H 116 -2.93 58.12 -17.78
CA VAL H 116 -1.72 58.80 -17.32
C VAL H 116 -1.27 59.75 -18.40
N THR H 117 -0.90 60.97 -18.00
CA THR H 117 -0.47 61.97 -18.95
C THR H 117 0.64 62.83 -18.33
N VAL H 118 1.53 63.32 -19.19
CA VAL H 118 2.61 64.19 -18.79
C VAL H 118 2.42 65.53 -19.49
N SER H 119 2.84 66.61 -18.83
CA SER H 119 2.69 67.96 -19.37
C SER H 119 3.74 68.86 -18.77
N SER H 120 4.19 69.81 -19.58
CA SER H 120 5.18 70.79 -19.14
C SER H 120 4.70 72.21 -19.40
N ASP I 1 -84.19 1.13 -5.90
CA ASP I 1 -85.59 1.35 -6.18
C ASP I 1 -86.04 1.11 -7.63
N PRO I 2 -86.76 0.01 -7.85
CA PRO I 2 -87.34 -0.25 -9.18
C PRO I 2 -88.52 0.69 -9.42
N MET I 3 -88.46 1.44 -10.52
CA MET I 3 -89.48 2.44 -10.82
C MET I 3 -90.07 2.19 -12.19
N LEU I 4 -91.41 2.11 -12.24
CA LEU I 4 -92.13 2.13 -13.50
C LEU I 4 -92.81 3.49 -13.66
N THR I 5 -92.44 4.20 -14.72
CA THR I 5 -92.86 5.59 -14.87
C THR I 5 -94.29 5.71 -15.39
N GLN I 6 -94.54 5.17 -16.58
CA GLN I 6 -95.80 5.32 -17.33
C GLN I 6 -96.16 6.80 -17.51
N THR I 7 -95.33 7.49 -18.30
CA THR I 7 -95.62 8.87 -18.70
C THR I 7 -96.17 8.83 -20.13
N ALA I 8 -97.43 8.40 -20.24
CA ALA I 8 -98.05 8.19 -21.54
C ALA I 8 -99.56 8.35 -21.39
N ALA I 9 -100.10 9.47 -21.85
CA ALA I 9 -101.54 9.68 -21.93
C ALA I 9 -102.08 9.03 -23.19
N SER I 10 -103.24 8.38 -23.07
CA SER I 10 -103.68 7.47 -24.12
C SER I 10 -104.29 8.22 -25.30
N VAL I 11 -104.14 7.63 -26.49
CA VAL I 11 -104.62 8.25 -27.71
C VAL I 11 -106.05 7.80 -28.01
N GLU I 12 -106.84 8.72 -28.58
CA GLU I 12 -108.22 8.47 -29.00
C GLU I 12 -108.29 7.30 -29.98
N VAL I 13 -109.10 6.29 -29.65
CA VAL I 13 -109.23 5.09 -30.46
C VAL I 13 -110.70 4.82 -30.73
N ALA I 14 -110.95 4.23 -31.89
CA ALA I 14 -112.29 3.92 -32.35
C ALA I 14 -112.61 2.46 -32.01
N VAL I 15 -113.79 2.02 -32.44
CA VAL I 15 -114.21 0.64 -32.17
C VAL I 15 -113.40 -0.30 -33.05
N GLY I 16 -112.68 -1.23 -32.43
CA GLY I 16 -111.86 -2.19 -33.14
C GLY I 16 -110.40 -1.83 -33.28
N GLY I 17 -109.95 -0.72 -32.68
CA GLY I 17 -108.56 -0.35 -32.77
C GLY I 17 -107.68 -1.16 -31.84
N THR I 18 -106.36 -0.94 -31.96
CA THR I 18 -105.37 -1.63 -31.16
C THR I 18 -104.50 -0.60 -30.45
N VAL I 19 -104.30 -0.81 -29.14
CA VAL I 19 -103.62 0.16 -28.28
C VAL I 19 -102.40 -0.55 -27.68
N THR I 20 -101.25 0.14 -27.70
CA THR I 20 -100.01 -0.39 -27.15
C THR I 20 -99.58 0.44 -25.95
N ILE I 21 -99.96 0.00 -24.76
CA ILE I 21 -99.55 0.65 -23.53
C ILE I 21 -98.24 0.01 -23.08
N LYS I 22 -97.23 0.84 -22.86
CA LYS I 22 -95.86 0.37 -22.60
C LYS I 22 -95.42 0.84 -21.22
N CYS I 23 -95.01 -0.11 -20.38
CA CYS I 23 -94.61 0.17 -19.01
C CYS I 23 -93.16 -0.29 -18.84
N GLN I 24 -92.26 0.66 -18.62
CA GLN I 24 -90.83 0.39 -18.57
C GLN I 24 -90.34 0.49 -17.13
N ALA I 25 -89.37 -0.35 -16.78
CA ALA I 25 -88.86 -0.41 -15.42
C ALA I 25 -87.35 -0.16 -15.43
N SER I 26 -86.88 0.52 -14.37
CA SER I 26 -85.46 0.82 -14.24
C SER I 26 -84.65 -0.42 -13.87
N GLN I 27 -85.01 -1.07 -12.78
CA GLN I 27 -84.32 -2.29 -12.37
C GLN I 27 -85.02 -3.51 -12.96
N SER I 28 -84.27 -4.60 -13.09
CA SER I 28 -84.84 -5.84 -13.58
C SER I 28 -85.69 -6.49 -12.49
N ILE I 29 -86.94 -6.81 -12.82
CA ILE I 29 -87.90 -7.33 -11.86
C ILE I 29 -88.27 -8.77 -12.17
N GLY I 30 -87.68 -9.37 -13.20
CA GLY I 30 -88.15 -10.67 -13.62
C GLY I 30 -89.47 -10.54 -14.35
N GLY I 31 -90.29 -11.58 -14.24
CA GLY I 31 -91.60 -11.56 -14.85
C GLY I 31 -92.72 -11.11 -13.94
N TYR I 32 -92.42 -10.73 -12.71
CA TYR I 32 -93.45 -10.44 -11.71
C TYR I 32 -94.03 -9.06 -11.98
N LEU I 33 -95.20 -9.02 -12.62
CA LEU I 33 -95.84 -7.78 -12.99
C LEU I 33 -97.33 -8.01 -13.13
N SER I 34 -98.11 -7.00 -12.73
CA SER I 34 -99.57 -7.07 -12.76
C SER I 34 -100.15 -5.90 -13.55
N TRP I 35 -101.42 -6.04 -13.92
CA TRP I 35 -102.14 -5.00 -14.64
C TRP I 35 -103.58 -4.94 -14.11
N TYR I 36 -104.15 -3.74 -14.15
CA TYR I 36 -105.46 -3.50 -13.56
C TYR I 36 -106.25 -2.55 -14.43
N GLN I 37 -107.57 -2.69 -14.35
CA GLN I 37 -108.49 -1.74 -14.97
C GLN I 37 -109.29 -1.08 -13.86
N GLN I 38 -109.37 0.24 -13.90
CA GLN I 38 -110.06 1.03 -12.88
C GLN I 38 -111.17 1.81 -13.54
N LYS I 39 -112.39 1.32 -13.38
CA LYS I 39 -113.53 2.12 -13.78
C LYS I 39 -113.73 3.22 -12.74
N PRO I 40 -114.04 4.46 -13.17
CA PRO I 40 -113.91 5.61 -12.26
C PRO I 40 -115.03 5.75 -11.23
N GLY I 41 -115.85 4.72 -11.04
CA GLY I 41 -116.90 4.77 -10.06
C GLY I 41 -116.83 3.67 -9.02
N GLN I 42 -116.07 2.61 -9.30
CA GLN I 42 -116.04 1.45 -8.42
C GLN I 42 -114.60 1.01 -8.13
N ARG I 43 -114.48 -0.14 -7.49
CA ARG I 43 -113.23 -0.76 -7.07
C ARG I 43 -112.41 -1.17 -8.28
N PRO I 44 -111.08 -1.22 -8.15
CA PRO I 44 -110.24 -1.70 -9.25
C PRO I 44 -110.37 -3.19 -9.46
N LYS I 45 -109.92 -3.62 -10.64
CA LYS I 45 -110.21 -4.95 -11.15
C LYS I 45 -109.08 -5.40 -12.06
N LEU I 46 -108.60 -6.62 -11.83
CA LEU I 46 -107.36 -7.10 -12.42
C LEU I 46 -107.61 -7.94 -13.65
N LEU I 47 -106.68 -7.89 -14.61
CA LEU I 47 -106.78 -8.65 -15.84
C LEU I 47 -105.74 -9.76 -15.91
N ILE I 48 -104.46 -9.41 -15.80
CA ILE I 48 -103.37 -10.33 -16.11
C ILE I 48 -102.27 -10.15 -15.07
N TYR I 49 -101.63 -11.25 -14.67
CA TYR I 49 -100.47 -11.25 -13.81
C TYR I 49 -99.37 -12.11 -14.40
N ARG I 50 -98.13 -11.78 -14.00
CA ARG I 50 -96.90 -12.37 -14.51
C ARG I 50 -96.74 -12.20 -16.02
N ALA I 51 -97.38 -11.17 -16.58
CA ALA I 51 -97.30 -10.73 -17.97
C ALA I 51 -97.76 -11.75 -19.01
N SER I 52 -98.23 -12.93 -18.61
CA SER I 52 -98.71 -13.92 -19.55
C SER I 52 -99.97 -14.65 -19.13
N THR I 53 -100.32 -14.71 -17.85
CA THR I 53 -101.40 -15.55 -17.35
C THR I 53 -102.59 -14.67 -17.00
N LEU I 54 -103.71 -14.88 -17.69
CA LEU I 54 -104.90 -14.07 -17.45
C LEU I 54 -105.75 -14.68 -16.34
N ALA I 55 -106.60 -13.84 -15.75
CA ALA I 55 -107.42 -14.24 -14.62
C ALA I 55 -108.74 -14.84 -15.09
N SER I 56 -109.55 -15.31 -14.15
CA SER I 56 -110.83 -15.93 -14.47
C SER I 56 -111.87 -14.87 -14.81
N GLY I 57 -112.83 -15.26 -15.64
CA GLY I 57 -113.93 -14.38 -16.04
C GLY I 57 -113.54 -13.21 -16.91
N VAL I 58 -112.45 -13.35 -17.66
CA VAL I 58 -111.92 -12.27 -18.49
C VAL I 58 -111.75 -12.85 -19.89
N PRO I 59 -112.21 -12.19 -20.95
CA PRO I 59 -112.08 -12.78 -22.28
C PRO I 59 -110.63 -12.84 -22.74
N SER I 60 -110.36 -13.74 -23.69
CA SER I 60 -109.00 -14.00 -24.13
C SER I 60 -108.55 -13.04 -25.23
N ARG I 61 -109.29 -11.95 -25.43
CA ARG I 61 -108.96 -10.94 -26.42
C ARG I 61 -107.98 -9.90 -25.89
N PHE I 62 -107.61 -9.96 -24.62
CA PHE I 62 -106.50 -9.17 -24.10
C PHE I 62 -105.21 -9.96 -24.23
N LYS I 63 -104.12 -9.25 -24.50
CA LYS I 63 -102.84 -9.90 -24.77
C LYS I 63 -101.82 -9.51 -23.71
N GLY I 64 -100.79 -10.34 -23.56
CA GLY I 64 -99.71 -10.04 -22.65
C GLY I 64 -98.35 -10.47 -23.18
N SER I 65 -97.36 -9.60 -23.08
CA SER I 65 -96.02 -9.89 -23.56
C SER I 65 -95.02 -9.03 -22.79
N GLY I 66 -93.77 -9.04 -23.23
CA GLY I 66 -92.72 -8.26 -22.60
C GLY I 66 -91.96 -9.05 -21.56
N SER I 67 -90.65 -8.88 -21.57
CA SER I 67 -89.77 -9.55 -20.60
C SER I 67 -88.63 -8.61 -20.25
N GLY I 68 -88.03 -8.86 -19.09
CA GLY I 68 -86.85 -8.11 -18.65
C GLY I 68 -87.24 -6.80 -17.95
N THR I 69 -87.02 -5.68 -18.63
CA THR I 69 -87.24 -4.36 -18.05
C THR I 69 -88.45 -3.63 -18.62
N GLU I 70 -88.86 -3.95 -19.84
CA GLU I 70 -89.99 -3.28 -20.47
C GLU I 70 -91.08 -4.30 -20.79
N TYR I 71 -92.33 -3.88 -20.66
CA TYR I 71 -93.48 -4.76 -20.85
C TYR I 71 -94.58 -3.98 -21.56
N THR I 72 -95.55 -4.72 -22.10
CA THR I 72 -96.64 -4.14 -22.86
C THR I 72 -97.97 -4.78 -22.49
N LEU I 73 -99.05 -4.18 -23.01
CA LEU I 73 -100.39 -4.74 -22.87
C LEU I 73 -101.22 -4.27 -24.05
N THR I 74 -101.55 -5.17 -24.97
CA THR I 74 -102.32 -4.84 -26.15
C THR I 74 -103.64 -5.60 -26.15
N PHE I 75 -104.63 -5.03 -26.83
CA PHE I 75 -105.89 -5.71 -27.11
C PHE I 75 -106.54 -5.05 -28.31
N SER I 76 -107.56 -5.71 -28.84
CA SER I 76 -108.29 -5.21 -30.00
C SER I 76 -109.77 -5.52 -29.81
N GLY I 77 -110.60 -4.79 -30.58
CA GLY I 77 -112.04 -4.89 -30.45
C GLY I 77 -112.55 -4.17 -29.21
N VAL I 78 -112.38 -2.86 -29.17
CA VAL I 78 -112.74 -2.07 -27.99
C VAL I 78 -114.24 -1.91 -27.91
N GLU I 79 -114.82 -2.32 -26.79
CA GLU I 79 -116.25 -2.22 -26.53
C GLU I 79 -116.60 -0.81 -26.07
N CYS I 80 -117.80 -0.70 -25.47
CA CYS I 80 -118.25 0.55 -24.87
C CYS I 80 -117.86 0.66 -23.40
N ALA I 81 -117.70 -0.46 -22.71
CA ALA I 81 -117.36 -0.46 -21.29
C ALA I 81 -115.87 -0.56 -21.02
N ASP I 82 -115.04 -0.19 -21.99
CA ASP I 82 -113.60 -0.17 -21.80
C ASP I 82 -113.08 1.20 -21.40
N ALA I 83 -113.98 2.16 -21.13
CA ALA I 83 -113.60 3.47 -20.65
C ALA I 83 -113.27 3.34 -19.16
N ALA I 84 -111.99 3.28 -18.85
CA ALA I 84 -111.54 3.01 -17.49
C ALA I 84 -110.15 3.62 -17.31
N ALA I 85 -109.47 3.24 -16.23
CA ALA I 85 -108.10 3.66 -15.96
C ALA I 85 -107.23 2.42 -15.78
N TYR I 86 -106.03 2.47 -16.36
CA TYR I 86 -105.13 1.32 -16.39
C TYR I 86 -103.88 1.61 -15.56
N TYR I 87 -103.29 0.54 -15.01
CA TYR I 87 -102.13 0.66 -14.13
C TYR I 87 -101.26 -0.58 -14.26
N CYS I 88 -99.96 -0.39 -14.52
CA CYS I 88 -98.99 -1.46 -14.43
C CYS I 88 -98.39 -1.48 -13.03
N GLN I 89 -98.03 -2.68 -12.56
CA GLN I 89 -97.60 -2.83 -11.17
C GLN I 89 -96.64 -4.00 -11.01
N GLN I 90 -95.50 -3.75 -10.36
CA GLN I 90 -94.47 -4.76 -10.14
C GLN I 90 -94.68 -5.43 -8.79
N GLY I 91 -93.93 -6.52 -8.57
CA GLY I 91 -94.02 -7.29 -7.34
C GLY I 91 -92.68 -7.61 -6.70
N TYR I 92 -91.74 -6.67 -6.71
CA TYR I 92 -90.41 -6.95 -6.19
C TYR I 92 -90.31 -6.79 -4.67
N THR I 93 -91.44 -6.45 -4.00
CA THR I 93 -91.71 -6.35 -2.56
C THR I 93 -90.54 -5.82 -1.72
N SER I 94 -89.79 -4.88 -2.25
CA SER I 94 -88.60 -4.38 -1.54
C SER I 94 -89.02 -3.45 -0.40
N SER I 95 -88.05 -2.97 0.35
CA SER I 95 -88.32 -2.19 1.55
C SER I 95 -88.17 -0.69 1.35
N ASP I 96 -87.07 -0.25 0.75
CA ASP I 96 -86.74 1.17 0.66
C ASP I 96 -87.35 1.87 -0.55
N ILE I 97 -88.39 1.29 -1.14
CA ILE I 97 -89.01 1.86 -2.33
C ILE I 97 -90.29 2.58 -1.96
N ASN I 98 -90.73 3.46 -2.87
CA ASN I 98 -91.89 4.32 -2.72
C ASN I 98 -92.72 4.29 -3.99
N ASN I 99 -93.03 3.08 -4.44
CA ASN I 99 -93.50 2.79 -5.80
C ASN I 99 -94.74 3.53 -6.26
N ALA I 100 -95.88 3.23 -5.63
CA ALA I 100 -97.24 3.66 -5.96
C ALA I 100 -97.75 3.11 -7.30
N PHE I 101 -96.88 2.43 -8.08
CA PHE I 101 -97.06 1.83 -9.40
C PHE I 101 -97.94 2.63 -10.35
N GLY I 102 -97.72 3.94 -10.42
CA GLY I 102 -98.68 4.82 -11.04
C GLY I 102 -98.53 4.98 -12.54
N GLY I 103 -99.45 5.75 -13.11
CA GLY I 103 -99.52 6.06 -14.52
C GLY I 103 -100.60 5.27 -15.22
N GLY I 104 -101.13 5.88 -16.29
CA GLY I 104 -102.08 5.19 -17.14
C GLY I 104 -103.49 5.75 -17.14
N THR I 105 -104.03 5.94 -18.33
CA THR I 105 -105.40 6.42 -18.50
C THR I 105 -105.95 5.83 -19.80
N GLU I 106 -107.23 6.09 -20.05
CA GLU I 106 -107.86 5.63 -21.27
C GLU I 106 -109.01 6.57 -21.60
N VAL I 107 -109.06 7.05 -22.84
CA VAL I 107 -110.09 8.00 -23.28
C VAL I 107 -111.45 7.32 -23.37
N VAL I 108 -112.50 8.13 -23.51
CA VAL I 108 -113.81 7.61 -23.84
C VAL I 108 -113.80 7.22 -25.31
N VAL I 109 -114.12 5.95 -25.61
CA VAL I 109 -114.09 5.48 -26.98
C VAL I 109 -115.28 6.03 -27.77
N LYS I 110 -114.99 6.48 -28.99
CA LYS I 110 -116.04 6.96 -29.87
C LYS I 110 -116.86 5.79 -30.41
N GLN J 1 -114.10 -14.30 0.52
CA GLN J 1 -114.11 -13.62 -0.77
C GLN J 1 -114.28 -12.11 -0.60
N SER J 2 -115.46 -11.69 -0.14
CA SER J 2 -115.76 -10.27 -0.02
C SER J 2 -114.98 -9.65 1.14
N VAL J 3 -114.56 -8.41 0.95
CA VAL J 3 -113.71 -7.70 1.91
C VAL J 3 -114.50 -6.49 2.41
N LYS J 4 -114.57 -6.35 3.73
CA LYS J 4 -115.43 -5.39 4.38
C LYS J 4 -114.58 -4.34 5.09
N GLU J 5 -115.15 -3.15 5.23
CA GLU J 5 -114.47 -2.04 5.89
C GLU J 5 -115.35 -1.44 6.98
N SER J 6 -114.76 -0.48 7.71
CA SER J 6 -115.48 0.32 8.68
C SER J 6 -115.91 1.63 8.04
N GLU J 7 -116.96 2.23 8.57
CA GLU J 7 -117.55 3.39 7.91
C GLU J 7 -116.75 4.65 8.20
N GLY J 8 -116.73 5.54 7.21
CA GLY J 8 -115.84 6.69 7.26
C GLY J 8 -116.32 7.78 8.20
N ARG J 9 -115.39 8.69 8.50
CA ARG J 9 -115.62 9.75 9.48
C ARG J 9 -114.99 11.04 8.98
N LEU J 10 -115.66 12.16 9.25
CA LEU J 10 -115.10 13.48 9.02
C LEU J 10 -114.47 13.95 10.33
N VAL J 11 -113.14 14.02 10.37
CA VAL J 11 -112.40 14.31 11.59
C VAL J 11 -111.64 15.62 11.40
N THR J 12 -110.98 16.02 12.47
CA THR J 12 -110.11 17.17 12.74
C THR J 12 -108.66 16.73 12.77
N PRO J 13 -107.73 17.57 12.28
CA PRO J 13 -106.31 17.19 12.32
C PRO J 13 -105.76 17.20 13.74
N GLY J 14 -105.04 16.13 14.08
CA GLY J 14 -104.50 15.97 15.41
C GLY J 14 -105.13 14.87 16.24
N THR J 15 -106.01 14.06 15.65
CA THR J 15 -106.76 12.99 16.30
C THR J 15 -106.40 11.66 15.67
N PRO J 16 -106.17 10.60 16.46
CA PRO J 16 -105.90 9.28 15.88
C PRO J 16 -107.15 8.72 15.20
N LEU J 17 -106.88 7.87 14.21
CA LEU J 17 -107.93 7.40 13.33
C LEU J 17 -107.68 5.93 13.01
N THR J 18 -108.75 5.13 12.97
CA THR J 18 -108.65 3.71 12.68
C THR J 18 -109.62 3.31 11.58
N LEU J 19 -109.27 2.25 10.86
CA LEU J 19 -110.19 1.54 9.99
C LEU J 19 -109.93 0.04 10.11
N THR J 20 -110.92 -0.70 10.60
CA THR J 20 -110.86 -2.15 10.62
C THR J 20 -111.22 -2.74 9.26
N CYS J 21 -110.78 -3.97 9.03
CA CYS J 21 -111.02 -4.68 7.77
C CYS J 21 -111.25 -6.15 8.08
N THR J 22 -112.47 -6.62 7.82
CA THR J 22 -112.82 -8.00 8.06
C THR J 22 -113.09 -8.69 6.72
N ALA J 23 -112.87 -10.02 6.70
CA ALA J 23 -113.07 -10.82 5.50
C ALA J 23 -114.29 -11.72 5.67
N SER J 24 -114.78 -12.25 4.56
CA SER J 24 -115.96 -13.11 4.57
C SER J 24 -115.61 -14.59 4.65
N GLY J 25 -114.95 -15.13 3.62
CA GLY J 25 -114.76 -16.56 3.55
C GLY J 25 -113.42 -17.13 3.95
N PHE J 26 -112.34 -16.55 3.43
CA PHE J 26 -111.01 -17.07 3.71
C PHE J 26 -110.59 -16.68 5.12
N THR J 27 -109.57 -17.35 5.63
CA THR J 27 -108.96 -16.96 6.89
C THR J 27 -107.72 -16.12 6.57
N MET J 28 -107.40 -15.19 7.47
CA MET J 28 -106.39 -14.18 7.19
C MET J 28 -104.99 -14.61 7.64
N SER J 29 -104.88 -15.66 8.45
CA SER J 29 -103.58 -16.17 8.88
C SER J 29 -102.88 -16.94 7.78
N ARG J 30 -103.55 -17.19 6.67
CA ARG J 30 -102.98 -17.84 5.50
C ARG J 30 -102.42 -16.86 4.49
N TYR J 31 -103.15 -15.79 4.19
CA TYR J 31 -102.79 -14.85 3.14
C TYR J 31 -102.25 -13.55 3.73
N HIS J 32 -101.92 -12.61 2.85
CA HIS J 32 -101.39 -11.32 3.26
C HIS J 32 -102.41 -10.21 3.01
N MET J 33 -102.16 -9.06 3.64
CA MET J 33 -103.01 -7.89 3.50
C MET J 33 -102.17 -6.65 3.24
N THR J 34 -102.75 -5.69 2.53
CA THR J 34 -102.15 -4.37 2.33
C THR J 34 -103.25 -3.33 2.20
N TRP J 35 -102.83 -2.07 2.02
CA TRP J 35 -103.72 -0.92 1.96
C TRP J 35 -103.25 0.04 0.88
N VAL J 36 -104.20 0.55 0.10
CA VAL J 36 -103.94 1.55 -0.92
C VAL J 36 -104.87 2.74 -0.68
N ARG J 37 -104.45 3.91 -1.18
CA ARG J 37 -105.17 5.16 -0.95
C ARG J 37 -105.43 5.85 -2.29
N GLN J 38 -106.70 6.10 -2.59
CA GLN J 38 -107.09 6.68 -3.87
C GLN J 38 -107.43 8.17 -3.68
N ALA J 39 -106.52 9.03 -4.11
CA ALA J 39 -106.71 10.47 -4.02
C ALA J 39 -107.40 10.99 -5.29
N PRO J 40 -108.03 12.16 -5.22
CA PRO J 40 -108.63 12.74 -6.42
C PRO J 40 -107.60 13.18 -7.45
N GLY J 41 -108.08 13.34 -8.69
CA GLY J 41 -107.21 13.64 -9.81
C GLY J 41 -106.75 12.35 -10.45
N LYS J 42 -105.50 11.99 -10.20
CA LYS J 42 -105.02 10.63 -10.39
C LYS J 42 -105.28 9.76 -9.17
N GLY J 43 -105.08 10.34 -7.99
CA GLY J 43 -104.24 9.71 -6.96
C GLY J 43 -104.58 8.26 -6.68
N LEU J 44 -103.53 7.42 -6.61
CA LEU J 44 -103.64 6.03 -6.22
C LEU J 44 -102.30 5.63 -5.60
N GLU J 45 -102.29 5.48 -4.29
CA GLU J 45 -101.04 5.41 -3.53
C GLU J 45 -101.09 4.24 -2.57
N TRP J 46 -100.05 3.41 -2.60
CA TRP J 46 -99.98 2.21 -1.77
C TRP J 46 -99.31 2.54 -0.44
N ILE J 47 -99.80 1.94 0.65
CA ILE J 47 -99.35 2.30 1.99
C ILE J 47 -98.25 1.37 2.49
N GLY J 48 -98.57 0.08 2.62
CA GLY J 48 -97.66 -0.85 3.25
C GLY J 48 -98.01 -2.28 2.88
N ILE J 49 -97.54 -3.21 3.71
CA ILE J 49 -97.90 -4.62 3.56
C ILE J 49 -97.74 -5.30 4.91
N ILE J 50 -98.45 -6.43 5.09
CA ILE J 50 -98.29 -7.28 6.27
C ILE J 50 -98.44 -8.73 5.83
N TYR J 51 -97.60 -9.61 6.37
CA TYR J 51 -97.54 -11.00 5.96
C TYR J 51 -98.28 -11.91 6.94
N ALA J 52 -98.36 -13.19 6.58
CA ALA J 52 -99.30 -14.12 7.21
C ALA J 52 -98.78 -14.73 8.51
N ARG J 53 -97.73 -15.55 8.44
CA ARG J 53 -97.27 -16.26 9.62
C ARG J 53 -95.97 -15.66 10.15
N ASN J 54 -95.16 -15.10 9.24
CA ASN J 54 -94.02 -14.30 9.65
C ASN J 54 -94.48 -13.03 10.36
N SER J 55 -95.63 -12.47 9.95
CA SER J 55 -96.28 -11.32 10.57
C SER J 55 -95.39 -10.08 10.51
N ASP J 56 -94.55 -10.01 9.49
CA ASP J 56 -93.66 -8.84 9.29
C ASP J 56 -94.43 -7.74 8.56
N THR J 57 -93.83 -6.55 8.47
CA THR J 57 -94.42 -5.40 7.80
C THR J 57 -93.35 -4.66 7.01
N TYR J 58 -93.76 -4.06 5.90
CA TYR J 58 -92.92 -3.17 5.12
C TYR J 58 -93.79 -2.03 4.61
N TYR J 59 -93.37 -0.81 4.87
CA TYR J 59 -94.13 0.39 4.52
C TYR J 59 -93.51 1.06 3.30
N ALA J 60 -94.09 2.20 2.92
CA ALA J 60 -93.49 3.03 1.88
C ALA J 60 -92.35 3.85 2.47
N ASN J 61 -91.63 4.57 1.60
CA ASN J 61 -90.50 5.36 2.06
C ASN J 61 -90.98 6.60 2.81
N TRP J 62 -92.03 7.26 2.32
CA TRP J 62 -92.57 8.43 2.99
C TRP J 62 -93.49 8.08 4.14
N ALA J 63 -93.84 6.81 4.30
CA ALA J 63 -94.90 6.42 5.22
C ALA J 63 -94.39 5.91 6.56
N LYS J 64 -93.09 5.94 6.80
CA LYS J 64 -92.57 5.52 8.11
C LYS J 64 -92.85 6.57 9.17
N GLY J 65 -93.14 6.10 10.37
CA GLY J 65 -93.52 6.99 11.45
C GLY J 65 -94.92 7.53 11.35
N ARG J 66 -95.73 7.01 10.43
CA ARG J 66 -97.03 7.59 10.14
C ARG J 66 -98.17 6.59 10.08
N PHE J 67 -97.88 5.29 9.99
CA PHE J 67 -98.92 4.27 9.96
C PHE J 67 -98.43 3.06 10.74
N THR J 68 -99.33 2.43 11.49
CA THR J 68 -99.05 1.19 12.20
C THR J 68 -100.15 0.18 11.88
N ILE J 69 -99.77 -0.97 11.32
CA ILE J 69 -100.72 -1.97 10.87
C ILE J 69 -100.83 -3.05 11.94
N SER J 70 -102.03 -3.26 12.45
CA SER J 70 -102.30 -4.27 13.46
C SER J 70 -103.09 -5.43 12.87
N LYS J 71 -102.83 -6.64 13.38
CA LYS J 71 -103.54 -7.81 12.85
C LYS J 71 -103.78 -8.82 13.95
N THR J 72 -105.03 -9.27 14.07
CA THR J 72 -105.38 -10.45 14.85
C THR J 72 -105.80 -11.56 13.89
N SER J 73 -106.13 -12.72 14.45
CA SER J 73 -106.62 -13.83 13.64
C SER J 73 -108.02 -13.56 13.09
N THR J 74 -108.76 -12.62 13.66
CA THR J 74 -110.11 -12.35 13.24
C THR J 74 -110.24 -11.11 12.37
N THR J 75 -109.39 -10.09 12.60
CA THR J 75 -109.52 -8.78 11.97
C THR J 75 -108.15 -8.18 11.73
N VAL J 76 -107.98 -7.55 10.57
CA VAL J 76 -106.82 -6.70 10.34
C VAL J 76 -107.31 -5.26 10.36
N ASP J 77 -106.40 -4.34 10.67
CA ASP J 77 -106.71 -2.91 10.66
C ASP J 77 -105.43 -2.14 10.43
N LEU J 78 -105.56 -0.85 10.16
CA LEU J 78 -104.43 0.07 10.07
C LEU J 78 -104.75 1.29 10.91
N LYS J 79 -103.70 2.06 11.24
CA LYS J 79 -103.86 3.18 12.17
C LYS J 79 -103.18 4.42 11.61
N ILE J 80 -103.70 5.58 11.98
CA ILE J 80 -103.09 6.87 11.64
C ILE J 80 -102.81 7.61 12.94
N THR J 81 -101.61 8.18 13.05
CA THR J 81 -101.17 8.82 14.29
C THR J 81 -101.40 10.33 14.27
N SER J 82 -100.95 11.00 13.21
CA SER J 82 -101.02 12.45 13.13
C SER J 82 -101.43 12.80 11.70
N PRO J 83 -102.72 13.11 11.48
CA PRO J 83 -103.17 13.37 10.11
C PRO J 83 -102.74 14.74 9.61
N THR J 84 -102.32 14.78 8.35
CA THR J 84 -102.09 16.03 7.65
C THR J 84 -103.28 16.27 6.73
N ILE J 85 -103.47 17.51 6.31
CA ILE J 85 -104.65 18.00 5.60
C ILE J 85 -104.97 17.20 4.33
N GLU J 86 -103.94 16.82 3.57
CA GLU J 86 -104.12 16.36 2.20
C GLU J 86 -104.33 14.85 2.10
N ASP J 87 -104.81 14.20 3.16
CA ASP J 87 -105.16 12.78 3.12
C ASP J 87 -106.65 12.53 2.99
N THR J 88 -107.42 13.54 2.60
CA THR J 88 -108.81 13.30 2.24
C THR J 88 -108.87 12.52 0.92
N ALA J 89 -109.18 11.24 1.03
CA ALA J 89 -109.06 10.32 -0.11
C ALA J 89 -109.85 9.05 0.22
N THR J 90 -109.70 8.05 -0.64
CA THR J 90 -110.40 6.78 -0.53
C THR J 90 -109.41 5.65 -0.25
N TYR J 91 -109.71 4.88 0.81
CA TYR J 91 -108.85 3.78 1.22
C TYR J 91 -109.49 2.45 0.86
N PHE J 92 -108.64 1.44 0.64
CA PHE J 92 -109.09 0.12 0.24
C PHE J 92 -108.27 -0.95 0.96
N CYS J 93 -108.93 -2.08 1.26
CA CYS J 93 -108.31 -3.25 1.86
C CYS J 93 -108.49 -4.43 0.91
N ALA J 94 -107.42 -5.18 0.67
CA ALA J 94 -107.47 -6.25 -0.34
C ALA J 94 -106.55 -7.40 0.06
N ARG J 95 -106.90 -8.59 -0.42
CA ARG J 95 -106.19 -9.82 -0.09
C ARG J 95 -105.10 -10.09 -1.12
N VAL J 96 -103.90 -10.39 -0.64
CA VAL J 96 -102.81 -10.79 -1.51
C VAL J 96 -102.93 -12.28 -1.82
N ASP J 97 -103.51 -12.60 -2.97
CA ASP J 97 -103.46 -13.95 -3.49
C ASP J 97 -102.07 -14.19 -4.08
N SER J 98 -101.33 -15.11 -3.49
CA SER J 98 -99.95 -15.38 -3.90
C SER J 98 -99.77 -16.88 -4.04
N ASP J 99 -98.51 -17.30 -4.17
CA ASP J 99 -98.20 -18.71 -4.33
C ASP J 99 -97.23 -19.15 -3.24
N SER J 100 -96.61 -20.31 -3.46
CA SER J 100 -95.70 -20.88 -2.47
C SER J 100 -94.42 -20.08 -2.26
N SER J 101 -94.13 -19.10 -3.11
CA SER J 101 -92.89 -18.37 -2.98
C SER J 101 -92.99 -16.87 -3.13
N GLY J 102 -93.98 -16.35 -3.85
CA GLY J 102 -93.94 -14.97 -4.28
C GLY J 102 -94.17 -13.96 -3.18
N ALA J 103 -95.39 -13.96 -2.63
CA ALA J 103 -95.95 -12.85 -1.85
C ALA J 103 -95.81 -11.53 -2.62
N PHE J 104 -96.01 -11.60 -3.93
CA PHE J 104 -95.90 -10.42 -4.76
C PHE J 104 -97.23 -9.67 -4.71
N ASP J 105 -97.19 -8.41 -5.11
CA ASP J 105 -98.19 -7.46 -4.66
C ASP J 105 -99.49 -7.50 -5.48
N ARG J 106 -99.83 -8.65 -6.08
CA ARG J 106 -101.15 -8.84 -6.65
C ARG J 106 -102.20 -8.78 -5.55
N LEU J 107 -103.14 -7.84 -5.70
CA LEU J 107 -104.32 -7.74 -4.86
C LEU J 107 -105.52 -8.19 -5.69
N ASP J 108 -105.91 -9.45 -5.51
CA ASP J 108 -106.88 -10.09 -6.40
C ASP J 108 -108.29 -9.68 -6.02
N LEU J 109 -108.69 -9.94 -4.77
CA LEU J 109 -110.04 -9.65 -4.31
C LEU J 109 -110.01 -8.37 -3.49
N TRP J 110 -110.60 -7.31 -4.02
CA TRP J 110 -110.53 -6.00 -3.41
C TRP J 110 -111.63 -5.83 -2.37
N GLY J 111 -111.62 -4.66 -1.73
CA GLY J 111 -112.71 -4.23 -0.89
C GLY J 111 -113.51 -3.11 -1.53
N GLN J 112 -114.70 -2.87 -0.98
CA GLN J 112 -115.61 -1.91 -1.59
C GLN J 112 -115.16 -0.46 -1.40
N GLY J 113 -114.48 -0.17 -0.29
CA GLY J 113 -113.88 1.14 -0.08
C GLY J 113 -114.85 2.21 0.41
N THR J 114 -114.45 2.90 1.49
CA THR J 114 -115.24 4.00 2.05
C THR J 114 -114.43 5.28 1.99
N LEU J 115 -115.11 6.39 2.28
CA LEU J 115 -114.55 7.73 2.17
C LEU J 115 -114.16 8.25 3.55
N VAL J 116 -112.89 8.61 3.70
CA VAL J 116 -112.40 9.25 4.92
C VAL J 116 -111.85 10.62 4.55
N THR J 117 -112.19 11.63 5.36
CA THR J 117 -111.74 12.98 5.09
C THR J 117 -111.46 13.70 6.41
N VAL J 118 -110.52 14.63 6.36
CA VAL J 118 -110.16 15.45 7.51
C VAL J 118 -110.45 16.90 7.16
N SER J 119 -110.81 17.69 8.16
CA SER J 119 -111.16 19.09 7.95
C SER J 119 -110.93 19.86 9.24
N SER J 120 -110.53 21.12 9.09
CA SER J 120 -110.29 22.00 10.23
C SER J 120 -111.07 23.31 10.07
N ASP K 1 50.02 39.91 -2.90
CA ASP K 1 49.27 40.86 -3.69
C ASP K 1 49.60 40.88 -5.20
N PRO K 2 48.67 40.36 -6.00
CA PRO K 2 48.80 40.45 -7.47
C PRO K 2 48.55 41.87 -7.93
N MET K 3 49.51 42.45 -8.63
CA MET K 3 49.43 43.83 -9.07
C MET K 3 49.59 43.94 -10.58
N LEU K 4 48.64 44.60 -11.23
CA LEU K 4 48.77 45.01 -12.62
C LEU K 4 49.04 46.50 -12.68
N THR K 5 50.18 46.87 -13.24
CA THR K 5 50.63 48.25 -13.18
C THR K 5 49.95 49.14 -14.21
N GLN K 6 50.12 48.81 -15.49
CA GLN K 6 49.68 49.61 -16.63
C GLN K 6 50.24 51.05 -16.54
N THR K 7 51.57 51.15 -16.68
CA THR K 7 52.23 52.45 -16.76
C THR K 7 52.55 52.69 -18.24
N ALA K 8 51.51 53.04 -19.00
CA ALA K 8 51.63 53.18 -20.45
C ALA K 8 50.56 54.14 -20.94
N ALA K 9 50.96 55.37 -21.26
CA ALA K 9 50.08 56.34 -21.89
C ALA K 9 50.03 56.08 -23.40
N SER K 10 48.84 56.16 -23.97
CA SER K 10 48.62 55.64 -25.31
C SER K 10 49.15 56.59 -26.39
N VAL K 11 49.59 56.00 -27.50
CA VAL K 11 50.18 56.75 -28.59
C VAL K 11 49.10 57.17 -29.59
N GLU K 12 49.28 58.36 -30.19
CA GLU K 12 48.40 58.91 -31.21
C GLU K 12 48.29 57.95 -32.40
N VAL K 13 47.06 57.56 -32.75
CA VAL K 13 46.81 56.62 -33.82
C VAL K 13 45.77 57.20 -34.77
N ALA K 14 45.90 56.83 -36.03
CA ALA K 14 45.03 57.30 -37.10
C ALA K 14 43.93 56.27 -37.34
N VAL K 15 43.11 56.54 -38.35
CA VAL K 15 42.01 55.63 -38.68
C VAL K 15 42.59 54.38 -39.33
N GLY K 16 42.31 53.23 -38.74
CA GLY K 16 42.80 51.97 -39.25
C GLY K 16 44.09 51.46 -38.64
N GLY K 17 44.63 52.13 -37.62
CA GLY K 17 45.85 51.68 -36.98
C GLY K 17 45.61 50.52 -36.03
N THR K 18 46.71 50.00 -35.50
CA THR K 18 46.67 48.87 -34.56
C THR K 18 47.40 49.26 -33.29
N VAL K 19 46.78 49.00 -32.14
CA VAL K 19 47.29 49.44 -30.85
C VAL K 19 47.51 48.19 -29.99
N THR K 20 48.66 48.13 -29.32
CA THR K 20 49.00 47.01 -28.46
C THR K 20 49.09 47.49 -27.02
N ILE K 21 47.99 47.35 -26.28
CA ILE K 21 47.96 47.68 -24.86
C ILE K 21 48.36 46.43 -24.08
N LYS K 22 49.36 46.57 -23.22
CA LYS K 22 49.96 45.44 -22.52
C LYS K 22 49.79 45.60 -21.02
N CYS K 23 49.19 44.60 -20.38
CA CYS K 23 48.91 44.63 -18.96
C CYS K 23 49.63 43.46 -18.30
N GLN K 24 50.62 43.76 -17.46
CA GLN K 24 51.48 42.74 -16.86
C GLN K 24 51.12 42.58 -15.40
N ALA K 25 51.23 41.35 -14.90
CA ALA K 25 50.87 41.04 -13.52
C ALA K 25 52.06 40.41 -12.79
N SER K 26 52.17 40.73 -11.50
CA SER K 26 53.26 40.21 -10.69
C SER K 26 53.04 38.73 -10.36
N GLN K 27 51.92 38.41 -9.76
CA GLN K 27 51.61 37.02 -9.44
C GLN K 27 50.82 36.38 -10.57
N SER K 28 50.91 35.04 -10.65
CA SER K 28 50.15 34.32 -11.66
C SER K 28 48.68 34.27 -11.28
N ILE K 29 47.81 34.70 -12.19
CA ILE K 29 46.38 34.80 -11.94
C ILE K 29 45.58 33.80 -12.76
N GLY K 30 46.24 32.96 -13.54
CA GLY K 30 45.50 32.13 -14.46
C GLY K 30 45.00 32.95 -15.63
N GLY K 31 43.86 32.55 -16.18
CA GLY K 31 43.25 33.28 -17.27
C GLY K 31 42.21 34.28 -16.86
N TYR K 32 41.97 34.46 -15.57
CA TYR K 32 40.87 35.28 -15.08
C TYR K 32 41.26 36.75 -15.19
N LEU K 33 40.77 37.41 -16.24
CA LEU K 33 41.12 38.80 -16.49
C LEU K 33 40.02 39.44 -17.33
N SER K 34 39.75 40.72 -17.06
CA SER K 34 38.69 41.45 -17.74
C SER K 34 39.25 42.73 -18.35
N TRP K 35 38.48 43.31 -19.26
CA TRP K 35 38.82 44.57 -19.91
C TRP K 35 37.58 45.42 -20.07
N TYR K 36 37.75 46.74 -20.02
CA TYR K 36 36.64 47.68 -20.02
C TYR K 36 36.99 48.90 -20.86
N GLN K 37 35.94 49.51 -21.41
CA GLN K 37 36.07 50.80 -22.08
C GLN K 37 35.25 51.80 -21.29
N GLN K 38 35.84 52.95 -21.01
CA GLN K 38 35.21 54.00 -20.22
C GLN K 38 35.13 55.26 -21.06
N LYS K 39 33.96 55.53 -21.59
CA LYS K 39 33.74 56.82 -22.21
C LYS K 39 33.59 57.87 -21.11
N PRO K 40 34.18 59.05 -21.27
CA PRO K 40 34.36 59.96 -20.13
C PRO K 40 33.11 60.72 -19.69
N GLY K 41 31.94 60.30 -20.17
CA GLY K 41 30.70 60.95 -19.77
C GLY K 41 29.69 60.01 -19.15
N GLN K 42 29.87 58.70 -19.34
CA GLN K 42 28.87 57.74 -18.89
C GLN K 42 29.54 56.58 -18.14
N ARG K 43 28.73 55.57 -17.85
CA ARG K 43 29.11 54.36 -17.11
C ARG K 43 30.12 53.54 -17.90
N PRO K 44 30.97 52.77 -17.22
CA PRO K 44 31.90 51.90 -17.93
C PRO K 44 31.21 50.71 -18.57
N LYS K 45 31.91 50.09 -19.50
CA LYS K 45 31.33 49.13 -20.44
C LYS K 45 32.39 48.12 -20.83
N LEU K 46 32.03 46.84 -20.77
CA LEU K 46 32.98 45.75 -20.85
C LEU K 46 33.02 45.15 -22.26
N LEU K 47 34.20 44.67 -22.65
CA LEU K 47 34.40 44.07 -23.95
C LEU K 47 34.65 42.57 -23.86
N ILE K 48 35.66 42.15 -23.12
CA ILE K 48 36.14 40.78 -23.16
C ILE K 48 36.48 40.34 -21.73
N TYR K 49 36.19 39.08 -21.42
CA TYR K 49 36.58 38.46 -20.16
C TYR K 49 37.25 37.13 -20.42
N ARG K 50 38.08 36.72 -19.45
CA ARG K 50 38.93 35.53 -19.52
C ARG K 50 39.90 35.56 -20.70
N ALA K 51 40.23 36.77 -21.17
CA ALA K 51 41.22 37.07 -22.21
C ALA K 51 40.94 36.45 -23.58
N SER K 52 39.83 35.73 -23.75
CA SER K 52 39.50 35.15 -25.05
C SER K 52 38.03 35.26 -25.43
N THR K 53 37.10 35.42 -24.50
CA THR K 53 35.68 35.32 -24.78
C THR K 53 35.07 36.72 -24.76
N LEU K 54 34.53 37.15 -25.90
CA LEU K 54 33.96 38.49 -25.98
C LEU K 54 32.48 38.47 -25.58
N ALA K 55 31.99 39.66 -25.22
CA ALA K 55 30.63 39.80 -24.71
C ALA K 55 29.65 40.02 -25.87
N SER K 56 28.36 40.09 -25.53
CA SER K 56 27.32 40.27 -26.53
C SER K 56 27.26 41.72 -26.99
N GLY K 57 26.82 41.91 -28.24
CA GLY K 57 26.67 43.24 -28.81
C GLY K 57 27.95 43.99 -29.07
N VAL K 58 29.05 43.26 -29.27
CA VAL K 58 30.37 43.86 -29.46
C VAL K 58 30.93 43.25 -30.74
N PRO K 59 31.47 44.03 -31.67
CA PRO K 59 31.97 43.44 -32.92
C PRO K 59 33.21 42.60 -32.70
N SER K 60 33.45 41.68 -33.63
CA SER K 60 34.52 40.70 -33.49
C SER K 60 35.86 41.23 -33.99
N ARG K 61 35.96 42.54 -34.18
CA ARG K 61 37.20 43.18 -34.60
C ARG K 61 38.12 43.52 -33.44
N PHE K 62 37.70 43.29 -32.21
CA PHE K 62 38.60 43.34 -31.06
C PHE K 62 39.21 41.97 -30.82
N LYS K 63 40.45 41.95 -30.38
CA LYS K 63 41.20 40.70 -30.23
C LYS K 63 41.55 40.48 -28.77
N GLY K 64 41.81 39.22 -28.42
CA GLY K 64 42.25 38.89 -27.09
C GLY K 64 43.27 37.76 -27.06
N SER K 65 44.36 37.95 -26.30
CA SER K 65 45.40 36.95 -26.21
C SER K 65 46.14 37.14 -24.88
N GLY K 66 47.24 36.44 -24.72
CA GLY K 66 48.05 36.51 -23.51
C GLY K 66 47.66 35.45 -22.50
N SER K 67 48.68 34.86 -21.88
CA SER K 67 48.48 33.85 -20.85
C SER K 67 49.56 33.99 -19.79
N GLY K 68 49.27 33.47 -18.61
CA GLY K 68 50.25 33.46 -17.51
C GLY K 68 50.23 34.77 -16.73
N THR K 69 51.28 35.57 -16.90
CA THR K 69 51.46 36.80 -16.15
C THR K 69 51.26 38.07 -16.96
N GLU K 70 51.44 38.01 -18.28
CA GLU K 70 51.28 39.18 -19.13
C GLU K 70 50.18 38.92 -20.16
N TYR K 71 49.43 39.97 -20.48
CA TYR K 71 48.29 39.87 -21.38
C TYR K 71 48.25 41.11 -22.26
N THR K 72 47.48 41.02 -23.34
CA THR K 72 47.38 42.10 -24.32
C THR K 72 45.93 42.31 -24.76
N LEU K 73 45.73 43.39 -25.52
CA LEU K 73 44.43 43.67 -26.13
C LEU K 73 44.68 44.51 -27.37
N THR K 74 44.48 43.92 -28.55
CA THR K 74 44.70 44.60 -29.81
C THR K 74 43.40 44.71 -30.59
N PHE K 75 43.33 45.71 -31.46
CA PHE K 75 42.25 45.84 -32.43
C PHE K 75 42.72 46.73 -33.56
N SER K 76 41.96 46.73 -34.65
CA SER K 76 42.26 47.52 -35.82
C SER K 76 40.98 48.10 -36.39
N GLY K 77 41.13 49.14 -37.21
CA GLY K 77 40.00 49.86 -37.75
C GLY K 77 39.34 50.76 -36.73
N VAL K 78 40.08 51.76 -36.25
CA VAL K 78 39.59 52.63 -35.19
C VAL K 78 38.57 53.60 -35.75
N GLU K 79 37.38 53.59 -35.14
CA GLU K 79 36.29 54.48 -35.51
C GLU K 79 36.47 55.87 -34.88
N CYS K 80 35.37 56.62 -34.86
CA CYS K 80 35.34 57.93 -34.21
C CYS K 80 34.92 57.84 -32.75
N ALA K 81 34.14 56.81 -32.38
CA ALA K 81 33.63 56.66 -31.02
C ALA K 81 34.51 55.75 -30.17
N ASP K 82 35.77 55.58 -30.53
CA ASP K 82 36.71 54.80 -29.74
C ASP K 82 37.54 55.67 -28.80
N ALA K 83 37.23 56.96 -28.70
CA ALA K 83 37.88 57.86 -27.76
C ALA K 83 37.28 57.59 -26.39
N ALA K 84 38.00 56.84 -25.56
CA ALA K 84 37.49 56.39 -24.28
C ALA K 84 38.68 56.13 -23.35
N ALA K 85 38.41 55.45 -22.24
CA ALA K 85 39.44 55.06 -21.29
C ALA K 85 39.38 53.55 -21.10
N TYR K 86 40.56 52.91 -21.04
CA TYR K 86 40.66 51.46 -21.00
C TYR K 86 41.24 51.03 -19.66
N TYR K 87 40.88 49.82 -19.23
CA TYR K 87 41.31 49.29 -17.92
C TYR K 87 41.39 47.77 -17.99
N CYS K 88 42.53 47.21 -17.60
CA CYS K 88 42.66 45.78 -17.38
C CYS K 88 42.37 45.45 -15.93
N GLN K 89 41.80 44.27 -15.69
CA GLN K 89 41.31 43.93 -14.35
C GLN K 89 41.34 42.43 -14.12
N GLN K 90 41.93 42.01 -13.00
CA GLN K 90 42.06 40.61 -12.63
C GLN K 90 40.90 40.19 -11.74
N GLY K 91 40.79 38.87 -11.53
CA GLY K 91 39.73 38.29 -10.73
C GLY K 91 40.20 37.30 -9.68
N TYR K 92 41.33 37.56 -9.02
CA TYR K 92 41.88 36.62 -8.07
C TYR K 92 41.23 36.71 -6.68
N THR K 93 40.25 37.63 -6.51
CA THR K 93 39.36 37.89 -5.36
C THR K 93 40.01 37.70 -3.99
N SER K 94 41.28 38.06 -3.84
CA SER K 94 41.99 37.83 -2.61
C SER K 94 41.55 38.86 -1.56
N SER K 95 42.08 38.73 -0.34
CA SER K 95 41.66 39.55 0.78
C SER K 95 42.60 40.71 1.07
N ASP K 96 43.89 40.46 1.16
CA ASP K 96 44.85 41.46 1.62
C ASP K 96 45.37 42.36 0.50
N ILE K 97 44.67 42.44 -0.62
CA ILE K 97 45.11 43.23 -1.75
C ILE K 97 44.37 44.56 -1.79
N ASN K 98 44.94 45.51 -2.52
CA ASN K 98 44.45 46.88 -2.67
C ASN K 98 44.51 47.29 -4.14
N ASN K 99 43.94 46.43 -4.99
CA ASN K 99 44.17 46.43 -6.44
C ASN K 99 43.89 47.74 -7.17
N ALA K 100 42.60 48.12 -7.21
CA ALA K 100 42.01 49.22 -7.97
C ALA K 100 42.08 49.03 -9.49
N PHE K 101 42.77 47.97 -9.95
CA PHE K 101 43.02 47.54 -11.34
C PHE K 101 43.27 48.68 -12.32
N GLY K 102 44.10 49.65 -11.93
CA GLY K 102 44.16 50.90 -12.64
C GLY K 102 45.12 50.93 -13.81
N GLY K 103 45.12 52.07 -14.49
CA GLY K 103 45.96 52.33 -15.64
C GLY K 103 45.17 52.26 -16.94
N GLY K 104 45.64 53.04 -17.92
CA GLY K 104 45.07 52.98 -19.25
C GLY K 104 44.34 54.23 -19.71
N THR K 105 44.65 54.67 -20.93
CA THR K 105 44.00 55.82 -21.54
C THR K 105 44.00 55.61 -23.05
N GLU K 106 43.26 56.48 -23.74
CA GLU K 106 43.22 56.47 -25.23
C GLU K 106 43.10 57.91 -25.73
N VAL K 107 43.95 58.29 -26.69
CA VAL K 107 43.91 59.64 -27.25
C VAL K 107 42.66 59.82 -28.11
N VAL K 108 42.37 61.09 -28.46
CA VAL K 108 41.36 61.36 -29.47
C VAL K 108 41.95 61.01 -30.83
N VAL K 109 41.25 60.13 -31.57
CA VAL K 109 41.76 59.69 -32.86
C VAL K 109 41.58 60.79 -33.90
N LYS K 110 42.63 60.99 -34.71
CA LYS K 110 42.57 61.96 -35.80
C LYS K 110 41.70 61.43 -36.93
N GLN L 1 18.51 43.12 -15.31
CA GLN L 1 19.52 43.66 -16.21
C GLN L 1 20.01 45.03 -15.71
N SER L 2 19.14 46.03 -15.76
CA SER L 2 19.53 47.38 -15.38
C SER L 2 19.72 47.49 -13.87
N VAL L 3 20.71 48.29 -13.48
CA VAL L 3 21.11 48.45 -12.09
C VAL L 3 20.84 49.89 -11.68
N LYS L 4 20.14 50.07 -10.56
CA LYS L 4 19.63 51.36 -10.14
C LYS L 4 20.33 51.78 -8.86
N GLU L 5 20.42 53.09 -8.66
CA GLU L 5 21.05 53.66 -7.48
C GLU L 5 20.13 54.66 -6.80
N SER L 6 20.59 55.15 -5.64
CA SER L 6 19.94 56.23 -4.92
C SER L 6 20.60 57.55 -5.28
N GLU L 7 19.86 58.65 -5.15
CA GLU L 7 20.35 59.92 -5.65
C GLU L 7 21.35 60.53 -4.68
N GLY L 8 22.30 61.26 -5.24
CA GLY L 8 23.43 61.73 -4.46
C GLY L 8 23.10 62.92 -3.58
N ARG L 9 24.00 63.18 -2.63
CA ARG L 9 23.81 64.21 -1.62
C ARG L 9 25.12 64.94 -1.38
N LEU L 10 25.03 66.24 -1.14
CA LEU L 10 26.17 67.03 -0.69
C LEU L 10 26.11 67.10 0.84
N VAL L 11 27.04 66.43 1.50
CA VAL L 11 27.03 66.29 2.95
C VAL L 11 28.27 66.97 3.52
N THR L 12 28.35 66.96 4.85
CA THR L 12 29.34 67.45 5.80
C THR L 12 30.14 66.29 6.37
N PRO L 13 31.43 66.48 6.63
CA PRO L 13 32.23 65.38 7.20
C PRO L 13 31.84 65.11 8.65
N GLY L 14 31.65 63.84 8.97
CA GLY L 14 31.23 63.41 10.30
C GLY L 14 29.83 62.86 10.37
N THR L 15 29.15 62.65 9.25
CA THR L 15 27.78 62.18 9.14
C THR L 15 27.75 60.85 8.39
N PRO L 16 26.99 59.86 8.86
CA PRO L 16 26.87 58.60 8.12
C PRO L 16 26.12 58.79 6.80
N LEU L 17 26.44 57.92 5.86
CA LEU L 17 25.96 58.09 4.49
C LEU L 17 25.63 56.72 3.93
N THR L 18 24.55 56.65 3.16
CA THR L 18 24.09 55.40 2.57
C THR L 18 23.83 55.57 1.08
N LEU L 19 23.97 54.47 0.33
CA LEU L 19 23.47 54.37 -1.04
C LEU L 19 22.89 52.98 -1.24
N THR L 20 21.59 52.91 -1.50
CA THR L 20 20.94 51.66 -1.86
C THR L 20 21.17 51.35 -3.34
N CYS L 21 21.02 50.07 -3.67
CA CYS L 21 21.20 49.58 -5.05
C CYS L 21 20.18 48.50 -5.32
N THR L 22 19.26 48.75 -6.24
CA THR L 22 18.24 47.80 -6.60
C THR L 22 18.45 47.34 -8.04
N ALA L 23 18.01 46.12 -8.35
CA ALA L 23 18.14 45.55 -9.67
C ALA L 23 16.78 45.46 -10.35
N SER L 24 16.80 45.27 -11.66
CA SER L 24 15.56 45.20 -12.44
C SER L 24 15.08 43.76 -12.64
N GLY L 25 15.84 42.93 -13.34
CA GLY L 25 15.34 41.63 -13.74
C GLY L 25 15.79 40.43 -12.93
N PHE L 26 17.09 40.31 -12.71
CA PHE L 26 17.62 39.15 -12.01
C PHE L 26 17.34 39.27 -10.52
N THR L 27 17.46 38.16 -9.81
CA THR L 27 17.38 38.17 -8.36
C THR L 27 18.81 38.19 -7.81
N MET L 28 18.98 38.81 -6.65
CA MET L 28 20.30 39.10 -6.12
C MET L 28 20.84 37.99 -5.22
N SER L 29 19.98 37.06 -4.78
CA SER L 29 20.41 35.93 -3.98
C SER L 29 21.14 34.87 -4.79
N ARG L 30 21.16 35.01 -6.11
CA ARG L 30 21.88 34.14 -7.01
C ARG L 30 23.29 34.64 -7.31
N TYR L 31 23.44 35.94 -7.61
CA TYR L 31 24.71 36.50 -8.04
C TYR L 31 25.37 37.30 -6.92
N HIS L 32 26.51 37.89 -7.24
CA HIS L 32 27.26 38.68 -6.28
C HIS L 32 27.21 40.17 -6.64
N MET L 33 27.57 41.00 -5.67
CA MET L 33 27.61 42.45 -5.85
C MET L 33 28.91 43.02 -5.32
N THR L 34 29.35 44.11 -5.98
CA THR L 34 30.61 44.84 -5.68
C THR L 34 30.41 46.34 -5.93
N TRP L 35 31.26 47.18 -5.34
CA TRP L 35 31.20 48.64 -5.47
C TRP L 35 32.57 49.17 -5.89
N VAL L 36 32.56 50.10 -6.83
CA VAL L 36 33.77 50.79 -7.28
C VAL L 36 33.56 52.29 -7.17
N ARG L 37 34.67 53.03 -7.06
CA ARG L 37 34.62 54.46 -6.84
C ARG L 37 35.49 55.16 -7.88
N GLN L 38 34.89 56.07 -8.65
CA GLN L 38 35.59 56.75 -9.74
C GLN L 38 35.94 58.17 -9.31
N ALA L 39 37.22 58.39 -9.00
CA ALA L 39 37.70 59.70 -8.61
C ALA L 39 38.16 60.50 -9.84
N PRO L 40 38.22 61.82 -9.74
CA PRO L 40 38.73 62.63 -10.86
C PRO L 40 40.22 62.41 -11.11
N GLY L 41 40.64 62.77 -12.33
CA GLY L 41 41.98 62.54 -12.79
C GLY L 41 42.06 61.19 -13.48
N LYS L 42 42.62 60.21 -12.79
CA LYS L 42 42.42 58.80 -13.13
C LYS L 42 41.17 58.24 -12.46
N GLY L 43 40.94 58.62 -11.22
CA GLY L 43 40.66 57.67 -10.15
C GLY L 43 39.60 56.64 -10.47
N LEU L 44 39.91 55.37 -10.18
CA LEU L 44 38.96 54.27 -10.30
C LEU L 44 39.37 53.22 -9.28
N GLU L 45 38.60 53.10 -8.21
CA GLU L 45 39.02 52.37 -7.02
C GLU L 45 37.91 51.43 -6.57
N TRP L 46 38.27 50.17 -6.36
CA TRP L 46 37.31 49.14 -5.98
C TRP L 46 37.21 49.07 -4.45
N ILE L 47 35.99 48.86 -3.94
CA ILE L 47 35.75 48.93 -2.51
C ILE L 47 35.79 47.56 -1.83
N GLY L 48 34.90 46.67 -2.25
CA GLY L 48 34.76 45.39 -1.57
C GLY L 48 34.05 44.39 -2.44
N ILE L 49 33.48 43.37 -1.80
CA ILE L 49 32.65 42.38 -2.49
C ILE L 49 31.72 41.74 -1.49
N ILE L 50 30.61 41.20 -1.98
CA ILE L 50 29.67 40.42 -1.17
C ILE L 50 29.13 39.28 -2.02
N TYR L 51 29.02 38.09 -1.43
CA TYR L 51 28.62 36.89 -2.14
C TYR L 51 27.15 36.54 -1.91
N ALA L 52 26.69 35.52 -2.63
CA ALA L 52 25.26 35.26 -2.81
C ALA L 52 24.63 34.49 -1.65
N ARG L 53 25.03 33.23 -1.45
CA ARG L 53 24.36 32.40 -0.45
C ARG L 53 25.26 32.20 0.76
N ASN L 54 26.58 32.21 0.54
CA ASN L 54 27.52 32.26 1.64
C ASN L 54 27.41 33.59 2.38
N SER L 55 27.10 34.67 1.67
CA SER L 55 26.85 36.01 2.20
C SER L 55 28.07 36.56 2.94
N ASP L 56 29.24 36.13 2.47
CA ASP L 56 30.55 36.59 3.01
C ASP L 56 30.94 37.92 2.36
N THR L 57 31.93 38.62 2.96
CA THR L 57 32.42 39.89 2.45
C THR L 57 33.93 39.91 2.49
N TYR L 58 34.53 40.62 1.54
CA TYR L 58 35.95 40.90 1.53
C TYR L 58 36.17 42.32 1.03
N TYR L 59 36.89 43.12 1.80
CA TYR L 59 37.11 44.53 1.51
C TYR L 59 38.52 44.72 0.95
N ALA L 60 38.86 45.98 0.70
CA ALA L 60 40.22 46.34 0.33
C ALA L 60 41.08 46.41 1.58
N ASN L 61 42.39 46.59 1.40
CA ASN L 61 43.29 46.65 2.54
C ASN L 61 43.13 47.96 3.30
N TRP L 62 42.99 49.07 2.59
CA TRP L 62 42.79 50.36 3.24
C TRP L 62 41.35 50.59 3.68
N ALA L 63 40.43 49.73 3.27
CA ALA L 63 39.00 50.01 3.45
C ALA L 63 38.39 49.31 4.66
N LYS L 64 39.19 48.63 5.48
CA LYS L 64 38.65 48.02 6.69
C LYS L 64 38.36 49.07 7.75
N GLY L 65 37.29 48.85 8.50
CA GLY L 65 36.85 49.82 9.48
C GLY L 65 36.17 51.04 8.90
N ARG L 66 35.87 51.03 7.61
CA ARG L 66 35.40 52.23 6.92
C ARG L 66 34.17 52.01 6.07
N PHE L 67 33.81 50.77 5.75
CA PHE L 67 32.62 50.48 4.95
C PHE L 67 31.97 49.21 5.49
N THR L 68 30.64 49.19 5.51
CA THR L 68 29.87 48.02 5.88
C THR L 68 28.82 47.77 4.82
N ILE L 69 28.84 46.58 4.20
CA ILE L 69 27.96 46.26 3.09
C ILE L 69 26.79 45.43 3.63
N SER L 70 25.57 45.93 3.44
CA SER L 70 24.37 45.25 3.88
C SER L 70 23.60 44.70 2.67
N LYS L 71 22.93 43.56 2.88
CA LYS L 71 22.19 42.96 1.77
C LYS L 71 20.94 42.25 2.29
N THR L 72 19.80 42.57 1.69
CA THR L 72 18.59 41.79 1.83
C THR L 72 18.29 41.08 0.53
N SER L 73 17.21 40.30 0.51
CA SER L 73 16.79 39.63 -0.72
C SER L 73 16.25 40.60 -1.75
N THR L 74 15.87 41.81 -1.33
CA THR L 74 15.27 42.77 -2.25
C THR L 74 16.24 43.87 -2.67
N THR L 75 17.17 44.25 -1.81
CA THR L 75 18.03 45.42 -2.02
C THR L 75 19.40 45.16 -1.41
N VAL L 76 20.45 45.57 -2.12
CA VAL L 76 21.79 45.64 -1.54
C VAL L 76 22.11 47.12 -1.34
N ASP L 77 23.01 47.39 -0.38
CA ASP L 77 23.46 48.76 -0.14
C ASP L 77 24.84 48.69 0.49
N LEU L 78 25.50 49.84 0.58
CA LEU L 78 26.75 49.99 1.28
C LEU L 78 26.65 51.20 2.20
N LYS L 79 27.56 51.28 3.17
CA LYS L 79 27.47 52.31 4.20
C LYS L 79 28.83 52.97 4.40
N ILE L 80 28.81 54.23 4.82
CA ILE L 80 30.01 54.97 5.17
C ILE L 80 29.85 55.45 6.61
N THR L 81 30.89 55.27 7.42
CA THR L 81 30.83 55.60 8.84
C THR L 81 31.38 56.97 9.15
N SER L 82 32.59 57.27 8.66
CA SER L 82 33.26 58.53 8.97
C SER L 82 33.92 59.03 7.69
N PRO L 83 33.29 59.98 6.99
CA PRO L 83 33.84 60.42 5.71
C PRO L 83 35.05 61.33 5.89
N THR L 84 36.04 61.11 5.03
CA THR L 84 37.17 62.02 4.91
C THR L 84 36.94 62.85 3.66
N ILE L 85 37.63 63.98 3.57
CA ILE L 85 37.42 65.03 2.57
C ILE L 85 37.52 64.53 1.13
N GLU L 86 38.47 63.63 0.86
CA GLU L 86 38.87 63.31 -0.50
C GLU L 86 38.07 62.16 -1.12
N ASP L 87 36.85 61.90 -0.64
CA ASP L 87 35.98 60.90 -1.23
C ASP L 87 34.89 61.51 -2.10
N THR L 88 35.04 62.77 -2.50
CA THR L 88 34.15 63.33 -3.52
C THR L 88 34.46 62.69 -4.87
N ALA L 89 33.59 61.78 -5.30
CA ALA L 89 33.86 60.92 -6.45
C ALA L 89 32.55 60.31 -6.91
N THR L 90 32.65 59.37 -7.85
CA THR L 90 31.50 58.69 -8.44
C THR L 90 31.51 57.22 -8.07
N TYR L 91 30.38 56.75 -7.55
CA TYR L 91 30.24 55.36 -7.12
C TYR L 91 29.36 54.60 -8.10
N PHE L 92 29.60 53.28 -8.18
CA PHE L 92 28.89 52.42 -9.11
C PHE L 92 28.56 51.09 -8.44
N CYS L 93 27.42 50.51 -8.81
CA CYS L 93 26.98 49.20 -8.35
C CYS L 93 26.81 48.29 -9.57
N ALA L 94 27.34 47.08 -9.49
CA ALA L 94 27.36 46.20 -10.66
C ALA L 94 27.25 44.74 -10.22
N ARG L 95 26.70 43.92 -11.14
CA ARG L 95 26.44 42.52 -10.89
C ARG L 95 27.63 41.68 -11.32
N VAL L 96 28.06 40.77 -10.45
CA VAL L 96 29.13 39.83 -10.79
C VAL L 96 28.51 38.65 -11.53
N ASP L 97 28.58 38.67 -12.85
CA ASP L 97 28.27 37.50 -13.66
C ASP L 97 29.45 36.54 -13.58
N SER L 98 29.21 35.37 -13.00
CA SER L 98 30.26 34.38 -12.78
C SER L 98 29.77 33.02 -13.25
N ASP L 99 30.52 31.99 -12.90
CA ASP L 99 30.17 30.63 -13.28
C ASP L 99 30.05 29.75 -12.06
N SER L 100 30.06 28.43 -12.28
CA SER L 100 29.88 27.47 -11.19
C SER L 100 31.03 27.45 -10.20
N SER L 101 32.15 28.09 -10.49
CA SER L 101 33.29 28.02 -9.60
C SER L 101 34.01 29.34 -9.34
N GLY L 102 33.95 30.29 -10.26
CA GLY L 102 34.85 31.42 -10.20
C GLY L 102 34.58 32.42 -9.10
N ALA L 103 33.42 33.09 -9.20
CA ALA L 103 33.13 34.33 -8.49
C ALA L 103 34.25 35.35 -8.69
N PHE L 104 34.79 35.38 -9.90
CA PHE L 104 35.87 36.30 -10.20
C PHE L 104 35.27 37.65 -10.57
N ASP L 105 36.10 38.68 -10.52
CA ASP L 105 35.60 40.02 -10.34
C ASP L 105 35.13 40.68 -11.64
N ARG L 106 34.69 39.91 -12.63
CA ARG L 106 33.98 40.47 -13.77
C ARG L 106 32.68 41.12 -13.32
N LEU L 107 32.55 42.40 -13.62
CA LEU L 107 31.32 43.15 -13.42
C LEU L 107 30.72 43.42 -14.80
N ASP L 108 29.75 42.58 -15.20
CA ASP L 108 29.28 42.55 -16.57
C ASP L 108 28.27 43.68 -16.79
N LEU L 109 27.20 43.71 -16.00
CA LEU L 109 26.14 44.70 -16.17
C LEU L 109 26.31 45.76 -15.09
N TRP L 110 26.68 46.96 -15.51
CA TRP L 110 27.01 48.03 -14.58
C TRP L 110 25.75 48.79 -14.17
N GLY L 111 25.96 49.78 -13.29
CA GLY L 111 24.94 50.74 -12.97
C GLY L 111 25.27 52.12 -13.55
N GLN L 112 24.25 52.98 -13.58
CA GLN L 112 24.39 54.27 -14.24
C GLN L 112 25.28 55.23 -13.45
N GLY L 113 25.28 55.12 -12.12
CA GLY L 113 26.20 55.90 -11.31
C GLY L 113 25.76 57.32 -11.03
N THR L 114 25.77 57.71 -9.75
CA THR L 114 25.43 59.06 -9.33
C THR L 114 26.62 59.69 -8.62
N LEU L 115 26.51 61.00 -8.38
CA LEU L 115 27.59 61.82 -7.83
C LEU L 115 27.36 62.05 -6.34
N VAL L 116 28.32 61.66 -5.52
CA VAL L 116 28.30 61.95 -4.09
C VAL L 116 29.53 62.80 -3.75
N THR L 117 29.31 63.83 -2.95
CA THR L 117 30.41 64.71 -2.57
C THR L 117 30.22 65.18 -1.14
N VAL L 118 31.34 65.44 -0.47
CA VAL L 118 31.35 65.95 0.89
C VAL L 118 32.02 67.31 0.88
N SER L 119 31.58 68.19 1.78
CA SER L 119 32.11 69.55 1.85
C SER L 119 31.93 70.09 3.25
N SER L 120 32.89 70.91 3.68
CA SER L 120 32.85 71.55 4.99
C SER L 120 32.99 73.06 4.87
N TYR M 12 -28.22 -46.19 -33.71
CA TYR M 12 -28.14 -46.91 -34.98
C TYR M 12 -29.23 -47.96 -35.09
N LEU M 13 -30.39 -47.54 -35.59
CA LEU M 13 -31.51 -48.41 -35.95
C LEU M 13 -32.02 -49.26 -34.77
N PRO M 14 -32.71 -48.66 -33.81
CA PRO M 14 -33.19 -49.42 -32.64
C PRO M 14 -34.29 -50.39 -33.03
N PRO M 15 -34.45 -51.49 -32.31
CA PRO M 15 -35.46 -52.48 -32.69
C PRO M 15 -36.88 -51.99 -32.45
N VAL M 16 -37.84 -52.77 -32.93
CA VAL M 16 -39.23 -52.30 -32.90
C VAL M 16 -39.76 -52.37 -31.47
N PRO M 17 -40.54 -51.40 -31.03
CA PRO M 17 -41.12 -51.49 -29.69
C PRO M 17 -42.48 -52.17 -29.73
N VAL M 18 -42.79 -52.89 -28.66
CA VAL M 18 -44.00 -53.71 -28.66
C VAL M 18 -45.22 -52.82 -28.49
N SER M 19 -46.23 -53.06 -29.34
CA SER M 19 -47.35 -52.14 -29.44
C SER M 19 -48.28 -52.22 -28.24
N LYS M 20 -48.18 -53.30 -27.46
CA LYS M 20 -49.02 -53.42 -26.28
C LYS M 20 -48.22 -53.18 -25.01
N VAL M 21 -48.92 -52.81 -23.95
CA VAL M 21 -48.32 -52.62 -22.65
C VAL M 21 -48.18 -53.97 -21.95
N VAL M 22 -47.45 -53.99 -20.84
CA VAL M 22 -47.06 -55.24 -20.20
C VAL M 22 -47.00 -55.02 -18.69
N SER M 23 -47.22 -56.10 -17.94
CA SER M 23 -47.09 -56.08 -16.49
C SER M 23 -45.64 -55.93 -16.06
N THR M 24 -45.44 -55.70 -14.77
CA THR M 24 -44.09 -55.43 -14.28
C THR M 24 -43.32 -56.69 -13.95
N ASP M 25 -43.92 -57.87 -14.13
CA ASP M 25 -43.25 -59.11 -13.75
C ASP M 25 -42.08 -59.43 -14.69
N GLU M 26 -42.02 -58.76 -15.83
CA GLU M 26 -41.07 -59.15 -16.87
C GLU M 26 -39.80 -58.34 -16.81
N TYR M 27 -39.83 -57.15 -16.19
CA TYR M 27 -38.69 -56.25 -16.30
C TYR M 27 -38.29 -55.55 -15.00
N VAL M 28 -38.79 -55.99 -13.85
CA VAL M 28 -38.21 -55.57 -12.57
C VAL M 28 -37.84 -56.83 -11.79
N ALA M 29 -36.79 -56.73 -10.98
CA ALA M 29 -36.30 -57.86 -10.23
C ALA M 29 -36.68 -57.73 -8.76
N ARG M 30 -36.65 -58.85 -8.05
CA ARG M 30 -37.02 -58.89 -6.65
C ARG M 30 -35.94 -59.59 -5.85
N THR M 31 -35.46 -58.94 -4.80
CA THR M 31 -34.43 -59.47 -3.92
C THR M 31 -35.04 -59.80 -2.56
N ASN M 32 -34.18 -60.18 -1.62
CA ASN M 32 -34.63 -60.57 -0.28
C ASN M 32 -34.41 -59.47 0.75
N ILE M 33 -34.11 -58.25 0.31
CA ILE M 33 -33.74 -57.16 1.19
C ILE M 33 -34.97 -56.30 1.44
N TYR M 34 -35.42 -56.27 2.69
CA TYR M 34 -36.63 -55.58 3.07
C TYR M 34 -36.30 -54.46 4.04
N TYR M 35 -37.13 -53.43 4.05
CA TYR M 35 -36.93 -52.27 4.91
C TYR M 35 -38.27 -51.85 5.49
N HIS M 36 -38.22 -51.24 6.67
CA HIS M 36 -39.41 -50.73 7.32
C HIS M 36 -39.31 -49.22 7.47
N ALA M 37 -40.43 -48.53 7.26
CA ALA M 37 -40.48 -47.08 7.35
C ALA M 37 -41.82 -46.69 7.96
N GLY M 38 -41.79 -46.15 9.16
CA GLY M 38 -43.01 -45.70 9.80
C GLY M 38 -42.89 -44.29 10.33
N THR M 39 -43.85 -43.43 9.98
CA THR M 39 -43.83 -42.07 10.51
C THR M 39 -44.23 -42.07 11.97
N SER M 40 -44.02 -40.92 12.62
CA SER M 40 -44.06 -40.89 14.07
C SER M 40 -45.48 -40.79 14.63
N ARG M 41 -46.12 -39.65 14.40
CA ARG M 41 -47.46 -39.32 14.87
C ARG M 41 -47.85 -37.99 14.23
N LEU M 42 -49.12 -37.88 13.82
CA LEU M 42 -49.57 -36.73 13.06
C LEU M 42 -50.86 -36.20 13.66
N LEU M 43 -50.84 -34.95 14.11
CA LEU M 43 -51.96 -34.34 14.80
C LEU M 43 -52.41 -33.09 14.06
N ALA M 44 -53.71 -32.79 14.17
CA ALA M 44 -54.30 -31.65 13.47
C ALA M 44 -55.44 -31.09 14.29
N VAL M 45 -55.36 -29.81 14.64
CA VAL M 45 -56.34 -29.13 15.48
C VAL M 45 -56.83 -27.89 14.77
N GLY M 46 -58.14 -27.64 14.81
CA GLY M 46 -58.68 -26.41 14.26
C GLY M 46 -60.17 -26.33 14.51
N HIS M 47 -60.86 -25.57 13.67
CA HIS M 47 -62.31 -25.43 13.76
C HIS M 47 -62.99 -26.34 12.75
N PRO M 48 -64.17 -26.89 13.06
CA PRO M 48 -64.81 -27.83 12.12
C PRO M 48 -65.65 -27.20 11.03
N TYR M 49 -65.86 -25.89 11.03
CA TYR M 49 -66.83 -25.34 10.09
C TYR M 49 -66.20 -24.39 9.08
N PHE M 50 -65.44 -23.40 9.52
CA PHE M 50 -64.86 -22.44 8.60
C PHE M 50 -63.51 -22.02 9.12
N PRO M 51 -62.53 -21.82 8.26
CA PRO M 51 -61.23 -21.30 8.70
C PRO M 51 -61.37 -19.85 9.12
N ILE M 52 -61.08 -19.56 10.38
CA ILE M 52 -61.37 -18.23 10.90
C ILE M 52 -60.30 -17.25 10.43
N LYS M 53 -60.70 -16.01 10.24
CA LYS M 53 -59.82 -15.01 9.66
C LYS M 53 -60.13 -13.66 10.27
N LYS M 54 -59.19 -12.73 10.07
CA LYS M 54 -59.33 -11.40 10.62
C LYS M 54 -60.44 -10.65 9.90
N PRO M 55 -61.13 -9.73 10.57
CA PRO M 55 -62.17 -8.94 9.86
C PRO M 55 -61.60 -8.00 8.82
N ASN M 56 -60.32 -7.60 8.94
CA ASN M 56 -59.79 -6.62 8.00
C ASN M 56 -59.35 -7.28 6.68
N ASN M 57 -58.61 -8.38 6.77
CA ASN M 57 -58.04 -8.97 5.56
C ASN M 57 -57.86 -10.47 5.76
N ASN M 58 -57.16 -11.08 4.81
CA ASN M 58 -56.95 -12.51 4.80
C ASN M 58 -55.71 -12.87 5.61
N LYS M 59 -55.93 -13.67 6.67
CA LYS M 59 -54.90 -14.29 7.47
C LYS M 59 -55.60 -15.38 8.28
N ILE M 60 -54.97 -16.55 8.34
CA ILE M 60 -55.65 -17.75 8.84
C ILE M 60 -55.12 -18.06 10.23
N LEU M 61 -55.95 -17.84 11.24
CA LEU M 61 -55.54 -18.16 12.60
C LEU M 61 -55.66 -19.65 12.87
N VAL M 62 -56.84 -20.24 12.63
CA VAL M 62 -56.98 -21.68 12.81
C VAL M 62 -57.34 -22.28 11.45
N PRO M 63 -56.88 -23.49 11.13
CA PRO M 63 -57.30 -24.13 9.89
C PRO M 63 -58.60 -24.90 10.07
N LYS M 64 -59.28 -25.12 8.95
CA LYS M 64 -60.45 -25.99 8.95
C LYS M 64 -59.97 -27.44 8.99
N VAL M 65 -60.56 -28.23 9.88
CA VAL M 65 -59.94 -29.48 10.30
C VAL M 65 -60.92 -30.65 10.34
N SER M 66 -62.19 -30.42 10.01
CA SER M 66 -63.28 -31.34 10.33
C SER M 66 -63.14 -32.69 9.66
N GLY M 67 -63.75 -33.69 10.28
CA GLY M 67 -63.59 -35.05 9.83
C GLY M 67 -64.42 -35.40 8.62
N LEU M 68 -64.31 -34.61 7.55
CA LEU M 68 -64.95 -34.93 6.28
C LEU M 68 -64.02 -34.65 5.12
N GLN M 69 -62.75 -34.37 5.38
CA GLN M 69 -61.80 -33.97 4.34
C GLN M 69 -61.21 -35.22 3.68
N TYR M 70 -60.14 -35.04 2.92
CA TYR M 70 -59.58 -36.14 2.15
C TYR M 70 -58.24 -36.64 2.65
N ARG M 71 -57.40 -35.74 3.16
CA ARG M 71 -56.16 -36.06 3.86
C ARG M 71 -55.21 -36.90 3.00
N VAL M 72 -54.93 -36.38 1.81
CA VAL M 72 -54.00 -37.05 0.91
C VAL M 72 -52.59 -36.87 1.43
N PHE M 73 -51.83 -37.95 1.41
CA PHE M 73 -50.46 -37.92 1.89
C PHE M 73 -49.49 -38.02 0.71
N ARG M 74 -48.27 -37.58 0.95
CA ARG M 74 -47.26 -37.55 -0.09
C ARG M 74 -45.95 -38.02 0.53
N ILE M 75 -45.52 -39.21 0.16
CA ILE M 75 -44.41 -39.87 0.81
C ILE M 75 -43.18 -39.68 -0.06
N HIS M 76 -42.21 -38.92 0.41
CA HIS M 76 -40.94 -38.75 -0.27
C HIS M 76 -40.00 -39.87 0.16
N LEU M 77 -39.58 -40.62 -0.73
CA LEU M 77 -38.76 -41.77 -0.43
C LEU M 77 -37.29 -41.44 -0.65
N PRO M 78 -36.37 -42.10 0.06
CA PRO M 78 -34.95 -41.87 -0.21
C PRO M 78 -34.53 -42.51 -1.52
N ASP M 79 -33.60 -41.86 -2.21
CA ASP M 79 -33.17 -42.32 -3.51
C ASP M 79 -32.23 -43.52 -3.35
N PRO M 80 -32.56 -44.68 -3.89
CA PRO M 80 -31.76 -45.87 -3.63
C PRO M 80 -30.58 -46.05 -4.57
N ASN M 81 -30.20 -45.00 -5.29
CA ASN M 81 -29.02 -45.04 -6.14
C ASN M 81 -27.79 -44.50 -5.44
N LYS M 82 -27.89 -44.15 -4.16
CA LYS M 82 -26.75 -43.81 -3.33
C LYS M 82 -26.90 -44.36 -1.92
N PHE M 83 -27.76 -45.36 -1.73
CA PHE M 83 -28.22 -45.81 -0.42
C PHE M 83 -27.43 -47.02 0.06
N GLY M 84 -27.34 -47.17 1.37
CA GLY M 84 -26.52 -48.20 2.00
C GLY M 84 -27.26 -49.50 2.26
N PHE M 85 -26.55 -50.60 2.06
CA PHE M 85 -27.09 -51.94 2.15
C PHE M 85 -26.14 -52.84 2.92
N PRO M 86 -26.63 -53.97 3.43
CA PRO M 86 -25.71 -55.02 3.88
C PRO M 86 -25.09 -55.76 2.71
N ASP M 87 -24.36 -56.84 3.01
CA ASP M 87 -23.52 -57.50 2.02
C ASP M 87 -24.33 -58.21 0.95
N THR M 88 -23.62 -58.64 -0.09
CA THR M 88 -24.14 -59.41 -1.24
C THR M 88 -25.25 -58.68 -2.00
N SER M 89 -25.22 -57.34 -2.03
CA SER M 89 -26.10 -56.55 -2.86
C SER M 89 -25.25 -55.65 -3.75
N PHE M 90 -25.13 -56.00 -5.02
CA PHE M 90 -24.19 -55.32 -5.90
C PHE M 90 -24.82 -55.11 -7.27
N TYR M 91 -24.38 -54.04 -7.93
CA TYR M 91 -24.88 -53.65 -9.23
C TYR M 91 -23.89 -52.68 -9.85
N ASN M 92 -23.86 -52.67 -11.18
CA ASN M 92 -23.06 -51.68 -11.90
C ASN M 92 -23.94 -50.49 -12.22
N PRO M 93 -23.57 -49.27 -11.81
CA PRO M 93 -24.44 -48.11 -12.04
C PRO M 93 -24.49 -47.66 -13.49
N ASP M 94 -23.63 -48.18 -14.35
CA ASP M 94 -23.69 -47.91 -15.78
C ASP M 94 -24.65 -48.83 -16.53
N THR M 95 -25.13 -49.88 -15.89
CA THR M 95 -25.97 -50.88 -16.55
C THR M 95 -27.36 -50.96 -15.95
N GLN M 96 -27.47 -51.07 -14.63
CA GLN M 96 -28.75 -51.23 -13.96
C GLN M 96 -28.90 -50.17 -12.89
N ARG M 97 -30.14 -49.84 -12.55
CA ARG M 97 -30.46 -48.91 -11.47
C ARG M 97 -31.47 -49.56 -10.52
N LEU M 98 -31.89 -48.83 -9.49
CA LEU M 98 -32.66 -49.39 -8.40
C LEU M 98 -33.93 -48.59 -8.16
N VAL M 99 -34.94 -49.25 -7.59
CA VAL M 99 -36.25 -48.63 -7.36
C VAL M 99 -36.94 -49.37 -6.21
N TRP M 100 -37.81 -48.66 -5.50
CA TRP M 100 -38.50 -49.18 -4.33
C TRP M 100 -39.88 -49.72 -4.70
N ALA M 101 -40.30 -50.76 -3.98
CA ALA M 101 -41.61 -51.36 -4.16
C ALA M 101 -42.22 -51.65 -2.79
N CYS M 102 -43.48 -51.26 -2.60
CA CYS M 102 -44.16 -51.50 -1.34
C CYS M 102 -44.87 -52.84 -1.36
N VAL M 103 -44.82 -53.55 -0.23
CA VAL M 103 -45.51 -54.82 -0.09
C VAL M 103 -46.48 -54.85 1.06
N GLY M 104 -46.44 -53.87 1.96
CA GLY M 104 -47.34 -53.86 3.09
C GLY M 104 -47.58 -52.45 3.56
N VAL M 105 -48.82 -52.12 3.89
CA VAL M 105 -49.18 -50.76 4.29
C VAL M 105 -50.27 -50.82 5.35
N GLU M 106 -50.24 -49.85 6.26
CA GLU M 106 -51.16 -49.73 7.36
C GLU M 106 -51.56 -48.27 7.47
N VAL M 107 -52.81 -48.04 7.87
CA VAL M 107 -53.28 -46.71 8.26
C VAL M 107 -53.98 -46.84 9.60
N GLY M 108 -53.66 -45.93 10.51
CA GLY M 108 -54.08 -46.09 11.89
C GLY M 108 -54.54 -44.79 12.50
N ARG M 109 -55.40 -44.91 13.50
CA ARG M 109 -55.93 -43.76 14.22
C ARG M 109 -56.23 -44.16 15.65
N GLY M 110 -55.81 -43.32 16.60
CA GLY M 110 -56.21 -43.50 17.97
C GLY M 110 -57.08 -42.37 18.48
N GLN M 111 -58.37 -42.64 18.64
CA GLN M 111 -59.36 -41.64 19.00
C GLN M 111 -60.56 -42.36 19.59
N PRO M 112 -61.42 -41.64 20.29
CA PRO M 112 -62.77 -42.17 20.51
C PRO M 112 -63.61 -42.07 19.23
N LEU M 113 -64.88 -42.44 19.33
CA LEU M 113 -65.69 -42.77 18.16
C LEU M 113 -66.92 -41.87 18.10
N GLY M 114 -66.95 -40.93 17.15
CA GLY M 114 -67.86 -39.82 17.17
C GLY M 114 -68.89 -39.81 16.05
N VAL M 115 -69.52 -38.64 15.89
CA VAL M 115 -70.68 -38.49 15.02
C VAL M 115 -70.54 -37.37 13.98
N GLY M 116 -70.25 -36.14 14.42
CA GLY M 116 -70.04 -35.02 13.54
C GLY M 116 -71.25 -34.42 12.84
N ILE M 117 -72.21 -33.91 13.60
CA ILE M 117 -73.35 -33.24 12.97
C ILE M 117 -73.00 -31.80 12.64
N SER M 118 -73.86 -31.18 11.83
CA SER M 118 -73.70 -29.78 11.45
C SER M 118 -75.03 -29.21 10.98
N GLY M 119 -75.03 -27.90 10.76
CA GLY M 119 -76.19 -27.18 10.27
C GLY M 119 -76.03 -25.68 10.44
N HIS M 120 -76.41 -24.89 9.43
CA HIS M 120 -76.13 -23.48 9.52
C HIS M 120 -77.41 -22.66 9.70
N PRO M 121 -77.35 -21.51 10.40
CA PRO M 121 -78.59 -20.86 10.87
C PRO M 121 -79.49 -20.23 9.81
N LEU M 122 -79.16 -20.37 8.53
CA LEU M 122 -79.95 -19.79 7.46
C LEU M 122 -80.31 -20.84 6.42
N LEU M 123 -80.84 -21.98 6.84
CA LEU M 123 -81.15 -23.05 5.91
C LEU M 123 -82.53 -22.86 5.29
N ASN M 124 -82.58 -23.00 3.97
CA ASN M 124 -83.79 -22.72 3.18
C ASN M 124 -84.78 -23.88 3.34
N LYS M 125 -85.65 -23.76 4.34
CA LYS M 125 -86.72 -24.72 4.59
C LYS M 125 -88.02 -23.96 4.67
N LEU M 126 -89.08 -24.52 4.08
CA LEU M 126 -90.41 -23.90 4.14
C LEU M 126 -91.33 -24.66 5.09
N ASP M 127 -91.51 -25.96 4.87
CA ASP M 127 -92.36 -26.78 5.72
C ASP M 127 -91.90 -28.22 5.62
N ASP M 128 -92.64 -29.12 6.25
CA ASP M 128 -92.42 -30.55 6.14
C ASP M 128 -93.55 -31.17 5.36
N THR M 129 -93.26 -32.29 4.70
CA THR M 129 -94.22 -32.95 3.84
C THR M 129 -94.28 -34.43 4.21
N GLU M 130 -94.44 -34.67 5.51
CA GLU M 130 -94.64 -36.00 6.09
C GLU M 130 -95.99 -36.13 6.75
N ASN M 131 -96.44 -35.11 7.48
CA ASN M 131 -97.82 -34.96 7.90
C ASN M 131 -98.22 -33.49 7.79
N ALA M 132 -99.53 -33.26 7.63
CA ALA M 132 -100.08 -31.91 7.70
C ALA M 132 -101.57 -32.00 7.95
N SER M 133 -102.19 -30.83 8.14
CA SER M 133 -103.64 -30.67 8.28
C SER M 133 -104.20 -29.63 7.32
N ALA M 134 -103.46 -28.56 7.05
CA ALA M 134 -103.85 -27.54 6.07
C ALA M 134 -102.58 -26.81 5.68
N TYR M 135 -102.30 -26.74 4.38
CA TYR M 135 -101.07 -26.12 3.91
C TYR M 135 -101.30 -24.62 3.70
N ALA M 136 -100.37 -23.82 4.19
CA ALA M 136 -100.46 -22.37 4.13
C ALA M 136 -99.44 -21.84 3.14
N ALA M 137 -99.92 -21.06 2.17
CA ALA M 137 -99.04 -20.41 1.19
C ALA M 137 -98.49 -19.16 1.84
N ASN M 138 -97.20 -19.19 2.18
CA ASN M 138 -96.70 -18.24 3.17
C ASN M 138 -95.74 -17.24 2.57
N ALA M 139 -94.64 -17.72 1.98
CA ALA M 139 -93.74 -16.92 1.16
C ALA M 139 -93.11 -15.74 1.89
N GLY M 140 -92.66 -15.97 3.13
CA GLY M 140 -91.96 -14.94 3.87
C GLY M 140 -90.62 -14.62 3.24
N VAL M 141 -90.20 -13.35 3.39
CA VAL M 141 -89.23 -12.70 2.51
C VAL M 141 -87.91 -13.45 2.49
N ASP M 142 -87.31 -13.65 3.66
CA ASP M 142 -86.38 -14.75 3.79
C ASP M 142 -86.83 -15.52 5.02
N ASN M 143 -87.83 -16.38 4.88
CA ASN M 143 -88.40 -17.05 6.04
C ASN M 143 -87.61 -18.29 6.46
N ARG M 144 -86.39 -18.45 5.95
CA ARG M 144 -85.58 -19.63 6.19
C ARG M 144 -85.16 -19.74 7.65
N GLU M 145 -85.00 -20.99 8.12
CA GLU M 145 -84.81 -21.26 9.54
C GLU M 145 -83.72 -22.29 9.76
N CYS M 146 -83.05 -22.18 10.91
CA CYS M 146 -82.02 -23.12 11.31
C CYS M 146 -82.57 -24.52 11.52
N ILE M 147 -82.02 -25.46 10.74
CA ILE M 147 -82.29 -26.89 10.88
C ILE M 147 -80.95 -27.59 10.79
N SER M 148 -80.69 -28.52 11.70
CA SER M 148 -79.45 -29.28 11.68
C SER M 148 -79.73 -30.73 11.33
N MET M 149 -78.65 -31.45 11.00
CA MET M 149 -78.79 -32.75 10.36
C MET M 149 -77.55 -33.57 10.62
N ASP M 150 -77.62 -34.83 10.22
CA ASP M 150 -76.51 -35.77 10.28
C ASP M 150 -75.96 -35.97 8.87
N TYR M 151 -74.91 -36.78 8.79
CA TYR M 151 -74.23 -37.06 7.54
C TYR M 151 -74.17 -38.56 7.32
N LYS M 152 -73.39 -38.98 6.34
CA LYS M 152 -73.29 -40.38 5.96
C LYS M 152 -71.85 -40.84 6.13
N GLN M 153 -71.68 -42.01 6.72
CA GLN M 153 -70.33 -42.50 6.99
C GLN M 153 -69.74 -43.13 5.74
N THR M 154 -68.46 -42.84 5.47
CA THR M 154 -67.71 -43.41 4.35
C THR M 154 -66.28 -43.70 4.79
N GLN M 155 -65.70 -44.74 4.21
CA GLN M 155 -64.28 -45.04 4.36
C GLN M 155 -63.70 -45.43 3.01
N LEU M 156 -62.42 -45.09 2.81
CA LEU M 156 -61.67 -45.59 1.65
C LEU M 156 -60.17 -45.49 1.93
N CYS M 157 -59.41 -46.25 1.16
CA CYS M 157 -57.96 -46.17 1.12
C CYS M 157 -57.51 -46.40 -0.31
N LEU M 158 -56.73 -45.48 -0.86
CA LEU M 158 -56.19 -45.62 -2.21
C LEU M 158 -54.69 -45.41 -2.17
N ILE M 159 -53.95 -46.31 -2.79
CA ILE M 159 -52.49 -46.24 -2.85
C ILE M 159 -52.07 -46.22 -4.32
N GLY M 160 -51.42 -45.13 -4.74
CA GLY M 160 -50.97 -45.02 -6.11
C GLY M 160 -49.67 -44.26 -6.20
N CYS M 161 -49.03 -44.37 -7.37
CA CYS M 161 -47.77 -43.65 -7.59
C CYS M 161 -48.03 -42.17 -7.85
N LYS M 162 -49.19 -41.83 -8.40
CA LYS M 162 -49.61 -40.47 -8.68
C LYS M 162 -50.92 -40.20 -7.95
N PRO M 163 -51.32 -38.94 -7.79
CA PRO M 163 -52.48 -38.64 -6.94
C PRO M 163 -53.77 -39.17 -7.52
N PRO M 164 -54.79 -39.40 -6.69
CA PRO M 164 -56.06 -39.92 -7.19
C PRO M 164 -56.92 -38.84 -7.83
N ILE M 165 -57.98 -39.30 -8.50
CA ILE M 165 -58.79 -38.46 -9.36
C ILE M 165 -60.25 -38.58 -8.94
N GLY M 166 -60.88 -37.44 -8.65
CA GLY M 166 -62.30 -37.39 -8.32
C GLY M 166 -63.10 -36.67 -9.39
N GLU M 167 -64.37 -36.41 -9.08
CA GLU M 167 -65.28 -35.78 -10.02
C GLU M 167 -66.34 -34.98 -9.30
N HIS M 168 -67.03 -34.12 -10.06
CA HIS M 168 -68.20 -33.40 -9.59
C HIS M 168 -69.03 -32.98 -10.80
N TRP M 169 -70.22 -32.46 -10.53
CA TRP M 169 -71.12 -31.98 -11.57
C TRP M 169 -71.26 -30.47 -11.45
N GLY M 170 -70.83 -29.74 -12.47
CA GLY M 170 -70.75 -28.30 -12.37
C GLY M 170 -71.55 -27.55 -13.42
N LYS M 171 -70.90 -26.58 -14.07
CA LYS M 171 -71.57 -25.72 -15.03
C LYS M 171 -70.59 -25.37 -16.14
N GLY M 172 -71.08 -25.38 -17.38
CA GLY M 172 -70.30 -24.95 -18.52
C GLY M 172 -71.10 -24.01 -19.42
N SER M 173 -70.47 -23.61 -20.50
CA SER M 173 -71.10 -22.68 -21.43
C SER M 173 -72.07 -23.43 -22.34
N PRO M 174 -73.30 -22.97 -22.47
CA PRO M 174 -74.25 -23.62 -23.38
C PRO M 174 -73.99 -23.20 -24.82
N CYS M 175 -74.78 -23.77 -25.73
CA CYS M 175 -74.75 -23.31 -27.10
C CYS M 175 -75.48 -21.99 -27.23
N THR M 176 -74.97 -21.11 -28.08
CA THR M 176 -75.66 -19.86 -28.36
C THR M 176 -76.77 -20.16 -29.36
N ASN M 177 -77.89 -20.62 -28.83
CA ASN M 177 -79.13 -20.79 -29.56
C ASN M 177 -80.22 -19.89 -28.99
N VAL M 178 -80.47 -19.96 -27.69
CA VAL M 178 -81.55 -19.22 -27.06
C VAL M 178 -81.05 -18.62 -25.75
N ALA M 179 -81.37 -17.35 -25.53
CA ALA M 179 -81.04 -16.65 -24.28
C ALA M 179 -82.24 -15.74 -23.99
N VAL M 180 -83.07 -16.16 -23.05
CA VAL M 180 -84.33 -15.48 -22.78
C VAL M 180 -84.36 -14.82 -21.40
N ASN M 181 -83.53 -15.25 -20.45
CA ASN M 181 -83.70 -14.86 -19.07
C ASN M 181 -82.42 -15.14 -18.32
N PRO M 182 -82.03 -14.29 -17.37
CA PRO M 182 -81.02 -14.70 -16.38
C PRO M 182 -81.50 -15.78 -15.43
N GLY M 183 -82.81 -16.00 -15.32
CA GLY M 183 -83.31 -17.08 -14.48
C GLY M 183 -83.48 -18.39 -15.23
N ASP M 184 -82.45 -18.80 -15.95
CA ASP M 184 -82.49 -20.01 -16.75
C ASP M 184 -81.73 -21.14 -16.06
N CYS M 185 -81.53 -22.25 -16.77
CA CYS M 185 -80.93 -23.45 -16.22
C CYS M 185 -79.60 -23.76 -16.91
N PRO M 186 -78.57 -24.15 -16.15
CA PRO M 186 -77.26 -24.45 -16.73
C PRO M 186 -77.27 -25.76 -17.51
N PRO M 187 -76.18 -26.08 -18.25
CA PRO M 187 -76.14 -27.37 -18.96
C PRO M 187 -75.78 -28.58 -18.09
N LEU M 188 -74.98 -28.37 -17.03
CA LEU M 188 -74.57 -29.40 -16.07
C LEU M 188 -73.80 -30.55 -16.74
N GLU M 189 -72.62 -30.23 -17.26
CA GLU M 189 -71.75 -31.25 -17.79
C GLU M 189 -70.84 -31.80 -16.69
N LEU M 190 -70.25 -32.96 -16.96
CA LEU M 190 -69.45 -33.68 -15.98
C LEU M 190 -67.97 -33.50 -16.26
N ILE M 191 -67.22 -33.10 -15.24
CA ILE M 191 -65.78 -32.93 -15.33
C ILE M 191 -65.12 -33.66 -14.17
N ASN M 192 -63.84 -33.98 -14.34
CA ASN M 192 -63.08 -34.71 -13.33
C ASN M 192 -61.73 -34.04 -13.13
N THR M 193 -61.36 -33.80 -11.88
CA THR M 193 -60.14 -33.08 -11.53
C THR M 193 -59.25 -33.95 -10.64
N VAL M 194 -58.11 -33.38 -10.28
CA VAL M 194 -57.18 -34.00 -9.35
C VAL M 194 -57.55 -33.55 -7.93
N ILE M 195 -57.32 -34.43 -6.96
CA ILE M 195 -57.85 -34.28 -5.61
C ILE M 195 -56.82 -33.59 -4.73
N GLN M 196 -57.24 -32.54 -4.02
CA GLN M 196 -56.39 -31.80 -3.12
C GLN M 196 -56.50 -32.34 -1.69
N ASP M 197 -55.95 -31.61 -0.73
CA ASP M 197 -56.08 -31.91 0.69
C ASP M 197 -56.99 -30.84 1.30
N GLY M 198 -58.26 -31.15 1.41
CA GLY M 198 -59.18 -30.20 1.99
C GLY M 198 -60.53 -30.21 1.30
N ASP M 199 -60.58 -30.82 0.12
CA ASP M 199 -61.86 -31.07 -0.52
C ASP M 199 -62.64 -32.10 0.29
N MET M 200 -63.95 -31.91 0.33
CA MET M 200 -64.80 -32.74 1.18
C MET M 200 -65.58 -33.74 0.33
N VAL M 201 -66.13 -34.73 1.01
CA VAL M 201 -67.02 -35.70 0.39
C VAL M 201 -68.34 -35.70 1.15
N ASP M 202 -69.43 -35.80 0.42
CA ASP M 202 -70.69 -36.25 0.97
C ASP M 202 -71.32 -37.15 -0.06
N THR M 203 -71.64 -38.37 0.35
CA THR M 203 -72.49 -39.25 -0.42
C THR M 203 -73.97 -39.03 -0.12
N GLY M 204 -74.31 -37.87 0.42
CA GLY M 204 -75.65 -37.44 0.75
C GLY M 204 -76.19 -36.58 -0.37
N PHE M 205 -76.04 -35.25 -0.26
CA PHE M 205 -76.51 -34.35 -1.30
C PHE M 205 -75.75 -34.55 -2.61
N GLY M 206 -74.47 -34.91 -2.54
CA GLY M 206 -73.77 -35.32 -3.75
C GLY M 206 -72.84 -34.27 -4.31
N ALA M 207 -72.27 -34.61 -5.46
CA ALA M 207 -71.14 -33.88 -6.01
C ALA M 207 -71.56 -32.74 -6.94
N MET M 208 -71.99 -31.63 -6.35
CA MET M 208 -72.14 -30.37 -7.06
C MET M 208 -71.43 -29.31 -6.25
N ASP M 209 -70.63 -28.47 -6.90
CA ASP M 209 -70.03 -27.36 -6.17
C ASP M 209 -71.13 -26.33 -5.90
N PHE M 210 -71.33 -25.99 -4.65
CA PHE M 210 -72.46 -25.18 -4.26
C PHE M 210 -72.22 -23.70 -4.45
N THR M 211 -71.04 -23.32 -4.94
CA THR M 211 -70.67 -21.93 -5.15
C THR M 211 -70.92 -21.47 -6.58
N THR M 212 -70.28 -22.10 -7.57
CA THR M 212 -70.48 -21.72 -8.96
C THR M 212 -71.74 -22.34 -9.55
N LEU M 213 -72.61 -22.89 -8.74
CA LEU M 213 -73.89 -23.42 -9.20
C LEU M 213 -75.07 -22.86 -8.46
N GLN M 214 -74.95 -22.62 -7.15
CA GLN M 214 -76.04 -22.13 -6.32
C GLN M 214 -75.68 -20.76 -5.79
N ALA M 215 -76.49 -19.75 -6.13
CA ALA M 215 -76.19 -18.38 -5.74
C ALA M 215 -76.77 -17.98 -4.40
N ASN M 216 -77.81 -18.66 -3.94
CA ASN M 216 -78.37 -18.34 -2.63
C ASN M 216 -77.48 -18.82 -1.49
N LYS M 217 -76.59 -19.78 -1.77
CA LYS M 217 -75.69 -20.51 -0.86
C LYS M 217 -76.32 -20.82 0.49
N SER M 218 -77.54 -21.35 0.46
CA SER M 218 -78.28 -21.69 1.67
C SER M 218 -79.02 -23.01 1.48
N GLU M 219 -78.38 -23.96 0.81
CA GLU M 219 -79.00 -25.23 0.45
C GLU M 219 -78.65 -26.37 1.39
N VAL M 220 -77.38 -26.45 1.77
CA VAL M 220 -76.85 -27.51 2.61
C VAL M 220 -76.19 -26.80 3.79
N PRO M 221 -75.72 -27.49 4.84
CA PRO M 221 -74.98 -26.79 5.90
C PRO M 221 -73.67 -26.16 5.41
N LEU M 222 -73.12 -25.33 6.29
CA LEU M 222 -72.06 -24.40 5.93
C LEU M 222 -70.69 -25.03 5.84
N ASP M 223 -70.51 -26.27 6.28
CA ASP M 223 -69.20 -26.89 6.13
C ASP M 223 -68.91 -27.21 4.67
N ILE M 224 -69.94 -27.49 3.88
CA ILE M 224 -69.76 -27.50 2.44
C ILE M 224 -70.63 -26.42 1.81
N CYS M 225 -70.14 -25.19 1.83
CA CYS M 225 -70.87 -24.10 1.21
C CYS M 225 -69.99 -23.15 0.42
N THR M 226 -68.71 -23.05 0.76
CA THR M 226 -67.74 -22.25 0.03
C THR M 226 -66.78 -23.09 -0.76
N SER M 227 -66.98 -24.41 -0.81
CA SER M 227 -66.02 -25.30 -1.43
C SER M 227 -66.76 -26.30 -2.32
N ILE M 228 -66.02 -27.28 -2.81
CA ILE M 228 -66.52 -28.31 -3.73
C ILE M 228 -66.57 -29.63 -2.97
N CYS M 229 -67.67 -30.36 -3.13
CA CYS M 229 -67.82 -31.69 -2.54
C CYS M 229 -67.55 -32.71 -3.64
N LYS M 230 -66.35 -33.30 -3.62
CA LYS M 230 -65.93 -34.19 -4.69
C LYS M 230 -66.34 -35.63 -4.37
N TYR M 231 -66.00 -36.55 -5.27
CA TYR M 231 -66.25 -37.98 -5.15
C TYR M 231 -65.35 -38.74 -6.11
N PRO M 232 -64.66 -39.79 -5.67
CA PRO M 232 -63.74 -40.51 -6.55
C PRO M 232 -64.48 -41.34 -7.59
N ASP M 233 -63.72 -41.72 -8.62
CA ASP M 233 -64.29 -42.22 -9.87
C ASP M 233 -64.48 -43.73 -9.90
N TYR M 234 -63.39 -44.48 -9.68
CA TYR M 234 -63.26 -45.93 -9.74
C TYR M 234 -63.40 -46.50 -11.15
N ILE M 235 -63.68 -45.65 -12.14
CA ILE M 235 -63.68 -46.06 -13.54
C ILE M 235 -62.53 -45.45 -14.29
N LYS M 236 -62.26 -44.16 -14.06
CA LYS M 236 -61.14 -43.47 -14.69
C LYS M 236 -59.81 -44.05 -14.24
N MET M 237 -59.75 -44.52 -13.00
CA MET M 237 -58.50 -44.95 -12.41
C MET M 237 -58.24 -46.44 -12.62
N VAL M 238 -59.15 -47.14 -13.30
CA VAL M 238 -58.90 -48.51 -13.69
C VAL M 238 -58.85 -48.67 -15.21
N SER M 239 -59.38 -47.73 -15.97
CA SER M 239 -59.42 -47.84 -17.42
C SER M 239 -58.18 -47.33 -18.11
N GLU M 240 -57.33 -46.59 -17.39
CA GLU M 240 -56.07 -46.14 -17.96
C GLU M 240 -55.15 -47.35 -18.17
N PRO M 241 -54.35 -47.36 -19.24
CA PRO M 241 -53.71 -48.59 -19.69
C PRO M 241 -52.50 -49.04 -18.87
N TYR M 242 -52.18 -48.37 -17.77
CA TYR M 242 -50.96 -48.69 -17.04
C TYR M 242 -51.18 -49.39 -15.72
N GLY M 243 -52.31 -49.18 -15.06
CA GLY M 243 -52.48 -49.67 -13.72
C GLY M 243 -51.90 -48.75 -12.67
N ASP M 244 -51.75 -47.48 -12.99
CA ASP M 244 -51.23 -46.49 -12.05
C ASP M 244 -52.38 -45.92 -11.21
N SER M 245 -51.99 -45.12 -10.22
CA SER M 245 -52.79 -44.20 -9.41
C SER M 245 -53.71 -44.87 -8.40
N LEU M 246 -53.95 -46.18 -8.53
CA LEU M 246 -54.53 -46.97 -7.45
C LEU M 246 -54.18 -48.42 -7.73
N PHE M 247 -53.78 -49.15 -6.70
CA PHE M 247 -53.66 -50.58 -6.88
C PHE M 247 -54.15 -51.39 -5.68
N PHE M 248 -54.72 -50.75 -4.65
CA PHE M 248 -55.42 -51.50 -3.60
C PHE M 248 -56.46 -50.57 -2.97
N TYR M 249 -57.73 -50.77 -3.33
CA TYR M 249 -58.80 -49.93 -2.85
C TYR M 249 -59.76 -50.75 -2.00
N LEU M 250 -60.28 -50.13 -0.94
CA LEU M 250 -61.20 -50.78 0.00
C LEU M 250 -62.32 -49.79 0.31
N ARG M 251 -63.47 -49.98 -0.32
CA ARG M 251 -64.58 -49.06 -0.17
C ARG M 251 -65.53 -49.54 0.92
N ARG M 252 -66.16 -48.58 1.60
CA ARG M 252 -67.09 -48.87 2.69
C ARG M 252 -67.92 -47.64 3.04
N GLU M 253 -69.24 -47.80 3.15
CA GLU M 253 -70.12 -46.71 3.54
C GLU M 253 -71.48 -47.26 3.97
N GLN M 254 -72.27 -46.40 4.62
CA GLN M 254 -73.63 -46.71 5.04
C GLN M 254 -74.48 -45.46 4.91
N MET M 255 -75.80 -45.64 4.89
CA MET M 255 -76.72 -44.55 4.60
C MET M 255 -78.11 -44.91 5.08
N PHE M 256 -78.99 -43.89 5.11
CA PHE M 256 -80.31 -43.91 5.73
C PHE M 256 -80.97 -42.57 5.42
N VAL M 257 -82.30 -42.56 5.40
CA VAL M 257 -83.08 -41.35 5.15
C VAL M 257 -83.96 -41.06 6.37
N ARG M 258 -84.03 -39.79 6.77
CA ARG M 258 -84.62 -39.43 8.05
C ARG M 258 -85.86 -38.56 7.92
N HIS M 259 -85.79 -37.44 7.19
CA HIS M 259 -86.89 -36.49 7.17
C HIS M 259 -87.02 -35.87 5.78
N LEU M 260 -88.16 -35.22 5.55
CA LEU M 260 -88.60 -34.82 4.22
C LEU M 260 -89.13 -33.40 4.28
N PHE M 261 -88.56 -32.50 3.47
CA PHE M 261 -88.77 -31.07 3.63
C PHE M 261 -89.03 -30.42 2.28
N ASN M 262 -88.99 -29.09 2.25
CA ASN M 262 -89.30 -28.29 1.07
C ASN M 262 -88.36 -27.10 0.96
N ARG M 263 -88.09 -26.70 -0.28
CA ARG M 263 -87.29 -25.52 -0.56
C ARG M 263 -88.17 -24.27 -0.50
N ALA M 264 -87.66 -23.16 -1.03
CA ALA M 264 -88.41 -21.90 -1.00
C ALA M 264 -89.65 -21.98 -1.88
N GLY M 265 -89.49 -22.44 -3.12
CA GLY M 265 -90.61 -22.72 -3.98
C GLY M 265 -90.79 -21.84 -5.21
N ALA M 266 -89.76 -21.09 -5.62
CA ALA M 266 -89.87 -20.23 -6.80
C ALA M 266 -89.64 -21.10 -8.03
N VAL M 267 -90.68 -21.85 -8.40
CA VAL M 267 -90.54 -22.88 -9.41
C VAL M 267 -90.45 -22.25 -10.80
N GLY M 268 -89.50 -22.72 -11.60
CA GLY M 268 -89.39 -22.31 -12.98
C GLY M 268 -89.85 -23.41 -13.90
N GLU M 269 -89.39 -24.64 -13.65
CA GLU M 269 -89.91 -25.78 -14.38
C GLU M 269 -91.29 -26.09 -13.85
N ASN M 270 -92.31 -25.52 -14.48
CA ASN M 270 -93.66 -25.63 -13.95
C ASN M 270 -94.21 -27.04 -14.13
N VAL M 271 -95.23 -27.35 -13.34
CA VAL M 271 -95.93 -28.62 -13.43
C VAL M 271 -96.74 -28.60 -14.72
N PRO M 272 -96.93 -29.73 -15.39
CA PRO M 272 -97.90 -29.78 -16.49
C PRO M 272 -99.32 -29.62 -15.97
N ASP M 273 -100.22 -29.31 -16.91
CA ASP M 273 -101.62 -29.18 -16.54
C ASP M 273 -102.27 -30.54 -16.38
N ASP M 274 -102.03 -31.47 -17.30
CA ASP M 274 -102.72 -32.75 -17.32
C ASP M 274 -102.05 -33.78 -16.40
N LEU M 275 -101.85 -33.40 -15.15
CA LEU M 275 -101.35 -34.32 -14.14
C LEU M 275 -102.24 -34.37 -12.92
N TYR M 276 -102.86 -33.25 -12.54
CA TYR M 276 -103.74 -33.20 -11.40
C TYR M 276 -105.14 -32.78 -11.86
N ILE M 277 -106.04 -32.64 -10.88
CA ILE M 277 -107.37 -32.12 -11.12
C ILE M 277 -107.54 -30.84 -10.32
N LYS M 278 -108.08 -29.82 -10.97
CA LYS M 278 -108.29 -28.52 -10.33
C LYS M 278 -109.48 -28.60 -9.39
N GLY M 279 -109.31 -28.04 -8.20
CA GLY M 279 -110.42 -27.96 -7.25
C GLY M 279 -111.02 -26.57 -7.23
N SER M 280 -111.24 -26.03 -6.04
CA SER M 280 -111.73 -24.65 -5.90
C SER M 280 -111.34 -24.14 -4.53
N GLY M 281 -111.54 -22.83 -4.35
CA GLY M 281 -111.19 -22.18 -3.11
C GLY M 281 -109.70 -22.13 -2.87
N SER M 282 -109.27 -22.68 -1.73
CA SER M 282 -107.86 -22.73 -1.36
C SER M 282 -107.10 -23.82 -2.09
N THR M 283 -107.77 -24.60 -2.94
CA THR M 283 -107.20 -25.76 -3.60
C THR M 283 -106.90 -25.48 -5.06
N ALA M 284 -106.48 -24.27 -5.38
CA ALA M 284 -106.17 -23.85 -6.74
C ALA M 284 -104.77 -23.26 -6.80
N ASN M 285 -103.82 -23.93 -6.16
CA ASN M 285 -102.46 -23.43 -6.08
C ASN M 285 -101.52 -24.63 -6.10
N LEU M 286 -100.28 -24.40 -5.71
CA LEU M 286 -99.27 -25.45 -5.65
C LEU M 286 -98.56 -25.34 -4.31
N ALA M 287 -98.34 -26.49 -3.67
CA ALA M 287 -97.67 -26.48 -2.37
C ALA M 287 -96.16 -26.38 -2.52
N SER M 288 -95.54 -27.39 -3.13
CA SER M 288 -94.15 -27.37 -3.55
C SER M 288 -93.95 -28.55 -4.49
N SER M 289 -92.87 -28.50 -5.22
CA SER M 289 -92.46 -29.64 -6.02
C SER M 289 -91.04 -30.09 -5.73
N ASN M 290 -90.29 -29.34 -4.91
CA ASN M 290 -88.89 -29.62 -4.69
C ASN M 290 -88.71 -30.07 -3.24
N TYR M 291 -88.05 -31.20 -3.07
CA TYR M 291 -87.98 -31.89 -1.79
C TYR M 291 -86.54 -32.27 -1.53
N PHE M 292 -85.95 -31.69 -0.49
CA PHE M 292 -84.65 -32.17 -0.08
C PHE M 292 -84.79 -33.03 1.16
N PRO M 293 -84.25 -34.24 1.14
CA PRO M 293 -84.25 -35.09 2.33
C PRO M 293 -82.95 -34.98 3.09
N THR M 294 -83.00 -35.40 4.34
CA THR M 294 -81.77 -35.29 5.09
C THR M 294 -81.11 -36.66 5.24
N PRO M 295 -79.78 -36.70 5.26
CA PRO M 295 -79.08 -37.96 5.51
C PRO M 295 -78.80 -38.18 6.98
N SER M 296 -78.51 -39.44 7.30
CA SER M 296 -78.17 -39.81 8.68
C SER M 296 -77.37 -41.10 8.67
N GLY M 297 -76.11 -41.05 9.10
CA GLY M 297 -75.35 -42.26 9.32
C GLY M 297 -75.80 -42.90 10.62
N SER M 298 -76.00 -44.21 10.59
CA SER M 298 -76.60 -44.91 11.73
C SER M 298 -75.75 -46.09 12.14
N MET M 299 -75.61 -46.28 13.46
CA MET M 299 -75.11 -47.50 14.08
C MET M 299 -73.70 -47.85 13.62
N VAL M 300 -72.72 -47.07 14.09
CA VAL M 300 -71.44 -46.84 13.46
C VAL M 300 -70.43 -47.83 14.07
N THR M 301 -70.98 -48.94 14.61
CA THR M 301 -70.35 -49.99 15.43
C THR M 301 -68.93 -50.38 15.02
N SER M 302 -68.05 -50.43 16.01
CA SER M 302 -66.62 -50.62 15.77
C SER M 302 -66.24 -52.10 15.78
N ASP M 303 -66.83 -52.81 14.82
CA ASP M 303 -66.31 -54.11 14.41
C ASP M 303 -66.07 -54.19 12.91
N ALA M 304 -66.67 -53.30 12.13
CA ALA M 304 -66.51 -53.26 10.69
C ALA M 304 -65.60 -52.13 10.24
N GLN M 305 -64.83 -51.56 11.16
CA GLN M 305 -63.97 -50.44 10.82
C GLN M 305 -62.74 -50.93 10.06
N ILE M 306 -62.50 -50.39 8.87
CA ILE M 306 -61.40 -50.87 8.02
C ILE M 306 -60.18 -50.01 8.35
N PHE M 307 -59.59 -50.32 9.50
CA PHE M 307 -58.44 -49.58 9.98
C PHE M 307 -57.67 -50.50 10.91
N ASN M 308 -56.46 -50.05 11.29
CA ASN M 308 -55.40 -50.72 12.06
C ASN M 308 -55.33 -52.21 11.82
N LYS M 309 -55.35 -52.60 10.54
CA LYS M 309 -55.27 -54.00 10.13
C LYS M 309 -54.23 -54.07 9.03
N PRO M 310 -53.11 -54.72 9.25
CA PRO M 310 -51.99 -54.66 8.30
C PRO M 310 -52.14 -55.57 7.09
N TYR M 311 -52.86 -55.11 6.07
CA TYR M 311 -53.02 -55.89 4.85
C TYR M 311 -51.77 -55.75 3.98
N TRP M 312 -51.51 -56.78 3.17
CA TRP M 312 -50.34 -56.81 2.28
C TRP M 312 -50.80 -56.88 0.83
N LEU M 313 -49.82 -57.02 -0.07
CA LEU M 313 -50.06 -57.03 -1.50
C LEU M 313 -49.35 -58.21 -2.14
N GLN M 314 -50.07 -58.98 -2.95
CA GLN M 314 -49.48 -59.92 -3.87
C GLN M 314 -49.89 -59.68 -5.31
N ARG M 315 -50.89 -58.84 -5.54
CA ARG M 315 -51.43 -58.65 -6.88
C ARG M 315 -52.16 -57.33 -6.94
N ALA M 316 -51.79 -56.49 -7.90
CA ALA M 316 -52.52 -55.27 -8.16
C ALA M 316 -53.69 -55.55 -9.10
N GLN M 317 -54.68 -54.66 -9.06
CA GLN M 317 -55.76 -54.75 -10.04
C GLN M 317 -55.32 -54.29 -11.41
N GLY M 318 -54.27 -53.47 -11.48
CA GLY M 318 -53.75 -52.97 -12.73
C GLY M 318 -52.52 -53.75 -13.19
N HIS M 319 -51.80 -53.14 -14.12
CA HIS M 319 -50.68 -53.85 -14.72
C HIS M 319 -49.42 -53.73 -13.87
N ASN M 320 -49.16 -52.56 -13.30
CA ASN M 320 -47.99 -52.42 -12.46
C ASN M 320 -48.35 -52.76 -11.02
N ASN M 321 -47.41 -53.41 -10.34
CA ASN M 321 -47.52 -53.69 -8.91
C ASN M 321 -47.13 -52.44 -8.13
N GLY M 322 -46.79 -52.60 -6.86
CA GLY M 322 -46.43 -51.44 -6.05
C GLY M 322 -45.06 -50.84 -6.31
N ILE M 323 -44.54 -50.99 -7.54
CA ILE M 323 -43.36 -50.26 -7.98
C ILE M 323 -43.63 -48.77 -7.92
N CYS M 324 -42.79 -48.05 -7.21
CA CYS M 324 -42.97 -46.63 -6.96
C CYS M 324 -41.94 -45.86 -7.78
N TRP M 325 -42.34 -45.46 -8.99
CA TRP M 325 -41.48 -44.64 -9.82
C TRP M 325 -41.32 -43.25 -9.22
N GLY M 326 -40.15 -42.66 -9.45
CA GLY M 326 -39.88 -41.33 -8.94
C GLY M 326 -39.64 -41.22 -7.46
N ASN M 327 -39.52 -42.38 -6.76
CA ASN M 327 -39.33 -42.46 -5.31
C ASN M 327 -40.42 -41.72 -4.56
N GLN M 328 -41.67 -42.05 -4.88
CA GLN M 328 -42.80 -41.30 -4.37
C GLN M 328 -43.95 -42.26 -4.14
N LEU M 329 -44.92 -41.83 -3.34
CA LEU M 329 -46.07 -42.64 -2.97
C LEU M 329 -47.16 -41.74 -2.43
N PHE M 330 -48.41 -42.09 -2.72
CA PHE M 330 -49.57 -41.33 -2.27
C PHE M 330 -50.52 -42.22 -1.48
N VAL M 331 -51.03 -41.69 -0.37
CA VAL M 331 -51.99 -42.36 0.49
C VAL M 331 -53.13 -41.38 0.75
N THR M 332 -54.36 -41.80 0.49
CA THR M 332 -55.52 -41.05 0.94
C THR M 332 -56.43 -41.93 1.77
N VAL M 333 -56.89 -41.42 2.91
CA VAL M 333 -57.88 -42.09 3.74
C VAL M 333 -59.00 -41.10 4.02
N VAL M 334 -60.22 -41.59 4.02
CA VAL M 334 -61.39 -40.78 4.35
C VAL M 334 -62.09 -41.45 5.52
N ASP M 335 -62.32 -40.69 6.57
CA ASP M 335 -63.02 -41.22 7.71
C ASP M 335 -63.95 -40.15 8.26
N THR M 336 -65.13 -40.58 8.66
CA THR M 336 -66.01 -39.71 9.43
C THR M 336 -66.65 -40.48 10.57
N THR M 337 -65.98 -41.51 11.07
CA THR M 337 -66.44 -42.21 12.27
C THR M 337 -65.83 -41.67 13.56
N ARG M 338 -64.66 -41.04 13.48
CA ARG M 338 -64.08 -40.38 14.64
C ARG M 338 -64.54 -38.95 14.79
N SER M 339 -65.71 -38.60 14.25
CA SER M 339 -66.15 -37.22 14.19
C SER M 339 -66.79 -36.82 15.52
N THR M 340 -65.95 -36.68 16.53
CA THR M 340 -66.40 -36.03 17.74
C THR M 340 -66.39 -34.52 17.54
N ASN M 341 -67.11 -33.83 18.41
CA ASN M 341 -67.02 -32.38 18.50
C ASN M 341 -66.80 -32.00 19.94
N MET M 342 -65.92 -31.03 20.17
CA MET M 342 -65.47 -30.65 21.50
C MET M 342 -66.13 -29.33 21.87
N SER M 343 -67.18 -29.40 22.67
CA SER M 343 -67.82 -28.20 23.19
C SER M 343 -66.91 -27.61 24.25
N LEU M 344 -66.20 -26.55 23.88
CA LEU M 344 -65.29 -25.84 24.77
C LEU M 344 -65.95 -24.53 25.17
N CYS M 345 -65.66 -24.06 26.39
CA CYS M 345 -66.11 -22.76 26.84
C CYS M 345 -65.18 -22.24 27.92
N ALA M 346 -65.11 -20.92 28.04
CA ALA M 346 -64.26 -20.27 29.03
C ALA M 346 -64.95 -19.01 29.51
N ALA M 347 -64.64 -18.61 30.74
CA ALA M 347 -65.36 -17.56 31.43
C ALA M 347 -64.55 -16.26 31.49
N ILE M 348 -65.23 -15.13 31.25
CA ILE M 348 -64.58 -13.83 31.31
C ILE M 348 -64.33 -13.38 32.75
N SER M 349 -65.08 -13.90 33.72
CA SER M 349 -64.95 -13.49 35.10
C SER M 349 -65.48 -14.59 36.01
N THR M 350 -64.73 -14.94 37.04
CA THR M 350 -65.09 -16.07 37.88
C THR M 350 -65.60 -15.67 39.26
N SER M 351 -65.49 -14.39 39.63
CA SER M 351 -65.83 -13.97 41.00
C SER M 351 -67.31 -13.99 41.28
N GLU M 352 -68.15 -13.91 40.25
CA GLU M 352 -69.59 -13.83 40.45
C GLU M 352 -70.13 -15.20 40.87
N THR M 353 -70.74 -15.25 42.05
CA THR M 353 -71.26 -16.50 42.60
C THR M 353 -72.67 -16.82 42.11
N THR M 354 -73.09 -16.23 40.99
CA THR M 354 -74.26 -16.65 40.26
C THR M 354 -73.88 -16.76 38.79
N TYR M 355 -74.30 -17.83 38.14
CA TYR M 355 -74.02 -18.00 36.72
C TYR M 355 -74.95 -17.08 35.91
N LYS M 356 -74.60 -16.85 34.64
CA LYS M 356 -75.12 -15.69 33.91
C LYS M 356 -75.42 -16.07 32.46
N ASN M 357 -75.94 -15.08 31.71
CA ASN M 357 -75.95 -15.14 30.25
C ASN M 357 -74.54 -15.21 29.71
N THR M 358 -73.85 -14.08 29.86
CA THR M 358 -72.66 -13.76 29.10
C THR M 358 -71.60 -13.50 30.14
N ASN M 359 -71.06 -14.58 30.67
CA ASN M 359 -69.89 -14.53 31.51
C ASN M 359 -68.95 -15.58 30.96
N PHE M 360 -69.51 -16.66 30.43
CA PHE M 360 -68.76 -17.70 29.74
C PHE M 360 -69.12 -17.64 28.27
N LYS M 361 -68.10 -17.55 27.42
CA LYS M 361 -68.28 -17.62 25.98
C LYS M 361 -67.60 -18.88 25.47
N GLU M 362 -68.17 -19.48 24.45
CA GLU M 362 -67.82 -20.83 24.06
C GLU M 362 -67.19 -20.87 22.67
N TYR M 363 -66.53 -21.99 22.38
CA TYR M 363 -65.82 -22.23 21.13
C TYR M 363 -66.14 -23.65 20.66
N LEU M 364 -65.59 -24.02 19.51
CA LEU M 364 -65.68 -25.38 19.00
C LEU M 364 -64.35 -25.77 18.38
N ARG M 365 -63.90 -26.98 18.63
CA ARG M 365 -62.66 -27.50 18.06
C ARG M 365 -62.87 -28.91 17.55
N HIS M 366 -61.91 -29.38 16.74
CA HIS M 366 -61.91 -30.76 16.27
C HIS M 366 -60.47 -31.22 16.10
N GLY M 367 -60.23 -32.50 16.39
CA GLY M 367 -58.90 -33.04 16.31
C GLY M 367 -58.88 -34.39 15.61
N GLU M 368 -57.68 -34.81 15.23
CA GLU M 368 -57.48 -36.05 14.48
C GLU M 368 -56.03 -36.50 14.62
N GLU M 369 -55.83 -37.81 14.81
CA GLU M 369 -54.51 -38.39 15.00
C GLU M 369 -54.28 -39.53 14.02
N TYR M 370 -53.15 -39.48 13.30
CA TYR M 370 -52.80 -40.49 12.32
C TYR M 370 -51.47 -41.15 12.67
N ASP M 371 -51.23 -42.28 12.02
CA ASP M 371 -49.96 -42.98 12.09
C ASP M 371 -49.85 -43.93 10.90
N LEU M 372 -48.74 -43.85 10.17
CA LEU M 372 -48.53 -44.68 8.99
C LEU M 372 -47.30 -45.55 9.18
N GLN M 373 -47.37 -46.76 8.67
CA GLN M 373 -46.25 -47.69 8.68
C GLN M 373 -46.25 -48.46 7.36
N PHE M 374 -45.07 -48.65 6.79
CA PHE M 374 -44.92 -49.28 5.50
C PHE M 374 -43.90 -50.40 5.59
N ILE M 375 -43.92 -51.28 4.61
CA ILE M 375 -42.84 -52.25 4.38
C ILE M 375 -42.44 -52.15 2.92
N PHE M 376 -41.20 -51.76 2.67
CA PHE M 376 -40.72 -51.59 1.31
C PHE M 376 -39.77 -52.71 0.95
N GLN M 377 -39.70 -53.01 -0.35
CA GLN M 377 -38.87 -54.08 -0.89
C GLN M 377 -38.03 -53.53 -2.02
N LEU M 378 -36.78 -53.97 -2.07
CA LEU M 378 -35.84 -53.46 -3.07
C LEU M 378 -36.14 -54.08 -4.43
N CYS M 379 -35.93 -53.30 -5.49
CA CYS M 379 -36.14 -53.77 -6.85
C CYS M 379 -35.10 -53.14 -7.76
N LYS M 380 -34.29 -53.96 -8.41
CA LYS M 380 -33.34 -53.48 -9.40
C LYS M 380 -33.89 -53.75 -10.80
N ILE M 381 -33.51 -52.89 -11.74
CA ILE M 381 -33.98 -52.98 -13.13
C ILE M 381 -32.78 -52.92 -14.04
N THR M 382 -32.52 -54.01 -14.76
CA THR M 382 -31.48 -53.97 -15.77
C THR M 382 -32.02 -53.27 -17.01
N LEU M 383 -31.12 -52.66 -17.77
CA LEU M 383 -31.49 -51.88 -18.95
C LEU M 383 -30.54 -52.21 -20.08
N THR M 384 -31.02 -52.97 -21.08
CA THR M 384 -30.23 -53.23 -22.29
C THR M 384 -31.08 -52.89 -23.51
N ALA M 385 -31.14 -51.60 -23.83
CA ALA M 385 -31.52 -51.05 -25.13
C ALA M 385 -32.97 -51.29 -25.55
N ASP M 386 -33.72 -52.09 -24.79
CA ASP M 386 -35.09 -52.45 -25.13
C ASP M 386 -36.08 -51.86 -24.14
N VAL M 387 -35.83 -52.04 -22.84
CA VAL M 387 -36.64 -51.36 -21.84
C VAL M 387 -36.35 -49.87 -21.80
N MET M 388 -35.19 -49.45 -22.33
CA MET M 388 -34.85 -48.04 -22.39
C MET M 388 -35.80 -47.27 -23.27
N THR M 389 -36.19 -47.88 -24.40
CA THR M 389 -37.23 -47.30 -25.23
C THR M 389 -38.58 -47.33 -24.54
N TYR M 390 -38.82 -48.36 -23.72
CA TYR M 390 -40.13 -48.51 -23.10
C TYR M 390 -40.32 -47.55 -21.94
N ILE M 391 -39.29 -47.34 -21.12
CA ILE M 391 -39.43 -46.53 -19.91
C ILE M 391 -39.61 -45.06 -20.27
N HIS M 392 -38.84 -44.57 -21.25
CA HIS M 392 -38.97 -43.19 -21.70
C HIS M 392 -40.33 -42.90 -22.30
N SER M 393 -40.94 -43.91 -22.91
CA SER M 393 -42.28 -43.75 -23.44
C SER M 393 -43.36 -43.91 -22.39
N MET M 394 -43.03 -44.50 -21.24
CA MET M 394 -44.00 -44.57 -20.15
C MET M 394 -44.17 -43.21 -19.51
N ASN M 395 -43.07 -42.60 -19.10
CA ASN M 395 -43.06 -41.24 -18.60
C ASN M 395 -41.67 -40.69 -18.83
N SER M 396 -41.58 -39.42 -19.24
CA SER M 396 -40.29 -38.82 -19.55
C SER M 396 -39.47 -38.57 -18.29
N THR M 397 -40.13 -38.26 -17.18
CA THR M 397 -39.41 -37.90 -15.97
C THR M 397 -38.75 -39.08 -15.29
N ILE M 398 -39.22 -40.30 -15.56
CA ILE M 398 -38.60 -41.49 -14.97
C ILE M 398 -37.20 -41.69 -15.53
N LEU M 399 -37.05 -41.51 -16.84
CA LEU M 399 -35.70 -41.57 -17.40
C LEU M 399 -34.94 -40.28 -17.13
N GLU M 400 -35.62 -39.17 -16.91
CA GLU M 400 -34.90 -37.92 -16.71
C GLU M 400 -34.41 -37.73 -15.29
N ASP M 401 -34.89 -38.54 -14.34
CA ASP M 401 -34.37 -38.46 -12.97
C ASP M 401 -33.03 -39.16 -12.82
N TRP M 402 -32.60 -39.91 -13.83
CA TRP M 402 -31.29 -40.55 -13.86
C TRP M 402 -30.53 -40.03 -15.08
N ASN M 403 -29.30 -39.61 -14.90
CA ASN M 403 -28.53 -39.08 -16.02
C ASN M 403 -27.86 -40.22 -16.80
N PHE M 404 -28.23 -40.32 -18.08
CA PHE M 404 -27.58 -41.23 -19.02
C PHE M 404 -26.89 -40.49 -20.15
N GLY M 405 -26.90 -39.16 -20.12
CA GLY M 405 -26.17 -38.36 -21.09
C GLY M 405 -24.96 -37.73 -20.43
N LEU M 406 -23.87 -37.63 -21.19
CA LEU M 406 -22.63 -37.02 -20.70
C LEU M 406 -22.73 -35.50 -20.76
N GLN M 407 -21.62 -34.86 -20.41
CA GLN M 407 -21.67 -33.50 -19.90
C GLN M 407 -21.86 -32.48 -21.03
N PRO M 408 -22.47 -31.33 -20.74
CA PRO M 408 -22.49 -30.21 -21.68
C PRO M 408 -21.10 -29.62 -21.81
N PRO M 409 -20.81 -28.85 -22.86
CA PRO M 409 -19.44 -28.34 -23.06
C PRO M 409 -19.02 -27.31 -22.02
N PRO M 410 -19.88 -26.31 -21.61
CA PRO M 410 -19.57 -25.67 -20.33
C PRO M 410 -20.29 -26.33 -19.17
N GLY M 411 -19.55 -26.86 -18.21
CA GLY M 411 -20.18 -27.36 -17.01
C GLY M 411 -20.09 -26.31 -15.93
N GLY M 412 -18.86 -25.83 -15.75
CA GLY M 412 -18.54 -24.72 -14.84
C GLY M 412 -18.63 -25.17 -13.40
N THR M 413 -18.23 -24.31 -12.47
CA THR M 413 -18.42 -24.71 -11.06
C THR M 413 -19.89 -24.43 -10.78
N LEU M 414 -20.67 -25.47 -10.50
CA LEU M 414 -22.11 -25.21 -10.26
C LEU M 414 -22.17 -24.17 -9.16
N GLU M 415 -23.06 -23.19 -9.35
CA GLU M 415 -23.45 -21.96 -8.59
C GLU M 415 -22.43 -21.42 -7.57
N ASP M 416 -22.15 -20.13 -7.71
CA ASP M 416 -21.15 -19.42 -6.89
C ASP M 416 -21.51 -19.53 -5.40
N THR M 417 -22.79 -19.52 -5.06
CA THR M 417 -23.09 -19.63 -3.63
C THR M 417 -22.44 -18.55 -2.77
N TYR M 418 -22.90 -17.30 -2.92
CA TYR M 418 -22.47 -16.22 -2.05
C TYR M 418 -22.83 -16.52 -0.59
N ARG M 419 -22.01 -16.02 0.33
CA ARG M 419 -22.17 -16.40 1.74
C ARG M 419 -23.29 -15.61 2.40
N PHE M 420 -23.12 -14.30 2.49
CA PHE M 420 -24.11 -13.43 3.14
C PHE M 420 -25.19 -13.10 2.12
N VAL M 421 -26.33 -13.76 2.22
CA VAL M 421 -27.30 -13.72 1.12
C VAL M 421 -28.17 -12.45 1.18
N THR M 422 -28.33 -11.84 2.34
CA THR M 422 -29.09 -10.60 2.47
C THR M 422 -28.13 -9.48 2.82
N SER M 423 -27.80 -8.65 1.84
CA SER M 423 -26.96 -7.49 2.07
C SER M 423 -27.30 -6.44 1.02
N GLN M 424 -26.52 -5.36 1.03
CA GLN M 424 -26.55 -4.40 -0.06
C GLN M 424 -25.36 -4.55 -0.99
N ALA M 425 -24.43 -5.45 -0.67
CA ALA M 425 -23.26 -5.64 -1.51
C ALA M 425 -23.61 -6.42 -2.77
N ILE M 426 -24.21 -7.58 -2.62
CA ILE M 426 -24.49 -8.44 -3.76
C ILE M 426 -25.77 -7.98 -4.45
N ALA M 427 -25.99 -8.50 -5.65
CA ALA M 427 -27.24 -8.30 -6.36
C ALA M 427 -28.29 -9.29 -5.87
N CYS M 428 -29.49 -9.21 -6.44
CA CYS M 428 -30.56 -10.13 -6.07
C CYS M 428 -30.23 -11.53 -6.54
N GLN M 429 -30.50 -12.51 -5.69
CA GLN M 429 -30.01 -13.86 -5.92
C GLN M 429 -31.13 -14.86 -5.63
N LYS M 430 -30.75 -16.13 -5.57
CA LYS M 430 -31.52 -17.24 -5.04
C LYS M 430 -32.86 -17.48 -5.73
N HIS M 431 -32.79 -18.01 -6.97
CA HIS M 431 -33.92 -18.66 -7.64
C HIS M 431 -34.99 -17.66 -8.04
N THR M 432 -34.54 -16.50 -8.52
CA THR M 432 -35.50 -15.51 -9.02
C THR M 432 -36.15 -15.92 -10.35
N PRO M 433 -35.46 -16.44 -11.38
CA PRO M 433 -36.18 -17.11 -12.46
C PRO M 433 -36.30 -18.61 -12.23
N PRO M 434 -37.49 -19.12 -11.86
CA PRO M 434 -37.65 -20.55 -11.51
C PRO M 434 -37.90 -21.53 -12.67
N ALA M 435 -36.82 -22.03 -13.28
CA ALA M 435 -36.94 -23.02 -14.37
C ALA M 435 -37.37 -24.36 -13.75
N PRO M 436 -38.53 -24.94 -14.15
CA PRO M 436 -39.11 -26.18 -13.59
C PRO M 436 -38.35 -27.09 -12.62
N LYS M 437 -37.78 -28.18 -13.14
CA LYS M 437 -37.00 -29.19 -12.35
C LYS M 437 -37.75 -29.53 -11.05
N GLU M 438 -38.81 -28.77 -10.77
CA GLU M 438 -39.59 -28.90 -9.56
C GLU M 438 -40.71 -29.88 -9.90
N ASP M 439 -41.55 -30.18 -8.94
CA ASP M 439 -42.73 -30.96 -9.25
C ASP M 439 -43.70 -30.08 -10.02
N PRO M 440 -44.31 -30.58 -11.10
CA PRO M 440 -45.41 -29.82 -11.73
C PRO M 440 -46.61 -29.62 -10.83
N LEU M 441 -46.81 -30.49 -9.84
CA LEU M 441 -47.96 -30.43 -8.96
C LEU M 441 -47.74 -29.49 -7.78
N LYS M 442 -46.80 -28.55 -7.91
CA LYS M 442 -46.56 -27.58 -6.86
C LYS M 442 -47.76 -26.66 -6.66
N LYS M 443 -48.50 -26.39 -7.74
CA LYS M 443 -49.69 -25.54 -7.66
C LYS M 443 -50.87 -26.23 -7.00
N TYR M 444 -50.75 -27.52 -6.66
CA TYR M 444 -51.81 -28.28 -6.02
C TYR M 444 -51.30 -28.85 -4.71
N THR M 445 -51.84 -28.38 -3.59
CA THR M 445 -51.25 -28.66 -2.30
C THR M 445 -51.57 -30.07 -1.83
N PHE M 446 -50.71 -30.58 -0.95
CA PHE M 446 -50.81 -31.92 -0.39
C PHE M 446 -50.44 -31.85 1.08
N TRP M 447 -50.19 -33.01 1.69
CA TRP M 447 -49.58 -33.11 3.01
C TRP M 447 -48.23 -33.80 2.79
N GLU M 448 -47.15 -33.06 2.99
CA GLU M 448 -45.83 -33.63 2.84
C GLU M 448 -45.49 -34.46 4.07
N VAL M 449 -44.88 -35.62 3.83
CA VAL M 449 -44.37 -36.49 4.89
C VAL M 449 -42.93 -36.81 4.52
N ASN M 450 -41.99 -36.24 5.27
CA ASN M 450 -40.58 -36.42 4.95
C ASN M 450 -40.07 -37.71 5.59
N LEU M 451 -39.64 -38.65 4.75
CA LEU M 451 -39.10 -39.93 5.21
C LEU M 451 -37.74 -40.19 4.58
N LYS M 452 -36.85 -39.19 4.65
CA LYS M 452 -35.56 -39.32 3.98
C LYS M 452 -34.62 -40.25 4.73
N GLU M 453 -34.63 -40.21 6.06
CA GLU M 453 -33.80 -41.09 6.86
C GLU M 453 -34.60 -41.74 7.99
N LYS M 454 -35.78 -42.24 7.64
CA LYS M 454 -36.63 -42.98 8.57
C LYS M 454 -36.39 -44.48 8.49
N PHE M 455 -35.75 -44.96 7.43
CA PHE M 455 -35.66 -46.37 7.10
C PHE M 455 -34.84 -47.14 8.15
N SER M 456 -35.07 -48.45 8.19
CA SER M 456 -34.37 -49.33 9.12
C SER M 456 -34.15 -50.67 8.46
N ALA M 457 -32.92 -51.17 8.53
CA ALA M 457 -32.60 -52.44 7.88
C ALA M 457 -33.16 -53.62 8.65
N ASP M 458 -33.05 -53.61 9.97
CA ASP M 458 -33.69 -54.63 10.78
C ASP M 458 -35.10 -54.20 11.11
N LEU M 459 -35.98 -55.19 11.30
CA LEU M 459 -37.38 -54.91 11.56
C LEU M 459 -37.95 -55.80 12.65
N ASP M 460 -37.10 -56.42 13.48
CA ASP M 460 -37.60 -57.23 14.58
C ASP M 460 -38.20 -56.37 15.67
N GLN M 461 -37.56 -55.25 16.01
CA GLN M 461 -38.04 -54.38 17.08
C GLN M 461 -38.90 -53.24 16.51
N PHE M 462 -39.88 -53.62 15.70
CA PHE M 462 -40.77 -52.61 15.14
C PHE M 462 -42.19 -53.12 15.21
N PRO M 463 -43.18 -52.25 15.45
CA PRO M 463 -44.52 -52.73 15.81
C PRO M 463 -45.26 -53.42 14.66
N LEU M 464 -44.99 -53.04 13.42
CA LEU M 464 -45.52 -53.81 12.30
C LEU M 464 -44.56 -54.90 11.86
N GLY M 465 -43.26 -54.74 12.15
CA GLY M 465 -42.24 -55.58 11.56
C GLY M 465 -42.35 -57.03 11.93
N ARG M 466 -42.78 -57.33 13.15
CA ARG M 466 -43.02 -58.72 13.50
C ARG M 466 -44.33 -59.23 12.92
N LYS M 467 -45.29 -58.35 12.60
CA LYS M 467 -46.54 -58.83 12.03
C LYS M 467 -46.36 -59.26 10.59
N PHE M 468 -45.47 -58.58 9.86
CA PHE M 468 -45.11 -59.06 8.53
C PHE M 468 -44.24 -60.30 8.63
N LEU M 469 -43.33 -60.33 9.61
CA LEU M 469 -42.39 -61.43 9.74
C LEU M 469 -43.10 -62.72 10.16
N LEU M 470 -44.11 -62.60 11.01
CA LEU M 470 -44.88 -63.77 11.44
C LEU M 470 -45.67 -64.36 10.28
N GLN M 471 -46.13 -63.49 9.37
CA GLN M 471 -46.98 -63.95 8.28
C GLN M 471 -46.21 -64.81 7.29
N ALA M 472 -45.06 -64.35 6.84
CA ALA M 472 -44.22 -65.11 5.96
C ALA M 472 -43.30 -66.02 6.77
N GLY M 473 -42.31 -66.61 6.11
CA GLY M 473 -41.41 -67.51 6.79
C GLY M 473 -40.43 -66.76 7.66
N LEU M 474 -40.31 -67.18 8.91
CA LEU M 474 -39.28 -66.69 9.83
C LEU M 474 -38.46 -67.90 10.28
N LYS M 475 -37.50 -68.29 9.45
CA LYS M 475 -36.65 -69.44 9.73
C LYS M 475 -35.22 -69.04 9.46
N ALA M 476 -34.51 -68.75 10.55
CA ALA M 476 -33.09 -68.33 10.54
C ALA M 476 -32.99 -66.82 10.30
N LYS M 477 -34.10 -66.16 9.94
CA LYS M 477 -34.07 -64.68 9.70
C LYS M 477 -33.87 -63.93 11.03
N PRO M 478 -34.57 -64.33 12.13
CA PRO M 478 -34.47 -63.62 13.41
C PRO M 478 -33.09 -63.67 14.09
N LYS M 479 -32.45 -64.85 14.03
CA LYS M 479 -31.09 -65.22 14.57
C LYS M 479 -31.20 -65.66 16.03
N PHE M 480 -30.32 -66.56 16.45
CA PHE M 480 -30.38 -67.07 17.84
C PHE M 480 -29.45 -66.32 18.80
N THR M 481 -29.64 -65.01 18.95
CA THR M 481 -28.87 -64.28 19.95
C THR M 481 -29.03 -65.03 21.27
N LEU M 482 -28.26 -64.62 22.29
CA LEU M 482 -27.76 -65.42 23.41
C LEU M 482 -28.71 -66.49 23.95
N GLY M 483 -28.19 -67.73 24.03
CA GLY M 483 -29.01 -68.91 24.03
C GLY M 483 -29.44 -69.38 25.40
N LYS M 484 -30.26 -70.43 25.40
CA LYS M 484 -30.89 -70.90 26.64
C LYS M 484 -29.89 -71.59 27.55
N ARG M 485 -29.15 -72.54 27.01
CA ARG M 485 -28.12 -73.21 27.80
C ARG M 485 -26.74 -72.93 27.21
N PRO N 15 -25.58 -47.98 -28.67
CA PRO N 15 -26.29 -48.82 -27.71
C PRO N 15 -25.73 -48.72 -26.29
N VAL N 16 -24.41 -48.61 -26.22
CA VAL N 16 -23.67 -48.58 -24.91
C VAL N 16 -22.98 -47.22 -24.76
N PRO N 17 -23.65 -46.08 -25.09
CA PRO N 17 -23.00 -44.79 -24.98
C PRO N 17 -22.53 -44.59 -23.53
N VAL N 18 -21.28 -44.15 -23.37
CA VAL N 18 -20.71 -43.95 -22.05
C VAL N 18 -21.00 -42.54 -21.56
N SER N 19 -21.06 -42.38 -20.25
CA SER N 19 -21.34 -41.07 -19.65
C SER N 19 -20.17 -40.64 -18.77
N LYS N 20 -18.96 -40.92 -19.23
CA LYS N 20 -17.75 -40.46 -18.58
C LYS N 20 -16.98 -39.57 -19.55
N VAL N 21 -15.83 -39.09 -19.13
CA VAL N 21 -14.95 -38.30 -19.98
C VAL N 21 -13.66 -39.07 -20.13
N VAL N 22 -13.29 -39.36 -21.37
CA VAL N 22 -12.11 -40.16 -21.68
C VAL N 22 -11.02 -39.24 -22.20
N SER N 23 -9.82 -39.39 -21.66
CA SER N 23 -8.66 -38.69 -22.19
C SER N 23 -8.37 -39.16 -23.60
N THR N 24 -7.84 -38.25 -24.42
CA THR N 24 -7.69 -38.52 -25.85
C THR N 24 -6.52 -39.44 -26.18
N ASP N 25 -5.90 -40.07 -25.20
CA ASP N 25 -4.91 -41.11 -25.46
C ASP N 25 -5.54 -42.46 -25.74
N GLU N 26 -6.87 -42.55 -25.77
CA GLU N 26 -7.55 -43.82 -26.01
C GLU N 26 -8.20 -43.91 -27.37
N TYR N 27 -8.48 -42.78 -28.03
CA TYR N 27 -9.13 -42.83 -29.34
C TYR N 27 -8.40 -41.98 -30.37
N VAL N 28 -7.10 -41.73 -30.17
CA VAL N 28 -6.26 -41.01 -31.12
C VAL N 28 -4.91 -41.71 -31.18
N ALA N 29 -4.46 -42.07 -32.38
CA ALA N 29 -3.17 -42.72 -32.56
C ALA N 29 -2.10 -41.69 -32.89
N ARG N 30 -0.84 -42.04 -32.61
CA ARG N 30 0.29 -41.15 -32.79
C ARG N 30 1.23 -41.74 -33.83
N THR N 31 1.39 -41.04 -34.95
CA THR N 31 2.24 -41.50 -36.04
C THR N 31 3.68 -41.09 -35.76
N ASN N 32 4.53 -41.21 -36.79
CA ASN N 32 5.94 -40.86 -36.67
C ASN N 32 6.28 -39.52 -37.31
N ILE N 33 5.33 -38.89 -37.99
CA ILE N 33 5.65 -37.80 -38.90
C ILE N 33 5.48 -36.47 -38.17
N TYR N 34 6.58 -35.73 -38.03
CA TYR N 34 6.59 -34.43 -37.38
C TYR N 34 6.64 -33.33 -38.43
N TYR N 35 6.25 -32.13 -38.01
CA TYR N 35 6.23 -30.98 -38.90
C TYR N 35 6.62 -29.75 -38.09
N HIS N 36 7.25 -28.78 -38.75
CA HIS N 36 7.63 -27.54 -38.12
C HIS N 36 6.96 -26.37 -38.81
N ALA N 37 6.52 -25.39 -38.02
CA ALA N 37 5.95 -24.16 -38.53
C ALA N 37 6.60 -22.99 -37.80
N GLY N 38 6.26 -21.79 -38.26
CA GLY N 38 6.73 -20.59 -37.58
C GLY N 38 6.40 -19.32 -38.33
N THR N 39 5.97 -18.31 -37.60
CA THR N 39 5.71 -17.02 -38.21
C THR N 39 7.02 -16.26 -38.37
N SER N 40 6.95 -15.07 -38.97
CA SER N 40 8.17 -14.33 -39.27
C SER N 40 8.68 -13.59 -38.04
N ARG N 41 7.92 -12.57 -37.65
CA ARG N 41 8.03 -11.80 -36.41
C ARG N 41 6.88 -10.81 -36.44
N LEU N 42 6.42 -10.43 -35.27
CA LEU N 42 5.23 -9.59 -35.18
C LEU N 42 5.60 -8.27 -34.55
N LEU N 43 5.14 -7.17 -35.15
CA LEU N 43 5.44 -5.85 -34.65
C LEU N 43 4.15 -5.06 -34.51
N ALA N 44 4.22 -4.01 -33.69
CA ALA N 44 3.12 -3.08 -33.49
C ALA N 44 3.69 -1.80 -32.92
N VAL N 45 3.17 -0.67 -33.38
CA VAL N 45 3.68 0.64 -33.01
C VAL N 45 2.50 1.58 -32.84
N GLY N 46 2.56 2.44 -31.82
CA GLY N 46 1.48 3.37 -31.57
C GLY N 46 1.64 4.02 -30.21
N HIS N 47 0.52 4.52 -29.69
CA HIS N 47 0.46 5.27 -28.45
C HIS N 47 0.24 4.33 -27.27
N PRO N 48 0.86 4.60 -26.11
CA PRO N 48 0.69 3.72 -24.96
C PRO N 48 -0.49 4.04 -24.05
N TYR N 49 -1.12 5.19 -24.20
CA TYR N 49 -2.09 5.67 -23.22
C TYR N 49 -3.52 5.57 -23.72
N PHE N 50 -3.82 6.16 -24.87
CA PHE N 50 -5.16 6.24 -25.40
C PHE N 50 -5.04 6.30 -26.92
N PRO N 51 -6.05 5.85 -27.66
CA PRO N 51 -5.99 5.99 -29.11
C PRO N 51 -6.17 7.43 -29.53
N ILE N 52 -5.52 7.79 -30.64
CA ILE N 52 -5.59 9.13 -31.21
C ILE N 52 -6.44 9.08 -32.47
N LYS N 53 -7.55 9.79 -32.46
CA LYS N 53 -8.41 9.90 -33.62
C LYS N 53 -8.49 11.35 -34.06
N LYS N 54 -9.00 11.54 -35.27
CA LYS N 54 -9.24 12.88 -35.79
C LYS N 54 -10.36 13.56 -34.98
N PRO N 55 -10.39 14.89 -34.95
CA PRO N 55 -11.42 15.58 -34.14
C PRO N 55 -12.85 15.46 -34.65
N ASN N 56 -13.12 14.82 -35.79
CA ASN N 56 -14.47 14.77 -36.31
C ASN N 56 -15.05 13.36 -36.44
N ASN N 57 -14.33 12.41 -37.05
CA ASN N 57 -14.88 11.09 -37.30
C ASN N 57 -14.40 10.10 -36.25
N ASN N 58 -14.75 8.82 -36.44
CA ASN N 58 -14.30 7.79 -35.52
C ASN N 58 -12.96 7.19 -35.87
N LYS N 59 -12.43 7.51 -37.07
CA LYS N 59 -11.26 6.82 -37.60
C LYS N 59 -10.03 7.15 -36.77
N ILE N 60 -9.31 6.12 -36.38
CA ILE N 60 -8.13 6.30 -35.55
C ILE N 60 -6.93 6.58 -36.43
N LEU N 61 -6.17 7.61 -36.09
CA LEU N 61 -4.97 7.91 -36.83
C LEU N 61 -3.85 6.95 -36.44
N VAL N 62 -3.65 6.76 -35.15
CA VAL N 62 -2.73 5.73 -34.64
C VAL N 62 -3.54 4.80 -33.75
N PRO N 63 -3.09 3.56 -33.57
CA PRO N 63 -3.74 2.68 -32.61
C PRO N 63 -3.08 2.81 -31.23
N LYS N 64 -3.69 2.13 -30.26
CA LYS N 64 -3.22 2.14 -28.89
C LYS N 64 -2.59 0.79 -28.59
N VAL N 65 -1.27 0.75 -28.51
CA VAL N 65 -0.54 -0.44 -28.09
C VAL N 65 0.24 -0.09 -26.83
N SER N 66 0.08 -0.91 -25.81
CA SER N 66 0.76 -0.68 -24.54
C SER N 66 1.31 -2.00 -24.03
N GLY N 67 2.17 -1.92 -23.03
CA GLY N 67 2.67 -3.13 -22.41
C GLY N 67 1.62 -3.85 -21.60
N LEU N 68 0.66 -3.11 -21.06
CA LEU N 68 -0.28 -3.71 -20.12
C LEU N 68 -1.39 -4.49 -20.79
N GLN N 69 -1.69 -4.24 -22.06
CA GLN N 69 -2.84 -4.90 -22.64
C GLN N 69 -2.51 -6.35 -22.97
N TYR N 70 -3.57 -7.15 -23.08
CA TYR N 70 -3.42 -8.56 -23.38
C TYR N 70 -2.99 -8.75 -24.83
N ARG N 71 -2.60 -9.98 -25.15
CA ARG N 71 -2.17 -10.27 -26.51
C ARG N 71 -2.56 -11.72 -26.80
N VAL N 72 -3.67 -11.90 -27.50
CA VAL N 72 -4.18 -13.22 -27.85
C VAL N 72 -3.97 -13.44 -29.35
N PHE N 73 -3.24 -14.50 -29.68
CA PHE N 73 -3.04 -14.89 -31.08
C PHE N 73 -3.89 -16.11 -31.37
N ARG N 74 -4.59 -16.11 -32.51
CA ARG N 74 -5.19 -17.32 -33.00
C ARG N 74 -4.40 -17.86 -34.18
N ILE N 75 -4.30 -19.17 -34.26
CA ILE N 75 -3.40 -19.84 -35.18
C ILE N 75 -4.25 -20.55 -36.21
N HIS N 76 -4.42 -19.94 -37.38
CA HIS N 76 -5.17 -20.58 -38.45
C HIS N 76 -4.34 -21.71 -39.06
N LEU N 77 -4.84 -22.92 -38.97
CA LEU N 77 -4.07 -24.04 -39.48
C LEU N 77 -4.71 -24.60 -40.75
N PRO N 78 -3.93 -25.22 -41.63
CA PRO N 78 -4.52 -25.97 -42.74
C PRO N 78 -4.74 -27.43 -42.37
N ASP N 79 -5.89 -27.95 -42.78
CA ASP N 79 -6.29 -29.26 -42.29
C ASP N 79 -5.53 -30.37 -43.00
N PRO N 80 -5.07 -31.38 -42.27
CA PRO N 80 -4.16 -32.37 -42.86
C PRO N 80 -4.83 -33.42 -43.71
N ASN N 81 -6.15 -33.46 -43.78
CA ASN N 81 -6.78 -34.42 -44.68
C ASN N 81 -6.67 -33.99 -46.14
N LYS N 82 -6.40 -32.71 -46.39
CA LYS N 82 -6.14 -32.21 -47.73
C LYS N 82 -4.71 -32.44 -48.17
N PHE N 83 -3.85 -33.00 -47.32
CA PHE N 83 -2.49 -33.29 -47.72
C PHE N 83 -2.48 -34.42 -48.72
N GLY N 84 -1.70 -34.26 -49.78
CA GLY N 84 -1.48 -35.37 -50.69
C GLY N 84 -0.21 -36.11 -50.30
N PHE N 85 -0.36 -37.17 -49.54
CA PHE N 85 0.82 -37.90 -49.14
C PHE N 85 1.23 -38.87 -50.25
N PRO N 86 2.52 -38.93 -50.58
CA PRO N 86 2.96 -39.95 -51.55
C PRO N 86 2.84 -41.36 -51.02
N ASP N 87 2.95 -41.54 -49.70
CA ASP N 87 2.67 -42.81 -49.06
C ASP N 87 1.19 -42.86 -48.72
N THR N 88 0.48 -43.81 -49.32
CA THR N 88 -0.96 -43.98 -49.12
C THR N 88 -1.28 -45.23 -48.34
N SER N 89 -0.37 -45.66 -47.46
CA SER N 89 -0.52 -46.92 -46.76
C SER N 89 -0.69 -46.78 -45.26
N PHE N 90 -0.22 -45.68 -44.67
CA PHE N 90 -0.30 -45.53 -43.22
C PHE N 90 -1.68 -45.09 -42.74
N TYR N 91 -2.55 -44.66 -43.65
CA TYR N 91 -3.93 -44.38 -43.27
C TYR N 91 -4.84 -44.64 -44.46
N ASN N 92 -6.12 -44.78 -44.17
CA ASN N 92 -7.15 -45.04 -45.15
C ASN N 92 -8.20 -43.95 -45.05
N PRO N 93 -8.46 -43.18 -46.10
CA PRO N 93 -9.48 -42.12 -46.03
C PRO N 93 -10.93 -42.62 -46.06
N ASP N 94 -11.15 -43.93 -45.95
CA ASP N 94 -12.51 -44.45 -45.84
C ASP N 94 -13.14 -44.07 -44.51
N THR N 95 -12.53 -44.51 -43.41
CA THR N 95 -13.11 -44.36 -42.09
C THR N 95 -12.12 -43.74 -41.12
N GLN N 96 -11.30 -42.81 -41.59
CA GLN N 96 -10.34 -42.16 -40.72
C GLN N 96 -10.33 -40.65 -41.00
N ARG N 97 -9.96 -39.90 -39.98
CA ARG N 97 -9.76 -38.47 -40.11
C ARG N 97 -8.43 -38.11 -39.45
N LEU N 98 -7.91 -36.95 -39.82
CA LEU N 98 -6.58 -36.54 -39.39
C LEU N 98 -6.66 -35.21 -38.66
N VAL N 99 -5.79 -35.04 -37.67
CA VAL N 99 -5.85 -33.88 -36.78
C VAL N 99 -4.44 -33.58 -36.28
N TRP N 100 -4.16 -32.30 -36.05
CA TRP N 100 -2.85 -31.86 -35.61
C TRP N 100 -2.75 -31.87 -34.10
N ALA N 101 -1.53 -32.08 -33.59
CA ALA N 101 -1.26 -32.12 -32.17
C ALA N 101 0.03 -31.37 -31.90
N CYS N 102 0.00 -30.39 -30.99
CA CYS N 102 1.15 -29.55 -30.74
C CYS N 102 2.05 -30.14 -29.65
N VAL N 103 3.36 -30.10 -29.88
CA VAL N 103 4.33 -30.73 -28.99
C VAL N 103 5.32 -29.68 -28.49
N GLY N 104 5.59 -28.67 -29.30
CA GLY N 104 6.55 -27.64 -28.94
C GLY N 104 5.99 -26.25 -29.16
N VAL N 105 6.22 -25.37 -28.19
CA VAL N 105 5.71 -24.00 -28.21
C VAL N 105 6.86 -23.08 -27.86
N GLU N 106 6.99 -21.98 -28.61
CA GLU N 106 8.02 -20.98 -28.34
C GLU N 106 7.43 -19.58 -28.50
N VAL N 107 7.58 -18.74 -27.48
CA VAL N 107 7.19 -17.35 -27.54
C VAL N 107 8.47 -16.52 -27.45
N GLY N 108 8.92 -15.99 -28.57
CA GLY N 108 10.18 -15.24 -28.62
C GLY N 108 9.93 -13.75 -28.70
N ARG N 109 10.69 -12.99 -27.91
CA ARG N 109 10.63 -11.54 -27.92
C ARG N 109 12.02 -10.97 -28.03
N GLY N 110 12.12 -9.73 -28.51
CA GLY N 110 13.42 -9.19 -28.83
C GLY N 110 13.70 -7.76 -28.43
N GLN N 111 12.72 -7.07 -27.87
CA GLN N 111 12.98 -5.71 -27.43
C GLN N 111 13.74 -5.74 -26.10
N PRO N 112 14.55 -4.72 -25.82
CA PRO N 112 15.31 -4.71 -24.56
C PRO N 112 14.42 -4.42 -23.37
N LEU N 113 14.90 -4.89 -22.21
CA LEU N 113 14.12 -4.87 -20.98
C LEU N 113 13.97 -3.45 -20.45
N GLY N 114 13.13 -3.32 -19.44
CA GLY N 114 12.88 -2.03 -18.84
C GLY N 114 11.41 -1.89 -18.51
N VAL N 115 11.07 -0.73 -17.96
CA VAL N 115 9.75 -0.51 -17.38
C VAL N 115 9.11 0.71 -18.02
N GLY N 116 7.84 0.92 -17.68
CA GLY N 116 7.11 2.06 -18.17
C GLY N 116 6.11 2.57 -17.16
N ILE N 117 5.98 3.88 -17.05
CA ILE N 117 5.13 4.49 -16.04
C ILE N 117 3.94 5.14 -16.72
N SER N 118 2.92 5.42 -15.92
CA SER N 118 1.72 6.08 -16.41
C SER N 118 1.15 6.91 -15.27
N GLY N 119 0.18 7.74 -15.61
CA GLY N 119 -0.42 8.58 -14.61
C GLY N 119 -1.68 9.23 -15.12
N HIS N 120 -2.02 10.35 -14.49
CA HIS N 120 -3.19 11.11 -14.85
C HIS N 120 -2.85 12.58 -14.67
N PRO N 121 -3.29 13.44 -15.57
CA PRO N 121 -3.11 14.89 -15.34
C PRO N 121 -3.96 15.39 -14.21
N LEU N 122 -5.10 14.75 -13.95
CA LEU N 122 -5.97 15.10 -12.84
C LEU N 122 -6.31 13.83 -12.05
N LEU N 123 -5.42 13.44 -11.15
CA LEU N 123 -5.76 12.46 -10.15
C LEU N 123 -6.55 13.14 -9.04
N ASN N 124 -7.08 12.37 -8.11
CA ASN N 124 -8.05 12.89 -7.17
C ASN N 124 -7.71 12.47 -5.74
N LYS N 125 -6.48 12.83 -5.33
CA LYS N 125 -5.94 12.51 -3.98
C LYS N 125 -5.98 13.77 -3.11
N LEU N 126 -6.29 13.63 -1.83
CA LEU N 126 -6.42 14.78 -0.93
C LEU N 126 -5.06 15.18 -0.35
N ASP N 127 -4.39 14.23 0.31
CA ASP N 127 -3.10 14.50 0.93
C ASP N 127 -2.42 13.16 1.25
N ASP N 128 -1.11 13.22 1.43
CA ASP N 128 -0.38 12.07 1.94
C ASP N 128 -0.72 11.84 3.40
N THR N 129 -0.73 10.58 3.81
CA THR N 129 -1.08 10.21 5.17
C THR N 129 0.02 9.51 5.94
N GLU N 130 1.19 9.31 5.34
CA GLU N 130 2.19 8.48 6.00
C GLU N 130 2.90 9.24 7.11
N ASN N 131 3.11 10.54 6.95
CA ASN N 131 3.62 11.37 8.04
C ASN N 131 2.93 12.72 7.97
N ALA N 132 1.92 12.91 8.80
CA ALA N 132 1.18 14.17 8.86
C ALA N 132 1.75 15.02 9.99
N SER N 133 2.18 16.24 9.67
CA SER N 133 2.72 17.13 10.68
C SER N 133 1.62 17.68 11.57
N ALA N 134 0.53 18.13 10.97
CA ALA N 134 -0.62 18.64 11.71
C ALA N 134 -1.89 18.06 11.12
N TYR N 135 -3.04 18.57 11.56
CA TYR N 135 -4.29 18.12 10.98
C TYR N 135 -4.51 18.78 9.62
N ALA N 136 -5.26 18.10 8.77
CA ALA N 136 -5.49 18.58 7.42
C ALA N 136 -6.50 19.71 7.41
N ALA N 137 -6.38 20.58 6.41
CA ALA N 137 -7.36 21.63 6.19
C ALA N 137 -8.54 21.06 5.43
N ASN N 138 -9.55 21.90 5.20
CA ASN N 138 -10.72 21.45 4.48
C ASN N 138 -10.43 21.34 2.99
N ALA N 139 -11.41 20.82 2.25
CA ALA N 139 -11.20 20.47 0.85
C ALA N 139 -11.31 21.69 -0.06
N GLY N 140 -12.48 22.30 -0.09
CA GLY N 140 -12.80 23.20 -1.18
C GLY N 140 -13.34 22.41 -2.34
N VAL N 141 -13.42 23.07 -3.47
CA VAL N 141 -13.82 22.43 -4.72
C VAL N 141 -12.60 22.34 -5.63
N ASP N 142 -12.56 21.29 -6.46
CA ASP N 142 -11.52 21.04 -7.47
C ASP N 142 -10.14 20.91 -6.84
N ASN N 143 -9.99 19.85 -6.05
CA ASN N 143 -8.71 19.55 -5.40
C ASN N 143 -7.94 18.47 -6.14
N ARG N 144 -8.01 18.46 -7.47
CA ARG N 144 -7.30 17.46 -8.24
C ARG N 144 -5.80 17.76 -8.29
N GLU N 145 -5.01 16.72 -8.60
CA GLU N 145 -3.56 16.83 -8.67
C GLU N 145 -3.06 15.96 -9.82
N CYS N 146 -1.77 16.10 -10.15
CA CYS N 146 -1.14 15.30 -11.21
C CYS N 146 -0.10 14.36 -10.60
N ILE N 147 -0.46 13.08 -10.48
CA ILE N 147 0.42 12.06 -9.92
C ILE N 147 0.58 10.94 -10.94
N SER N 148 1.77 10.37 -10.99
CA SER N 148 2.07 9.23 -11.85
C SER N 148 2.84 8.19 -11.05
N MET N 149 2.70 6.93 -11.46
CA MET N 149 3.33 5.83 -10.74
C MET N 149 3.59 4.68 -11.69
N ASP N 150 4.28 3.66 -11.20
CA ASP N 150 4.56 2.46 -11.96
C ASP N 150 3.64 1.33 -11.51
N TYR N 151 3.56 0.30 -12.33
CA TYR N 151 2.55 -0.73 -12.18
C TYR N 151 3.13 -2.00 -11.58
N LYS N 152 2.25 -2.94 -11.26
CA LYS N 152 2.70 -4.24 -10.80
C LYS N 152 3.25 -5.03 -11.96
N GLN N 153 4.11 -5.99 -11.63
CA GLN N 153 4.83 -6.76 -12.64
C GLN N 153 4.14 -8.10 -12.83
N THR N 154 3.88 -8.47 -14.08
CA THR N 154 3.07 -9.62 -14.43
C THR N 154 3.62 -10.27 -15.68
N GLN N 155 3.68 -11.60 -15.69
CA GLN N 155 4.06 -12.38 -16.86
C GLN N 155 3.22 -13.64 -16.90
N LEU N 156 2.55 -13.90 -18.01
CA LEU N 156 1.79 -15.13 -18.15
C LEU N 156 1.86 -15.62 -19.58
N CYS N 157 1.41 -16.87 -19.77
CA CYS N 157 1.39 -17.52 -21.08
C CYS N 157 0.45 -18.69 -20.97
N LEU N 158 -0.58 -18.74 -21.81
CA LEU N 158 -1.51 -19.87 -21.82
C LEU N 158 -1.68 -20.35 -23.25
N ILE N 159 -1.79 -21.67 -23.41
CA ILE N 159 -2.02 -22.29 -24.70
C ILE N 159 -3.33 -23.04 -24.63
N GLY N 160 -4.20 -22.80 -25.61
CA GLY N 160 -5.52 -23.44 -25.59
C GLY N 160 -6.10 -23.57 -26.97
N CYS N 161 -7.12 -24.43 -27.06
CA CYS N 161 -7.88 -24.61 -28.29
C CYS N 161 -9.03 -23.63 -28.40
N LYS N 162 -9.57 -23.21 -27.26
CA LYS N 162 -10.67 -22.22 -27.20
C LYS N 162 -10.15 -20.98 -26.46
N PRO N 163 -10.77 -19.80 -26.63
CA PRO N 163 -10.25 -18.56 -26.02
C PRO N 163 -10.22 -18.56 -24.48
N PRO N 164 -9.31 -17.79 -23.85
CA PRO N 164 -9.19 -17.71 -22.39
C PRO N 164 -10.45 -17.14 -21.73
N ILE N 165 -10.72 -17.56 -20.49
CA ILE N 165 -11.97 -17.24 -19.81
C ILE N 165 -11.59 -16.52 -18.52
N GLY N 166 -11.82 -15.20 -18.49
CA GLY N 166 -11.45 -14.38 -17.37
C GLY N 166 -12.66 -13.84 -16.64
N GLU N 167 -12.40 -13.23 -15.49
CA GLU N 167 -13.45 -12.73 -14.62
C GLU N 167 -13.14 -11.30 -14.20
N HIS N 168 -14.18 -10.56 -13.88
CA HIS N 168 -14.03 -9.19 -13.41
C HIS N 168 -15.25 -8.81 -12.59
N TRP N 169 -15.03 -7.98 -11.58
CA TRP N 169 -16.15 -7.46 -10.81
C TRP N 169 -16.86 -6.37 -11.59
N GLY N 170 -18.15 -6.24 -11.35
CA GLY N 170 -18.95 -5.25 -12.04
C GLY N 170 -20.25 -5.01 -11.31
N LYS N 171 -21.10 -4.19 -11.91
CA LYS N 171 -22.36 -3.81 -11.30
C LYS N 171 -23.50 -4.63 -11.89
N GLY N 172 -24.33 -5.19 -11.01
CA GLY N 172 -25.56 -5.83 -11.41
C GLY N 172 -26.79 -5.02 -11.03
N SER N 173 -27.92 -5.69 -11.08
CA SER N 173 -29.16 -5.00 -10.76
C SER N 173 -29.42 -5.04 -9.25
N PRO N 174 -29.84 -3.93 -8.66
CA PRO N 174 -30.20 -3.94 -7.24
C PRO N 174 -31.55 -4.62 -7.03
N CYS N 175 -31.95 -4.70 -5.76
CA CYS N 175 -33.16 -5.44 -5.45
C CYS N 175 -34.38 -4.54 -5.43
N THR N 176 -35.47 -5.08 -5.96
CA THR N 176 -36.68 -4.32 -6.27
C THR N 176 -37.61 -4.15 -5.08
N ASN N 177 -37.29 -4.74 -3.93
CA ASN N 177 -38.15 -4.57 -2.76
C ASN N 177 -37.93 -3.20 -2.11
N VAL N 178 -36.66 -2.83 -1.89
CA VAL N 178 -36.34 -1.54 -1.29
C VAL N 178 -36.11 -0.52 -2.39
N ALA N 179 -36.41 0.74 -2.09
CA ALA N 179 -36.27 1.82 -3.05
C ALA N 179 -34.85 2.38 -3.01
N VAL N 180 -34.33 2.71 -4.18
CA VAL N 180 -33.01 3.28 -4.31
C VAL N 180 -33.15 4.78 -4.55
N ASN N 181 -32.09 5.51 -4.21
CA ASN N 181 -31.98 6.94 -4.47
C ASN N 181 -30.70 7.19 -5.24
N PRO N 182 -30.60 8.33 -5.92
CA PRO N 182 -29.29 8.74 -6.47
C PRO N 182 -28.29 9.01 -5.35
N GLY N 183 -27.19 8.27 -5.37
CA GLY N 183 -26.16 8.39 -4.36
C GLY N 183 -25.93 7.15 -3.54
N ASP N 184 -26.56 6.02 -3.85
CA ASP N 184 -26.33 4.81 -3.08
C ASP N 184 -25.04 4.12 -3.54
N CYS N 185 -24.64 3.11 -2.79
CA CYS N 185 -23.46 2.31 -3.11
C CYS N 185 -23.73 1.40 -4.29
N PRO N 186 -23.00 1.37 -5.42
CA PRO N 186 -23.36 0.38 -6.46
C PRO N 186 -23.32 -1.08 -5.96
N PRO N 187 -24.16 -2.01 -6.48
CA PRO N 187 -24.14 -3.48 -6.17
C PRO N 187 -22.96 -4.25 -6.82
N LEU N 188 -22.72 -5.53 -6.48
CA LEU N 188 -21.49 -6.09 -7.03
C LEU N 188 -21.71 -7.56 -7.31
N GLU N 189 -21.14 -8.05 -8.41
CA GLU N 189 -21.26 -9.47 -8.75
C GLU N 189 -20.11 -9.85 -9.66
N LEU N 190 -19.84 -11.15 -9.71
CA LEU N 190 -18.79 -11.70 -10.56
C LEU N 190 -19.35 -11.99 -11.95
N ILE N 191 -18.58 -11.65 -12.98
CA ILE N 191 -18.99 -11.84 -14.37
C ILE N 191 -17.87 -12.56 -15.09
N ASN N 192 -18.18 -13.67 -15.73
CA ASN N 192 -17.23 -14.44 -16.51
C ASN N 192 -17.35 -14.03 -17.98
N THR N 193 -16.24 -13.60 -18.57
CA THR N 193 -16.22 -13.13 -19.96
C THR N 193 -15.16 -13.89 -20.75
N VAL N 194 -14.93 -13.42 -21.98
CA VAL N 194 -13.96 -14.01 -22.90
C VAL N 194 -12.92 -12.95 -23.22
N ILE N 195 -11.64 -13.28 -23.03
CA ILE N 195 -10.57 -12.32 -23.22
C ILE N 195 -10.38 -12.03 -24.70
N GLN N 196 -10.33 -10.75 -25.05
CA GLN N 196 -9.98 -10.32 -26.40
C GLN N 196 -8.60 -9.67 -26.37
N ASP N 197 -8.15 -9.21 -27.54
CA ASP N 197 -6.93 -8.41 -27.63
C ASP N 197 -7.29 -6.95 -27.47
N GLY N 198 -6.65 -6.29 -26.53
CA GLY N 198 -6.98 -4.93 -26.16
C GLY N 198 -7.52 -4.81 -24.75
N ASP N 199 -7.88 -5.93 -24.14
CA ASP N 199 -8.25 -5.93 -22.73
C ASP N 199 -7.03 -5.59 -21.90
N MET N 200 -7.25 -4.81 -20.84
CA MET N 200 -6.14 -4.44 -19.96
C MET N 200 -5.92 -5.50 -18.91
N VAL N 201 -4.69 -5.59 -18.44
CA VAL N 201 -4.35 -6.48 -17.34
C VAL N 201 -4.74 -5.75 -16.06
N ASP N 202 -4.85 -6.45 -14.95
CA ASP N 202 -5.00 -5.77 -13.68
C ASP N 202 -3.71 -5.04 -13.33
N THR N 203 -3.84 -3.88 -12.71
CA THR N 203 -2.68 -3.04 -12.44
C THR N 203 -2.32 -2.97 -10.97
N GLY N 204 -2.95 -3.81 -10.15
CA GLY N 204 -2.84 -3.66 -8.71
C GLY N 204 -3.97 -2.87 -8.10
N PHE N 205 -4.91 -2.39 -8.92
CA PHE N 205 -6.13 -1.77 -8.43
C PHE N 205 -7.31 -2.73 -8.47
N GLY N 206 -7.04 -4.02 -8.58
CA GLY N 206 -8.08 -5.02 -8.57
C GLY N 206 -8.80 -5.15 -9.90
N ALA N 207 -9.41 -6.31 -10.11
CA ALA N 207 -10.07 -6.62 -11.37
C ALA N 207 -11.51 -6.15 -11.31
N MET N 208 -11.71 -4.86 -11.59
CA MET N 208 -13.03 -4.27 -11.58
C MET N 208 -13.20 -3.39 -12.79
N ASP N 209 -14.44 -3.30 -13.28
CA ASP N 209 -14.74 -2.36 -14.34
C ASP N 209 -14.69 -0.94 -13.80
N PHE N 210 -14.08 -0.05 -14.56
CA PHE N 210 -13.99 1.35 -14.17
C PHE N 210 -14.94 2.24 -14.95
N THR N 211 -15.66 1.69 -15.93
CA THR N 211 -16.59 2.52 -16.69
C THR N 211 -17.88 2.75 -15.90
N THR N 212 -18.46 1.69 -15.35
CA THR N 212 -19.73 1.77 -14.66
C THR N 212 -19.58 1.86 -13.14
N LEU N 213 -18.35 1.91 -12.63
CA LEU N 213 -18.15 1.95 -11.18
C LEU N 213 -17.31 3.11 -10.72
N GLN N 214 -16.62 3.82 -11.61
CA GLN N 214 -15.90 5.04 -11.29
C GLN N 214 -16.66 6.19 -11.94
N ALA N 215 -17.60 6.77 -11.20
CA ALA N 215 -18.44 7.81 -11.75
C ALA N 215 -17.69 9.12 -11.95
N ASN N 216 -16.68 9.39 -11.12
CA ASN N 216 -15.97 10.66 -11.23
C ASN N 216 -14.89 10.64 -12.30
N LYS N 217 -14.58 9.47 -12.87
CA LYS N 217 -13.67 9.30 -14.00
C LYS N 217 -12.25 9.76 -13.71
N SER N 218 -11.87 9.87 -12.45
CA SER N 218 -10.54 10.37 -12.10
C SER N 218 -9.95 9.60 -10.95
N GLU N 219 -10.08 8.27 -10.98
CA GLU N 219 -9.58 7.43 -9.90
C GLU N 219 -8.21 6.84 -10.20
N VAL N 220 -8.07 6.20 -11.36
CA VAL N 220 -6.88 5.44 -11.74
C VAL N 220 -6.16 6.21 -12.84
N PRO N 221 -4.95 5.84 -13.25
CA PRO N 221 -4.37 6.45 -14.45
C PRO N 221 -5.18 6.14 -15.70
N LEU N 222 -5.00 6.98 -16.71
CA LEU N 222 -5.96 7.03 -17.80
C LEU N 222 -5.85 5.88 -18.79
N ASP N 223 -4.82 5.03 -18.69
CA ASP N 223 -4.75 3.91 -19.63
C ASP N 223 -5.77 2.83 -19.32
N ILE N 224 -6.28 2.79 -18.09
CA ILE N 224 -7.32 1.85 -17.67
C ILE N 224 -8.53 2.59 -17.12
N CYS N 225 -8.72 3.85 -17.51
CA CYS N 225 -9.78 4.65 -16.89
C CYS N 225 -11.14 4.33 -17.47
N THR N 226 -11.24 3.99 -18.74
CA THR N 226 -12.52 3.71 -19.38
C THR N 226 -12.55 2.32 -19.99
N SER N 227 -11.97 1.34 -19.30
CA SER N 227 -11.95 -0.02 -19.84
C SER N 227 -11.94 -1.03 -18.71
N ILE N 228 -12.40 -2.22 -19.03
CA ILE N 228 -12.43 -3.33 -18.10
C ILE N 228 -11.03 -3.93 -18.01
N CYS N 229 -10.54 -4.17 -16.81
CA CYS N 229 -9.37 -5.00 -16.60
C CYS N 229 -9.80 -6.36 -16.10
N LYS N 230 -9.19 -7.41 -16.66
CA LYS N 230 -9.63 -8.78 -16.43
C LYS N 230 -8.47 -9.63 -15.94
N TYR N 231 -8.67 -10.31 -14.82
CA TYR N 231 -7.75 -11.35 -14.38
C TYR N 231 -8.22 -12.70 -14.91
N PRO N 232 -7.32 -13.56 -15.38
CA PRO N 232 -7.74 -14.84 -15.93
C PRO N 232 -8.24 -15.77 -14.83
N ASP N 233 -9.40 -16.38 -15.07
CA ASP N 233 -9.99 -17.28 -14.10
C ASP N 233 -9.33 -18.64 -14.20
N TYR N 234 -8.64 -19.05 -13.15
CA TYR N 234 -7.92 -20.31 -13.20
C TYR N 234 -8.82 -21.48 -12.79
N ILE N 235 -9.47 -21.39 -11.63
CA ILE N 235 -10.23 -22.50 -11.11
C ILE N 235 -11.51 -22.76 -11.90
N LYS N 236 -11.95 -21.79 -12.71
CA LYS N 236 -13.02 -22.08 -13.66
C LYS N 236 -12.51 -22.92 -14.82
N MET N 237 -11.32 -22.60 -15.33
CA MET N 237 -10.84 -23.21 -16.56
C MET N 237 -10.32 -24.63 -16.35
N VAL N 238 -9.73 -24.91 -15.19
CA VAL N 238 -9.26 -26.26 -14.92
C VAL N 238 -10.43 -27.20 -14.68
N SER N 239 -11.46 -26.72 -13.99
CA SER N 239 -12.61 -27.55 -13.66
C SER N 239 -13.61 -27.68 -14.80
N GLU N 240 -13.35 -27.06 -15.93
CA GLU N 240 -14.16 -27.29 -17.11
C GLU N 240 -13.92 -28.69 -17.65
N PRO N 241 -14.96 -29.39 -18.08
CA PRO N 241 -14.76 -30.70 -18.71
C PRO N 241 -14.07 -30.58 -20.05
N TYR N 242 -13.49 -31.71 -20.48
CA TYR N 242 -12.74 -31.95 -21.72
C TYR N 242 -11.39 -31.24 -21.81
N GLY N 243 -11.09 -30.36 -20.86
CA GLY N 243 -9.80 -29.70 -20.76
C GLY N 243 -9.39 -28.85 -21.95
N ASP N 244 -10.33 -28.43 -22.80
CA ASP N 244 -9.97 -27.72 -24.00
C ASP N 244 -9.59 -26.27 -23.76
N SER N 245 -9.76 -25.75 -22.55
CA SER N 245 -9.53 -24.34 -22.31
C SER N 245 -8.04 -24.04 -22.14
N LEU N 246 -7.30 -24.91 -21.49
CA LEU N 246 -5.86 -24.73 -21.38
C LEU N 246 -5.17 -26.08 -21.32
N PHE N 247 -4.04 -26.18 -22.00
CA PHE N 247 -3.17 -27.33 -21.85
C PHE N 247 -2.19 -27.14 -20.69
N PHE N 248 -1.59 -25.96 -20.60
CA PHE N 248 -0.73 -25.59 -19.46
C PHE N 248 -0.64 -24.07 -19.41
N TYR N 249 -0.02 -23.57 -18.34
CA TYR N 249 0.10 -22.13 -18.13
C TYR N 249 1.35 -21.84 -17.32
N LEU N 250 1.62 -20.55 -17.12
CA LEU N 250 2.82 -20.11 -16.41
C LEU N 250 2.55 -18.74 -15.80
N ARG N 251 3.28 -18.42 -14.73
CA ARG N 251 3.00 -17.21 -13.98
C ARG N 251 4.21 -16.75 -13.18
N ARG N 252 4.43 -15.44 -13.15
CA ARG N 252 5.34 -14.83 -12.19
C ARG N 252 4.92 -13.39 -11.97
N GLU N 253 4.47 -13.07 -10.75
CA GLU N 253 3.97 -11.75 -10.43
C GLU N 253 4.60 -11.24 -9.14
N GLN N 254 4.81 -9.92 -9.08
CA GLN N 254 5.30 -9.28 -7.86
C GLN N 254 4.84 -7.83 -7.83
N MET N 255 4.60 -7.33 -6.62
CA MET N 255 4.05 -5.99 -6.40
C MET N 255 4.22 -5.56 -4.95
N PHE N 256 4.70 -4.34 -4.72
CA PHE N 256 4.72 -3.81 -3.37
C PHE N 256 4.26 -2.37 -3.39
N VAL N 257 3.86 -1.89 -2.22
CA VAL N 257 3.22 -0.59 -2.09
C VAL N 257 4.28 0.47 -1.76
N ARG N 258 4.14 1.64 -2.39
CA ARG N 258 5.12 2.69 -2.29
C ARG N 258 4.61 3.92 -1.54
N HIS N 259 3.48 4.47 -1.94
CA HIS N 259 2.93 5.66 -1.30
C HIS N 259 1.52 5.38 -0.82
N LEU N 260 1.09 6.20 0.13
CA LEU N 260 -0.17 5.98 0.86
C LEU N 260 -0.91 7.32 0.92
N PHE N 261 -1.90 7.49 0.06
CA PHE N 261 -2.59 8.76 -0.06
C PHE N 261 -3.96 8.69 0.59
N ASN N 262 -4.62 9.85 0.68
CA ASN N 262 -5.97 9.96 1.21
C ASN N 262 -6.96 10.24 0.09
N ARG N 263 -8.10 9.58 0.19
CA ARG N 263 -9.22 9.81 -0.72
C ARG N 263 -9.81 11.21 -0.53
N ALA N 264 -10.24 11.82 -1.64
CA ALA N 264 -10.94 13.10 -1.58
C ALA N 264 -12.32 12.93 -2.21
N GLY N 265 -13.34 13.22 -1.44
CA GLY N 265 -14.71 12.97 -1.85
C GLY N 265 -15.55 12.57 -0.66
N ALA N 266 -16.87 12.62 -0.83
CA ALA N 266 -17.79 12.45 0.28
C ALA N 266 -17.81 11.00 0.72
N VAL N 267 -17.62 10.78 2.02
CA VAL N 267 -17.70 9.43 2.55
C VAL N 267 -19.16 8.99 2.56
N GLY N 268 -19.40 7.75 2.16
CA GLY N 268 -20.77 7.30 2.02
C GLY N 268 -21.45 7.05 3.35
N GLU N 269 -20.86 6.20 4.18
CA GLU N 269 -21.36 5.93 5.51
C GLU N 269 -20.35 6.45 6.51
N ASN N 270 -20.82 7.11 7.55
CA ASN N 270 -19.91 7.60 8.56
C ASN N 270 -19.44 6.45 9.44
N VAL N 271 -18.33 6.67 10.12
CA VAL N 271 -17.88 5.68 11.09
C VAL N 271 -18.82 5.69 12.29
N PRO N 272 -19.12 4.55 12.89
CA PRO N 272 -20.01 4.56 14.05
C PRO N 272 -19.32 5.16 15.27
N ASP N 273 -20.12 5.76 16.15
CA ASP N 273 -19.59 6.57 17.23
C ASP N 273 -18.91 5.73 18.32
N ASP N 274 -19.14 4.42 18.35
CA ASP N 274 -18.51 3.56 19.33
C ASP N 274 -17.11 3.13 18.94
N LEU N 275 -16.60 3.61 17.80
CA LEU N 275 -15.28 3.24 17.33
C LEU N 275 -14.20 4.16 17.85
N TYR N 276 -14.55 5.39 18.23
CA TYR N 276 -13.56 6.40 18.55
C TYR N 276 -14.14 7.37 19.58
N ILE N 277 -13.31 7.81 20.51
CA ILE N 277 -13.73 8.85 21.44
C ILE N 277 -13.79 10.17 20.69
N LYS N 278 -14.92 10.88 20.83
CA LYS N 278 -15.22 12.03 19.99
C LYS N 278 -14.27 13.18 20.24
N GLY N 279 -13.69 13.71 19.16
CA GLY N 279 -12.77 14.83 19.26
C GLY N 279 -13.48 16.16 19.27
N SER N 280 -12.69 17.20 19.49
CA SER N 280 -13.23 18.55 19.62
C SER N 280 -12.16 19.54 19.20
N GLY N 281 -12.49 20.83 19.34
CA GLY N 281 -11.56 21.87 18.91
C GLY N 281 -11.43 21.85 17.41
N SER N 282 -10.18 21.85 16.92
CA SER N 282 -9.94 21.69 15.50
C SER N 282 -10.20 20.29 15.02
N THR N 283 -10.14 19.30 15.92
CA THR N 283 -10.43 17.91 15.58
C THR N 283 -11.86 17.53 15.91
N ALA N 284 -12.80 18.46 15.76
CA ALA N 284 -14.19 18.13 15.97
C ALA N 284 -14.72 17.22 14.88
N ASN N 285 -14.24 17.40 13.65
CA ASN N 285 -14.68 16.59 12.52
C ASN N 285 -13.59 15.61 12.12
N LEU N 286 -13.91 14.83 11.10
CA LEU N 286 -13.02 13.78 10.62
C LEU N 286 -12.59 14.07 9.20
N ALA N 287 -11.40 13.60 8.85
CA ALA N 287 -10.97 13.57 7.46
C ALA N 287 -11.67 12.40 6.76
N SER N 288 -11.35 12.21 5.48
CA SER N 288 -11.88 11.06 4.77
C SER N 288 -11.22 9.80 5.30
N SER N 289 -12.05 8.81 5.65
CA SER N 289 -11.53 7.63 6.32
C SER N 289 -10.83 6.70 5.34
N ASN N 290 -11.39 6.53 4.15
CA ASN N 290 -10.87 5.56 3.20
C ASN N 290 -9.55 6.01 2.60
N TYR N 291 -8.69 5.03 2.31
CA TYR N 291 -7.39 5.26 1.72
C TYR N 291 -7.25 4.38 0.48
N PHE N 292 -6.32 4.75 -0.37
CA PHE N 292 -5.98 3.94 -1.51
C PHE N 292 -4.47 3.97 -1.67
N PRO N 293 -3.86 2.83 -1.98
CA PRO N 293 -2.40 2.75 -2.02
C PRO N 293 -1.88 3.06 -3.41
N THR N 294 -0.57 3.23 -3.49
CA THR N 294 0.10 3.44 -4.77
C THR N 294 1.01 2.25 -5.04
N PRO N 295 0.78 1.49 -6.10
CA PRO N 295 1.57 0.28 -6.32
C PRO N 295 2.94 0.61 -6.89
N SER N 296 3.84 -0.36 -6.78
CA SER N 296 5.17 -0.21 -7.36
C SER N 296 5.74 -1.57 -7.69
N GLY N 297 6.25 -1.72 -8.91
CA GLY N 297 6.93 -2.93 -9.30
C GLY N 297 8.41 -2.81 -8.98
N SER N 298 8.99 -3.91 -8.51
CA SER N 298 10.41 -3.94 -8.16
C SER N 298 11.27 -4.13 -9.40
N MET N 299 12.53 -4.49 -9.18
CA MET N 299 13.48 -4.56 -10.28
C MET N 299 13.20 -5.74 -11.19
N VAL N 300 13.21 -5.50 -12.49
CA VAL N 300 13.18 -6.58 -13.46
C VAL N 300 14.57 -7.20 -13.57
N THR N 301 14.63 -8.41 -14.09
CA THR N 301 15.92 -9.04 -14.31
C THR N 301 15.83 -10.01 -15.48
N SER N 302 16.99 -10.44 -15.95
CA SER N 302 17.08 -11.48 -16.97
C SER N 302 17.16 -12.87 -16.37
N ASP N 303 17.06 -12.99 -15.05
CA ASP N 303 17.07 -14.28 -14.39
C ASP N 303 15.67 -14.83 -14.19
N ALA N 304 14.70 -13.95 -13.95
CA ALA N 304 13.32 -14.34 -13.72
C ALA N 304 12.46 -14.22 -14.97
N GLN N 305 13.02 -14.52 -16.13
CA GLN N 305 12.24 -14.43 -17.35
C GLN N 305 11.50 -15.74 -17.62
N ILE N 306 10.58 -15.69 -18.57
CA ILE N 306 9.74 -16.84 -18.90
C ILE N 306 10.01 -17.23 -20.35
N PHE N 307 10.19 -16.25 -21.21
CA PHE N 307 10.19 -16.45 -22.64
C PHE N 307 11.60 -16.71 -23.18
N ASN N 308 11.69 -16.80 -24.50
CA ASN N 308 12.91 -17.16 -25.25
C ASN N 308 13.48 -18.51 -24.82
N LYS N 309 12.62 -19.45 -24.43
CA LYS N 309 13.05 -20.81 -24.14
C LYS N 309 11.87 -21.73 -24.44
N PRO N 310 12.11 -22.88 -25.05
CA PRO N 310 11.00 -23.71 -25.51
C PRO N 310 10.29 -24.41 -24.36
N TYR N 311 9.14 -25.02 -24.68
CA TYR N 311 8.31 -25.67 -23.69
C TYR N 311 7.78 -26.98 -24.28
N TRP N 312 8.48 -28.08 -24.01
CA TRP N 312 8.05 -29.40 -24.45
C TRP N 312 7.04 -29.95 -23.46
N LEU N 313 5.84 -30.26 -23.92
CA LEU N 313 4.81 -30.80 -23.05
C LEU N 313 4.73 -32.32 -23.22
N GLN N 314 4.73 -33.03 -22.09
CA GLN N 314 4.61 -34.47 -22.05
C GLN N 314 3.18 -34.93 -21.78
N ARG N 315 2.49 -34.28 -20.86
CA ARG N 315 1.09 -34.57 -20.60
C ARG N 315 0.43 -33.31 -20.06
N ALA N 316 -0.60 -32.85 -20.76
CA ALA N 316 -1.34 -31.69 -20.29
C ALA N 316 -2.19 -32.05 -19.08
N GLN N 317 -2.62 -31.03 -18.36
CA GLN N 317 -3.32 -31.26 -17.09
C GLN N 317 -4.71 -31.80 -17.31
N GLY N 318 -5.35 -31.46 -18.43
CA GLY N 318 -6.71 -31.85 -18.68
C GLY N 318 -6.81 -33.21 -19.33
N HIS N 319 -8.00 -33.50 -19.84
CA HIS N 319 -8.18 -34.75 -20.57
C HIS N 319 -7.68 -34.65 -22.00
N ASN N 320 -7.79 -33.47 -22.60
CA ASN N 320 -7.25 -33.24 -23.93
C ASN N 320 -5.75 -33.13 -23.83
N ASN N 321 -5.02 -34.11 -24.36
CA ASN N 321 -3.57 -34.11 -24.27
C ASN N 321 -2.97 -33.42 -25.51
N GLY N 322 -3.37 -32.18 -25.71
CA GLY N 322 -2.86 -31.39 -26.81
C GLY N 322 -3.36 -31.84 -28.16
N ILE N 323 -4.65 -31.67 -28.42
CA ILE N 323 -5.26 -31.99 -29.70
C ILE N 323 -5.98 -30.74 -30.19
N CYS N 324 -5.76 -30.38 -31.45
CA CYS N 324 -6.30 -29.14 -32.01
C CYS N 324 -7.53 -29.44 -32.85
N TRP N 325 -8.69 -29.47 -32.19
CA TRP N 325 -9.93 -29.61 -32.93
C TRP N 325 -10.24 -28.33 -33.69
N GLY N 326 -10.78 -28.50 -34.89
CA GLY N 326 -11.10 -27.38 -35.74
C GLY N 326 -9.91 -26.75 -36.44
N ASN N 327 -8.71 -27.30 -36.24
CA ASN N 327 -7.45 -26.82 -36.81
C ASN N 327 -7.18 -25.36 -36.43
N GLN N 328 -7.15 -25.12 -35.12
CA GLN N 328 -6.78 -23.82 -34.57
C GLN N 328 -6.28 -24.02 -33.15
N LEU N 329 -5.50 -23.05 -32.67
CA LEU N 329 -5.11 -23.00 -31.28
C LEU N 329 -4.90 -21.54 -30.91
N PHE N 330 -5.00 -21.24 -29.62
CA PHE N 330 -5.01 -19.87 -29.11
C PHE N 330 -3.84 -19.69 -28.17
N VAL N 331 -3.01 -18.68 -28.41
CA VAL N 331 -1.87 -18.38 -27.56
C VAL N 331 -2.07 -17.00 -26.97
N THR N 332 -2.03 -16.90 -25.65
CA THR N 332 -2.04 -15.59 -25.01
C THR N 332 -0.75 -15.38 -24.24
N VAL N 333 -0.44 -14.10 -24.02
CA VAL N 333 0.78 -13.69 -23.35
C VAL N 333 0.58 -12.26 -22.87
N VAL N 334 1.06 -11.97 -21.66
CA VAL N 334 1.07 -10.62 -21.11
C VAL N 334 2.47 -10.34 -20.60
N ASP N 335 3.10 -9.29 -21.12
CA ASP N 335 4.44 -8.92 -20.74
C ASP N 335 4.47 -7.45 -20.33
N THR N 336 5.02 -7.18 -19.16
CA THR N 336 5.24 -5.82 -18.73
C THR N 336 6.70 -5.52 -18.42
N THR N 337 7.60 -6.47 -18.62
CA THR N 337 9.02 -6.23 -18.42
C THR N 337 9.69 -5.60 -19.62
N ARG N 338 8.94 -5.22 -20.64
CA ARG N 338 9.50 -4.62 -21.85
C ARG N 338 8.64 -3.47 -22.31
N SER N 339 8.26 -2.59 -21.38
CA SER N 339 7.24 -1.58 -21.65
C SER N 339 7.80 -0.16 -21.60
N THR N 340 9.02 0.07 -22.05
CA THR N 340 9.55 1.43 -22.10
C THR N 340 8.99 2.15 -23.30
N ASN N 341 8.40 3.31 -23.06
CA ASN N 341 7.85 4.14 -24.14
C ASN N 341 8.90 5.15 -24.56
N MET N 342 9.28 5.11 -25.83
CA MET N 342 10.24 6.08 -26.33
C MET N 342 9.56 7.43 -26.49
N SER N 343 10.33 8.50 -26.31
CA SER N 343 9.79 9.84 -26.19
C SER N 343 10.48 10.74 -27.21
N LEU N 344 9.87 10.89 -28.37
CA LEU N 344 10.44 11.70 -29.43
C LEU N 344 9.93 13.13 -29.34
N CYS N 345 10.56 14.00 -30.12
CA CYS N 345 10.12 15.38 -30.28
C CYS N 345 10.67 15.90 -31.59
N ALA N 346 9.95 16.85 -32.19
CA ALA N 346 10.32 17.37 -33.50
C ALA N 346 10.16 18.87 -33.51
N ALA N 347 11.16 19.56 -34.04
CA ALA N 347 11.17 21.01 -34.07
C ALA N 347 10.41 21.54 -35.28
N ILE N 348 9.88 22.75 -35.15
CA ILE N 348 9.28 23.42 -36.29
C ILE N 348 10.28 24.30 -37.04
N SER N 349 11.35 24.72 -36.37
CA SER N 349 12.36 25.57 -36.99
C SER N 349 13.63 25.46 -36.18
N THR N 350 14.71 24.99 -36.81
CA THR N 350 16.00 24.85 -36.15
C THR N 350 16.89 26.07 -36.33
N SER N 351 16.37 27.15 -36.91
CA SER N 351 17.18 28.30 -37.23
C SER N 351 17.51 29.16 -36.02
N GLU N 352 16.88 28.91 -34.87
CA GLU N 352 17.01 29.83 -33.75
C GLU N 352 18.34 29.64 -33.03
N THR N 353 18.79 30.70 -32.37
CA THR N 353 20.00 30.70 -31.58
C THR N 353 19.76 30.20 -30.17
N THR N 354 18.64 30.59 -29.58
CA THR N 354 18.34 30.26 -28.19
C THR N 354 17.35 29.11 -28.11
N TYR N 355 17.11 28.66 -26.88
CA TYR N 355 16.17 27.58 -26.60
C TYR N 355 14.88 28.19 -26.09
N LYS N 356 13.81 28.05 -26.86
CA LYS N 356 12.48 28.47 -26.46
C LYS N 356 11.58 27.26 -26.45
N ASN N 357 10.90 27.02 -25.33
CA ASN N 357 10.15 25.78 -25.17
C ASN N 357 8.88 25.73 -26.01
N THR N 358 8.51 26.81 -26.67
CA THR N 358 7.40 26.78 -27.62
C THR N 358 7.84 26.42 -29.03
N ASN N 359 9.10 26.02 -29.21
CA ASN N 359 9.61 25.64 -30.51
C ASN N 359 9.48 24.14 -30.79
N PHE N 360 9.02 23.36 -29.83
CA PHE N 360 9.02 21.90 -29.98
C PHE N 360 7.69 21.33 -29.54
N LYS N 361 7.24 20.32 -30.28
CA LYS N 361 6.10 19.51 -29.87
C LYS N 361 6.60 18.19 -29.30
N GLU N 362 5.80 17.59 -28.43
CA GLU N 362 6.17 16.34 -27.78
C GLU N 362 5.18 15.24 -28.14
N TYR N 363 5.69 14.01 -28.22
CA TYR N 363 4.88 12.85 -28.54
C TYR N 363 5.35 11.68 -27.70
N LEU N 364 4.56 10.60 -27.73
CA LEU N 364 4.93 9.34 -27.11
C LEU N 364 4.64 8.21 -28.08
N ARG N 365 5.54 7.26 -28.16
CA ARG N 365 5.38 6.09 -29.02
C ARG N 365 5.86 4.87 -28.25
N HIS N 366 5.29 3.72 -28.58
CA HIS N 366 5.63 2.47 -27.91
C HIS N 366 5.84 1.38 -28.94
N GLY N 367 6.90 0.61 -28.77
CA GLY N 367 7.18 -0.51 -29.65
C GLY N 367 6.90 -1.83 -28.97
N GLU N 368 6.75 -2.86 -29.78
CA GLU N 368 6.43 -4.20 -29.29
C GLU N 368 6.80 -5.21 -30.37
N GLU N 369 7.39 -6.32 -29.96
CA GLU N 369 7.97 -7.26 -30.90
C GLU N 369 7.77 -8.69 -30.41
N TYR N 370 7.48 -9.62 -31.32
CA TYR N 370 7.14 -10.98 -30.96
C TYR N 370 7.73 -11.98 -31.94
N ASP N 371 7.63 -13.25 -31.56
CA ASP N 371 7.92 -14.41 -32.39
C ASP N 371 7.08 -15.57 -31.86
N LEU N 372 6.61 -16.40 -32.78
CA LEU N 372 5.91 -17.63 -32.44
C LEU N 372 6.49 -18.76 -33.29
N GLN N 373 6.75 -19.90 -32.66
CA GLN N 373 7.32 -21.05 -33.36
C GLN N 373 6.76 -22.31 -32.73
N PHE N 374 6.29 -23.24 -33.56
CA PHE N 374 5.60 -24.43 -33.07
C PHE N 374 6.18 -25.70 -33.68
N ILE N 375 5.76 -26.83 -33.14
CA ILE N 375 5.94 -28.14 -33.76
C ILE N 375 4.61 -28.88 -33.64
N PHE N 376 4.11 -29.37 -34.76
CA PHE N 376 2.87 -30.13 -34.76
C PHE N 376 3.13 -31.58 -35.13
N GLN N 377 2.42 -32.48 -34.48
CA GLN N 377 2.49 -33.90 -34.77
C GLN N 377 1.21 -34.35 -35.46
N LEU N 378 1.34 -35.32 -36.35
CA LEU N 378 0.22 -35.79 -37.15
C LEU N 378 -0.45 -36.97 -36.47
N CYS N 379 -1.74 -36.83 -36.17
CA CYS N 379 -2.49 -37.85 -35.45
C CYS N 379 -3.76 -38.21 -36.21
N LYS N 380 -4.12 -39.49 -36.20
CA LYS N 380 -5.26 -39.99 -36.94
C LYS N 380 -6.27 -40.62 -35.97
N ILE N 381 -7.52 -40.70 -36.44
CA ILE N 381 -8.63 -41.19 -35.62
C ILE N 381 -9.34 -42.31 -36.38
N THR N 382 -9.38 -43.50 -35.81
CA THR N 382 -10.26 -44.54 -36.33
C THR N 382 -11.69 -44.22 -35.94
N LEU N 383 -12.62 -44.38 -36.89
CA LEU N 383 -13.99 -43.90 -36.70
C LEU N 383 -14.97 -45.06 -36.67
N THR N 384 -15.25 -45.56 -35.47
CA THR N 384 -16.34 -46.48 -35.19
C THR N 384 -17.58 -45.67 -34.82
N ALA N 385 -18.76 -46.28 -35.02
CA ALA N 385 -20.01 -45.63 -34.68
C ALA N 385 -20.15 -45.37 -33.19
N ASP N 386 -19.47 -46.14 -32.35
CA ASP N 386 -19.42 -45.83 -30.93
C ASP N 386 -18.60 -44.57 -30.68
N VAL N 387 -17.52 -44.39 -31.43
CA VAL N 387 -16.72 -43.18 -31.31
C VAL N 387 -17.42 -42.03 -32.02
N MET N 388 -18.30 -42.32 -32.98
CA MET N 388 -18.93 -41.27 -33.76
C MET N 388 -19.94 -40.48 -32.95
N THR N 389 -20.60 -41.11 -31.98
CA THR N 389 -21.52 -40.36 -31.14
C THR N 389 -20.81 -39.59 -30.05
N TYR N 390 -19.58 -39.99 -29.69
CA TYR N 390 -18.86 -39.29 -28.65
C TYR N 390 -18.36 -37.93 -29.14
N ILE N 391 -17.80 -37.89 -30.35
CA ILE N 391 -17.38 -36.62 -30.94
C ILE N 391 -18.61 -35.80 -31.31
N HIS N 392 -19.73 -36.45 -31.61
CA HIS N 392 -21.00 -35.77 -31.81
C HIS N 392 -21.49 -35.09 -30.55
N SER N 393 -21.02 -35.50 -29.38
CA SER N 393 -21.56 -35.00 -28.12
C SER N 393 -20.72 -33.87 -27.53
N MET N 394 -19.40 -33.93 -27.66
CA MET N 394 -18.58 -32.89 -27.04
C MET N 394 -18.61 -31.60 -27.84
N ASN N 395 -18.53 -31.69 -29.16
CA ASN N 395 -18.58 -30.50 -30.02
C ASN N 395 -19.14 -30.93 -31.36
N SER N 396 -20.39 -30.58 -31.62
CA SER N 396 -21.10 -31.08 -32.79
C SER N 396 -20.60 -30.48 -34.09
N THR N 397 -19.88 -29.37 -34.03
CA THR N 397 -19.42 -28.71 -35.24
C THR N 397 -18.18 -29.36 -35.85
N ILE N 398 -17.62 -30.40 -35.21
CA ILE N 398 -16.44 -31.05 -35.76
C ILE N 398 -16.82 -31.90 -36.98
N LEU N 399 -17.91 -32.65 -36.88
CA LEU N 399 -18.33 -33.49 -38.00
C LEU N 399 -18.90 -32.68 -39.14
N GLU N 400 -19.44 -31.49 -38.85
CA GLU N 400 -19.87 -30.60 -39.92
C GLU N 400 -18.68 -29.97 -40.63
N ASP N 401 -17.57 -29.78 -39.93
CA ASP N 401 -16.37 -29.24 -40.54
C ASP N 401 -15.51 -30.31 -41.21
N TRP N 402 -15.72 -31.58 -40.86
CA TRP N 402 -15.37 -32.66 -41.77
C TRP N 402 -16.53 -32.84 -42.75
N ASN N 403 -16.41 -33.81 -43.66
CA ASN N 403 -17.49 -34.09 -44.59
C ASN N 403 -18.24 -35.36 -44.21
N PHE N 404 -18.28 -35.70 -42.93
CA PHE N 404 -18.81 -36.97 -42.49
C PHE N 404 -20.27 -36.92 -42.09
N GLY N 405 -20.78 -35.76 -41.66
CA GLY N 405 -22.16 -35.64 -41.24
C GLY N 405 -23.13 -35.75 -42.40
N LEU N 406 -23.87 -36.85 -42.47
CA LEU N 406 -24.63 -37.21 -43.65
C LEU N 406 -26.13 -37.22 -43.33
N GLN N 407 -26.89 -36.45 -44.09
CA GLN N 407 -28.34 -36.52 -44.14
C GLN N 407 -28.80 -36.03 -45.51
N PRO N 408 -29.42 -36.89 -46.31
CA PRO N 408 -29.78 -36.50 -47.67
C PRO N 408 -31.20 -35.97 -47.75
N PRO N 409 -31.38 -34.76 -48.29
CA PRO N 409 -32.70 -34.37 -48.80
C PRO N 409 -32.83 -34.72 -50.27
N PRO N 410 -33.91 -35.40 -50.67
CA PRO N 410 -34.06 -35.80 -52.09
C PRO N 410 -34.28 -34.63 -53.04
N GLY N 411 -35.26 -33.78 -52.76
CA GLY N 411 -35.55 -32.66 -53.63
C GLY N 411 -36.62 -32.99 -54.66
N GLY N 412 -37.40 -31.97 -55.00
CA GLY N 412 -38.54 -32.11 -55.88
C GLY N 412 -38.35 -31.72 -57.32
N THR N 413 -37.13 -31.31 -57.71
CA THR N 413 -36.77 -30.83 -59.06
C THR N 413 -37.70 -29.70 -59.51
N LEU N 414 -37.60 -28.59 -58.79
CA LEU N 414 -38.51 -27.46 -58.96
C LEU N 414 -38.33 -26.81 -60.32
N GLU N 415 -39.42 -26.31 -60.87
CA GLU N 415 -39.40 -25.80 -62.24
C GLU N 415 -38.91 -24.37 -62.27
N ASP N 416 -38.08 -24.12 -63.29
CA ASP N 416 -37.43 -22.81 -63.59
C ASP N 416 -38.52 -21.88 -64.11
N THR N 417 -38.30 -20.56 -63.99
CA THR N 417 -39.26 -19.53 -64.44
C THR N 417 -39.12 -19.22 -65.92
N TYR N 418 -39.86 -18.20 -66.36
CA TYR N 418 -39.93 -17.73 -67.77
C TYR N 418 -38.58 -17.20 -68.23
N ARG N 419 -38.29 -17.41 -69.52
CA ARG N 419 -37.01 -17.00 -70.16
C ARG N 419 -36.81 -15.48 -70.18
N PHE N 420 -37.85 -14.68 -70.40
CA PHE N 420 -37.62 -13.21 -70.51
C PHE N 420 -36.98 -12.68 -69.23
N VAL N 421 -37.51 -13.07 -68.06
CA VAL N 421 -36.98 -12.80 -66.69
C VAL N 421 -36.84 -11.30 -66.33
N THR N 422 -35.92 -10.59 -66.99
CA THR N 422 -35.65 -9.17 -66.64
C THR N 422 -36.84 -8.26 -66.90
N SER N 423 -37.51 -8.42 -68.05
CA SER N 423 -38.64 -7.51 -68.39
C SER N 423 -39.92 -8.28 -68.74
N GLN N 424 -41.03 -7.89 -68.09
CA GLN N 424 -42.42 -8.41 -68.30
C GLN N 424 -42.60 -9.84 -67.78
N ALA N 425 -41.65 -10.37 -66.99
CA ALA N 425 -41.77 -11.73 -66.43
C ALA N 425 -42.90 -11.71 -65.40
N ILE N 426 -43.66 -12.79 -65.27
CA ILE N 426 -44.78 -12.66 -64.35
C ILE N 426 -44.31 -12.87 -62.93
N ALA N 427 -43.61 -13.98 -62.69
CA ALA N 427 -42.90 -14.21 -61.46
C ALA N 427 -41.65 -13.33 -61.46
N CYS N 428 -41.87 -12.06 -61.16
CA CYS N 428 -40.75 -11.13 -61.15
C CYS N 428 -40.17 -11.03 -59.75
N GLN N 429 -38.87 -10.72 -59.71
CA GLN N 429 -38.04 -10.82 -58.51
C GLN N 429 -38.18 -12.20 -57.87
N LYS N 430 -37.65 -13.22 -58.56
CA LYS N 430 -37.55 -14.52 -57.94
C LYS N 430 -36.15 -14.76 -57.45
N HIS N 431 -35.18 -14.09 -58.06
CA HIS N 431 -33.82 -14.07 -57.55
C HIS N 431 -33.80 -13.31 -56.23
N THR N 432 -33.53 -14.04 -55.15
CA THR N 432 -33.49 -13.48 -53.80
C THR N 432 -32.34 -14.16 -53.07
N PRO N 433 -31.41 -13.39 -52.51
CA PRO N 433 -30.23 -14.00 -51.91
C PRO N 433 -30.49 -14.38 -50.45
N PRO N 434 -30.18 -15.61 -50.08
CA PRO N 434 -30.00 -15.93 -48.66
C PRO N 434 -28.62 -15.50 -48.21
N ALA N 435 -28.52 -15.08 -46.96
CA ALA N 435 -27.23 -14.74 -46.35
C ALA N 435 -27.06 -15.43 -45.00
N PRO N 436 -26.85 -16.77 -44.97
CA PRO N 436 -26.58 -17.42 -43.70
C PRO N 436 -25.11 -17.69 -43.43
N LYS N 437 -24.22 -17.19 -44.30
CA LYS N 437 -22.81 -17.58 -44.30
C LYS N 437 -22.12 -16.95 -43.10
N GLU N 438 -22.17 -17.67 -41.99
CA GLU N 438 -21.74 -17.17 -40.70
C GLU N 438 -21.03 -18.28 -39.94
N ASP N 439 -20.02 -17.88 -39.17
CA ASP N 439 -19.44 -18.76 -38.18
C ASP N 439 -19.57 -18.13 -36.80
N PRO N 440 -19.54 -18.94 -35.74
CA PRO N 440 -19.34 -18.38 -34.39
C PRO N 440 -17.92 -17.86 -34.21
N LEU N 441 -17.66 -17.33 -33.01
CA LEU N 441 -16.44 -16.65 -32.55
C LEU N 441 -16.11 -15.37 -33.31
N LYS N 442 -16.97 -14.92 -34.23
CA LYS N 442 -16.62 -13.76 -35.04
C LYS N 442 -17.15 -12.45 -34.48
N LYS N 443 -17.91 -12.48 -33.39
CA LYS N 443 -18.30 -11.22 -32.78
C LYS N 443 -17.14 -10.59 -32.02
N TYR N 444 -16.23 -11.41 -31.51
CA TYR N 444 -15.04 -10.93 -30.85
C TYR N 444 -13.96 -10.65 -31.88
N THR N 445 -13.15 -9.63 -31.62
CA THR N 445 -12.03 -9.32 -32.48
C THR N 445 -10.73 -9.39 -31.68
N PHE N 446 -9.70 -9.94 -32.32
CA PHE N 446 -8.37 -10.09 -31.73
C PHE N 446 -7.39 -10.50 -32.84
N TRP N 447 -6.12 -10.60 -32.46
CA TRP N 447 -5.03 -10.74 -33.41
C TRP N 447 -5.05 -12.12 -34.05
N GLU N 448 -5.00 -12.15 -35.37
CA GLU N 448 -4.90 -13.39 -36.13
C GLU N 448 -3.54 -13.50 -36.79
N VAL N 449 -3.08 -14.73 -36.97
CA VAL N 449 -1.94 -15.00 -37.85
C VAL N 449 -2.38 -16.03 -38.86
N ASN N 450 -1.59 -16.16 -39.92
CA ASN N 450 -1.90 -17.04 -41.04
C ASN N 450 -0.76 -18.04 -41.18
N LEU N 451 -0.95 -19.22 -40.59
CA LEU N 451 0.04 -20.28 -40.67
C LEU N 451 -0.30 -21.31 -41.76
N LYS N 452 -1.06 -20.90 -42.77
CA LYS N 452 -1.50 -21.86 -43.79
C LYS N 452 -0.36 -22.25 -44.72
N GLU N 453 0.57 -21.33 -44.99
CA GLU N 453 1.60 -21.55 -45.99
C GLU N 453 3.01 -21.53 -45.38
N LYS N 454 3.15 -21.90 -44.12
CA LYS N 454 4.44 -21.83 -43.45
C LYS N 454 4.89 -23.19 -42.92
N PHE N 455 4.32 -24.27 -43.40
CA PHE N 455 4.71 -25.57 -42.88
C PHE N 455 6.00 -26.06 -43.53
N SER N 456 6.62 -27.04 -42.88
CA SER N 456 7.81 -27.69 -43.41
C SER N 456 8.02 -29.01 -42.69
N ALA N 457 8.61 -29.97 -43.39
CA ALA N 457 8.93 -31.26 -42.80
C ALA N 457 10.40 -31.41 -42.46
N ASP N 458 11.25 -30.49 -42.90
CA ASP N 458 12.68 -30.54 -42.63
C ASP N 458 12.96 -29.76 -41.36
N LEU N 459 13.34 -30.46 -40.30
CA LEU N 459 13.54 -29.81 -39.01
C LEU N 459 14.89 -29.13 -38.90
N ASP N 460 15.88 -29.58 -39.66
CA ASP N 460 17.24 -29.08 -39.50
C ASP N 460 17.48 -27.72 -40.14
N GLN N 461 16.50 -27.17 -40.85
CA GLN N 461 16.64 -25.86 -41.45
C GLN N 461 16.03 -24.75 -40.61
N PHE N 462 15.87 -24.97 -39.30
CA PHE N 462 15.11 -24.05 -38.48
C PHE N 462 15.71 -23.99 -37.08
N PRO N 463 15.59 -22.85 -36.39
CA PRO N 463 16.25 -22.72 -35.08
C PRO N 463 15.63 -23.58 -34.00
N LEU N 464 14.31 -23.78 -34.00
CA LEU N 464 13.72 -24.64 -33.00
C LEU N 464 13.95 -26.10 -33.30
N GLY N 465 14.06 -26.46 -34.59
CA GLY N 465 14.14 -27.85 -34.98
C GLY N 465 15.38 -28.57 -34.52
N ARG N 466 16.49 -27.85 -34.36
CA ARG N 466 17.67 -28.47 -33.78
C ARG N 466 17.53 -28.63 -32.28
N LYS N 467 16.76 -27.76 -31.63
CA LYS N 467 16.52 -27.92 -30.21
C LYS N 467 15.52 -29.04 -29.92
N PHE N 468 14.74 -29.45 -30.92
CA PHE N 468 13.81 -30.55 -30.70
C PHE N 468 14.52 -31.89 -30.73
N LEU N 469 15.48 -32.06 -31.65
CA LEU N 469 16.16 -33.34 -31.76
C LEU N 469 17.08 -33.59 -30.58
N LEU N 470 17.68 -32.54 -30.03
CA LEU N 470 18.49 -32.71 -28.83
C LEU N 470 17.67 -33.11 -27.61
N GLN N 471 16.37 -32.84 -27.63
CA GLN N 471 15.49 -33.34 -26.58
C GLN N 471 15.31 -34.86 -26.69
N ALA N 472 15.36 -35.42 -27.90
CA ALA N 472 15.07 -36.85 -28.04
C ALA N 472 16.02 -37.60 -28.97
N GLY N 473 17.22 -37.07 -29.23
CA GLY N 473 18.18 -37.80 -30.06
C GLY N 473 17.78 -37.80 -31.53
N LEU N 474 17.94 -38.96 -32.16
CA LEU N 474 17.55 -39.27 -33.54
C LEU N 474 18.11 -38.25 -34.55
N LYS N 475 19.43 -38.07 -34.52
CA LYS N 475 20.05 -37.28 -35.57
C LYS N 475 19.99 -38.05 -36.88
N ALA N 476 19.49 -37.37 -37.92
CA ALA N 476 19.27 -38.01 -39.22
C ALA N 476 19.82 -37.07 -40.28
N LYS N 477 21.11 -37.20 -40.56
CA LYS N 477 21.73 -36.36 -41.58
C LYS N 477 22.96 -36.99 -42.27
N PRO N 478 22.84 -38.15 -42.92
CA PRO N 478 24.01 -38.67 -43.63
C PRO N 478 24.19 -38.07 -45.01
N LYS N 479 25.26 -37.31 -45.19
CA LYS N 479 25.58 -36.80 -46.52
C LYS N 479 27.03 -37.04 -46.92
N PHE N 480 27.97 -36.93 -45.97
CA PHE N 480 29.43 -37.03 -46.18
C PHE N 480 29.92 -36.09 -47.27
N LEU O 3 -26.31 -35.34 -57.85
CA LEU O 3 -26.23 -34.99 -59.30
C LEU O 3 -24.84 -34.43 -59.61
N TRP O 4 -23.80 -35.06 -59.06
CA TRP O 4 -22.36 -34.73 -59.25
C TRP O 4 -21.95 -33.41 -58.56
N LEU O 5 -22.52 -32.26 -58.99
CA LEU O 5 -22.33 -30.86 -58.48
C LEU O 5 -20.96 -30.26 -58.85
N PRO O 6 -20.88 -29.01 -59.38
CA PRO O 6 -19.60 -28.45 -59.80
C PRO O 6 -18.94 -27.60 -58.71
N SER O 7 -17.72 -27.96 -58.32
CA SER O 7 -16.96 -27.23 -57.26
C SER O 7 -15.46 -27.40 -57.50
N GLU O 8 -14.65 -26.49 -56.97
CA GLU O 8 -13.17 -26.60 -57.15
C GLU O 8 -12.55 -27.12 -55.85
N ALA O 9 -11.92 -28.29 -55.93
CA ALA O 9 -11.25 -28.90 -54.76
C ALA O 9 -9.90 -28.22 -54.54
N THR O 10 -9.39 -28.29 -53.31
CA THR O 10 -8.07 -27.70 -52.98
C THR O 10 -7.18 -28.83 -52.44
N VAL O 11 -5.99 -29.02 -52.99
CA VAL O 11 -5.11 -30.08 -52.45
C VAL O 11 -3.75 -29.44 -52.23
N TYR O 12 -3.05 -29.87 -51.17
CA TYR O 12 -1.64 -29.55 -50.97
C TYR O 12 -0.77 -30.65 -51.57
N LEU O 13 0.24 -30.25 -52.37
CA LEU O 13 1.13 -31.18 -53.05
C LEU O 13 2.55 -31.07 -52.50
N PRO O 14 3.28 -32.17 -52.38
CA PRO O 14 4.58 -32.10 -51.72
C PRO O 14 5.61 -31.47 -52.62
N PRO O 15 6.59 -30.77 -52.05
CA PRO O 15 7.70 -30.27 -52.87
C PRO O 15 8.78 -31.32 -53.07
N VAL O 16 8.90 -31.85 -54.29
CA VAL O 16 10.10 -32.60 -54.67
C VAL O 16 11.33 -31.69 -54.67
N PRO O 17 11.22 -30.33 -54.81
CA PRO O 17 12.24 -29.43 -54.29
C PRO O 17 12.65 -29.70 -52.84
N VAL O 18 13.90 -30.12 -52.66
CA VAL O 18 14.58 -30.05 -51.37
C VAL O 18 15.99 -29.50 -51.60
N SER O 19 16.47 -28.72 -50.63
CA SER O 19 17.88 -28.37 -50.52
C SER O 19 18.29 -28.50 -49.06
N LYS O 20 19.59 -28.53 -48.80
CA LYS O 20 20.07 -28.91 -47.48
C LYS O 20 21.08 -27.90 -46.95
N VAL O 21 21.21 -27.90 -45.63
CA VAL O 21 22.32 -27.27 -44.91
C VAL O 21 22.76 -28.29 -43.86
N VAL O 22 23.97 -28.81 -44.01
CA VAL O 22 24.47 -29.88 -43.16
C VAL O 22 25.43 -29.29 -42.14
N SER O 23 25.39 -29.82 -40.93
CA SER O 23 26.24 -29.32 -39.86
C SER O 23 27.70 -29.70 -40.11
N THR O 24 28.59 -28.95 -39.46
CA THR O 24 30.03 -29.01 -39.70
C THR O 24 30.65 -30.28 -39.17
N ASP O 25 29.94 -31.03 -38.32
CA ASP O 25 30.43 -32.32 -37.84
C ASP O 25 30.59 -33.35 -38.95
N GLU O 26 29.97 -33.15 -40.11
CA GLU O 26 30.01 -34.15 -41.16
C GLU O 26 31.30 -34.12 -41.98
N TYR O 27 31.77 -32.93 -42.36
CA TYR O 27 32.85 -32.85 -43.35
C TYR O 27 34.12 -32.19 -42.82
N VAL O 28 34.32 -32.17 -41.50
CA VAL O 28 35.56 -31.65 -40.92
C VAL O 28 36.11 -32.72 -39.99
N ALA O 29 37.33 -33.17 -40.26
CA ALA O 29 37.96 -34.23 -39.47
C ALA O 29 38.83 -33.61 -38.39
N ARG O 30 38.49 -33.85 -37.14
CA ARG O 30 39.23 -33.27 -36.03
C ARG O 30 40.57 -33.96 -35.86
N THR O 31 41.56 -33.19 -35.46
CA THR O 31 42.92 -33.66 -35.24
C THR O 31 43.22 -33.67 -33.74
N ASN O 32 44.48 -33.95 -33.42
CA ASN O 32 44.90 -34.13 -32.03
C ASN O 32 45.90 -33.08 -31.59
N ILE O 33 45.86 -31.90 -32.20
CA ILE O 33 46.86 -30.86 -31.98
C ILE O 33 46.14 -29.62 -31.47
N TYR O 34 46.48 -29.18 -30.26
CA TYR O 34 45.87 -28.02 -29.64
C TYR O 34 46.92 -26.94 -29.46
N TYR O 35 46.51 -25.67 -29.60
CA TYR O 35 47.41 -24.54 -29.46
C TYR O 35 46.78 -23.51 -28.53
N HIS O 36 47.64 -22.68 -27.93
CA HIS O 36 47.23 -21.61 -27.03
C HIS O 36 47.67 -20.28 -27.61
N ALA O 37 46.83 -19.26 -27.45
CA ALA O 37 47.13 -17.96 -28.05
C ALA O 37 46.39 -16.89 -27.27
N GLY O 38 47.12 -16.08 -26.51
CA GLY O 38 46.52 -15.03 -25.72
C GLY O 38 47.32 -13.76 -25.80
N THR O 39 46.62 -12.63 -25.67
CA THR O 39 47.27 -11.33 -25.67
C THR O 39 47.90 -11.05 -24.31
N SER O 40 48.40 -9.84 -24.13
CA SER O 40 49.12 -9.50 -22.91
C SER O 40 48.19 -8.88 -21.88
N ARG O 41 47.73 -7.66 -22.17
CA ARG O 41 46.61 -6.96 -21.54
C ARG O 41 46.43 -5.67 -22.31
N LEU O 42 45.21 -5.15 -22.36
CA LEU O 42 44.90 -4.02 -23.20
C LEU O 42 44.26 -2.94 -22.34
N LEU O 43 44.69 -1.70 -22.54
CA LEU O 43 44.25 -0.60 -21.71
C LEU O 43 43.75 0.53 -22.60
N ALA O 44 42.94 1.41 -22.01
CA ALA O 44 42.44 2.58 -22.69
C ALA O 44 42.00 3.57 -21.62
N VAL O 45 42.28 4.85 -21.85
CA VAL O 45 41.89 5.91 -20.94
C VAL O 45 41.21 7.01 -21.74
N GLY O 46 40.52 7.89 -21.04
CA GLY O 46 39.88 9.00 -21.72
C GLY O 46 38.76 9.58 -20.88
N HIS O 47 37.99 10.43 -21.53
CA HIS O 47 36.86 11.17 -20.99
C HIS O 47 35.59 10.34 -21.15
N PRO O 48 34.79 10.17 -20.10
CA PRO O 48 33.57 9.38 -20.24
C PRO O 48 32.45 10.06 -21.01
N TYR O 49 32.30 11.38 -20.87
CA TYR O 49 31.09 11.99 -21.39
C TYR O 49 31.17 12.34 -22.86
N PHE O 50 32.22 13.04 -23.28
CA PHE O 50 32.32 13.46 -24.67
C PHE O 50 33.79 13.58 -25.06
N PRO O 51 34.15 13.32 -26.31
CA PRO O 51 35.54 13.52 -26.73
C PRO O 51 35.87 15.00 -26.79
N ILE O 52 37.17 15.30 -26.71
CA ILE O 52 37.64 16.67 -26.63
C ILE O 52 38.62 16.91 -27.75
N LYS O 53 38.31 17.90 -28.59
CA LYS O 53 39.20 18.33 -29.66
C LYS O 53 39.24 19.86 -29.66
N LYS O 54 40.35 20.40 -30.16
CA LYS O 54 40.54 21.83 -30.18
C LYS O 54 39.65 22.48 -31.23
N PRO O 55 39.18 23.72 -31.00
CA PRO O 55 38.22 24.35 -31.93
C PRO O 55 38.82 24.75 -33.27
N ASN O 56 40.14 24.63 -33.46
CA ASN O 56 40.73 24.94 -34.76
C ASN O 56 40.82 23.71 -35.67
N ASN O 57 41.26 22.59 -35.11
CA ASN O 57 41.57 21.40 -35.88
C ASN O 57 40.50 20.34 -35.66
N ASN O 58 40.65 19.21 -36.35
CA ASN O 58 39.80 18.06 -36.18
C ASN O 58 40.49 16.92 -35.45
N LYS O 59 41.76 17.11 -35.06
CA LYS O 59 42.49 16.06 -34.35
C LYS O 59 41.94 15.92 -32.94
N ILE O 60 41.62 14.70 -32.55
CA ILE O 60 41.11 14.44 -31.22
C ILE O 60 42.27 14.48 -30.23
N LEU O 61 42.01 15.03 -29.05
CA LEU O 61 43.01 15.12 -27.99
C LEU O 61 42.86 13.98 -27.00
N VAL O 62 41.67 13.81 -26.43
CA VAL O 62 41.36 12.63 -25.64
C VAL O 62 40.07 12.02 -26.21
N PRO O 63 39.98 10.71 -26.35
CA PRO O 63 38.79 10.12 -26.94
C PRO O 63 37.74 9.80 -25.88
N LYS O 64 36.56 9.44 -26.35
CA LYS O 64 35.45 9.07 -25.46
C LYS O 64 35.56 7.59 -25.16
N VAL O 65 36.03 7.26 -23.97
CA VAL O 65 36.12 5.88 -23.50
C VAL O 65 35.24 5.77 -22.27
N SER O 66 34.17 4.99 -22.37
CA SER O 66 33.25 4.83 -21.27
C SER O 66 32.86 3.37 -21.14
N GLY O 67 32.34 3.02 -19.95
CA GLY O 67 31.91 1.66 -19.71
C GLY O 67 30.63 1.28 -20.42
N LEU O 68 29.89 2.27 -20.90
CA LEU O 68 28.60 2.04 -21.55
C LEU O 68 28.72 1.87 -23.05
N GLN O 69 29.82 1.31 -23.52
CA GLN O 69 30.06 1.14 -24.95
C GLN O 69 30.35 -0.31 -25.27
N TYR O 70 29.95 -0.72 -26.47
CA TYR O 70 30.35 -2.03 -26.97
C TYR O 70 31.84 -2.01 -27.26
N ARG O 71 32.59 -2.90 -26.63
CA ARG O 71 34.02 -3.03 -26.89
C ARG O 71 34.20 -4.32 -27.70
N VAL O 72 34.04 -4.22 -29.01
CA VAL O 72 34.11 -5.39 -29.89
C VAL O 72 35.50 -5.47 -30.50
N PHE O 73 36.12 -6.64 -30.41
CA PHE O 73 37.44 -6.88 -30.96
C PHE O 73 37.33 -7.69 -32.24
N ARG O 74 38.42 -7.70 -32.99
CA ARG O 74 38.55 -8.54 -34.18
C ARG O 74 39.87 -9.27 -34.09
N ILE O 75 39.80 -10.57 -33.83
CA ILE O 75 41.00 -11.38 -33.71
C ILE O 75 41.51 -11.70 -35.11
N HIS O 76 42.82 -11.58 -35.30
CA HIS O 76 43.47 -12.00 -36.53
C HIS O 76 44.29 -13.24 -36.25
N LEU O 77 44.04 -14.30 -36.99
CA LEU O 77 44.76 -15.52 -36.74
C LEU O 77 45.71 -15.82 -37.89
N PRO O 78 46.83 -16.49 -37.62
CA PRO O 78 47.66 -16.96 -38.73
C PRO O 78 46.96 -18.11 -39.44
N ASP O 79 47.10 -18.16 -40.75
CA ASP O 79 46.50 -19.25 -41.48
C ASP O 79 47.28 -20.53 -41.21
N PRO O 80 46.61 -21.67 -41.05
CA PRO O 80 47.31 -22.89 -40.63
C PRO O 80 47.93 -23.69 -41.75
N ASN O 81 47.63 -23.38 -43.00
CA ASN O 81 48.21 -24.16 -44.09
C ASN O 81 49.60 -23.69 -44.48
N LYS O 82 50.12 -22.64 -43.85
CA LYS O 82 51.51 -22.24 -44.02
C LYS O 82 52.42 -22.80 -42.95
N PHE O 83 51.94 -23.74 -42.14
CA PHE O 83 52.73 -24.26 -41.04
C PHE O 83 53.72 -25.30 -41.54
N GLY O 84 55.00 -25.08 -41.26
CA GLY O 84 56.02 -26.01 -41.67
C GLY O 84 56.10 -27.21 -40.75
N PHE O 85 55.14 -28.11 -40.88
CA PHE O 85 55.03 -29.22 -39.96
C PHE O 85 56.13 -30.25 -40.23
N PRO O 86 56.60 -30.97 -39.17
CA PRO O 86 57.74 -31.89 -39.34
C PRO O 86 57.49 -33.05 -40.28
N ASP O 87 56.39 -33.77 -40.11
CA ASP O 87 56.06 -34.83 -41.06
C ASP O 87 55.05 -34.31 -42.08
N THR O 88 55.06 -34.93 -43.25
CA THR O 88 54.16 -34.60 -44.35
C THR O 88 53.09 -35.68 -44.52
N SER O 89 53.07 -36.67 -43.63
CA SER O 89 52.21 -37.83 -43.80
C SER O 89 50.82 -37.64 -43.17
N PHE O 90 50.39 -36.41 -42.92
CA PHE O 90 49.05 -36.21 -42.36
C PHE O 90 48.19 -35.19 -43.08
N TYR O 91 48.71 -34.44 -44.06
CA TYR O 91 47.87 -33.75 -45.03
C TYR O 91 48.63 -33.51 -46.32
N ASN O 92 47.93 -33.70 -47.43
CA ASN O 92 48.47 -33.56 -48.78
C ASN O 92 47.99 -32.24 -49.36
N PRO O 93 48.88 -31.26 -49.60
CA PRO O 93 48.43 -29.87 -49.74
C PRO O 93 47.69 -29.53 -51.03
N ASP O 94 47.41 -30.48 -51.91
CA ASP O 94 46.54 -30.20 -53.04
C ASP O 94 45.10 -30.60 -52.81
N THR O 95 44.88 -31.67 -52.03
CA THR O 95 43.54 -32.16 -51.77
C THR O 95 42.93 -31.59 -50.51
N GLN O 96 43.75 -31.17 -49.55
CA GLN O 96 43.28 -30.81 -48.23
C GLN O 96 43.81 -29.44 -47.83
N ARG O 97 42.98 -28.69 -47.11
CA ARG O 97 43.38 -27.45 -46.48
C ARG O 97 43.16 -27.55 -44.98
N LEU O 98 43.58 -26.53 -44.25
CA LEU O 98 43.48 -26.52 -42.80
C LEU O 98 42.70 -25.31 -42.32
N VAL O 99 41.84 -25.53 -41.32
CA VAL O 99 41.03 -24.49 -40.71
C VAL O 99 41.18 -24.60 -39.19
N TRP O 100 41.31 -23.45 -38.52
CA TRP O 100 41.33 -23.45 -37.06
C TRP O 100 39.95 -23.68 -36.49
N ALA O 101 39.91 -24.31 -35.31
CA ALA O 101 38.68 -24.53 -34.57
C ALA O 101 38.83 -23.90 -33.20
N CYS O 102 37.76 -23.30 -32.70
CA CYS O 102 37.77 -22.65 -31.39
C CYS O 102 37.09 -23.54 -30.36
N VAL O 103 37.70 -23.69 -29.19
CA VAL O 103 37.19 -24.64 -28.22
C VAL O 103 37.13 -24.01 -26.84
N GLY O 104 37.81 -22.89 -26.64
CA GLY O 104 37.82 -22.26 -25.33
C GLY O 104 38.06 -20.77 -25.39
N VAL O 105 37.65 -20.09 -24.32
CA VAL O 105 37.75 -18.63 -24.25
C VAL O 105 37.74 -18.22 -22.78
N GLU O 106 38.36 -17.08 -22.49
CA GLU O 106 38.23 -16.40 -21.20
C GLU O 106 38.46 -14.91 -21.42
N VAL O 107 37.58 -14.09 -20.87
CA VAL O 107 37.66 -12.65 -20.99
C VAL O 107 37.97 -12.10 -19.60
N GLY O 108 39.25 -11.94 -19.29
CA GLY O 108 39.63 -11.42 -17.99
C GLY O 108 39.38 -9.94 -17.87
N ARG O 109 39.18 -9.50 -16.63
CA ARG O 109 38.98 -8.08 -16.31
C ARG O 109 39.85 -7.72 -15.12
N GLY O 110 40.19 -6.44 -15.00
CA GLY O 110 41.18 -6.06 -14.02
C GLY O 110 40.84 -4.96 -13.02
N GLN O 111 39.86 -4.13 -13.34
CA GLN O 111 39.61 -2.98 -12.49
C GLN O 111 38.71 -3.37 -11.32
N PRO O 112 38.76 -2.61 -10.22
CA PRO O 112 37.84 -2.88 -9.11
C PRO O 112 36.41 -2.53 -9.47
N LEU O 113 35.48 -3.15 -8.74
CA LEU O 113 34.07 -3.05 -9.03
C LEU O 113 33.54 -1.71 -8.56
N GLY O 114 33.21 -0.84 -9.52
CA GLY O 114 32.58 0.43 -9.23
C GLY O 114 31.34 0.61 -10.08
N VAL O 115 30.85 1.84 -10.11
CA VAL O 115 29.63 2.14 -10.86
C VAL O 115 29.70 3.58 -11.34
N GLY O 116 29.28 3.81 -12.58
CA GLY O 116 29.28 5.14 -13.15
C GLY O 116 28.05 5.93 -12.78
N ILE O 117 28.01 7.15 -13.31
CA ILE O 117 26.97 8.12 -13.01
C ILE O 117 27.01 9.17 -14.09
N SER O 118 25.83 9.61 -14.55
CA SER O 118 25.79 10.50 -15.69
C SER O 118 24.58 11.43 -15.61
N GLY O 119 24.67 12.54 -16.32
CA GLY O 119 23.57 13.49 -16.33
C GLY O 119 23.86 14.64 -17.27
N HIS O 120 22.89 15.52 -17.37
CA HIS O 120 22.95 16.71 -18.22
C HIS O 120 22.93 17.96 -17.37
N PRO O 121 23.68 19.01 -17.75
CA PRO O 121 23.57 20.28 -17.03
C PRO O 121 22.27 21.01 -17.32
N LEU O 122 21.65 20.75 -18.46
CA LEU O 122 20.34 21.29 -18.79
C LEU O 122 19.48 20.14 -19.27
N LEU O 123 18.52 19.72 -18.45
CA LEU O 123 17.63 18.61 -18.77
C LEU O 123 16.20 19.09 -18.77
N ASN O 124 15.42 18.62 -19.74
CA ASN O 124 14.01 19.01 -19.87
C ASN O 124 13.21 18.31 -18.77
N LYS O 125 13.27 18.89 -17.57
CA LYS O 125 12.49 18.42 -16.43
C LYS O 125 11.62 19.57 -15.98
N LEU O 126 10.32 19.34 -15.90
CA LEU O 126 9.42 20.40 -15.48
C LEU O 126 9.18 20.35 -13.98
N ASP O 127 8.53 19.29 -13.51
CA ASP O 127 8.07 19.21 -12.13
C ASP O 127 8.19 17.77 -11.65
N ASP O 128 7.99 17.59 -10.34
CA ASP O 128 7.94 16.28 -9.74
C ASP O 128 6.50 15.79 -9.70
N THR O 129 6.33 14.47 -9.78
CA THR O 129 4.99 13.90 -9.76
C THR O 129 4.86 12.72 -8.81
N GLU O 130 5.72 12.57 -7.82
CA GLU O 130 5.51 11.50 -6.86
C GLU O 130 4.38 11.86 -5.90
N ASN O 131 4.46 13.02 -5.27
CA ASN O 131 3.33 13.57 -4.54
C ASN O 131 3.42 15.09 -4.66
N ALA O 132 2.32 15.71 -5.08
CA ALA O 132 2.28 17.15 -5.30
C ALA O 132 1.44 17.80 -4.22
N SER O 133 1.99 18.86 -3.63
CA SER O 133 1.26 19.56 -2.56
C SER O 133 0.09 20.34 -3.13
N ALA O 134 0.37 21.33 -3.97
CA ALA O 134 -0.65 22.07 -4.71
C ALA O 134 -0.50 21.74 -6.18
N TYR O 135 -1.32 22.38 -7.01
CA TYR O 135 -1.22 22.13 -8.44
C TYR O 135 0.05 22.72 -9.02
N ALA O 136 0.43 22.23 -10.18
CA ALA O 136 1.72 22.56 -10.77
C ALA O 136 1.75 24.00 -11.25
N ALA O 137 2.87 24.67 -10.97
CA ALA O 137 3.06 26.02 -11.44
C ALA O 137 3.24 26.02 -12.96
N ASN O 138 2.82 27.11 -13.58
CA ASN O 138 2.95 27.28 -15.01
C ASN O 138 4.42 27.41 -15.41
N ALA O 139 4.70 27.11 -16.67
CA ALA O 139 6.06 27.06 -17.17
C ALA O 139 6.32 28.15 -18.18
N GLY O 140 7.55 28.64 -18.21
CA GLY O 140 7.94 29.66 -19.15
C GLY O 140 9.06 29.22 -20.07
N VAL O 141 9.87 30.17 -20.52
CA VAL O 141 10.96 29.87 -21.43
C VAL O 141 12.15 29.33 -20.64
N ASP O 142 12.73 28.23 -21.14
CA ASP O 142 13.99 27.64 -20.66
C ASP O 142 13.89 27.21 -19.19
N ASN O 143 13.10 26.17 -18.98
CA ASN O 143 12.95 25.52 -17.69
C ASN O 143 13.78 24.25 -17.60
N ARG O 144 15.03 24.28 -18.06
CA ARG O 144 15.91 23.13 -17.98
C ARG O 144 16.81 23.21 -16.75
N GLU O 145 16.95 22.08 -16.06
CA GLU O 145 17.76 21.99 -14.84
C GLU O 145 18.82 20.91 -14.98
N CYS O 146 19.66 20.77 -13.95
CA CYS O 146 20.81 19.87 -13.97
C CYS O 146 20.49 18.63 -13.13
N ILE O 147 20.15 17.53 -13.80
CA ILE O 147 19.77 16.29 -13.16
C ILE O 147 20.76 15.21 -13.58
N SER O 148 21.20 14.39 -12.62
CA SER O 148 22.12 13.30 -12.89
C SER O 148 21.52 11.98 -12.47
N MET O 149 21.95 10.89 -13.11
CA MET O 149 21.38 9.58 -12.87
C MET O 149 22.45 8.51 -13.05
N ASP O 150 22.03 7.26 -12.91
CA ASP O 150 22.90 6.11 -13.13
C ASP O 150 22.17 5.10 -14.00
N TYR O 151 22.90 4.47 -14.90
CA TYR O 151 22.30 3.63 -15.92
C TYR O 151 22.08 2.21 -15.42
N LYS O 152 21.38 1.42 -16.23
CA LYS O 152 21.06 0.06 -15.84
C LYS O 152 22.26 -0.86 -16.00
N GLN O 153 22.43 -1.74 -15.03
CA GLN O 153 23.56 -2.66 -15.05
C GLN O 153 23.31 -3.73 -16.10
N THR O 154 24.31 -3.99 -16.95
CA THR O 154 24.14 -4.90 -18.07
C THR O 154 25.47 -5.54 -18.40
N GLN O 155 25.49 -6.86 -18.52
CA GLN O 155 26.63 -7.59 -19.02
C GLN O 155 26.19 -8.49 -20.17
N LEU O 156 27.07 -8.67 -21.16
CA LEU O 156 26.86 -9.69 -22.16
C LEU O 156 28.21 -10.15 -22.71
N CYS O 157 28.15 -11.13 -23.61
CA CYS O 157 29.34 -11.67 -24.25
C CYS O 157 28.90 -12.37 -25.52
N LEU O 158 29.69 -12.20 -26.59
CA LEU O 158 29.36 -12.77 -27.88
C LEU O 158 30.64 -13.25 -28.56
N ILE O 159 30.51 -14.33 -29.31
CA ILE O 159 31.63 -14.86 -30.09
C ILE O 159 31.08 -15.24 -31.45
N GLY O 160 31.68 -14.70 -32.52
CA GLY O 160 31.19 -14.97 -33.86
C GLY O 160 32.31 -14.90 -34.88
N CYS O 161 32.06 -15.56 -36.01
CA CYS O 161 32.99 -15.48 -37.14
C CYS O 161 32.70 -14.29 -38.03
N LYS O 162 31.47 -13.87 -38.13
CA LYS O 162 31.00 -12.69 -38.82
C LYS O 162 30.51 -11.67 -37.80
N PRO O 163 30.54 -10.36 -38.09
CA PRO O 163 30.26 -9.36 -37.05
C PRO O 163 28.80 -9.35 -36.65
N PRO O 164 28.50 -9.12 -35.38
CA PRO O 164 27.12 -9.20 -34.90
C PRO O 164 26.28 -8.02 -35.36
N ILE O 165 24.97 -8.17 -35.18
CA ILE O 165 23.96 -7.34 -35.82
C ILE O 165 23.03 -6.79 -34.77
N GLY O 166 22.82 -5.47 -34.78
CA GLY O 166 21.93 -4.85 -33.82
C GLY O 166 20.72 -4.18 -34.44
N GLU O 167 19.71 -3.90 -33.61
CA GLU O 167 18.49 -3.25 -34.08
C GLU O 167 18.22 -2.00 -33.26
N HIS O 168 17.61 -1.01 -33.90
CA HIS O 168 17.22 0.23 -33.23
C HIS O 168 16.20 0.95 -34.08
N TRP O 169 15.39 1.79 -33.43
CA TRP O 169 14.34 2.52 -34.11
C TRP O 169 14.91 3.77 -34.78
N GLY O 170 14.33 4.12 -35.92
CA GLY O 170 14.84 5.25 -36.68
C GLY O 170 13.76 5.88 -37.53
N LYS O 171 14.05 7.09 -38.00
CA LYS O 171 13.10 7.85 -38.79
C LYS O 171 13.01 7.30 -40.21
N GLY O 172 11.78 7.08 -40.67
CA GLY O 172 11.52 6.67 -42.03
C GLY O 172 11.04 7.83 -42.89
N SER O 173 10.75 7.51 -44.15
CA SER O 173 10.23 8.47 -45.10
C SER O 173 8.73 8.26 -45.26
N PRO O 174 7.93 9.31 -45.20
CA PRO O 174 6.47 9.14 -45.16
C PRO O 174 5.92 8.78 -46.54
N CYS O 175 5.16 7.68 -46.59
CA CYS O 175 4.41 7.35 -47.80
C CYS O 175 3.27 8.34 -47.95
N THR O 176 3.26 9.09 -49.06
CA THR O 176 2.35 10.23 -49.14
C THR O 176 1.77 10.39 -50.54
N ASN O 177 0.60 11.01 -50.57
CA ASN O 177 0.03 11.65 -51.74
C ASN O 177 -0.23 13.13 -51.51
N VAL O 178 -0.47 13.55 -50.27
CA VAL O 178 -0.69 14.94 -49.89
C VAL O 178 0.34 15.32 -48.85
N ALA O 179 0.70 16.60 -48.83
CA ALA O 179 1.79 17.08 -47.98
C ALA O 179 1.34 17.26 -46.54
N VAL O 180 2.31 17.15 -45.63
CA VAL O 180 2.08 17.37 -44.21
C VAL O 180 2.77 18.68 -43.82
N ASN O 181 2.50 19.12 -42.64
CA ASN O 181 3.16 20.34 -42.20
C ASN O 181 4.40 20.01 -41.39
N PRO O 182 5.42 20.88 -41.42
CA PRO O 182 6.57 20.66 -40.53
C PRO O 182 6.21 20.93 -39.09
N GLY O 183 6.62 20.02 -38.22
CA GLY O 183 6.27 20.07 -36.82
C GLY O 183 5.42 18.94 -36.32
N ASP O 184 5.31 17.84 -37.07
CA ASP O 184 4.55 16.68 -36.66
C ASP O 184 5.50 15.59 -36.19
N CYS O 185 4.93 14.45 -35.78
CA CYS O 185 5.81 13.39 -35.32
C CYS O 185 6.39 12.63 -36.51
N PRO O 186 7.66 12.21 -36.43
CA PRO O 186 8.22 11.38 -37.48
C PRO O 186 7.87 9.94 -37.28
N PRO O 187 7.39 9.26 -38.32
CA PRO O 187 7.03 7.84 -38.18
C PRO O 187 8.28 6.97 -38.07
N LEU O 188 8.14 5.91 -37.29
CA LEU O 188 9.27 5.07 -36.94
C LEU O 188 9.40 3.88 -37.88
N GLU O 189 10.56 3.22 -37.80
CA GLU O 189 10.86 2.04 -38.60
C GLU O 189 12.00 1.30 -37.91
N LEU O 190 12.02 -0.01 -38.08
CA LEU O 190 13.00 -0.86 -37.43
C LEU O 190 14.06 -1.28 -38.44
N ILE O 191 15.31 -0.91 -38.19
CA ILE O 191 16.39 -1.16 -39.12
C ILE O 191 17.42 -2.07 -38.46
N ASN O 192 18.24 -2.71 -39.29
CA ASN O 192 19.25 -3.65 -38.83
C ASN O 192 20.60 -3.20 -39.37
N THR O 193 21.46 -2.74 -38.49
CA THR O 193 22.80 -2.28 -38.84
C THR O 193 23.84 -3.21 -38.26
N VAL O 194 24.98 -3.30 -38.94
CA VAL O 194 26.13 -4.01 -38.38
C VAL O 194 26.64 -3.22 -37.18
N ILE O 195 26.86 -3.93 -36.06
CA ILE O 195 27.35 -3.26 -34.87
C ILE O 195 28.81 -2.87 -35.04
N GLN O 196 29.24 -1.91 -34.24
CA GLN O 196 30.55 -1.32 -34.39
C GLN O 196 31.03 -0.88 -33.02
N ASP O 197 32.35 -0.81 -32.84
CA ASP O 197 32.88 -0.29 -31.59
C ASP O 197 32.57 1.20 -31.45
N GLY O 198 32.34 1.62 -30.22
CA GLY O 198 31.95 2.98 -29.97
C GLY O 198 30.46 3.21 -29.95
N ASP O 199 29.67 2.27 -30.45
CA ASP O 199 28.23 2.37 -30.31
C ASP O 199 27.83 2.15 -28.86
N MET O 200 26.70 2.70 -28.48
CA MET O 200 26.28 2.74 -27.08
C MET O 200 25.26 1.65 -26.79
N VAL O 201 25.46 0.95 -25.67
CA VAL O 201 24.45 0.05 -25.16
C VAL O 201 23.28 0.88 -24.66
N ASP O 202 22.06 0.34 -24.80
CA ASP O 202 20.86 0.99 -24.29
C ASP O 202 20.93 1.13 -22.78
N THR O 203 20.19 2.12 -22.28
CA THR O 203 20.24 2.48 -20.87
C THR O 203 18.84 2.65 -20.31
N GLY O 204 17.92 1.78 -20.71
CA GLY O 204 16.57 1.88 -20.23
C GLY O 204 15.74 2.96 -20.87
N PHE O 205 16.23 3.59 -21.94
CA PHE O 205 15.44 4.51 -22.74
C PHE O 205 15.08 3.90 -24.08
N GLY O 206 15.19 2.60 -24.22
CA GLY O 206 15.01 1.96 -25.50
C GLY O 206 16.27 2.02 -26.32
N ALA O 207 16.12 1.71 -27.60
CA ALA O 207 17.23 1.74 -28.56
C ALA O 207 16.75 2.55 -29.76
N MET O 208 17.21 3.81 -29.86
CA MET O 208 16.68 4.69 -30.87
C MET O 208 17.71 5.72 -31.27
N ASP O 209 17.59 6.22 -32.50
CA ASP O 209 18.42 7.31 -32.99
C ASP O 209 18.03 8.59 -32.29
N PHE O 210 18.86 9.03 -31.34
CA PHE O 210 18.58 10.24 -30.58
C PHE O 210 18.85 11.51 -31.37
N THR O 211 19.60 11.42 -32.47
CA THR O 211 19.94 12.62 -33.22
C THR O 211 18.76 13.14 -34.02
N THR O 212 18.05 12.25 -34.72
CA THR O 212 16.95 12.68 -35.57
C THR O 212 15.60 12.63 -34.89
N LEU O 213 15.37 11.66 -34.01
CA LEU O 213 14.06 11.55 -33.38
C LEU O 213 13.88 12.51 -32.22
N GLN O 214 14.96 13.09 -31.69
CA GLN O 214 14.87 14.02 -30.58
C GLN O 214 15.70 15.25 -30.91
N ALA O 215 15.06 16.25 -31.50
CA ALA O 215 15.74 17.48 -31.90
C ALA O 215 15.91 18.47 -30.76
N ASN O 216 15.57 18.07 -29.53
CA ASN O 216 15.66 18.99 -28.41
C ASN O 216 17.08 19.14 -27.90
N LYS O 217 17.89 18.08 -28.02
CA LYS O 217 19.26 17.98 -27.53
C LYS O 217 19.38 18.15 -26.02
N SER O 218 18.27 18.03 -25.27
CA SER O 218 18.32 18.04 -23.82
C SER O 218 17.30 17.05 -23.25
N GLU O 219 17.08 15.94 -23.94
CA GLU O 219 16.14 14.92 -23.50
C GLU O 219 16.80 13.83 -22.67
N VAL O 220 18.00 13.42 -23.07
CA VAL O 220 18.71 12.28 -22.50
C VAL O 220 20.01 12.85 -21.96
N PRO O 221 20.64 12.25 -20.93
CA PRO O 221 21.97 12.70 -20.49
C PRO O 221 23.07 12.75 -21.55
N LEU O 222 24.21 13.32 -21.14
CA LEU O 222 25.15 13.94 -22.08
C LEU O 222 25.82 12.92 -22.99
N ASP O 223 26.21 11.78 -22.44
CA ASP O 223 27.08 10.86 -23.19
C ASP O 223 26.36 10.17 -24.34
N ILE O 224 25.04 10.10 -24.30
CA ILE O 224 24.29 9.48 -25.39
C ILE O 224 23.31 10.48 -25.96
N CYS O 225 23.67 11.76 -25.91
CA CYS O 225 22.77 12.81 -26.37
C CYS O 225 22.73 12.90 -27.89
N THR O 226 23.80 12.48 -28.56
CA THR O 226 23.85 12.51 -30.02
C THR O 226 24.01 11.15 -30.66
N SER O 227 24.75 10.23 -30.04
CA SER O 227 24.97 8.94 -30.65
C SER O 227 23.71 8.08 -30.57
N ILE O 228 23.66 7.07 -31.40
CA ILE O 228 22.55 6.13 -31.42
C ILE O 228 22.85 5.02 -30.43
N CYS O 229 21.81 4.34 -29.96
CA CYS O 229 21.94 3.22 -29.04
C CYS O 229 21.32 1.98 -29.66
N LYS O 230 22.03 0.87 -29.60
CA LYS O 230 21.61 -0.36 -30.26
C LYS O 230 21.50 -1.48 -29.24
N TYR O 231 20.49 -2.33 -29.42
CA TYR O 231 20.33 -3.57 -28.71
C TYR O 231 20.69 -4.72 -29.63
N PRO O 232 21.45 -5.71 -29.16
CA PRO O 232 21.85 -6.83 -30.03
C PRO O 232 20.65 -7.67 -30.42
N ASP O 233 20.44 -7.80 -31.73
CA ASP O 233 19.35 -8.59 -32.27
C ASP O 233 19.62 -10.06 -31.98
N TYR O 234 18.79 -10.66 -31.14
CA TYR O 234 18.90 -12.09 -30.92
C TYR O 234 18.02 -12.89 -31.87
N ILE O 235 16.91 -12.31 -32.33
CA ILE O 235 16.00 -13.10 -33.14
C ILE O 235 16.46 -13.18 -34.58
N LYS O 236 17.27 -12.23 -35.04
CA LYS O 236 17.75 -12.30 -36.43
C LYS O 236 18.96 -13.22 -36.54
N MET O 237 19.87 -13.15 -35.58
CA MET O 237 21.15 -13.85 -35.69
C MET O 237 21.00 -15.37 -35.55
N VAL O 238 19.93 -15.85 -34.94
CA VAL O 238 19.70 -17.28 -34.92
C VAL O 238 18.99 -17.74 -36.20
N SER O 239 18.13 -16.90 -36.77
CA SER O 239 17.40 -17.27 -37.98
C SER O 239 18.27 -17.22 -39.24
N GLU O 240 19.52 -16.82 -39.13
CA GLU O 240 20.48 -17.05 -40.21
C GLU O 240 20.65 -18.56 -40.39
N PRO O 241 20.71 -19.05 -41.63
CA PRO O 241 20.73 -20.51 -41.81
C PRO O 241 22.05 -21.16 -41.44
N TYR O 242 23.17 -20.54 -41.72
CA TYR O 242 24.46 -21.17 -41.46
C TYR O 242 24.91 -21.03 -40.02
N GLY O 243 24.49 -19.98 -39.32
CA GLY O 243 24.89 -19.80 -37.95
C GLY O 243 26.28 -19.24 -37.76
N ASP O 244 26.78 -18.47 -38.73
CA ASP O 244 28.11 -17.88 -38.63
C ASP O 244 28.14 -16.59 -37.84
N SER O 245 27.01 -16.18 -37.26
CA SER O 245 26.98 -14.88 -36.58
C SER O 245 27.31 -15.01 -35.10
N LEU O 246 26.81 -16.02 -34.41
CA LEU O 246 27.17 -16.20 -33.01
C LEU O 246 27.36 -17.67 -32.69
N PHE O 247 28.37 -17.96 -31.88
CA PHE O 247 28.67 -19.30 -31.40
C PHE O 247 27.90 -19.59 -30.12
N PHE O 248 28.06 -18.75 -29.11
CA PHE O 248 27.33 -18.85 -27.87
C PHE O 248 27.31 -17.48 -27.22
N TYR O 249 26.35 -17.27 -26.31
CA TYR O 249 26.11 -15.95 -25.77
C TYR O 249 25.44 -16.05 -24.41
N LEU O 250 25.81 -15.13 -23.52
CA LEU O 250 25.23 -15.03 -22.19
C LEU O 250 24.90 -13.57 -21.91
N ARG O 251 23.90 -13.33 -21.08
CA ARG O 251 23.54 -11.96 -20.74
C ARG O 251 22.83 -11.91 -19.40
N ARG O 252 23.01 -10.79 -18.70
CA ARG O 252 22.36 -10.50 -17.42
C ARG O 252 22.16 -9.00 -17.33
N GLU O 253 20.96 -8.56 -16.92
CA GLU O 253 20.71 -7.14 -16.73
C GLU O 253 19.54 -6.92 -15.78
N GLN O 254 19.48 -5.72 -15.21
CA GLN O 254 18.47 -5.35 -14.22
C GLN O 254 18.41 -3.84 -14.04
N MET O 255 17.22 -3.34 -13.67
CA MET O 255 17.00 -1.94 -13.37
C MET O 255 15.70 -1.78 -12.61
N PHE O 256 15.48 -0.58 -12.07
CA PHE O 256 14.19 -0.21 -11.48
C PHE O 256 14.00 1.29 -11.64
N VAL O 257 12.94 1.83 -11.05
CA VAL O 257 12.59 3.25 -11.18
C VAL O 257 12.99 3.99 -9.92
N ARG O 258 13.66 5.12 -10.09
CA ARG O 258 14.06 5.94 -8.95
C ARG O 258 13.23 7.20 -8.79
N HIS O 259 12.91 7.89 -9.89
CA HIS O 259 12.13 9.11 -9.81
C HIS O 259 11.14 9.14 -10.97
N LEU O 260 10.24 10.11 -10.93
CA LEU O 260 9.21 10.27 -11.95
C LEU O 260 9.02 11.77 -12.19
N PHE O 261 8.97 12.18 -13.45
CA PHE O 261 9.06 13.59 -13.80
C PHE O 261 8.03 13.94 -14.88
N ASN O 262 8.09 15.18 -15.33
CA ASN O 262 7.36 15.70 -16.48
C ASN O 262 8.34 16.29 -17.49
N ARG O 263 7.79 16.87 -18.54
CA ARG O 263 8.59 17.54 -19.56
C ARG O 263 7.88 18.80 -20.02
N ALA O 264 8.66 19.84 -20.31
CA ALA O 264 8.11 21.16 -20.66
C ALA O 264 8.17 21.32 -22.17
N GLY O 265 7.17 20.76 -22.84
CA GLY O 265 7.04 20.92 -24.28
C GLY O 265 5.57 20.88 -24.65
N ALA O 266 5.28 21.35 -25.86
CA ALA O 266 3.91 21.33 -26.37
C ALA O 266 3.47 19.89 -26.59
N VAL O 267 2.23 19.60 -26.20
CA VAL O 267 1.77 18.21 -26.14
C VAL O 267 1.49 17.60 -27.50
N GLY O 268 1.42 18.40 -28.56
CA GLY O 268 1.25 17.86 -29.89
C GLY O 268 -0.15 17.36 -30.17
N GLU O 269 -0.52 16.25 -29.51
CA GLU O 269 -1.88 15.80 -29.43
C GLU O 269 -2.39 16.02 -28.01
N ASN O 270 -3.70 16.14 -27.86
CA ASN O 270 -4.30 16.46 -26.58
C ASN O 270 -5.07 15.26 -26.04
N VAL O 271 -5.43 15.36 -24.77
CA VAL O 271 -6.29 14.35 -24.16
C VAL O 271 -7.70 14.51 -24.72
N PRO O 272 -8.38 13.43 -25.09
CA PRO O 272 -9.76 13.56 -25.57
C PRO O 272 -10.71 13.89 -24.44
N ASP O 273 -11.89 14.39 -24.82
CA ASP O 273 -12.80 14.98 -23.85
C ASP O 273 -13.66 13.96 -23.11
N ASP O 274 -13.62 12.69 -23.51
CA ASP O 274 -14.42 11.66 -22.85
C ASP O 274 -13.63 10.89 -21.82
N LEU O 275 -12.35 11.21 -21.63
CA LEU O 275 -11.51 10.47 -20.70
C LEU O 275 -11.32 11.19 -19.37
N TYR O 276 -11.86 12.40 -19.23
CA TYR O 276 -11.68 13.20 -18.02
C TYR O 276 -12.76 14.28 -17.98
N ILE O 277 -12.99 14.78 -16.78
CA ILE O 277 -13.99 15.81 -16.52
C ILE O 277 -13.28 17.15 -16.41
N LYS O 278 -13.82 18.17 -17.10
CA LYS O 278 -13.20 19.49 -17.15
C LYS O 278 -13.14 20.12 -15.76
N GLY O 279 -12.12 20.96 -15.56
CA GLY O 279 -11.89 21.61 -14.30
C GLY O 279 -12.19 23.10 -14.34
N SER O 280 -11.87 23.75 -13.23
CA SER O 280 -12.13 25.17 -13.08
C SER O 280 -11.16 25.74 -12.06
N GLY O 281 -10.99 27.06 -12.10
CA GLY O 281 -10.04 27.72 -11.24
C GLY O 281 -8.62 27.41 -11.60
N SER O 282 -7.88 26.79 -10.65
CA SER O 282 -6.50 26.42 -10.92
C SER O 282 -6.40 25.20 -11.82
N THR O 283 -7.48 24.45 -11.99
CA THR O 283 -7.49 23.22 -12.78
C THR O 283 -8.23 23.37 -14.10
N ALA O 284 -8.38 24.60 -14.59
CA ALA O 284 -9.11 24.80 -15.84
C ALA O 284 -8.27 24.43 -17.06
N ASN O 285 -6.96 24.36 -16.92
CA ASN O 285 -6.08 23.96 -18.01
C ASN O 285 -5.12 22.90 -17.51
N LEU O 286 -4.97 21.83 -18.29
CA LEU O 286 -4.27 20.64 -17.84
C LEU O 286 -2.76 20.89 -17.78
N ALA O 287 -2.06 19.96 -17.14
CA ALA O 287 -0.61 19.98 -17.11
C ALA O 287 -0.07 19.12 -18.25
N SER O 288 1.22 18.83 -18.23
CA SER O 288 1.79 17.95 -19.22
C SER O 288 1.41 16.50 -18.93
N SER O 289 1.11 15.76 -19.98
CA SER O 289 0.61 14.41 -19.84
C SER O 289 1.66 13.34 -20.13
N ASN O 290 2.89 13.73 -20.47
CA ASN O 290 3.94 12.76 -20.73
C ASN O 290 4.91 12.66 -19.56
N TYR O 291 5.36 11.45 -19.29
CA TYR O 291 6.21 11.16 -18.15
C TYR O 291 7.39 10.31 -18.61
N PHE O 292 8.52 10.43 -17.93
CA PHE O 292 9.62 9.55 -18.20
C PHE O 292 10.28 9.18 -16.89
N PRO O 293 10.69 7.93 -16.73
CA PRO O 293 11.32 7.51 -15.48
C PRO O 293 12.83 7.68 -15.50
N THR O 294 13.36 7.99 -14.32
CA THR O 294 14.80 8.10 -14.15
C THR O 294 15.32 6.74 -13.71
N PRO O 295 16.01 5.99 -14.56
CA PRO O 295 16.40 4.63 -14.21
C PRO O 295 17.55 4.62 -13.23
N SER O 296 17.76 3.44 -12.63
CA SER O 296 18.91 3.22 -11.76
C SER O 296 19.16 1.73 -11.66
N GLY O 297 20.42 1.36 -11.56
CA GLY O 297 20.74 -0.01 -11.28
C GLY O 297 20.72 -0.30 -9.79
N SER O 298 20.65 -1.59 -9.47
CA SER O 298 20.66 -2.04 -8.09
C SER O 298 22.11 -2.22 -7.64
N MET O 299 22.32 -2.90 -6.53
CA MET O 299 23.67 -3.17 -6.08
C MET O 299 24.37 -4.15 -7.01
N VAL O 300 25.59 -3.81 -7.38
CA VAL O 300 26.45 -4.78 -8.07
C VAL O 300 27.02 -5.75 -7.05
N THR O 301 27.55 -6.86 -7.54
CA THR O 301 28.10 -7.86 -6.64
C THR O 301 29.20 -8.63 -7.35
N SER O 302 29.97 -9.37 -6.57
CA SER O 302 31.02 -10.22 -7.12
C SER O 302 30.62 -11.68 -7.15
N ASP O 303 29.38 -12.01 -6.80
CA ASP O 303 28.89 -13.37 -6.93
C ASP O 303 28.15 -13.62 -8.22
N ALA O 304 27.44 -12.63 -8.75
CA ALA O 304 26.75 -12.74 -10.02
C ALA O 304 27.61 -12.24 -11.18
N GLN O 305 28.93 -12.37 -11.06
CA GLN O 305 29.82 -11.98 -12.14
C GLN O 305 29.72 -12.96 -13.30
N ILE O 306 30.19 -12.50 -14.46
CA ILE O 306 30.14 -13.33 -15.66
C ILE O 306 31.49 -13.46 -16.34
N PHE O 307 32.44 -12.57 -16.09
CA PHE O 307 33.74 -12.65 -16.73
C PHE O 307 34.71 -13.36 -15.79
N ASN O 308 36.00 -13.32 -16.14
CA ASN O 308 37.09 -13.92 -15.38
C ASN O 308 36.89 -15.42 -15.18
N LYS O 309 36.33 -16.09 -16.18
CA LYS O 309 35.94 -17.48 -16.08
C LYS O 309 36.08 -18.14 -17.44
N PRO O 310 36.41 -19.42 -17.51
CA PRO O 310 36.52 -20.09 -18.81
C PRO O 310 35.20 -20.70 -19.27
N TYR O 311 34.99 -20.65 -20.58
CA TYR O 311 33.80 -21.20 -21.22
C TYR O 311 34.22 -22.21 -22.26
N TRP O 312 33.88 -23.47 -22.05
CA TRP O 312 34.15 -24.46 -23.08
C TRP O 312 32.99 -24.54 -24.06
N LEU O 313 33.26 -25.13 -25.22
CA LEU O 313 32.29 -25.20 -26.30
C LEU O 313 32.14 -26.67 -26.70
N GLN O 314 31.30 -27.40 -25.98
CA GLN O 314 31.06 -28.80 -26.31
C GLN O 314 30.19 -28.93 -27.55
N ARG O 315 29.26 -27.99 -27.75
CA ARG O 315 28.44 -27.96 -28.94
C ARG O 315 27.99 -26.53 -29.17
N ALA O 316 28.22 -26.03 -30.38
CA ALA O 316 27.81 -24.67 -30.71
C ALA O 316 26.30 -24.61 -30.90
N GLN O 317 25.80 -23.39 -31.06
CA GLN O 317 24.36 -23.18 -31.15
C GLN O 317 23.83 -23.63 -32.51
N GLY O 318 24.33 -23.01 -33.57
CA GLY O 318 23.83 -23.28 -34.90
C GLY O 318 24.49 -24.47 -35.55
N HIS O 319 25.07 -24.26 -36.73
CA HIS O 319 25.65 -25.36 -37.50
C HIS O 319 27.17 -25.42 -37.43
N ASN O 320 27.87 -24.29 -37.37
CA ASN O 320 29.33 -24.37 -37.31
C ASN O 320 29.76 -24.74 -35.89
N ASN O 321 30.07 -26.02 -35.68
CA ASN O 321 30.43 -26.48 -34.35
C ASN O 321 31.86 -26.07 -33.99
N GLY O 322 32.07 -24.75 -33.86
CA GLY O 322 33.36 -24.20 -33.50
C GLY O 322 34.33 -24.10 -34.66
N ILE O 323 33.98 -23.40 -35.74
CA ILE O 323 34.85 -23.28 -36.91
C ILE O 323 34.88 -21.83 -37.34
N CYS O 324 36.09 -21.26 -37.45
CA CYS O 324 36.27 -19.88 -37.89
C CYS O 324 36.77 -19.86 -39.32
N TRP O 325 35.98 -19.29 -40.22
CA TRP O 325 36.33 -19.24 -41.64
C TRP O 325 37.08 -17.96 -41.95
N GLY O 326 38.09 -18.07 -42.81
CA GLY O 326 38.83 -16.90 -43.22
C GLY O 326 39.80 -16.37 -42.18
N ASN O 327 40.05 -17.14 -41.11
CA ASN O 327 40.99 -16.82 -40.04
C ASN O 327 40.66 -15.49 -39.36
N GLN O 328 39.42 -15.38 -38.89
CA GLN O 328 38.96 -14.22 -38.16
C GLN O 328 38.07 -14.68 -37.02
N LEU O 329 37.78 -13.76 -36.11
CA LEU O 329 36.93 -14.03 -34.96
C LEU O 329 36.52 -12.68 -34.38
N PHE O 330 35.32 -12.62 -33.80
CA PHE O 330 34.82 -11.40 -33.19
C PHE O 330 34.39 -11.70 -31.77
N VAL O 331 34.79 -10.82 -30.84
CA VAL O 331 34.40 -10.93 -29.44
C VAL O 331 33.74 -9.62 -29.04
N THR O 332 32.49 -9.68 -28.62
CA THR O 332 31.76 -8.51 -28.16
C THR O 332 31.60 -8.60 -26.65
N VAL O 333 32.05 -7.56 -25.93
CA VAL O 333 32.04 -7.51 -24.48
C VAL O 333 31.42 -6.21 -24.04
N VAL O 334 30.43 -6.28 -23.16
CA VAL O 334 29.82 -5.10 -22.53
C VAL O 334 29.82 -5.33 -21.04
N ASP O 335 30.42 -4.40 -20.29
CA ASP O 335 30.41 -4.49 -18.83
C ASP O 335 30.17 -3.10 -18.28
N THR O 336 29.18 -2.99 -17.40
CA THR O 336 28.91 -1.75 -16.69
C THR O 336 29.24 -1.84 -15.21
N THR O 337 29.57 -3.02 -14.70
CA THR O 337 29.86 -3.19 -13.28
C THR O 337 31.26 -2.75 -12.89
N ARG O 338 32.04 -2.20 -13.82
CA ARG O 338 33.36 -1.69 -13.50
C ARG O 338 33.57 -0.33 -14.13
N SER O 339 32.53 0.48 -14.20
CA SER O 339 32.56 1.75 -14.90
C SER O 339 32.69 2.94 -13.97
N THR O 340 33.44 2.80 -12.88
CA THR O 340 33.61 3.91 -11.96
C THR O 340 34.48 4.99 -12.60
N ASN O 341 34.21 6.23 -12.23
CA ASN O 341 34.82 7.39 -12.90
C ASN O 341 35.66 8.13 -11.87
N MET O 342 36.96 7.95 -11.93
CA MET O 342 37.84 8.72 -11.08
C MET O 342 37.91 10.16 -11.56
N SER O 343 38.23 11.06 -10.64
CA SER O 343 38.27 12.48 -10.93
C SER O 343 39.44 13.09 -10.19
N LEU O 344 40.35 13.72 -10.93
CA LEU O 344 41.53 14.30 -10.34
C LEU O 344 41.33 15.79 -10.13
N CYS O 345 42.35 16.45 -9.60
CA CYS O 345 42.36 17.90 -9.40
C CYS O 345 43.77 18.41 -9.63
N ALA O 346 43.86 19.63 -10.14
CA ALA O 346 45.16 20.26 -10.35
C ALA O 346 45.05 21.75 -10.08
N ALA O 347 45.92 22.25 -9.21
CA ALA O 347 45.93 23.65 -8.82
C ALA O 347 46.95 24.43 -9.64
N ILE O 348 46.76 25.75 -9.69
CA ILE O 348 47.63 26.59 -10.49
C ILE O 348 48.90 27.01 -9.76
N SER O 349 48.92 26.93 -8.43
CA SER O 349 50.12 27.22 -7.64
C SER O 349 49.93 26.65 -6.24
N THR O 350 51.05 26.30 -5.60
CA THR O 350 51.04 25.75 -4.25
C THR O 350 51.51 26.77 -3.22
N SER O 351 51.45 28.06 -3.55
CA SER O 351 51.95 29.09 -2.65
C SER O 351 50.95 29.40 -1.54
N GLU O 352 49.69 29.61 -1.92
CA GLU O 352 48.70 30.23 -1.05
C GLU O 352 48.29 29.30 0.08
N THR O 353 47.71 29.89 1.13
CA THR O 353 47.39 29.19 2.36
C THR O 353 45.91 29.25 2.70
N THR O 354 45.06 29.51 1.72
CA THR O 354 43.62 29.52 1.92
C THR O 354 42.95 28.93 0.69
N TYR O 355 41.94 28.09 0.92
CA TYR O 355 41.28 27.40 -0.18
C TYR O 355 40.42 28.38 -0.98
N LYS O 356 40.72 28.48 -2.27
CA LYS O 356 39.98 29.36 -3.17
C LYS O 356 39.40 28.53 -4.31
N ASN O 357 38.11 28.73 -4.59
CA ASN O 357 37.46 27.99 -5.66
C ASN O 357 37.91 28.40 -7.05
N THR O 358 38.64 29.51 -7.16
CA THR O 358 39.28 29.91 -8.40
C THR O 358 40.61 29.19 -8.59
N ASN O 359 41.22 28.70 -7.51
CA ASN O 359 42.59 28.18 -7.56
C ASN O 359 42.68 26.84 -8.25
N PHE O 360 41.64 26.03 -8.19
CA PHE O 360 41.73 24.61 -8.55
C PHE O 360 40.99 24.30 -9.84
N LYS O 361 41.57 23.42 -10.65
CA LYS O 361 40.95 22.89 -11.84
C LYS O 361 40.85 21.38 -11.70
N GLU O 362 39.74 20.80 -12.16
CA GLU O 362 39.53 19.36 -12.06
C GLU O 362 39.09 18.79 -13.39
N TYR O 363 39.28 17.49 -13.55
CA TYR O 363 39.03 16.82 -14.82
C TYR O 363 38.27 15.53 -14.53
N LEU O 364 37.98 14.77 -15.59
CA LEU O 364 37.30 13.49 -15.48
C LEU O 364 38.00 12.50 -16.40
N ARG O 365 38.56 11.45 -15.82
CA ARG O 365 39.15 10.37 -16.60
C ARG O 365 38.42 9.08 -16.29
N HIS O 366 38.77 8.03 -17.02
CA HIS O 366 38.11 6.73 -16.86
C HIS O 366 39.05 5.65 -17.36
N GLY O 367 39.38 4.70 -16.51
CA GLY O 367 40.26 3.63 -16.90
C GLY O 367 39.52 2.42 -17.41
N GLU O 368 40.28 1.52 -18.04
CA GLU O 368 39.73 0.28 -18.57
C GLU O 368 40.85 -0.72 -18.69
N GLU O 369 40.47 -2.00 -18.73
CA GLU O 369 41.44 -3.08 -18.79
C GLU O 369 40.76 -4.30 -19.38
N TYR O 370 41.54 -5.10 -20.12
CA TYR O 370 41.01 -6.30 -20.72
C TYR O 370 42.11 -7.35 -20.82
N ASP O 371 41.72 -8.55 -21.23
CA ASP O 371 42.61 -9.65 -21.51
C ASP O 371 41.82 -10.65 -22.34
N LEU O 372 42.49 -11.32 -23.28
CA LEU O 372 41.86 -12.32 -24.11
C LEU O 372 42.75 -13.55 -24.14
N GLN O 373 42.16 -14.72 -23.93
CA GLN O 373 42.89 -15.98 -23.95
C GLN O 373 42.03 -17.04 -24.62
N PHE O 374 42.52 -17.59 -25.72
CA PHE O 374 41.83 -18.65 -26.44
C PHE O 374 42.63 -19.93 -26.36
N ILE O 375 41.99 -21.03 -26.74
CA ILE O 375 42.69 -22.27 -27.09
C ILE O 375 42.08 -22.78 -28.39
N PHE O 376 42.92 -23.11 -29.36
CA PHE O 376 42.45 -23.54 -30.66
C PHE O 376 42.82 -24.99 -30.94
N GLN O 377 42.13 -25.57 -31.93
CA GLN O 377 42.33 -26.95 -32.36
C GLN O 377 42.42 -27.00 -33.87
N LEU O 378 43.37 -27.78 -34.38
CA LEU O 378 43.59 -27.88 -35.82
C LEU O 378 42.59 -28.86 -36.44
N CYS O 379 42.17 -28.55 -37.66
CA CYS O 379 41.17 -29.34 -38.35
C CYS O 379 41.44 -29.32 -39.86
N LYS O 380 41.23 -30.46 -40.51
CA LYS O 380 41.47 -30.60 -41.94
C LYS O 380 40.20 -31.04 -42.65
N ILE O 381 40.09 -30.67 -43.92
CA ILE O 381 38.95 -31.01 -44.76
C ILE O 381 39.45 -31.63 -46.05
N THR O 382 38.71 -32.60 -46.57
CA THR O 382 38.98 -33.17 -47.88
C THR O 382 38.09 -32.47 -48.90
N LEU O 383 38.61 -32.29 -50.11
CA LEU O 383 37.90 -31.55 -51.15
C LEU O 383 37.57 -32.46 -52.32
N THR O 384 36.41 -33.09 -52.25
CA THR O 384 35.78 -33.73 -53.39
C THR O 384 34.79 -32.72 -54.00
N ALA O 385 34.50 -32.87 -55.30
CA ALA O 385 33.75 -31.88 -56.06
C ALA O 385 32.34 -31.65 -55.53
N ASP O 386 31.73 -32.61 -54.84
CA ASP O 386 30.46 -32.32 -54.20
C ASP O 386 30.63 -31.46 -52.95
N VAL O 387 31.75 -31.62 -52.23
CA VAL O 387 32.02 -30.78 -51.09
C VAL O 387 32.37 -29.37 -51.53
N MET O 388 33.08 -29.25 -52.66
CA MET O 388 33.46 -27.95 -53.17
C MET O 388 32.27 -27.15 -53.68
N THR O 389 31.17 -27.82 -54.05
CA THR O 389 29.94 -27.09 -54.35
C THR O 389 29.34 -26.48 -53.09
N TYR O 390 29.47 -27.19 -51.97
CA TYR O 390 28.89 -26.72 -50.72
C TYR O 390 29.66 -25.53 -50.17
N ILE O 391 30.98 -25.59 -50.18
CA ILE O 391 31.80 -24.52 -49.63
C ILE O 391 31.73 -23.28 -50.52
N HIS O 392 31.51 -23.47 -51.82
CA HIS O 392 31.26 -22.34 -52.69
C HIS O 392 29.89 -21.72 -52.46
N SER O 393 28.96 -22.47 -51.86
CA SER O 393 27.59 -22.01 -51.78
C SER O 393 27.33 -21.09 -50.59
N MET O 394 28.04 -21.27 -49.48
CA MET O 394 27.84 -20.37 -48.34
C MET O 394 28.48 -19.01 -48.61
N ASN O 395 29.76 -19.00 -48.95
CA ASN O 395 30.41 -17.80 -49.46
C ASN O 395 31.64 -18.23 -50.25
N SER O 396 31.98 -17.41 -51.26
CA SER O 396 33.10 -17.68 -52.14
C SER O 396 34.31 -16.80 -51.83
N THR O 397 34.10 -15.48 -51.73
CA THR O 397 35.21 -14.54 -51.70
C THR O 397 35.98 -14.55 -50.39
N ILE O 398 35.47 -15.20 -49.34
CA ILE O 398 36.28 -15.44 -48.15
C ILE O 398 36.90 -16.82 -48.17
N LEU O 399 36.51 -17.65 -49.15
CA LEU O 399 37.03 -19.04 -49.25
C LEU O 399 37.60 -19.38 -50.64
N GLU O 400 38.00 -18.40 -51.44
CA GLU O 400 38.57 -18.69 -52.78
C GLU O 400 40.10 -18.64 -52.75
N ASP O 401 40.67 -18.44 -51.56
CA ASP O 401 42.15 -18.31 -51.37
C ASP O 401 42.94 -19.57 -51.71
N TRP O 402 42.45 -20.78 -51.37
CA TRP O 402 43.32 -21.98 -51.57
C TRP O 402 43.17 -22.60 -52.97
N ASN O 403 42.08 -23.34 -53.23
CA ASN O 403 41.86 -23.97 -54.55
C ASN O 403 41.21 -22.96 -55.48
N PHE O 404 41.69 -22.85 -56.72
CA PHE O 404 41.07 -21.90 -57.68
C PHE O 404 39.67 -22.42 -58.00
N GLY O 405 38.65 -21.75 -57.45
CA GLY O 405 37.24 -22.11 -57.64
C GLY O 405 36.87 -22.00 -59.10
N LEU O 406 37.47 -21.02 -59.77
CA LEU O 406 37.29 -20.80 -61.23
C LEU O 406 38.60 -21.20 -61.90
N GLN O 407 38.54 -22.18 -62.81
CA GLN O 407 39.77 -22.63 -63.49
C GLN O 407 40.32 -21.46 -64.31
N PRO O 408 39.46 -20.74 -65.06
CA PRO O 408 39.88 -19.59 -65.83
C PRO O 408 39.59 -18.32 -65.03
N PRO O 409 39.51 -17.14 -65.66
CA PRO O 409 39.20 -15.90 -64.96
C PRO O 409 37.75 -15.99 -64.47
N PRO O 410 37.39 -15.35 -63.33
CA PRO O 410 36.04 -15.45 -62.78
C PRO O 410 35.02 -14.94 -63.81
N GLY O 411 35.33 -13.83 -64.49
CA GLY O 411 34.46 -13.33 -65.56
C GLY O 411 34.72 -14.14 -66.82
N GLY O 412 33.68 -14.59 -67.51
CA GLY O 412 33.97 -15.35 -68.75
C GLY O 412 34.69 -14.53 -69.81
N THR O 413 35.87 -14.00 -69.48
CA THR O 413 36.74 -13.25 -70.40
C THR O 413 38.15 -13.25 -69.78
N LEU O 414 39.20 -13.37 -70.60
CA LEU O 414 40.58 -13.37 -70.05
C LEU O 414 40.95 -11.96 -69.59
N GLU O 415 41.81 -11.86 -68.58
CA GLU O 415 42.26 -10.54 -68.09
C GLU O 415 43.53 -10.19 -68.89
N ASP O 416 43.41 -9.25 -69.84
CA ASP O 416 44.54 -8.84 -70.70
C ASP O 416 45.05 -7.46 -70.27
N THR O 417 46.34 -7.39 -69.93
CA THR O 417 46.97 -6.11 -69.49
C THR O 417 47.20 -5.20 -70.70
N TYR O 418 47.23 -3.89 -70.45
CA TYR O 418 47.52 -2.87 -71.50
C TYR O 418 48.77 -2.09 -71.08
N ARG O 419 49.74 -1.95 -71.99
CA ARG O 419 51.00 -1.29 -71.68
C ARG O 419 51.39 -0.32 -72.79
N PHE O 420 52.04 0.77 -72.39
CA PHE O 420 52.58 1.77 -73.29
C PHE O 420 54.08 1.88 -73.05
N VAL O 421 54.73 2.75 -73.82
CA VAL O 421 55.94 3.41 -73.38
C VAL O 421 55.64 4.91 -73.36
N THR O 422 56.03 5.57 -72.27
CA THR O 422 55.58 6.98 -72.19
C THR O 422 56.48 7.85 -71.31
N SER O 423 56.52 9.13 -71.69
CA SER O 423 57.18 10.22 -70.93
C SER O 423 56.07 11.18 -70.43
N GLN O 424 54.85 10.64 -70.41
CA GLN O 424 53.62 11.35 -69.97
C GLN O 424 53.20 12.37 -71.04
N ALA O 425 53.67 12.21 -72.27
CA ALA O 425 53.30 13.17 -73.33
C ALA O 425 51.79 13.15 -73.60
N ILE O 426 51.18 11.97 -73.73
CA ILE O 426 49.71 11.89 -74.02
C ILE O 426 49.08 10.61 -73.47
N ALA O 427 47.78 10.72 -73.14
CA ALA O 427 46.82 9.70 -72.65
C ALA O 427 46.94 9.43 -71.13
N CYS O 428 47.95 10.02 -70.48
CA CYS O 428 48.16 9.92 -69.01
C CYS O 428 48.16 8.46 -68.53
N GLN O 429 47.44 8.24 -67.43
CA GLN O 429 47.26 6.91 -66.75
C GLN O 429 48.46 6.64 -65.84
N LYS O 430 48.17 6.39 -64.56
CA LYS O 430 49.16 6.10 -63.49
C LYS O 430 48.98 4.64 -63.06
N HIS O 431 49.99 4.05 -62.43
CA HIS O 431 49.92 2.63 -62.00
C HIS O 431 50.66 2.37 -60.68
N THR O 432 49.96 1.68 -59.78
CA THR O 432 50.42 1.28 -58.42
C THR O 432 49.96 -0.16 -58.14
N PRO O 433 50.39 -0.81 -57.04
CA PRO O 433 49.94 -2.17 -56.75
C PRO O 433 48.40 -2.14 -56.68
N PRO O 434 47.71 -3.07 -57.37
CA PRO O 434 46.25 -3.07 -57.43
C PRO O 434 45.57 -3.97 -56.40
N ALA O 435 44.55 -3.44 -55.71
CA ALA O 435 43.78 -4.21 -54.70
C ALA O 435 44.74 -4.82 -53.67
N PRO O 436 45.65 -4.05 -53.05
CA PRO O 436 46.59 -4.59 -52.05
C PRO O 436 45.79 -5.19 -50.87
N LYS O 437 44.73 -4.50 -50.46
CA LYS O 437 43.82 -4.99 -49.39
C LYS O 437 42.54 -5.45 -50.10
N GLU O 438 42.09 -6.67 -49.80
CA GLU O 438 40.86 -7.19 -50.45
C GLU O 438 39.91 -7.66 -49.34
N ASP O 439 39.41 -6.71 -48.57
CA ASP O 439 38.48 -7.00 -47.43
C ASP O 439 37.20 -6.17 -47.60
N PRO O 440 36.02 -6.79 -47.45
CA PRO O 440 34.74 -6.06 -47.51
C PRO O 440 34.31 -5.43 -46.20
N LEU O 441 35.20 -5.33 -45.20
CA LEU O 441 34.89 -4.74 -43.92
C LEU O 441 35.76 -3.52 -43.64
N LYS O 442 36.04 -2.74 -44.69
CA LYS O 442 36.79 -1.50 -44.54
C LYS O 442 35.91 -0.32 -44.15
N LYS O 443 34.58 -0.50 -44.14
CA LYS O 443 33.69 0.61 -43.82
C LYS O 443 33.70 0.91 -42.33
N TYR O 444 33.62 -0.14 -41.51
CA TYR O 444 33.55 0.02 -40.06
C TYR O 444 34.93 -0.01 -39.46
N THR O 445 35.14 0.84 -38.45
CA THR O 445 36.39 0.89 -37.70
C THR O 445 36.12 0.36 -36.31
N PHE O 446 36.70 -0.80 -35.97
CA PHE O 446 36.62 -1.28 -34.62
C PHE O 446 37.98 -1.81 -34.18
N TRP O 447 38.04 -2.20 -32.91
CA TRP O 447 39.28 -2.58 -32.25
C TRP O 447 39.85 -3.84 -32.87
N GLU O 448 41.13 -3.79 -33.23
CA GLU O 448 41.79 -4.91 -33.89
C GLU O 448 42.91 -5.45 -33.03
N VAL O 449 43.06 -6.77 -33.04
CA VAL O 449 44.07 -7.48 -32.26
C VAL O 449 44.60 -8.60 -33.15
N ASN O 450 45.91 -8.64 -33.37
CA ASN O 450 46.51 -9.69 -34.17
C ASN O 450 47.22 -10.69 -33.27
N LEU O 451 46.97 -11.97 -33.51
CA LEU O 451 47.63 -13.06 -32.79
C LEU O 451 48.56 -13.84 -33.70
N LYS O 452 49.12 -13.16 -34.71
CA LYS O 452 49.84 -13.84 -35.78
C LYS O 452 51.13 -14.50 -35.29
N GLU O 453 51.70 -14.00 -34.20
CA GLU O 453 52.93 -14.52 -33.65
C GLU O 453 52.78 -14.92 -32.19
N LYS O 454 51.55 -15.08 -31.72
CA LYS O 454 51.31 -15.37 -30.31
C LYS O 454 51.03 -16.84 -30.04
N PHE O 455 51.09 -17.69 -31.05
CA PHE O 455 50.71 -19.08 -30.87
C PHE O 455 51.81 -19.86 -30.13
N SER O 456 51.39 -20.93 -29.47
CA SER O 456 52.32 -21.79 -28.75
C SER O 456 51.77 -23.20 -28.73
N ALA O 457 52.67 -24.16 -28.63
CA ALA O 457 52.31 -25.57 -28.67
C ALA O 457 52.18 -26.20 -27.30
N ASP O 458 52.77 -25.60 -26.27
CA ASP O 458 52.77 -26.16 -24.93
C ASP O 458 51.69 -25.49 -24.10
N LEU O 459 50.77 -26.29 -23.57
CA LEU O 459 49.65 -25.78 -22.80
C LEU O 459 49.86 -25.86 -21.30
N ASP O 460 51.11 -25.98 -20.86
CA ASP O 460 51.39 -25.99 -19.44
C ASP O 460 51.78 -24.62 -18.91
N GLN O 461 52.39 -23.78 -19.75
CA GLN O 461 52.95 -22.52 -19.30
C GLN O 461 51.93 -21.41 -19.23
N PHE O 462 50.66 -21.69 -19.49
CA PHE O 462 49.65 -20.64 -19.53
C PHE O 462 48.52 -20.96 -18.56
N PRO O 463 47.89 -19.94 -17.98
CA PRO O 463 46.87 -20.22 -16.95
C PRO O 463 45.60 -20.83 -17.47
N LEU O 464 45.22 -20.56 -18.72
CA LEU O 464 44.03 -21.25 -19.24
C LEU O 464 44.36 -22.69 -19.60
N GLY O 465 45.58 -22.94 -20.08
CA GLY O 465 45.94 -24.29 -20.49
C GLY O 465 46.00 -25.27 -19.35
N ARG O 466 46.41 -24.81 -18.16
CA ARG O 466 46.33 -25.66 -16.99
C ARG O 466 44.88 -25.95 -16.61
N LYS O 467 43.98 -24.99 -16.86
CA LYS O 467 42.57 -25.22 -16.57
C LYS O 467 41.91 -26.04 -17.67
N PHE O 468 42.42 -25.97 -18.91
CA PHE O 468 41.82 -26.75 -19.97
C PHE O 468 42.24 -28.20 -19.89
N LEU O 469 43.52 -28.44 -19.62
CA LEU O 469 44.03 -29.82 -19.54
C LEU O 469 43.37 -30.56 -18.38
N LEU O 470 43.18 -29.87 -17.25
CA LEU O 470 42.58 -30.45 -16.06
C LEU O 470 41.13 -30.89 -16.32
N GLN O 471 40.46 -30.24 -17.27
CA GLN O 471 39.13 -30.66 -17.66
C GLN O 471 39.17 -32.02 -18.34
N ALA O 472 40.18 -32.26 -19.16
CA ALA O 472 40.37 -33.56 -19.79
C ALA O 472 41.42 -34.41 -19.08
N GLY O 473 41.97 -33.93 -17.97
CA GLY O 473 42.95 -34.70 -17.21
C GLY O 473 44.37 -34.48 -17.69
N LEU O 474 44.86 -35.51 -18.39
CA LEU O 474 46.06 -35.44 -19.25
C LEU O 474 47.26 -34.72 -18.65
N LYS O 475 47.98 -35.33 -17.69
CA LYS O 475 49.22 -34.67 -17.20
C LYS O 475 50.10 -34.45 -18.44
N ALA O 476 50.70 -33.25 -18.57
CA ALA O 476 51.38 -32.85 -19.82
C ALA O 476 52.50 -33.83 -20.22
N LYS O 477 53.30 -34.30 -19.27
CA LYS O 477 54.35 -35.23 -19.60
C LYS O 477 55.27 -35.37 -18.39
N PRO O 478 55.53 -36.58 -17.91
CA PRO O 478 56.42 -36.76 -16.76
C PRO O 478 57.87 -36.59 -17.17
N LYS O 479 58.56 -35.66 -16.52
CA LYS O 479 59.92 -35.29 -16.86
C LYS O 479 60.77 -35.32 -15.59
N PHE O 480 61.93 -35.96 -15.67
CA PHE O 480 62.92 -36.21 -14.61
C PHE O 480 62.30 -36.67 -13.29
N THR O 481 61.77 -37.89 -13.29
CA THR O 481 61.32 -38.50 -12.04
C THR O 481 62.53 -38.93 -11.20
N LEU P 3 52.89 -17.43 -65.68
CA LEU P 3 52.30 -18.44 -64.84
C LEU P 3 53.27 -18.91 -63.77
N TRP P 4 54.59 -18.83 -64.03
CA TRP P 4 55.55 -19.55 -63.21
C TRP P 4 56.01 -18.79 -61.95
N LEU P 5 56.60 -17.58 -62.10
CA LEU P 5 56.71 -16.58 -61.03
C LEU P 5 57.44 -16.98 -59.73
N PRO P 6 58.77 -16.75 -59.63
CA PRO P 6 59.47 -17.00 -58.36
C PRO P 6 58.96 -16.17 -57.20
N SER P 7 58.81 -16.77 -56.02
CA SER P 7 58.28 -16.05 -54.87
C SER P 7 58.73 -16.72 -53.58
N GLU P 8 58.53 -15.98 -52.48
CA GLU P 8 58.88 -16.43 -51.11
C GLU P 8 57.64 -16.41 -50.22
N ALA P 9 57.50 -17.41 -49.33
CA ALA P 9 56.34 -17.53 -48.41
C ALA P 9 56.81 -17.40 -46.97
N THR P 10 56.02 -16.75 -46.11
CA THR P 10 56.41 -16.50 -44.70
C THR P 10 56.58 -17.80 -43.90
N VAL P 11 55.65 -18.76 -44.02
CA VAL P 11 55.68 -20.08 -43.33
C VAL P 11 55.65 -19.91 -41.80
N TYR P 12 56.21 -20.90 -41.09
CA TYR P 12 56.38 -20.92 -39.64
C TYR P 12 57.22 -22.11 -39.19
N LEU P 13 58.13 -21.88 -38.21
CA LEU P 13 59.12 -22.85 -37.72
C LEU P 13 59.06 -23.02 -36.20
N PRO P 14 59.31 -24.22 -35.68
CA PRO P 14 59.24 -24.45 -34.22
C PRO P 14 60.46 -23.93 -33.49
N PRO P 15 60.28 -23.49 -32.22
CA PRO P 15 61.35 -22.84 -31.43
C PRO P 15 62.58 -23.65 -31.01
N VAL P 16 62.34 -24.93 -30.68
CA VAL P 16 63.24 -26.04 -30.19
C VAL P 16 63.17 -26.14 -28.66
N PRO P 17 63.40 -27.34 -28.09
CA PRO P 17 63.27 -27.66 -26.66
C PRO P 17 62.74 -26.68 -25.61
N VAL P 18 63.64 -25.91 -24.95
CA VAL P 18 63.44 -24.91 -23.85
C VAL P 18 63.44 -25.64 -22.49
N SER P 19 63.93 -25.01 -21.42
CA SER P 19 63.95 -25.66 -20.09
C SER P 19 62.53 -25.91 -19.61
N LYS P 20 61.65 -24.91 -19.80
CA LYS P 20 60.20 -24.91 -19.44
C LYS P 20 60.00 -24.88 -17.92
N VAL P 21 58.79 -25.24 -17.48
CA VAL P 21 58.32 -25.26 -16.10
C VAL P 21 57.65 -26.61 -15.82
N VAL P 22 57.94 -27.21 -14.68
CA VAL P 22 57.35 -28.49 -14.28
C VAL P 22 56.73 -28.34 -12.89
N SER P 23 55.61 -29.04 -12.66
CA SER P 23 54.92 -28.97 -11.38
C SER P 23 55.72 -29.65 -10.28
N THR P 24 55.43 -29.27 -9.04
CA THR P 24 56.29 -29.65 -7.93
C THR P 24 55.99 -31.03 -7.36
N ASP P 25 55.11 -31.83 -7.94
CA ASP P 25 54.93 -33.15 -7.37
C ASP P 25 55.84 -34.21 -8.00
N GLU P 26 56.68 -33.85 -8.96
CA GLU P 26 57.53 -34.86 -9.56
C GLU P 26 58.99 -34.79 -9.14
N TYR P 27 59.37 -33.83 -8.30
CA TYR P 27 60.70 -33.87 -7.68
C TYR P 27 60.67 -33.54 -6.21
N VAL P 28 59.48 -33.33 -5.62
CA VAL P 28 59.32 -33.12 -4.19
C VAL P 28 58.42 -34.23 -3.68
N ALA P 29 58.97 -35.10 -2.84
CA ALA P 29 58.22 -36.25 -2.35
C ALA P 29 57.47 -35.90 -1.08
N ARG P 30 56.38 -36.61 -0.86
CA ARG P 30 55.57 -36.47 0.35
C ARG P 30 55.96 -37.54 1.36
N THR P 31 55.65 -37.28 2.62
CA THR P 31 55.99 -38.21 3.69
C THR P 31 54.77 -38.36 4.60
N ASN P 32 54.91 -39.21 5.61
CA ASN P 32 53.86 -39.47 6.59
C ASN P 32 54.14 -38.76 7.91
N ILE P 33 54.61 -37.53 7.88
CA ILE P 33 54.79 -36.74 9.08
C ILE P 33 54.06 -35.42 8.90
N TYR P 34 53.11 -35.15 9.79
CA TYR P 34 52.33 -33.91 9.75
C TYR P 34 52.61 -33.13 11.03
N TYR P 35 52.40 -31.82 10.97
CA TYR P 35 52.66 -30.96 12.12
C TYR P 35 51.61 -29.88 12.18
N HIS P 36 51.33 -29.40 13.39
CA HIS P 36 50.39 -28.32 13.60
C HIS P 36 51.11 -27.18 14.31
N ALA P 37 50.79 -25.96 13.91
CA ALA P 37 51.31 -24.78 14.58
C ALA P 37 50.36 -23.63 14.36
N GLY P 38 50.00 -22.96 15.44
CA GLY P 38 49.15 -21.79 15.35
C GLY P 38 49.61 -20.74 16.33
N THR P 39 49.39 -19.48 15.98
CA THR P 39 49.70 -18.40 16.89
C THR P 39 48.65 -18.34 17.99
N SER P 40 48.91 -17.53 19.00
CA SER P 40 48.05 -17.50 20.17
C SER P 40 46.79 -16.67 19.94
N ARG P 41 46.95 -15.35 19.77
CA ARG P 41 46.01 -14.42 19.16
C ARG P 41 46.71 -13.08 19.08
N LEU P 42 46.22 -12.22 18.19
CA LEU P 42 46.83 -10.93 17.93
C LEU P 42 45.78 -9.85 18.12
N LEU P 43 46.19 -8.69 18.60
CA LEU P 43 45.27 -7.58 18.83
C LEU P 43 45.95 -6.28 18.41
N ALA P 44 45.12 -5.27 18.10
CA ALA P 44 45.63 -3.96 17.74
C ALA P 44 44.52 -2.92 17.95
N VAL P 45 44.83 -1.89 18.72
CA VAL P 45 43.89 -0.82 19.04
C VAL P 45 44.51 0.51 18.60
N GLY P 46 43.69 1.39 18.04
CA GLY P 46 44.19 2.70 17.64
C GLY P 46 43.08 3.55 17.06
N HIS P 47 43.46 4.75 16.64
CA HIS P 47 42.50 5.66 16.02
C HIS P 47 42.15 5.16 14.63
N PRO P 48 40.91 5.34 14.17
CA PRO P 48 40.53 4.79 12.86
C PRO P 48 40.77 5.73 11.70
N TYR P 49 41.02 7.02 11.96
CA TYR P 49 41.13 8.00 10.89
C TYR P 49 42.58 8.35 10.54
N PHE P 50 43.35 8.80 11.51
CA PHE P 50 44.71 9.26 11.28
C PHE P 50 45.55 8.91 12.51
N PRO P 51 46.85 8.73 12.36
CA PRO P 51 47.70 8.60 13.56
C PRO P 51 47.78 9.93 14.27
N ILE P 52 48.00 9.87 15.58
CA ILE P 52 48.07 11.07 16.39
C ILE P 52 49.46 11.16 17.03
N LYS P 53 50.03 12.36 17.00
CA LYS P 53 51.29 12.65 17.67
C LYS P 53 51.29 14.12 18.04
N LYS P 54 51.97 14.45 19.13
CA LYS P 54 52.20 15.85 19.47
C LYS P 54 53.09 16.48 18.41
N PRO P 55 52.77 17.70 17.94
CA PRO P 55 53.38 18.21 16.70
C PRO P 55 54.86 18.51 16.78
N ASN P 56 55.47 18.48 17.97
CA ASN P 56 56.91 18.68 18.06
C ASN P 56 57.69 17.38 18.00
N ASN P 57 57.17 16.31 18.60
CA ASN P 57 57.84 15.01 18.58
C ASN P 57 57.39 14.24 17.34
N ASN P 58 58.38 13.72 16.59
CA ASN P 58 58.07 13.00 15.36
C ASN P 58 57.47 11.62 15.62
N LYS P 59 57.67 11.07 16.82
CA LYS P 59 57.20 9.72 17.11
C LYS P 59 55.69 9.71 17.32
N ILE P 60 55.03 8.70 16.75
CA ILE P 60 53.59 8.59 16.87
C ILE P 60 53.22 8.10 18.26
N LEU P 61 52.11 8.61 18.78
CA LEU P 61 51.65 8.25 20.12
C LEU P 61 50.65 7.12 20.13
N VAL P 62 49.67 7.14 19.23
CA VAL P 62 48.72 6.05 19.07
C VAL P 62 48.65 5.74 17.57
N PRO P 63 48.99 4.52 17.14
CA PRO P 63 49.04 4.24 15.70
C PRO P 63 47.64 4.15 15.11
N LYS P 64 47.58 4.27 13.80
CA LYS P 64 46.31 4.27 13.08
C LYS P 64 46.04 2.87 12.56
N VAL P 65 45.06 2.19 13.17
CA VAL P 65 44.55 0.94 12.64
C VAL P 65 43.07 1.15 12.34
N SER P 66 42.60 0.52 11.29
CA SER P 66 41.22 0.71 10.84
C SER P 66 40.77 -0.56 10.16
N GLY P 67 39.45 -0.64 9.94
CA GLY P 67 38.92 -1.80 9.24
C GLY P 67 39.29 -1.86 7.78
N LEU P 68 39.58 -0.71 7.19
CA LEU P 68 39.77 -0.61 5.75
C LEU P 68 41.12 -1.11 5.27
N GLN P 69 42.11 -1.18 6.15
CA GLN P 69 43.48 -1.45 5.72
C GLN P 69 43.66 -2.91 5.34
N TYR P 70 44.76 -3.17 4.65
CA TYR P 70 45.19 -4.54 4.44
C TYR P 70 45.81 -5.08 5.72
N ARG P 71 46.00 -6.40 5.77
CA ARG P 71 46.66 -7.05 6.91
C ARG P 71 47.54 -8.14 6.35
N VAL P 72 48.83 -7.88 6.26
CA VAL P 72 49.79 -8.81 5.68
C VAL P 72 50.58 -9.44 6.82
N PHE P 73 50.46 -10.75 6.99
CA PHE P 73 51.10 -11.47 8.08
C PHE P 73 52.22 -12.35 7.53
N ARG P 74 53.46 -11.97 7.80
CA ARG P 74 54.59 -12.86 7.52
C ARG P 74 54.58 -13.99 8.53
N ILE P 75 54.71 -15.21 8.06
CA ILE P 75 54.71 -16.37 8.92
C ILE P 75 56.09 -16.99 8.83
N HIS P 76 56.98 -16.59 9.72
CA HIS P 76 58.30 -17.19 9.77
C HIS P 76 58.20 -18.64 10.26
N LEU P 77 59.01 -19.51 9.69
CA LEU P 77 58.92 -20.92 10.00
C LEU P 77 60.25 -21.41 10.57
N PRO P 78 60.22 -22.47 11.39
CA PRO P 78 61.49 -23.07 11.81
C PRO P 78 62.11 -23.86 10.66
N ASP P 79 63.43 -23.84 10.60
CA ASP P 79 64.14 -24.52 9.53
C ASP P 79 64.03 -26.02 9.70
N PRO P 80 63.54 -26.77 8.71
CA PRO P 80 63.30 -28.19 8.91
C PRO P 80 64.54 -29.05 8.92
N ASN P 81 65.71 -28.49 8.60
CA ASN P 81 66.94 -29.24 8.75
C ASN P 81 67.58 -29.05 10.12
N LYS P 82 67.22 -27.98 10.83
CA LYS P 82 67.71 -27.72 12.18
C LYS P 82 66.63 -27.97 13.23
N PHE P 83 65.67 -28.83 12.93
CA PHE P 83 64.62 -29.18 13.87
C PHE P 83 64.82 -30.60 14.36
N GLY P 84 64.45 -30.84 15.61
CA GLY P 84 64.72 -32.12 16.23
C GLY P 84 63.55 -33.07 16.25
N PHE P 85 63.56 -34.04 15.34
CA PHE P 85 62.57 -35.10 15.35
C PHE P 85 62.98 -36.17 16.35
N PRO P 86 62.08 -37.08 16.71
CA PRO P 86 62.55 -38.28 17.45
C PRO P 86 63.51 -39.13 16.65
N ASP P 87 63.13 -39.56 15.45
CA ASP P 87 63.97 -40.42 14.63
C ASP P 87 64.36 -39.67 13.36
N THR P 88 65.59 -39.90 12.91
CA THR P 88 66.13 -39.27 11.71
C THR P 88 66.53 -40.30 10.65
N SER P 89 65.94 -41.48 10.68
CA SER P 89 66.30 -42.53 9.74
C SER P 89 65.43 -42.56 8.50
N PHE P 90 64.62 -41.53 8.28
CA PHE P 90 63.72 -41.50 7.13
C PHE P 90 64.33 -40.82 5.90
N TYR P 91 65.50 -40.22 6.04
CA TYR P 91 66.14 -39.54 4.91
C TYR P 91 67.64 -39.46 5.16
N ASN P 92 68.40 -39.39 4.07
CA ASN P 92 69.84 -39.24 4.16
C ASN P 92 70.17 -37.76 4.13
N PRO P 93 70.71 -37.18 5.20
CA PRO P 93 70.96 -35.74 5.23
C PRO P 93 72.17 -35.29 4.44
N ASP P 94 72.94 -36.21 3.89
CA ASP P 94 74.08 -35.82 3.08
C ASP P 94 73.68 -35.39 1.68
N THR P 95 72.75 -36.13 1.06
CA THR P 95 72.38 -35.89 -0.33
C THR P 95 70.92 -35.47 -0.51
N GLN P 96 70.27 -34.99 0.56
CA GLN P 96 68.88 -34.56 0.47
C GLN P 96 68.68 -33.32 1.33
N ARG P 97 67.54 -32.66 1.14
CA ARG P 97 67.17 -31.49 1.93
C ARG P 97 65.67 -31.54 2.19
N LEU P 98 65.20 -30.71 3.13
CA LEU P 98 63.81 -30.75 3.57
C LEU P 98 63.15 -29.37 3.44
N VAL P 99 61.82 -29.39 3.44
CA VAL P 99 61.02 -28.18 3.27
C VAL P 99 59.62 -28.46 3.83
N TRP P 100 58.94 -27.42 4.28
CA TRP P 100 57.57 -27.53 4.76
C TRP P 100 56.58 -27.23 3.64
N ALA P 101 55.45 -27.93 3.66
CA ALA P 101 54.38 -27.69 2.70
C ALA P 101 53.06 -27.59 3.44
N CYS P 102 52.33 -26.49 3.22
CA CYS P 102 51.07 -26.27 3.92
C CYS P 102 49.95 -27.07 3.28
N VAL P 103 48.96 -27.44 4.11
CA VAL P 103 47.82 -28.23 3.69
C VAL P 103 46.51 -27.51 3.92
N GLY P 104 46.30 -27.02 5.13
CA GLY P 104 45.07 -26.30 5.45
C GLY P 104 45.28 -25.16 6.42
N VAL P 105 44.55 -24.07 6.25
CA VAL P 105 44.65 -22.90 7.09
C VAL P 105 43.29 -22.57 7.67
N GLU P 106 43.27 -21.63 8.60
CA GLU P 106 42.05 -20.94 8.99
C GLU P 106 42.40 -19.56 9.50
N VAL P 107 41.47 -18.64 9.34
CA VAL P 107 41.64 -17.25 9.77
C VAL P 107 40.45 -16.94 10.67
N GLY P 108 40.71 -16.76 11.96
CA GLY P 108 39.65 -16.57 12.93
C GLY P 108 39.48 -15.12 13.33
N ARG P 109 38.22 -14.73 13.58
CA ARG P 109 37.88 -13.43 14.11
C ARG P 109 36.98 -13.63 15.33
N GLY P 110 36.84 -12.58 16.13
CA GLY P 110 35.92 -12.65 17.26
C GLY P 110 35.17 -11.37 17.57
N GLN P 111 35.41 -10.32 16.82
CA GLN P 111 34.61 -9.12 17.05
C GLN P 111 33.29 -9.25 16.29
N PRO P 112 32.22 -8.63 16.80
CA PRO P 112 30.92 -8.80 16.15
C PRO P 112 30.83 -8.06 14.84
N LEU P 113 29.95 -8.55 13.97
CA LEU P 113 29.81 -8.03 12.61
C LEU P 113 29.17 -6.65 12.66
N GLY P 114 29.97 -5.63 12.40
CA GLY P 114 29.48 -4.27 12.51
C GLY P 114 30.12 -3.29 11.56
N VAL P 115 29.29 -2.42 11.00
CA VAL P 115 29.63 -1.50 9.94
C VAL P 115 30.54 -0.40 10.49
N GLY P 116 31.23 0.31 9.58
CA GLY P 116 31.97 1.50 9.94
C GLY P 116 31.42 2.72 9.25
N ILE P 117 32.14 3.84 9.37
CA ILE P 117 31.66 5.13 8.88
C ILE P 117 32.86 6.05 8.79
N SER P 118 32.79 7.01 7.87
CA SER P 118 33.84 8.01 7.69
C SER P 118 33.29 9.18 6.90
N GLY P 119 33.98 10.31 6.96
CA GLY P 119 33.57 11.46 6.18
C GLY P 119 34.33 12.71 6.60
N HIS P 120 34.26 13.71 5.72
CA HIS P 120 35.10 14.89 5.82
C HIS P 120 34.36 16.07 6.43
N PRO P 121 35.04 16.91 7.22
CA PRO P 121 34.39 18.14 7.70
C PRO P 121 34.23 19.17 6.61
N LEU P 122 35.18 19.27 5.69
CA LEU P 122 35.10 20.20 4.56
C LEU P 122 35.30 19.38 3.29
N LEU P 123 34.23 18.77 2.80
CA LEU P 123 34.29 17.93 1.62
C LEU P 123 33.80 18.73 0.42
N ASN P 124 34.50 18.56 -0.71
CA ASN P 124 34.21 19.37 -1.89
C ASN P 124 32.93 18.87 -2.56
N LYS P 125 31.81 19.32 -2.02
CA LYS P 125 30.52 19.27 -2.69
C LYS P 125 30.20 20.68 -3.18
N LEU P 126 29.25 20.77 -4.10
CA LEU P 126 28.65 22.07 -4.36
C LEU P 126 27.16 22.09 -4.04
N ASP P 127 26.37 21.25 -4.69
CA ASP P 127 24.92 21.34 -4.66
C ASP P 127 24.39 19.92 -4.57
N ASP P 128 23.10 19.75 -4.84
CA ASP P 128 22.50 18.43 -4.98
C ASP P 128 21.89 18.31 -6.38
N THR P 129 22.02 17.13 -6.98
CA THR P 129 21.73 16.96 -8.40
C THR P 129 20.66 15.93 -8.72
N GLU P 130 19.98 15.36 -7.74
CA GLU P 130 18.93 14.42 -8.11
C GLU P 130 17.65 15.15 -8.49
N ASN P 131 17.35 16.28 -7.85
CA ASN P 131 16.15 17.04 -8.17
C ASN P 131 16.40 18.50 -7.84
N ALA P 132 16.41 19.33 -8.87
CA ALA P 132 16.57 20.78 -8.73
C ALA P 132 15.23 21.42 -9.01
N SER P 133 14.60 21.98 -7.97
CA SER P 133 13.35 22.70 -8.17
C SER P 133 13.59 23.99 -8.93
N ALA P 134 14.63 24.73 -8.57
CA ALA P 134 15.08 25.90 -9.31
C ALA P 134 16.49 25.63 -9.82
N TYR P 135 17.00 26.56 -10.62
CA TYR P 135 18.36 26.42 -11.12
C TYR P 135 19.36 26.64 -10.00
N ALA P 136 20.57 26.13 -10.21
CA ALA P 136 21.59 26.17 -9.17
C ALA P 136 22.10 27.59 -8.97
N ALA P 137 22.35 27.93 -7.70
CA ALA P 137 22.92 29.23 -7.37
C ALA P 137 24.39 29.26 -7.76
N ASN P 138 24.92 30.48 -7.89
CA ASN P 138 26.34 30.62 -8.16
C ASN P 138 27.14 30.32 -6.91
N ALA P 139 28.42 30.02 -7.12
CA ALA P 139 29.30 29.55 -6.06
C ALA P 139 30.37 30.60 -5.77
N GLY P 140 30.50 30.97 -4.51
CA GLY P 140 31.56 31.85 -4.09
C GLY P 140 32.86 31.10 -3.84
N VAL P 141 33.63 31.59 -2.90
CA VAL P 141 34.88 30.96 -2.51
C VAL P 141 34.61 30.04 -1.33
N ASP P 142 35.09 28.79 -1.41
CA ASP P 142 35.09 27.81 -0.33
C ASP P 142 33.65 27.51 0.15
N ASN P 143 32.92 26.84 -0.72
CA ASN P 143 31.54 26.43 -0.44
C ASN P 143 31.45 24.98 0.03
N ARG P 144 32.53 24.41 0.55
CA ARG P 144 32.49 23.02 0.99
C ARG P 144 31.72 22.88 2.29
N GLU P 145 31.30 21.65 2.58
CA GLU P 145 30.44 21.36 3.72
C GLU P 145 30.88 20.06 4.36
N CYS P 146 30.06 19.54 5.28
CA CYS P 146 30.39 18.37 6.08
C CYS P 146 29.49 17.20 5.65
N ILE P 147 30.09 16.18 5.04
CA ILE P 147 29.40 14.98 4.59
C ILE P 147 30.13 13.77 5.16
N SER P 148 29.38 12.73 5.50
CA SER P 148 29.94 11.41 5.74
C SER P 148 29.27 10.38 4.84
N MET P 149 29.86 9.19 4.82
CA MET P 149 29.40 8.11 3.98
C MET P 149 29.91 6.80 4.56
N ASP P 150 29.58 5.71 3.90
CA ASP P 150 30.15 4.42 4.24
C ASP P 150 30.84 3.84 3.02
N TYR P 151 31.79 2.97 3.26
CA TYR P 151 32.58 2.39 2.18
C TYR P 151 31.92 1.11 1.68
N LYS P 152 32.36 0.66 0.52
CA LYS P 152 31.81 -0.55 -0.04
C LYS P 152 32.32 -1.77 0.71
N GLN P 153 31.47 -2.77 0.85
CA GLN P 153 31.81 -3.96 1.63
C GLN P 153 32.68 -4.87 0.78
N THR P 154 33.80 -5.33 1.35
CA THR P 154 34.82 -6.08 0.64
C THR P 154 35.48 -7.06 1.61
N GLN P 155 35.72 -8.28 1.14
CA GLN P 155 36.46 -9.28 1.89
C GLN P 155 37.50 -9.91 0.98
N LEU P 156 38.54 -10.50 1.58
CA LEU P 156 39.69 -10.94 0.81
C LEU P 156 40.54 -11.91 1.62
N CYS P 157 41.21 -12.83 0.91
CA CYS P 157 42.18 -13.73 1.52
C CYS P 157 43.12 -14.26 0.44
N LEU P 158 44.43 -14.16 0.66
CA LEU P 158 45.45 -14.62 -0.28
C LEU P 158 46.57 -15.30 0.49
N ILE P 159 47.14 -16.35 -0.09
CA ILE P 159 48.21 -17.11 0.55
C ILE P 159 49.29 -17.42 -0.48
N GLY P 160 50.52 -16.96 -0.24
CA GLY P 160 51.60 -17.21 -1.17
C GLY P 160 52.95 -17.23 -0.50
N CYS P 161 53.96 -17.67 -1.28
CA CYS P 161 55.34 -17.73 -0.82
C CYS P 161 56.11 -16.44 -1.11
N LYS P 162 55.51 -15.53 -1.87
CA LYS P 162 56.06 -14.22 -2.19
C LYS P 162 55.01 -13.18 -1.78
N PRO P 163 55.40 -11.91 -1.62
CA PRO P 163 54.40 -10.89 -1.32
C PRO P 163 53.48 -10.66 -2.51
N PRO P 164 52.24 -10.25 -2.28
CA PRO P 164 51.30 -10.09 -3.38
C PRO P 164 51.46 -8.77 -4.08
N ILE P 165 51.26 -8.79 -5.39
CA ILE P 165 51.50 -7.65 -6.26
C ILE P 165 50.19 -6.91 -6.51
N GLY P 166 50.16 -5.62 -6.18
CA GLY P 166 48.99 -4.79 -6.41
C GLY P 166 49.24 -3.76 -7.49
N GLU P 167 48.19 -2.99 -7.77
CA GLU P 167 48.26 -1.94 -8.77
C GLU P 167 47.35 -0.80 -8.39
N HIS P 168 47.61 0.35 -9.00
CA HIS P 168 46.79 1.55 -8.89
C HIS P 168 47.21 2.49 -10.01
N TRP P 169 46.37 3.49 -10.27
CA TRP P 169 46.76 4.52 -11.22
C TRP P 169 47.76 5.48 -10.56
N GLY P 170 48.39 6.30 -11.38
CA GLY P 170 49.42 7.19 -10.86
C GLY P 170 49.95 8.09 -11.95
N LYS P 171 50.53 9.20 -11.52
CA LYS P 171 50.99 10.23 -12.43
C LYS P 171 52.34 9.85 -13.02
N GLY P 172 52.52 10.15 -14.30
CA GLY P 172 53.79 9.93 -14.97
C GLY P 172 54.36 11.22 -15.51
N SER P 173 55.30 11.12 -16.46
CA SER P 173 55.90 12.34 -17.06
C SER P 173 55.16 12.73 -18.34
N PRO P 174 54.66 13.97 -18.48
CA PRO P 174 53.93 14.41 -19.68
C PRO P 174 54.87 14.54 -20.87
N CYS P 175 54.36 14.40 -22.10
CA CYS P 175 55.23 14.45 -23.30
C CYS P 175 55.92 15.82 -23.42
N THR P 176 57.17 15.79 -23.88
CA THR P 176 58.06 16.98 -24.03
C THR P 176 57.54 18.00 -25.07
N ASN P 177 56.97 17.53 -26.19
CA ASN P 177 56.56 18.44 -27.29
C ASN P 177 55.51 19.47 -26.83
N VAL P 178 54.52 19.06 -26.05
CA VAL P 178 53.42 19.99 -25.60
C VAL P 178 53.93 20.96 -24.53
N ALA P 179 53.44 22.21 -24.54
CA ALA P 179 53.80 23.18 -23.52
C ALA P 179 53.08 22.86 -22.22
N VAL P 180 53.85 22.69 -21.15
CA VAL P 180 53.30 22.33 -19.85
C VAL P 180 52.74 23.61 -19.22
N ASN P 181 51.46 23.86 -19.41
CA ASN P 181 50.83 24.97 -18.73
C ASN P 181 50.57 24.61 -17.27
N PRO P 182 50.83 25.52 -16.34
CA PRO P 182 50.54 25.25 -14.92
C PRO P 182 49.04 25.20 -14.69
N GLY P 183 48.56 24.05 -14.23
CA GLY P 183 47.15 23.82 -14.08
C GLY P 183 46.53 22.94 -15.13
N ASP P 184 47.32 22.17 -15.86
CA ASP P 184 46.79 21.26 -16.86
C ASP P 184 46.57 19.88 -16.26
N CYS P 185 46.00 18.98 -17.05
CA CYS P 185 45.72 17.64 -16.56
C CYS P 185 47.00 16.82 -16.51
N PRO P 186 47.31 16.20 -15.38
CA PRO P 186 48.52 15.38 -15.28
C PRO P 186 48.37 14.09 -16.05
N PRO P 187 49.48 13.43 -16.39
CA PRO P 187 49.39 12.13 -17.04
C PRO P 187 48.88 11.05 -16.11
N LEU P 188 48.44 9.95 -16.69
CA LEU P 188 47.93 8.80 -15.96
C LEU P 188 48.64 7.55 -16.44
N GLU P 189 49.15 6.75 -15.51
CA GLU P 189 49.82 5.52 -15.89
C GLU P 189 49.71 4.50 -14.77
N LEU P 190 49.41 3.27 -15.15
CA LEU P 190 49.35 2.15 -14.23
C LEU P 190 50.70 1.91 -13.58
N ILE P 191 50.69 1.52 -12.30
CA ILE P 191 51.90 1.36 -11.51
C ILE P 191 51.80 0.05 -10.74
N ASN P 192 52.79 -0.81 -10.88
CA ASN P 192 52.81 -2.09 -10.18
C ASN P 192 53.76 -2.03 -9.01
N THR P 193 53.24 -2.17 -7.80
CA THR P 193 54.02 -2.15 -6.57
C THR P 193 53.77 -3.42 -5.77
N VAL P 194 54.34 -3.46 -4.57
CA VAL P 194 54.15 -4.56 -3.63
C VAL P 194 53.31 -4.02 -2.47
N ILE P 195 52.21 -4.71 -2.15
CA ILE P 195 51.32 -4.24 -1.12
C ILE P 195 51.96 -4.43 0.26
N GLN P 196 51.50 -3.61 1.21
CA GLN P 196 52.07 -3.61 2.55
C GLN P 196 50.95 -3.40 3.55
N ASP P 197 51.18 -3.86 4.78
CA ASP P 197 50.22 -3.64 5.86
C ASP P 197 50.17 -2.17 6.22
N GLY P 198 48.97 -1.61 6.24
CA GLY P 198 48.79 -0.20 6.44
C GLY P 198 48.42 0.55 5.18
N ASP P 199 48.37 -0.11 4.04
CA ASP P 199 47.93 0.52 2.80
C ASP P 199 46.43 0.38 2.66
N MET P 200 45.79 1.42 2.16
CA MET P 200 44.34 1.43 2.06
C MET P 200 43.88 0.60 0.87
N VAL P 201 42.68 0.04 1.00
CA VAL P 201 42.00 -0.65 -0.09
C VAL P 201 41.17 0.39 -0.81
N ASP P 202 40.70 0.06 -2.02
CA ASP P 202 39.82 0.95 -2.74
C ASP P 202 38.45 1.03 -2.07
N THR P 203 37.73 2.11 -2.34
CA THR P 203 36.45 2.37 -1.69
C THR P 203 35.37 2.71 -2.71
N GLY P 204 35.51 2.24 -3.93
CA GLY P 204 34.61 2.66 -4.98
C GLY P 204 34.88 4.04 -5.53
N PHE P 205 35.94 4.69 -5.08
CA PHE P 205 36.36 5.98 -5.60
C PHE P 205 37.49 5.86 -6.60
N GLY P 206 37.71 4.66 -7.13
CA GLY P 206 38.86 4.46 -7.98
C GLY P 206 40.10 4.14 -7.17
N ALA P 207 41.04 3.46 -7.82
CA ALA P 207 42.29 3.08 -7.18
C ALA P 207 43.40 3.96 -7.74
N MET P 208 43.75 5.00 -7.00
CA MET P 208 44.76 5.94 -7.46
C MET P 208 45.38 6.65 -6.27
N ASP P 209 46.65 7.02 -6.43
CA ASP P 209 47.34 7.83 -5.44
C ASP P 209 46.74 9.23 -5.44
N PHE P 210 46.01 9.57 -4.37
CA PHE P 210 45.37 10.88 -4.31
C PHE P 210 46.34 12.01 -4.07
N THR P 211 47.56 11.71 -3.60
CA THR P 211 48.50 12.75 -3.22
C THR P 211 49.03 13.51 -4.42
N THR P 212 49.51 12.79 -5.44
CA THR P 212 50.03 13.46 -6.62
C THR P 212 48.93 13.85 -7.60
N LEU P 213 47.83 13.10 -7.62
CA LEU P 213 46.81 13.33 -8.62
C LEU P 213 45.73 14.31 -8.17
N GLN P 214 45.63 14.59 -6.88
CA GLN P 214 44.67 15.57 -6.38
C GLN P 214 45.38 16.51 -5.42
N ALA P 215 45.42 17.79 -5.76
CA ALA P 215 45.98 18.79 -4.88
C ALA P 215 44.94 19.42 -3.98
N ASN P 216 43.69 19.00 -4.09
CA ASN P 216 42.63 19.57 -3.29
C ASN P 216 42.70 19.09 -1.85
N LYS P 217 43.06 17.81 -1.65
CA LYS P 217 42.92 17.08 -0.38
C LYS P 217 41.52 17.18 0.19
N SER P 218 40.51 17.25 -0.68
CA SER P 218 39.15 17.55 -0.21
C SER P 218 38.06 16.79 -0.96
N GLU P 219 38.39 15.73 -1.69
CA GLU P 219 37.37 15.03 -2.45
C GLU P 219 37.00 13.67 -1.89
N VAL P 220 37.82 13.11 -1.02
CA VAL P 220 37.56 11.81 -0.41
C VAL P 220 37.48 12.05 1.10
N PRO P 221 37.02 11.09 1.90
CA PRO P 221 37.13 11.25 3.36
C PRO P 221 38.55 11.13 3.90
N LEU P 222 38.67 11.14 5.23
CA LEU P 222 39.95 11.44 5.89
C LEU P 222 40.96 10.33 5.71
N ASP P 223 40.57 9.08 5.94
CA ASP P 223 41.53 8.00 6.09
C ASP P 223 42.21 7.61 4.79
N ILE P 224 41.70 8.06 3.64
CA ILE P 224 42.31 7.81 2.36
C ILE P 224 42.79 9.09 1.69
N CYS P 225 42.79 10.20 2.43
CA CYS P 225 43.05 11.50 1.80
C CYS P 225 44.51 11.70 1.44
N THR P 226 45.42 11.09 2.16
CA THR P 226 46.84 11.20 1.85
C THR P 226 47.48 9.87 1.53
N SER P 227 46.75 8.76 1.64
CA SER P 227 47.31 7.46 1.34
C SER P 227 46.84 7.00 -0.03
N ILE P 228 47.49 5.95 -0.51
CA ILE P 228 47.14 5.32 -1.77
C ILE P 228 46.07 4.28 -1.51
N CYS P 229 45.34 3.91 -2.56
CA CYS P 229 44.40 2.80 -2.49
C CYS P 229 44.65 1.90 -3.69
N LYS P 230 44.93 0.63 -3.42
CA LYS P 230 45.36 -0.28 -4.45
C LYS P 230 44.47 -1.51 -4.49
N TYR P 231 44.15 -1.94 -5.67
CA TYR P 231 43.44 -3.16 -5.97
C TYR P 231 44.44 -4.22 -6.35
N PRO P 232 44.31 -5.46 -5.87
CA PRO P 232 45.32 -6.47 -6.19
C PRO P 232 45.19 -6.92 -7.63
N ASP P 233 46.35 -7.20 -8.24
CA ASP P 233 46.41 -7.61 -9.65
C ASP P 233 46.23 -9.11 -9.71
N TYR P 234 45.02 -9.55 -10.01
CA TYR P 234 44.81 -10.97 -10.24
C TYR P 234 45.36 -11.42 -11.58
N ILE P 235 45.51 -10.51 -12.54
CA ILE P 235 45.94 -10.90 -13.88
C ILE P 235 47.44 -11.20 -13.89
N LYS P 236 48.23 -10.31 -13.30
CA LYS P 236 49.68 -10.49 -13.34
C LYS P 236 50.13 -11.63 -12.44
N MET P 237 49.42 -11.88 -11.34
CA MET P 237 49.88 -12.88 -10.38
C MET P 237 49.65 -14.30 -10.90
N VAL P 238 48.52 -14.53 -11.57
CA VAL P 238 48.30 -15.86 -12.13
C VAL P 238 49.10 -16.09 -13.40
N SER P 239 49.61 -15.03 -14.01
CA SER P 239 50.45 -15.16 -15.18
C SER P 239 51.93 -15.23 -14.83
N GLU P 240 52.27 -15.21 -13.55
CA GLU P 240 53.61 -15.52 -13.11
C GLU P 240 53.89 -16.98 -13.40
N PRO P 241 54.90 -17.31 -14.18
CA PRO P 241 55.03 -18.69 -14.68
C PRO P 241 55.70 -19.65 -13.70
N TYR P 242 55.79 -19.26 -12.44
CA TYR P 242 56.06 -20.18 -11.35
C TYR P 242 54.86 -20.42 -10.46
N GLY P 243 54.05 -19.40 -10.22
CA GLY P 243 52.92 -19.50 -9.33
C GLY P 243 53.23 -19.19 -7.89
N ASP P 244 54.34 -18.52 -7.61
CA ASP P 244 54.76 -18.31 -6.23
C ASP P 244 54.06 -17.16 -5.55
N SER P 245 53.26 -16.38 -6.28
CA SER P 245 52.62 -15.23 -5.66
C SER P 245 51.42 -15.63 -4.83
N LEU P 246 50.61 -16.57 -5.31
CA LEU P 246 49.46 -17.01 -4.55
C LEU P 246 49.15 -18.46 -4.84
N PHE P 247 48.68 -19.19 -3.82
CA PHE P 247 48.23 -20.55 -4.01
C PHE P 247 46.73 -20.59 -4.32
N PHE P 248 45.92 -19.85 -3.55
CA PHE P 248 44.49 -19.77 -3.77
C PHE P 248 43.96 -18.50 -3.13
N TYR P 249 42.76 -18.11 -3.53
CA TYR P 249 42.26 -16.78 -3.19
C TYR P 249 40.75 -16.75 -3.26
N LEU P 250 40.15 -15.92 -2.41
CA LEU P 250 38.70 -15.74 -2.35
C LEU P 250 38.39 -14.26 -2.23
N ARG P 251 37.22 -13.86 -2.74
CA ARG P 251 36.82 -12.47 -2.65
C ARG P 251 35.32 -12.35 -2.76
N ARG P 252 34.76 -11.36 -2.05
CA ARG P 252 33.37 -10.93 -2.18
C ARG P 252 33.35 -9.41 -2.08
N GLU P 253 32.56 -8.75 -2.91
CA GLU P 253 32.37 -7.31 -2.76
C GLU P 253 31.05 -6.88 -3.39
N GLN P 254 30.53 -5.75 -2.89
CA GLN P 254 29.26 -5.20 -3.37
C GLN P 254 29.20 -3.73 -2.99
N MET P 255 28.41 -2.97 -3.74
CA MET P 255 28.20 -1.55 -3.50
C MET P 255 26.98 -1.07 -4.28
N PHE P 256 26.45 0.09 -3.87
CA PHE P 256 25.38 0.73 -4.61
C PHE P 256 25.36 2.21 -4.29
N VAL P 257 24.76 2.99 -5.20
CA VAL P 257 24.79 4.44 -5.13
C VAL P 257 23.74 4.93 -4.15
N ARG P 258 24.12 5.88 -3.29
CA ARG P 258 23.19 6.47 -2.34
C ARG P 258 22.78 7.89 -2.73
N HIS P 259 23.74 8.79 -2.91
CA HIS P 259 23.42 10.18 -3.25
C HIS P 259 24.30 10.62 -4.43
N LEU P 260 23.86 11.69 -5.08
CA LEU P 260 24.41 12.11 -6.37
C LEU P 260 24.71 13.61 -6.29
N PHE P 261 25.98 13.97 -6.12
CA PHE P 261 26.39 15.35 -5.97
C PHE P 261 27.10 15.84 -7.23
N ASN P 262 27.44 17.13 -7.23
CA ASN P 262 28.36 17.71 -8.21
C ASN P 262 29.37 18.57 -7.48
N ARG P 263 30.59 18.59 -7.98
CA ARG P 263 31.70 19.18 -7.26
C ARG P 263 31.87 20.64 -7.59
N ALA P 264 32.11 21.45 -6.56
CA ALA P 264 32.53 22.83 -6.78
C ALA P 264 33.98 22.84 -7.25
N GLY P 265 34.25 23.60 -8.29
CA GLY P 265 35.58 23.61 -8.88
C GLY P 265 35.48 23.91 -10.35
N ALA P 266 36.60 24.38 -10.90
CA ALA P 266 36.59 24.98 -12.22
C ALA P 266 36.48 23.93 -13.32
N VAL P 267 35.88 24.35 -14.43
CA VAL P 267 35.71 23.47 -15.57
C VAL P 267 37.08 23.25 -16.21
N GLY P 268 37.64 22.06 -16.01
CA GLY P 268 38.96 21.79 -16.53
C GLY P 268 38.96 21.54 -18.02
N GLU P 269 37.86 21.03 -18.56
CA GLU P 269 37.69 20.85 -19.98
C GLU P 269 36.28 21.27 -20.34
N ASN P 270 36.14 22.10 -21.36
CA ASN P 270 34.87 22.72 -21.66
C ASN P 270 33.90 21.72 -22.29
N VAL P 271 32.62 22.04 -22.20
CA VAL P 271 31.58 21.30 -22.91
C VAL P 271 31.47 21.88 -24.32
N PRO P 272 31.41 21.05 -25.37
CA PRO P 272 31.26 21.60 -26.72
C PRO P 272 29.90 22.24 -26.92
N ASP P 273 29.85 23.18 -27.84
CA ASP P 273 28.65 23.95 -28.10
C ASP P 273 27.80 23.35 -29.21
N ASP P 274 27.96 22.07 -29.50
CA ASP P 274 27.05 21.35 -30.38
C ASP P 274 26.26 20.26 -29.66
N LEU P 275 26.65 19.92 -28.42
CA LEU P 275 25.90 18.94 -27.66
C LEU P 275 24.59 19.52 -27.16
N TYR P 276 24.61 20.77 -26.70
CA TYR P 276 23.47 21.39 -26.07
C TYR P 276 23.09 22.66 -26.82
N ILE P 277 21.80 22.97 -26.82
CA ILE P 277 21.33 24.25 -27.35
C ILE P 277 21.68 25.34 -26.36
N LYS P 278 22.24 26.44 -26.86
CA LYS P 278 22.72 27.52 -26.02
C LYS P 278 21.57 28.19 -25.28
N GLY P 279 21.68 28.25 -23.95
CA GLY P 279 20.63 28.80 -23.12
C GLY P 279 20.57 30.31 -23.16
N SER P 280 19.66 30.85 -22.38
CA SER P 280 19.43 32.30 -22.34
C SER P 280 18.84 32.65 -20.98
N GLY P 281 18.82 33.96 -20.70
CA GLY P 281 18.18 34.47 -19.50
C GLY P 281 18.90 34.09 -18.22
N SER P 282 18.18 33.40 -17.33
CA SER P 282 18.76 32.99 -16.06
C SER P 282 19.71 31.81 -16.22
N THR P 283 19.64 31.10 -17.34
CA THR P 283 20.51 29.96 -17.61
C THR P 283 21.37 30.20 -18.84
N ALA P 284 21.96 31.39 -18.94
CA ALA P 284 22.94 31.62 -19.98
C ALA P 284 24.27 30.97 -19.62
N ASN P 285 24.57 30.84 -18.34
CA ASN P 285 25.80 30.24 -17.86
C ASN P 285 25.50 28.85 -17.33
N LEU P 286 26.33 27.88 -17.72
CA LEU P 286 26.04 26.48 -17.48
C LEU P 286 26.45 26.07 -16.07
N ALA P 287 25.85 24.99 -15.59
CA ALA P 287 26.18 24.46 -14.28
C ALA P 287 27.42 23.58 -14.38
N SER P 288 27.81 23.00 -13.25
CA SER P 288 28.98 22.14 -13.22
C SER P 288 28.70 20.82 -13.90
N SER P 289 29.63 20.38 -14.74
CA SER P 289 29.43 19.19 -15.54
C SER P 289 29.79 17.90 -14.82
N ASN P 290 30.78 17.94 -13.93
CA ASN P 290 31.27 16.74 -13.29
C ASN P 290 30.42 16.36 -12.09
N TYR P 291 30.25 15.06 -11.88
CA TYR P 291 29.53 14.52 -10.74
C TYR P 291 30.38 13.45 -10.08
N PHE P 292 29.98 13.03 -8.88
CA PHE P 292 30.59 11.92 -8.22
C PHE P 292 29.56 11.29 -7.30
N PRO P 293 29.50 9.97 -7.21
CA PRO P 293 28.53 9.31 -6.34
C PRO P 293 29.09 8.98 -4.98
N THR P 294 28.22 9.01 -3.98
CA THR P 294 28.58 8.61 -2.64
C THR P 294 28.25 7.14 -2.48
N PRO P 295 29.23 6.25 -2.36
CA PRO P 295 28.95 4.82 -2.32
C PRO P 295 28.37 4.40 -0.99
N SER P 296 27.83 3.18 -0.97
CA SER P 296 27.34 2.59 0.26
C SER P 296 27.32 1.07 0.11
N GLY P 297 27.72 0.37 1.15
CA GLY P 297 27.53 -1.05 1.18
C GLY P 297 26.11 -1.41 1.58
N SER P 298 25.73 -2.63 1.24
CA SER P 298 24.41 -3.14 1.58
C SER P 298 24.46 -3.72 2.99
N MET P 299 23.44 -4.49 3.36
CA MET P 299 23.43 -5.10 4.68
C MET P 299 24.47 -6.20 4.76
N VAL P 300 25.21 -6.22 5.85
CA VAL P 300 26.17 -7.28 6.11
C VAL P 300 25.44 -8.39 6.85
N THR P 301 25.68 -9.64 6.47
CA THR P 301 25.00 -10.76 7.09
C THR P 301 26.00 -11.83 7.44
N SER P 302 25.54 -13.03 7.82
CA SER P 302 26.46 -14.06 8.27
C SER P 302 26.27 -15.38 7.55
N ASP P 303 25.71 -15.38 6.33
CA ASP P 303 25.93 -16.53 5.47
C ASP P 303 27.16 -16.33 4.59
N ALA P 304 27.45 -15.08 4.27
CA ALA P 304 28.50 -14.71 3.32
C ALA P 304 29.82 -14.39 4.00
N GLN P 305 30.13 -15.06 5.10
CA GLN P 305 31.43 -14.92 5.72
C GLN P 305 32.40 -15.91 5.11
N ILE P 306 33.63 -15.47 4.89
CA ILE P 306 34.69 -16.32 4.34
C ILE P 306 35.73 -16.63 5.40
N PHE P 307 35.46 -16.31 6.66
CA PHE P 307 36.38 -16.57 7.75
C PHE P 307 35.79 -17.62 8.69
N ASN P 308 36.60 -18.03 9.67
CA ASN P 308 36.31 -19.07 10.66
C ASN P 308 36.01 -20.42 10.03
N LYS P 309 36.43 -20.65 8.79
CA LYS P 309 36.24 -21.91 8.12
C LYS P 309 37.58 -22.50 7.73
N PRO P 310 37.78 -23.79 7.93
CA PRO P 310 39.03 -24.41 7.44
C PRO P 310 39.00 -24.51 5.92
N TYR P 311 40.17 -24.32 5.32
CA TYR P 311 40.34 -24.38 3.87
C TYR P 311 41.43 -25.40 3.56
N TRP P 312 41.05 -26.64 3.29
CA TRP P 312 42.02 -27.61 2.82
C TRP P 312 42.25 -27.40 1.33
N LEU P 313 43.52 -27.45 0.92
CA LEU P 313 43.86 -27.31 -0.49
C LEU P 313 44.50 -28.61 -0.96
N GLN P 314 44.08 -29.06 -2.15
CA GLN P 314 44.65 -30.23 -2.78
C GLN P 314 45.41 -29.91 -4.05
N ARG P 315 45.03 -28.86 -4.76
CA ARG P 315 45.76 -28.39 -5.93
C ARG P 315 45.84 -26.88 -5.89
N ALA P 316 46.54 -26.32 -6.86
CA ALA P 316 46.60 -24.88 -7.04
C ALA P 316 46.86 -24.62 -8.52
N GLN P 317 46.50 -23.42 -8.96
CA GLN P 317 46.64 -23.14 -10.39
C GLN P 317 48.08 -22.85 -10.80
N GLY P 318 48.96 -22.55 -9.85
CA GLY P 318 50.37 -22.51 -10.17
C GLY P 318 50.96 -23.92 -10.22
N HIS P 319 52.22 -23.99 -10.64
CA HIS P 319 52.91 -25.26 -10.52
C HIS P 319 53.39 -25.51 -9.11
N ASN P 320 53.60 -24.43 -8.34
CA ASN P 320 54.00 -24.52 -6.95
C ASN P 320 52.82 -25.02 -6.14
N ASN P 321 52.84 -26.30 -5.77
CA ASN P 321 51.71 -26.90 -5.06
C ASN P 321 51.75 -26.61 -3.57
N GLY P 322 51.86 -25.35 -3.19
CA GLY P 322 51.91 -24.95 -1.80
C GLY P 322 53.13 -25.45 -1.07
N ILE P 323 54.31 -24.98 -1.45
CA ILE P 323 55.56 -25.36 -0.80
C ILE P 323 56.27 -24.08 -0.39
N CYS P 324 56.53 -23.93 0.91
CA CYS P 324 57.11 -22.70 1.45
C CYS P 324 58.60 -22.71 1.21
N TRP P 325 59.02 -22.12 0.09
CA TRP P 325 60.44 -22.08 -0.26
C TRP P 325 61.18 -21.10 0.63
N GLY P 326 62.26 -21.58 1.24
CA GLY P 326 63.06 -20.72 2.08
C GLY P 326 62.48 -20.43 3.45
N ASN P 327 61.48 -21.22 3.88
CA ASN P 327 60.83 -21.12 5.19
C ASN P 327 60.21 -19.74 5.40
N GLN P 328 59.20 -19.47 4.58
CA GLN P 328 58.54 -18.17 4.57
C GLN P 328 57.12 -18.35 4.07
N LEU P 329 56.23 -17.49 4.54
CA LEU P 329 54.83 -17.58 4.15
C LEU P 329 54.15 -16.25 4.41
N PHE P 330 53.36 -15.80 3.44
CA PHE P 330 52.59 -14.57 3.55
C PHE P 330 51.10 -14.88 3.50
N VAL P 331 50.32 -14.10 4.23
CA VAL P 331 48.86 -14.23 4.27
C VAL P 331 48.27 -12.84 4.27
N THR P 332 47.40 -12.55 3.30
CA THR P 332 46.73 -11.26 3.20
C THR P 332 45.29 -11.41 3.65
N VAL P 333 44.81 -10.47 4.47
CA VAL P 333 43.44 -10.50 4.98
C VAL P 333 42.88 -9.09 4.92
N VAL P 334 41.79 -8.90 4.19
CA VAL P 334 41.06 -7.63 4.16
C VAL P 334 39.63 -7.91 4.60
N ASP P 335 39.11 -7.08 5.49
CA ASP P 335 37.78 -7.29 6.04
C ASP P 335 37.25 -5.97 6.56
N THR P 336 36.16 -5.48 5.98
CA THR P 336 35.51 -4.28 6.46
C THR P 336 34.16 -4.56 7.08
N THR P 337 33.83 -5.84 7.30
CA THR P 337 32.54 -6.18 7.89
C THR P 337 32.55 -6.09 9.40
N ARG P 338 33.69 -6.38 10.04
CA ARG P 338 33.84 -6.23 11.47
C ARG P 338 34.60 -4.94 11.78
N SER P 339 33.93 -3.82 11.57
CA SER P 339 34.59 -2.52 11.62
C SER P 339 33.78 -1.51 12.43
N THR P 340 33.35 -1.89 13.64
CA THR P 340 32.68 -0.94 14.52
C THR P 340 33.65 0.11 15.01
N ASN P 341 33.17 1.35 15.14
CA ASN P 341 33.98 2.45 15.65
C ASN P 341 33.46 2.80 17.03
N MET P 342 34.16 2.33 18.06
CA MET P 342 33.73 2.56 19.44
C MET P 342 33.96 4.01 19.82
N SER P 343 32.89 4.69 20.23
CA SER P 343 32.94 6.08 20.64
C SER P 343 32.88 6.15 22.16
N LEU P 344 33.85 6.82 22.76
CA LEU P 344 33.91 6.95 24.21
C LEU P 344 34.04 8.40 24.61
N CYS P 345 33.92 8.67 25.91
CA CYS P 345 34.10 10.00 26.44
C CYS P 345 34.85 9.93 27.76
N ALA P 346 35.20 11.10 28.27
CA ALA P 346 35.81 11.25 29.57
C ALA P 346 35.35 12.59 30.14
N ALA P 347 35.08 12.61 31.44
CA ALA P 347 34.55 13.79 32.09
C ALA P 347 35.66 14.61 32.72
N ILE P 348 35.51 15.93 32.70
CA ILE P 348 36.45 16.79 33.39
C ILE P 348 36.22 16.74 34.89
N SER P 349 35.05 17.18 35.34
CA SER P 349 34.73 17.18 36.76
C SER P 349 33.51 16.30 37.00
N THR P 350 33.48 15.65 38.16
CA THR P 350 32.38 14.79 38.54
C THR P 350 31.51 15.39 39.64
N SER P 351 31.61 16.69 39.86
CA SER P 351 30.88 17.32 40.96
C SER P 351 29.67 18.12 40.50
N GLU P 352 29.66 18.60 39.26
CA GLU P 352 28.56 19.44 38.80
C GLU P 352 27.29 18.60 38.58
N THR P 353 26.15 19.27 38.66
CA THR P 353 24.85 18.61 38.65
C THR P 353 24.00 18.98 37.44
N THR P 354 24.57 19.61 36.43
CA THR P 354 23.83 20.04 35.26
C THR P 354 24.66 19.75 34.02
N TYR P 355 24.01 19.31 32.95
CA TYR P 355 24.70 18.94 31.73
C TYR P 355 25.25 20.18 31.04
N LYS P 356 26.58 20.27 30.97
CA LYS P 356 27.27 21.31 30.24
C LYS P 356 28.19 20.66 29.21
N ASN P 357 28.25 21.28 28.03
CA ASN P 357 28.92 20.64 26.90
C ASN P 357 30.43 20.61 27.08
N THR P 358 31.00 21.57 27.77
CA THR P 358 32.45 21.68 27.86
C THR P 358 33.05 20.80 28.93
N ASN P 359 32.29 19.88 29.51
CA ASN P 359 32.82 19.01 30.57
C ASN P 359 33.26 17.65 30.05
N PHE P 360 32.98 17.31 28.80
CA PHE P 360 33.25 15.97 28.27
C PHE P 360 34.01 16.08 26.97
N LYS P 361 35.19 15.47 26.93
CA LYS P 361 35.95 15.33 25.70
C LYS P 361 35.51 14.06 24.97
N GLU P 362 35.70 14.05 23.65
CA GLU P 362 35.20 12.97 22.82
C GLU P 362 36.32 12.39 21.96
N TYR P 363 36.42 11.06 21.96
CA TYR P 363 37.44 10.34 21.23
C TYR P 363 36.81 9.15 20.52
N LEU P 364 37.51 8.65 19.49
CA LEU P 364 37.11 7.45 18.77
C LEU P 364 38.26 6.46 18.84
N ARG P 365 37.92 5.21 19.13
CA ARG P 365 38.91 4.13 19.13
C ARG P 365 38.33 2.93 18.40
N HIS P 366 39.22 2.07 17.92
CA HIS P 366 38.85 0.95 17.08
C HIS P 366 39.61 -0.29 17.54
N GLY P 367 38.93 -1.42 17.54
CA GLY P 367 39.55 -2.68 17.89
C GLY P 367 39.46 -3.66 16.76
N GLU P 368 40.51 -4.43 16.58
CA GLU P 368 40.55 -5.47 15.55
C GLU P 368 41.53 -6.54 15.99
N GLU P 369 41.19 -7.79 15.74
CA GLU P 369 41.98 -8.88 16.28
C GLU P 369 41.88 -10.09 15.38
N TYR P 370 42.95 -10.88 15.33
CA TYR P 370 43.04 -12.04 14.46
C TYR P 370 43.73 -13.18 15.18
N ASP P 371 43.65 -14.37 14.59
CA ASP P 371 44.49 -15.50 14.97
C ASP P 371 44.55 -16.45 13.79
N LEU P 372 45.67 -17.15 13.67
CA LEU P 372 45.98 -17.98 12.51
C LEU P 372 46.39 -19.37 12.97
N GLN P 373 45.89 -20.40 12.27
CA GLN P 373 46.21 -21.80 12.59
C GLN P 373 46.43 -22.57 11.30
N PHE P 374 47.59 -23.20 11.17
CA PHE P 374 48.00 -23.89 9.95
C PHE P 374 48.23 -25.37 10.20
N ILE P 375 48.48 -26.11 9.11
CA ILE P 375 49.07 -27.44 9.15
C ILE P 375 50.16 -27.50 8.10
N PHE P 376 51.34 -28.00 8.48
CA PHE P 376 52.41 -28.20 7.54
C PHE P 376 52.75 -29.68 7.44
N GLN P 377 53.10 -30.12 6.23
CA GLN P 377 53.46 -31.49 5.95
C GLN P 377 54.91 -31.52 5.49
N LEU P 378 55.69 -32.45 6.04
CA LEU P 378 57.11 -32.51 5.73
C LEU P 378 57.35 -33.02 4.32
N CYS P 379 58.29 -32.39 3.61
CA CYS P 379 58.58 -32.75 2.23
C CYS P 379 60.08 -32.77 2.00
N LYS P 380 60.56 -33.89 1.47
CA LYS P 380 61.97 -34.09 1.15
C LYS P 380 62.19 -33.94 -0.35
N ILE P 381 63.43 -33.61 -0.70
CA ILE P 381 63.84 -33.45 -2.10
C ILE P 381 65.12 -34.25 -2.27
N THR P 382 65.17 -35.11 -3.28
CA THR P 382 66.43 -35.73 -3.63
C THR P 382 67.20 -34.79 -4.57
N LEU P 383 68.52 -34.87 -4.50
CA LEU P 383 69.37 -33.87 -5.14
C LEU P 383 70.20 -34.53 -6.23
N THR P 384 70.11 -34.00 -7.43
CA THR P 384 70.90 -34.43 -8.57
C THR P 384 71.22 -33.16 -9.35
N ALA P 385 72.33 -33.19 -10.11
CA ALA P 385 72.68 -32.07 -10.97
C ALA P 385 71.64 -31.82 -12.06
N ASP P 386 70.84 -32.83 -12.40
CA ASP P 386 69.63 -32.60 -13.19
C ASP P 386 68.66 -31.67 -12.47
N VAL P 387 68.55 -31.82 -11.16
CA VAL P 387 67.60 -31.01 -10.39
C VAL P 387 68.21 -29.67 -10.01
N MET P 388 69.50 -29.65 -9.70
CA MET P 388 70.14 -28.48 -9.09
C MET P 388 70.21 -27.29 -10.04
N THR P 389 70.31 -27.54 -11.35
CA THR P 389 70.29 -26.43 -12.30
C THR P 389 68.93 -25.75 -12.32
N TYR P 390 67.87 -26.52 -12.10
CA TYR P 390 66.52 -25.99 -12.18
C TYR P 390 66.22 -25.06 -11.02
N ILE P 391 66.61 -25.45 -9.80
CA ILE P 391 66.41 -24.60 -8.64
C ILE P 391 67.35 -23.40 -8.66
N HIS P 392 68.51 -23.51 -9.31
CA HIS P 392 69.39 -22.36 -9.48
C HIS P 392 68.79 -21.31 -10.39
N SER P 393 67.86 -21.69 -11.26
CA SER P 393 67.22 -20.72 -12.12
C SER P 393 65.98 -20.10 -11.49
N MET P 394 65.38 -20.75 -10.51
CA MET P 394 64.25 -20.19 -9.77
C MET P 394 64.65 -18.95 -8.99
N ASN P 395 65.48 -19.14 -7.97
CA ASN P 395 65.86 -18.08 -7.06
C ASN P 395 67.29 -18.36 -6.60
N SER P 396 68.05 -17.30 -6.37
CA SER P 396 69.44 -17.47 -5.98
C SER P 396 69.56 -17.95 -4.54
N THR P 397 68.76 -17.36 -3.65
CA THR P 397 68.95 -17.58 -2.22
C THR P 397 68.39 -18.91 -1.73
N ILE P 398 67.71 -19.68 -2.58
CA ILE P 398 67.16 -20.96 -2.14
C ILE P 398 68.27 -21.97 -1.96
N LEU P 399 69.10 -22.16 -2.98
CA LEU P 399 70.18 -23.12 -2.92
C LEU P 399 71.33 -22.64 -2.06
N GLU P 400 71.42 -21.34 -1.81
CA GLU P 400 72.52 -20.80 -1.03
C GLU P 400 72.33 -21.02 0.47
N ASP P 401 71.07 -21.00 0.94
CA ASP P 401 70.82 -21.11 2.37
C ASP P 401 71.07 -22.53 2.87
N TRP P 402 70.69 -23.53 2.09
CA TRP P 402 71.26 -24.84 2.31
C TRP P 402 72.72 -24.80 1.90
N ASN P 403 73.55 -25.59 2.59
CA ASN P 403 74.97 -25.60 2.30
C ASN P 403 75.34 -26.64 1.26
N PHE P 404 74.41 -27.01 0.39
CA PHE P 404 74.67 -28.02 -0.62
C PHE P 404 75.37 -27.46 -1.84
N GLY P 405 75.60 -26.16 -1.90
CA GLY P 405 76.37 -25.60 -3.00
C GLY P 405 77.86 -25.85 -2.84
N LEU P 406 78.42 -26.66 -3.72
CA LEU P 406 79.87 -26.84 -3.79
C LEU P 406 80.46 -25.55 -4.35
N GLN P 407 81.15 -24.80 -3.48
CA GLN P 407 81.38 -23.39 -3.74
C GLN P 407 82.44 -23.18 -4.81
N PRO P 408 82.15 -22.40 -5.85
CA PRO P 408 83.07 -22.23 -6.99
C PRO P 408 84.40 -21.55 -6.67
N PRO P 409 84.51 -20.56 -5.76
CA PRO P 409 85.85 -20.07 -5.43
C PRO P 409 86.65 -21.09 -4.64
N PRO P 410 87.98 -21.00 -4.67
CA PRO P 410 88.80 -21.89 -3.83
C PRO P 410 89.03 -21.31 -2.43
N GLY P 411 88.26 -20.31 -2.06
CA GLY P 411 88.39 -19.66 -0.77
C GLY P 411 88.58 -18.17 -0.94
N GLY P 412 89.35 -17.77 -1.94
CA GLY P 412 89.54 -16.36 -2.21
C GLY P 412 88.89 -15.96 -3.52
N THR P 413 88.66 -14.66 -3.69
CA THR P 413 88.18 -14.09 -4.94
C THR P 413 89.34 -13.82 -5.91
N LEU P 414 90.54 -14.29 -5.58
CA LEU P 414 91.70 -14.40 -6.48
C LEU P 414 92.22 -13.05 -6.94
N GLU P 415 91.97 -11.97 -6.20
CA GLU P 415 92.51 -10.67 -6.52
C GLU P 415 93.41 -10.19 -5.39
N ASP P 416 94.50 -9.53 -5.74
CA ASP P 416 95.59 -9.29 -4.81
C ASP P 416 96.04 -7.83 -4.78
N THR P 417 96.41 -7.35 -3.59
CA THR P 417 97.12 -6.08 -3.38
C THR P 417 97.65 -6.08 -1.96
N TYR P 418 98.91 -5.71 -1.78
CA TYR P 418 99.53 -5.56 -0.47
C TYR P 418 100.49 -4.37 -0.52
N ARG P 419 100.87 -3.84 0.64
CA ARG P 419 101.73 -2.67 0.67
C ARG P 419 102.81 -2.79 1.74
N PHE P 420 103.80 -1.91 1.63
CA PHE P 420 104.86 -1.64 2.60
C PHE P 420 104.30 -0.65 3.63
N VAL P 421 105.16 0.06 4.37
CA VAL P 421 104.72 0.99 5.40
C VAL P 421 103.82 2.07 4.82
N THR P 422 102.88 2.53 5.62
CA THR P 422 101.76 3.34 5.16
C THR P 422 101.82 4.74 5.75
N SER P 423 102.56 5.64 5.10
CA SER P 423 102.49 7.02 5.56
C SER P 423 102.00 8.01 4.51
N GLN P 424 102.73 8.16 3.40
CA GLN P 424 102.34 9.18 2.42
C GLN P 424 102.16 8.61 1.03
N ALA P 425 101.84 7.32 0.92
CA ALA P 425 101.15 6.75 -0.21
C ALA P 425 99.66 6.70 0.08
N ILE P 426 98.96 5.91 -0.72
CA ILE P 426 97.53 5.62 -0.60
C ILE P 426 97.51 4.10 -0.47
N ALA P 427 96.34 3.47 -0.70
CA ALA P 427 95.90 2.16 -0.18
C ALA P 427 95.74 2.24 1.34
N CYS P 428 94.98 3.25 1.76
CA CYS P 428 94.68 3.50 3.15
C CYS P 428 93.59 2.56 3.64
N GLN P 429 93.09 2.83 4.84
CA GLN P 429 92.16 1.90 5.49
C GLN P 429 90.79 1.90 4.80
N LYS P 430 90.35 0.72 4.43
CA LYS P 430 89.06 0.53 3.77
C LYS P 430 88.06 -0.07 4.75
N HIS P 431 86.81 0.38 4.64
CA HIS P 431 85.71 -0.12 5.46
C HIS P 431 84.71 -0.81 4.56
N THR P 432 84.39 -2.05 4.91
CA THR P 432 83.36 -2.85 4.29
C THR P 432 82.15 -2.95 5.23
N PRO P 433 80.94 -2.70 4.72
CA PRO P 433 79.77 -2.72 5.61
C PRO P 433 79.49 -4.12 6.11
N PRO P 434 78.79 -4.26 7.25
CA PRO P 434 78.29 -5.58 7.65
C PRO P 434 77.30 -6.08 6.60
N ALA P 435 77.30 -7.41 6.38
CA ALA P 435 76.73 -8.09 5.23
C ALA P 435 75.25 -7.73 5.06
N PRO P 436 74.95 -6.86 4.10
CA PRO P 436 73.70 -6.11 4.15
C PRO P 436 72.56 -6.81 3.41
N LYS P 437 71.34 -6.40 3.78
CA LYS P 437 70.08 -6.86 3.19
C LYS P 437 69.95 -8.38 3.31
N GLU P 438 69.81 -8.81 4.57
CA GLU P 438 69.57 -10.22 4.88
C GLU P 438 68.30 -10.75 4.22
N ASP P 439 67.32 -9.88 4.00
CA ASP P 439 66.18 -10.14 3.14
C ASP P 439 66.04 -8.98 2.15
N PRO P 440 65.79 -9.27 0.87
CA PRO P 440 65.62 -8.18 -0.10
C PRO P 440 64.32 -7.39 0.05
N LEU P 441 63.43 -7.76 0.98
CA LEU P 441 62.23 -6.99 1.26
C LEU P 441 62.31 -6.31 2.62
N LYS P 442 63.51 -5.94 3.05
CA LYS P 442 63.67 -5.30 4.35
C LYS P 442 63.36 -3.82 4.32
N LYS P 443 63.09 -3.24 3.15
CA LYS P 443 62.68 -1.85 3.11
C LYS P 443 61.19 -1.69 3.34
N TYR P 444 60.40 -2.72 3.00
CA TYR P 444 58.98 -2.71 3.31
C TYR P 444 58.77 -3.18 4.74
N THR P 445 57.80 -2.59 5.42
CA THR P 445 57.46 -2.98 6.78
C THR P 445 55.99 -3.36 6.86
N PHE P 446 55.70 -4.36 7.69
CA PHE P 446 54.36 -4.91 7.83
C PHE P 446 54.33 -5.79 9.08
N TRP P 447 53.18 -6.43 9.30
CA TRP P 447 52.93 -7.19 10.52
C TRP P 447 53.79 -8.46 10.54
N GLU P 448 54.35 -8.75 11.71
CA GLU P 448 55.28 -9.85 11.88
C GLU P 448 54.69 -10.88 12.83
N VAL P 449 54.88 -12.16 12.50
CA VAL P 449 54.44 -13.27 13.33
C VAL P 449 55.56 -14.30 13.35
N ASN P 450 56.01 -14.68 14.54
CA ASN P 450 57.11 -15.63 14.69
C ASN P 450 56.56 -16.96 15.18
N LEU P 451 56.72 -18.00 14.38
CA LEU P 451 56.31 -19.36 14.72
C LEU P 451 57.51 -20.29 14.81
N LYS P 452 58.62 -19.78 15.32
CA LYS P 452 59.88 -20.54 15.25
C LYS P 452 59.92 -21.70 16.24
N GLU P 453 59.01 -21.72 17.22
CA GLU P 453 59.01 -22.78 18.21
C GLU P 453 57.61 -23.30 18.53
N LYS P 454 56.58 -22.85 17.83
CA LYS P 454 55.20 -23.22 18.11
C LYS P 454 54.77 -24.49 17.39
N PHE P 455 55.70 -25.29 16.91
CA PHE P 455 55.33 -26.52 16.24
C PHE P 455 54.96 -27.59 17.26
N SER P 456 54.11 -28.51 16.85
CA SER P 456 53.68 -29.61 17.70
C SER P 456 53.28 -30.78 16.82
N ALA P 457 53.57 -31.99 17.28
CA ALA P 457 53.31 -33.18 16.48
C ALA P 457 52.01 -33.88 16.85
N ASP P 458 51.51 -33.68 18.07
CA ASP P 458 50.26 -34.30 18.49
C ASP P 458 49.11 -33.44 17.99
N LEU P 459 48.18 -34.07 17.26
CA LEU P 459 47.20 -33.30 16.51
C LEU P 459 45.92 -33.03 17.29
N ASP P 460 45.43 -33.98 18.10
CA ASP P 460 44.08 -33.86 18.65
C ASP P 460 43.96 -32.78 19.72
N GLN P 461 45.07 -32.36 20.31
CA GLN P 461 45.06 -31.38 21.38
C GLN P 461 44.68 -29.98 20.92
N PHE P 462 44.65 -29.74 19.61
CA PHE P 462 44.43 -28.42 19.07
C PHE P 462 43.18 -28.39 18.21
N PRO P 463 42.43 -27.28 18.18
CA PRO P 463 41.07 -27.32 17.62
C PRO P 463 41.01 -27.53 16.12
N LEU P 464 42.08 -27.26 15.40
CA LEU P 464 42.10 -27.57 13.99
C LEU P 464 42.56 -28.99 13.73
N GLY P 465 43.38 -29.55 14.62
CA GLY P 465 43.94 -30.88 14.41
C GLY P 465 42.91 -31.98 14.41
N ARG P 466 41.84 -31.83 15.20
CA ARG P 466 40.74 -32.76 15.06
C ARG P 466 39.92 -32.48 13.81
N LYS P 467 39.83 -31.21 13.37
CA LYS P 467 39.09 -30.89 12.16
C LYS P 467 39.74 -31.46 10.91
N PHE P 468 41.04 -31.78 10.98
CA PHE P 468 41.77 -32.34 9.85
C PHE P 468 41.70 -33.86 9.83
N LEU P 469 41.81 -34.51 10.99
CA LEU P 469 41.76 -35.95 11.03
C LEU P 469 40.38 -36.47 10.65
N LEU P 470 39.34 -35.67 10.92
CA LEU P 470 37.99 -36.05 10.52
C LEU P 470 37.82 -35.99 9.00
N GLN P 471 38.42 -34.97 8.37
CA GLN P 471 38.34 -34.88 6.92
C GLN P 471 39.20 -35.94 6.25
N ALA P 472 40.38 -36.21 6.82
CA ALA P 472 41.33 -37.09 6.17
C ALA P 472 40.93 -38.55 6.32
N GLY P 473 40.01 -38.84 7.22
CA GLY P 473 39.47 -40.18 7.36
C GLY P 473 40.21 -41.06 8.33
N LEU P 474 41.45 -40.74 8.69
CA LEU P 474 42.20 -41.50 9.67
C LEU P 474 42.13 -40.77 11.00
N LYS P 475 41.75 -41.46 12.08
CA LYS P 475 41.60 -40.74 13.37
C LYS P 475 42.00 -41.60 14.58
N ALA P 476 42.36 -40.91 15.67
CA ALA P 476 42.68 -41.41 17.03
C ALA P 476 44.08 -42.03 17.14
N LYS P 477 44.46 -42.38 18.37
CA LYS P 477 45.73 -43.06 18.72
C LYS P 477 45.43 -44.08 19.83
N PRO P 478 46.13 -45.22 19.92
CA PRO P 478 45.80 -46.25 20.92
C PRO P 478 45.91 -45.73 22.34
N LYS P 479 44.91 -46.08 23.14
CA LYS P 479 44.77 -45.57 24.50
C LYS P 479 43.84 -46.51 25.24
N PHE P 480 43.81 -46.39 26.56
CA PHE P 480 43.00 -47.24 27.43
C PHE P 480 41.50 -47.15 27.13
N LEU Q 3 93.42 -35.62 17.52
CA LEU Q 3 94.15 -34.83 18.51
C LEU Q 3 93.31 -33.63 18.95
N TRP Q 4 91.99 -33.80 18.97
CA TRP Q 4 91.11 -32.65 19.10
C TRP Q 4 89.88 -33.00 19.93
N LEU Q 5 88.96 -32.04 20.00
CA LEU Q 5 87.82 -32.02 20.90
C LEU Q 5 86.64 -31.34 20.21
N PRO Q 6 85.42 -31.84 20.40
CA PRO Q 6 84.26 -31.19 19.78
C PRO Q 6 83.64 -30.13 20.68
N SER Q 7 83.15 -29.06 20.05
CA SER Q 7 82.55 -27.95 20.78
C SER Q 7 81.30 -27.41 20.08
N GLU Q 8 80.59 -28.28 19.35
CA GLU Q 8 79.39 -27.86 18.59
C GLU Q 8 78.13 -28.12 19.42
N ALA Q 9 77.22 -27.13 19.47
CA ALA Q 9 75.93 -27.26 20.20
C ALA Q 9 74.92 -27.96 19.28
N THR Q 10 75.12 -29.25 19.04
CA THR Q 10 74.30 -30.10 18.16
C THR Q 10 73.66 -31.21 19.00
N VAL Q 11 73.19 -32.27 18.35
CA VAL Q 11 72.53 -33.44 19.01
C VAL Q 11 71.37 -32.95 19.90
N TYR Q 12 70.55 -32.05 19.37
CA TYR Q 12 69.43 -31.47 20.15
C TYR Q 12 68.44 -32.55 20.58
N LEU Q 13 67.94 -32.37 21.80
CA LEU Q 13 66.98 -33.22 22.47
C LEU Q 13 65.56 -32.75 22.15
N PRO Q 14 64.66 -33.67 21.81
CA PRO Q 14 63.27 -33.30 21.64
C PRO Q 14 62.63 -33.00 22.98
N PRO Q 15 61.54 -32.24 23.00
CA PRO Q 15 60.95 -31.84 24.29
C PRO Q 15 60.37 -33.00 25.06
N VAL Q 16 60.18 -32.78 26.36
CA VAL Q 16 59.79 -33.79 27.32
C VAL Q 16 58.34 -34.20 27.07
N PRO Q 17 57.94 -35.44 27.41
CA PRO Q 17 56.54 -35.81 27.25
C PRO Q 17 55.66 -35.13 28.28
N VAL Q 18 54.44 -34.77 27.85
CA VAL Q 18 53.53 -33.96 28.63
C VAL Q 18 52.19 -34.68 28.72
N SER Q 19 51.22 -34.01 29.35
CA SER Q 19 49.88 -34.57 29.52
C SER Q 19 49.06 -34.40 28.24
N LYS Q 20 48.29 -35.43 27.92
CA LYS Q 20 47.48 -35.42 26.71
C LYS Q 20 46.02 -35.61 27.07
N VAL Q 21 45.15 -34.89 26.35
CA VAL Q 21 43.72 -34.96 26.59
C VAL Q 21 43.15 -36.15 25.83
N VAL Q 22 42.45 -37.02 26.53
CA VAL Q 22 41.87 -38.23 25.97
C VAL Q 22 40.39 -37.98 25.71
N SER Q 23 39.92 -38.41 24.53
CA SER Q 23 38.54 -38.20 24.14
C SER Q 23 37.59 -39.03 25.00
N THR Q 24 36.32 -38.62 24.99
CA THR Q 24 35.34 -39.24 25.87
C THR Q 24 34.98 -40.65 25.42
N ASP Q 25 35.04 -40.91 24.13
CA ASP Q 25 34.63 -42.21 23.60
C ASP Q 25 35.67 -43.31 23.81
N GLU Q 26 36.68 -43.09 24.65
CA GLU Q 26 37.67 -44.13 24.93
C GLU Q 26 37.54 -44.73 26.32
N TYR Q 27 36.76 -44.13 27.21
CA TYR Q 27 36.50 -44.79 28.48
C TYR Q 27 35.03 -44.87 28.84
N VAL Q 28 34.23 -43.86 28.50
CA VAL Q 28 32.81 -43.88 28.83
C VAL Q 28 32.10 -44.83 27.88
N ALA Q 29 31.40 -45.80 28.43
CA ALA Q 29 30.61 -46.74 27.65
C ALA Q 29 29.16 -46.31 27.64
N ARG Q 30 28.47 -46.64 26.54
CA ARG Q 30 27.08 -46.26 26.36
C ARG Q 30 26.17 -47.49 26.43
N THR Q 31 24.91 -47.23 26.75
CA THR Q 31 23.86 -48.23 26.79
C THR Q 31 22.76 -47.84 25.80
N ASN Q 32 21.65 -48.56 25.84
CA ASN Q 32 20.51 -48.26 24.99
C ASN Q 32 19.33 -47.71 25.77
N ILE Q 33 19.55 -47.22 26.98
CA ILE Q 33 18.48 -46.73 27.83
C ILE Q 33 18.34 -45.24 27.62
N TYR Q 34 17.15 -44.80 27.19
CA TYR Q 34 16.90 -43.39 26.93
C TYR Q 34 15.84 -42.86 27.88
N TYR Q 35 15.80 -41.54 28.02
CA TYR Q 35 14.82 -40.88 28.87
C TYR Q 35 14.49 -39.52 28.29
N HIS Q 36 13.21 -39.18 28.26
CA HIS Q 36 12.76 -37.87 27.81
C HIS Q 36 12.54 -36.98 29.02
N ALA Q 37 12.87 -35.71 28.87
CA ALA Q 37 12.68 -34.75 29.95
C ALA Q 37 12.49 -33.36 29.34
N GLY Q 38 11.48 -32.65 29.80
CA GLY Q 38 11.23 -31.31 29.31
C GLY Q 38 10.38 -30.53 30.28
N THR Q 39 10.64 -29.23 30.36
CA THR Q 39 9.87 -28.37 31.24
C THR Q 39 8.47 -28.14 30.68
N SER Q 40 7.65 -27.44 31.45
CA SER Q 40 6.26 -27.27 31.04
C SER Q 40 6.14 -26.24 29.93
N ARG Q 41 6.36 -24.97 30.29
CA ARG Q 41 6.70 -23.84 29.43
C ARG Q 41 6.97 -22.68 30.37
N LEU Q 42 7.90 -21.81 30.00
CA LEU Q 42 8.28 -20.72 30.86
C LEU Q 42 7.79 -19.41 30.26
N LEU Q 43 7.77 -18.37 31.10
CA LEU Q 43 6.99 -17.19 30.81
C LEU Q 43 7.49 -16.07 31.70
N ALA Q 44 7.48 -14.83 31.20
CA ALA Q 44 8.06 -13.72 31.94
C ALA Q 44 7.54 -12.40 31.38
N VAL Q 45 7.02 -11.54 32.25
CA VAL Q 45 6.52 -10.22 31.87
C VAL Q 45 7.24 -9.18 32.71
N GLY Q 46 7.61 -8.07 32.08
CA GLY Q 46 8.12 -6.94 32.81
C GLY Q 46 8.15 -5.70 31.94
N HIS Q 47 9.08 -4.82 32.25
CA HIS Q 47 9.29 -3.56 31.57
C HIS Q 47 10.44 -3.69 30.58
N PRO Q 48 10.31 -3.12 29.38
CA PRO Q 48 11.31 -3.37 28.34
C PRO Q 48 12.54 -2.50 28.41
N TYR Q 49 12.57 -1.47 29.25
CA TYR Q 49 13.68 -0.52 29.21
C TYR Q 49 14.53 -0.51 30.48
N PHE Q 50 13.94 -0.56 31.66
CA PHE Q 50 14.68 -0.47 32.90
C PHE Q 50 13.90 -1.19 33.99
N PRO Q 51 14.55 -1.62 35.06
CA PRO Q 51 13.79 -2.04 36.24
C PRO Q 51 13.16 -0.84 36.92
N ILE Q 52 12.04 -1.07 37.57
CA ILE Q 52 11.33 -0.01 38.28
C ILE Q 52 11.40 -0.31 39.77
N LYS Q 53 11.29 0.74 40.58
CA LYS Q 53 11.25 0.63 42.03
C LYS Q 53 10.62 1.90 42.57
N LYS Q 54 10.20 1.85 43.82
CA LYS Q 54 9.73 3.04 44.51
C LYS Q 54 10.88 3.66 45.30
N PRO Q 55 11.04 4.99 45.30
CA PRO Q 55 12.22 5.60 45.91
C PRO Q 55 12.30 5.53 47.44
N ASN Q 56 11.38 4.86 48.12
CA ASN Q 56 11.53 4.66 49.55
C ASN Q 56 12.37 3.43 49.90
N ASN Q 57 12.66 2.57 48.94
CA ASN Q 57 13.43 1.36 49.18
C ASN Q 57 14.20 1.01 47.91
N ASN Q 58 14.74 -0.22 47.88
CA ASN Q 58 15.46 -0.72 46.72
C ASN Q 58 14.80 -1.93 46.09
N LYS Q 59 13.71 -2.42 46.65
CA LYS Q 59 13.04 -3.60 46.14
C LYS Q 59 12.32 -3.29 44.83
N ILE Q 60 12.52 -4.12 43.82
CA ILE Q 60 12.01 -3.84 42.48
C ILE Q 60 10.54 -4.20 42.42
N LEU Q 61 9.75 -3.34 41.75
CA LEU Q 61 8.32 -3.61 41.65
C LEU Q 61 8.02 -4.54 40.48
N VAL Q 62 8.22 -4.08 39.24
CA VAL Q 62 8.20 -4.97 38.10
C VAL Q 62 9.63 -5.09 37.63
N PRO Q 63 10.06 -6.24 37.14
CA PRO Q 63 11.47 -6.37 36.76
C PRO Q 63 11.69 -5.95 35.31
N LYS Q 64 12.93 -6.02 34.87
CA LYS Q 64 13.30 -5.65 33.51
C LYS Q 64 13.47 -6.91 32.67
N VAL Q 65 12.74 -6.99 31.56
CA VAL Q 65 12.95 -8.02 30.57
C VAL Q 65 12.73 -7.39 29.19
N SER Q 66 13.64 -7.67 28.27
CA SER Q 66 13.54 -7.18 26.90
C SER Q 66 14.07 -8.27 25.98
N GLY Q 67 13.97 -8.02 24.68
CA GLY Q 67 14.40 -9.02 23.72
C GLY Q 67 15.90 -9.21 23.64
N LEU Q 68 16.67 -8.23 24.12
CA LEU Q 68 18.11 -8.24 23.91
C LEU Q 68 18.88 -8.96 25.00
N GLN Q 69 18.23 -9.46 26.03
CA GLN Q 69 18.98 -10.09 27.11
C GLN Q 69 19.40 -11.48 26.72
N TYR Q 70 20.54 -11.91 27.27
CA TYR Q 70 20.88 -13.32 27.20
C TYR Q 70 19.94 -14.10 28.10
N ARG Q 71 19.80 -15.39 27.81
CA ARG Q 71 18.95 -16.26 28.63
C ARG Q 71 19.79 -17.48 28.99
N VAL Q 72 20.46 -17.42 30.14
CA VAL Q 72 21.30 -18.51 30.59
C VAL Q 72 20.45 -19.43 31.45
N PHE Q 73 20.06 -20.56 30.87
CA PHE Q 73 19.27 -21.55 31.59
C PHE Q 73 20.19 -22.50 32.31
N ARG Q 74 19.95 -22.70 33.60
CA ARG Q 74 20.65 -23.72 34.37
C ARG Q 74 19.75 -24.95 34.46
N ILE Q 75 20.29 -26.12 34.15
CA ILE Q 75 19.51 -27.34 34.15
C ILE Q 75 20.08 -28.27 35.22
N HIS Q 76 19.27 -28.57 36.22
CA HIS Q 76 19.61 -29.57 37.22
C HIS Q 76 19.12 -30.92 36.76
N LEU Q 77 19.85 -31.96 37.16
CA LEU Q 77 19.48 -33.31 36.75
C LEU Q 77 19.35 -34.22 37.97
N PRO Q 78 18.56 -35.28 37.88
CA PRO Q 78 18.56 -36.28 38.95
C PRO Q 78 19.81 -37.15 38.88
N ASP Q 79 20.36 -37.44 40.04
CA ASP Q 79 21.58 -38.22 40.15
C ASP Q 79 21.33 -39.67 39.75
N PRO Q 80 21.92 -40.15 38.65
CA PRO Q 80 21.60 -41.50 38.17
C PRO Q 80 22.27 -42.61 38.94
N ASN Q 81 23.09 -42.31 39.95
CA ASN Q 81 23.65 -43.37 40.78
C ASN Q 81 22.61 -43.93 41.76
N LYS Q 82 21.47 -43.26 41.91
CA LYS Q 82 20.48 -43.59 42.90
C LYS Q 82 19.15 -44.01 42.27
N PHE Q 83 19.18 -44.89 41.28
CA PHE Q 83 17.96 -45.34 40.63
C PHE Q 83 17.59 -46.75 41.06
N GLY Q 84 16.37 -47.14 40.70
CA GLY Q 84 15.92 -48.49 40.95
C GLY Q 84 16.48 -49.51 39.99
N PHE Q 85 16.11 -49.40 38.71
CA PHE Q 85 16.54 -50.24 37.60
C PHE Q 85 16.31 -51.72 37.88
N PRO Q 86 15.07 -52.20 37.74
CA PRO Q 86 14.69 -53.52 38.30
C PRO Q 86 15.42 -54.71 37.69
N ASP Q 87 15.94 -54.60 36.47
CA ASP Q 87 16.69 -55.72 35.92
C ASP Q 87 18.12 -55.76 36.44
N THR Q 88 18.68 -54.59 36.79
CA THR Q 88 19.95 -54.35 37.54
C THR Q 88 21.15 -55.18 37.08
N SER Q 89 21.14 -55.65 35.82
CA SER Q 89 22.18 -56.56 35.37
C SER Q 89 23.30 -55.88 34.62
N PHE Q 90 23.08 -54.67 34.11
CA PHE Q 90 24.03 -54.06 33.20
C PHE Q 90 25.17 -53.33 33.90
N TYR Q 91 25.12 -53.17 35.22
CA TYR Q 91 26.22 -52.50 35.91
C TYR Q 91 26.43 -53.07 37.30
N ASN Q 92 27.68 -53.31 37.64
CA ASN Q 92 28.04 -53.63 39.02
C ASN Q 92 28.06 -52.35 39.83
N PRO Q 93 27.44 -52.34 41.01
CA PRO Q 93 27.34 -51.08 41.77
C PRO Q 93 28.61 -50.67 42.49
N ASP Q 94 29.69 -51.45 42.44
CA ASP Q 94 30.91 -51.07 43.14
C ASP Q 94 31.97 -50.48 42.22
N THR Q 95 32.25 -51.13 41.10
CA THR Q 95 33.32 -50.70 40.22
C THR Q 95 32.83 -49.78 39.10
N GLN Q 96 31.58 -49.33 39.15
CA GLN Q 96 31.03 -48.47 38.12
C GLN Q 96 30.37 -47.26 38.75
N ARG Q 97 30.18 -46.22 37.94
CA ARG Q 97 29.33 -45.08 38.26
C ARG Q 97 28.58 -44.70 37.00
N LEU Q 98 27.46 -44.01 37.17
CA LEU Q 98 26.59 -43.66 36.06
C LEU Q 98 26.51 -42.14 35.89
N VAL Q 99 26.39 -41.71 34.64
CA VAL Q 99 26.43 -40.29 34.31
C VAL Q 99 25.57 -40.06 33.08
N TRP Q 100 24.81 -38.97 33.07
CA TRP Q 100 23.93 -38.67 31.97
C TRP Q 100 24.70 -38.16 30.76
N ALA Q 101 24.03 -38.15 29.63
CA ALA Q 101 24.64 -37.70 28.37
C ALA Q 101 23.54 -37.18 27.46
N CYS Q 102 23.68 -35.93 27.02
CA CYS Q 102 22.65 -35.33 26.18
C CYS Q 102 22.71 -35.87 24.76
N VAL Q 103 21.55 -35.91 24.10
CA VAL Q 103 21.47 -36.36 22.72
C VAL Q 103 20.77 -35.32 21.85
N GLY Q 104 19.55 -34.95 22.20
CA GLY Q 104 18.80 -33.98 21.44
C GLY Q 104 18.31 -32.85 22.33
N VAL Q 105 18.17 -31.68 21.72
CA VAL Q 105 17.84 -30.45 22.44
C VAL Q 105 16.79 -29.70 21.63
N GLU Q 106 15.75 -29.20 22.30
CA GLU Q 106 14.78 -28.32 21.67
C GLU Q 106 14.67 -26.99 22.40
N VAL Q 107 14.51 -25.93 21.63
CA VAL Q 107 14.14 -24.63 22.14
C VAL Q 107 12.87 -24.22 21.41
N GLY Q 108 11.76 -24.14 22.14
CA GLY Q 108 10.49 -23.72 21.57
C GLY Q 108 10.14 -22.33 22.05
N ARG Q 109 9.79 -21.47 21.09
CA ARG Q 109 9.31 -20.13 21.39
C ARG Q 109 7.83 -20.04 21.06
N GLY Q 110 7.17 -19.02 21.60
CA GLY Q 110 5.73 -18.99 21.47
C GLY Q 110 5.07 -17.66 21.14
N GLN Q 111 5.84 -16.59 21.10
CA GLN Q 111 5.23 -15.30 20.82
C GLN Q 111 5.08 -15.12 19.31
N PRO Q 112 4.13 -14.29 18.87
CA PRO Q 112 4.07 -13.94 17.45
C PRO Q 112 5.26 -13.10 17.05
N LEU Q 113 5.68 -13.29 15.80
CA LEU Q 113 6.92 -12.72 15.30
C LEU Q 113 6.75 -11.22 15.05
N GLY Q 114 7.73 -10.45 15.52
CA GLY Q 114 7.69 -9.01 15.35
C GLY Q 114 8.88 -8.30 15.99
N VAL Q 115 9.49 -7.36 15.28
CA VAL Q 115 10.68 -6.69 15.76
C VAL Q 115 10.27 -5.42 16.50
N GLY Q 116 10.95 -5.13 17.60
CA GLY Q 116 10.63 -4.04 18.46
C GLY Q 116 11.42 -2.79 18.16
N ILE Q 117 11.64 -1.98 19.20
CA ILE Q 117 12.16 -0.64 19.04
C ILE Q 117 12.72 -0.19 20.37
N SER Q 118 13.63 0.79 20.34
CA SER Q 118 14.13 1.43 21.54
C SER Q 118 14.58 2.84 21.18
N GLY Q 119 14.77 3.68 22.20
CA GLY Q 119 15.14 5.05 21.94
C GLY Q 119 15.77 5.72 23.14
N HIS Q 120 15.88 7.05 23.06
CA HIS Q 120 16.42 7.86 24.15
C HIS Q 120 15.88 9.27 24.04
N PRO Q 121 15.38 9.87 25.13
CA PRO Q 121 14.79 11.20 25.03
C PRO Q 121 15.83 12.30 24.88
N LEU Q 122 17.02 12.10 25.40
CA LEU Q 122 18.09 13.10 25.32
C LEU Q 122 19.35 12.41 24.81
N LEU Q 123 19.49 12.31 23.48
CA LEU Q 123 20.63 11.66 22.86
C LEU Q 123 21.55 12.70 22.25
N ASN Q 124 22.86 12.46 22.35
CA ASN Q 124 23.87 13.39 21.89
C ASN Q 124 23.90 13.42 20.38
N LYS Q 125 23.26 14.41 19.77
CA LYS Q 125 23.21 14.54 18.32
C LYS Q 125 23.27 16.00 17.95
N LEU Q 126 24.15 16.36 17.00
CA LEU Q 126 24.40 17.75 16.66
C LEU Q 126 23.65 18.20 15.41
N ASP Q 127 23.92 17.57 14.26
CA ASP Q 127 23.19 17.85 13.03
C ASP Q 127 23.01 16.55 12.25
N ASP Q 128 22.44 16.66 11.05
CA ASP Q 128 22.53 15.56 10.12
C ASP Q 128 23.86 15.63 9.37
N THR Q 129 24.21 14.56 8.67
CA THR Q 129 25.45 14.51 7.93
C THR Q 129 25.31 13.96 6.51
N GLU Q 130 24.27 13.18 6.24
CA GLU Q 130 24.15 12.50 4.95
C GLU Q 130 23.86 13.48 3.80
N ASN Q 131 23.31 14.65 4.10
CA ASN Q 131 23.07 15.66 3.10
C ASN Q 131 23.13 17.03 3.78
N ALA Q 132 24.04 17.87 3.33
CA ALA Q 132 24.26 19.17 3.94
C ALA Q 132 24.05 20.27 2.90
N SER Q 133 23.18 21.23 3.22
CA SER Q 133 22.82 22.31 2.31
C SER Q 133 23.55 23.61 2.61
N ALA Q 134 23.59 24.01 3.88
CA ALA Q 134 24.40 25.13 4.33
C ALA Q 134 25.26 24.66 5.49
N TYR Q 135 26.37 25.36 5.72
CA TYR Q 135 27.30 24.97 6.77
C TYR Q 135 26.67 25.17 8.15
N ALA Q 136 27.11 24.35 9.10
CA ALA Q 136 26.45 24.28 10.39
C ALA Q 136 26.72 25.51 11.23
N ALA Q 137 25.75 25.85 12.09
CA ALA Q 137 25.94 26.86 13.10
C ALA Q 137 26.69 26.28 14.30
N ASN Q 138 27.04 27.14 15.24
CA ASN Q 138 27.73 26.67 16.43
C ASN Q 138 26.75 26.02 17.40
N ALA Q 139 27.29 25.43 18.47
CA ALA Q 139 26.49 24.70 19.43
C ALA Q 139 26.61 25.37 20.80
N GLY Q 140 25.47 25.58 21.45
CA GLY Q 140 25.45 26.12 22.78
C GLY Q 140 25.58 25.05 23.83
N VAL Q 141 24.61 24.99 24.74
CA VAL Q 141 24.58 23.97 25.77
C VAL Q 141 23.37 23.07 25.52
N ASP Q 142 23.49 21.82 25.98
CA ASP Q 142 22.51 20.71 25.96
C ASP Q 142 21.64 20.64 24.70
N ASN Q 143 22.30 20.42 23.57
CA ASN Q 143 21.60 20.33 22.29
C ASN Q 143 21.10 18.92 21.99
N ARG Q 144 20.83 18.13 23.01
CA ARG Q 144 20.37 16.76 22.83
C ARG Q 144 18.94 16.73 22.29
N GLU Q 145 18.61 15.63 21.61
CA GLU Q 145 17.30 15.41 21.02
C GLU Q 145 16.76 14.04 21.42
N CYS Q 146 15.53 13.75 21.00
CA CYS Q 146 14.94 12.43 21.16
C CYS Q 146 15.14 11.66 19.85
N ILE Q 147 15.81 10.51 19.93
CA ILE Q 147 16.15 9.72 18.77
C ILE Q 147 15.93 8.25 19.10
N SER Q 148 15.21 7.54 18.24
CA SER Q 148 15.00 6.11 18.40
C SER Q 148 15.67 5.35 17.28
N MET Q 149 15.84 4.04 17.50
CA MET Q 149 16.53 3.18 16.56
C MET Q 149 16.18 1.72 16.88
N ASP Q 150 16.13 0.90 15.86
CA ASP Q 150 16.04 -0.54 16.07
C ASP Q 150 17.44 -1.14 15.93
N TYR Q 151 17.60 -2.34 16.45
CA TYR Q 151 18.93 -2.89 16.60
C TYR Q 151 19.20 -3.95 15.53
N LYS Q 152 20.38 -4.57 15.62
CA LYS Q 152 20.73 -5.62 14.69
C LYS Q 152 20.01 -6.90 15.06
N GLN Q 153 19.36 -7.51 14.07
CA GLN Q 153 18.69 -8.78 14.27
C GLN Q 153 19.71 -9.87 14.54
N THR Q 154 19.53 -10.62 15.62
CA THR Q 154 20.53 -11.57 16.08
C THR Q 154 19.83 -12.78 16.71
N GLN Q 155 20.35 -13.98 16.44
CA GLN Q 155 19.90 -15.20 17.07
C GLN Q 155 21.12 -16.07 17.38
N LEU Q 156 21.10 -16.76 18.52
CA LEU Q 156 22.10 -17.79 18.79
C LEU Q 156 21.56 -18.83 19.77
N CYS Q 157 22.33 -19.90 19.94
CA CYS Q 157 21.99 -20.98 20.86
C CYS Q 157 23.26 -21.74 21.21
N LEU Q 158 23.49 -21.95 22.50
CA LEU Q 158 24.70 -22.60 23.01
C LEU Q 158 24.33 -23.67 24.01
N ILE Q 159 24.99 -24.82 23.95
CA ILE Q 159 24.77 -25.90 24.89
C ILE Q 159 26.12 -26.31 25.46
N GLY Q 160 26.26 -26.28 26.79
CA GLY Q 160 27.53 -26.65 27.39
C GLY Q 160 27.40 -27.11 28.81
N CYS Q 161 28.49 -27.69 29.32
CA CYS Q 161 28.53 -28.21 30.68
C CYS Q 161 29.00 -27.17 31.69
N LYS Q 162 29.96 -26.34 31.32
CA LYS Q 162 30.34 -25.18 32.10
C LYS Q 162 29.53 -23.99 31.63
N PRO Q 163 29.51 -22.87 32.37
CA PRO Q 163 28.85 -21.68 31.85
C PRO Q 163 29.63 -21.10 30.69
N PRO Q 164 28.97 -20.37 29.78
CA PRO Q 164 29.67 -19.78 28.65
C PRO Q 164 30.46 -18.53 29.05
N ILE Q 165 31.54 -18.29 28.30
CA ILE Q 165 32.48 -17.22 28.58
C ILE Q 165 32.32 -16.13 27.52
N GLY Q 166 32.29 -14.87 27.95
CA GLY Q 166 32.13 -13.74 27.07
C GLY Q 166 33.36 -12.86 26.98
N GLU Q 167 33.27 -11.84 26.13
CA GLU Q 167 34.34 -10.85 26.01
C GLU Q 167 33.74 -9.49 25.73
N HIS Q 168 34.45 -8.46 26.20
CA HIS Q 168 34.06 -7.07 25.98
C HIS Q 168 35.24 -6.17 26.29
N TRP Q 169 35.24 -5.00 25.69
CA TRP Q 169 36.29 -4.02 25.93
C TRP Q 169 36.06 -3.30 27.25
N GLY Q 170 37.15 -2.95 27.91
CA GLY Q 170 37.06 -2.29 29.20
C GLY Q 170 38.31 -1.53 29.55
N LYS Q 171 38.15 -0.58 30.46
CA LYS Q 171 39.24 0.30 30.85
C LYS Q 171 40.14 -0.40 31.86
N GLY Q 172 41.46 -0.36 31.61
CA GLY Q 172 42.44 -0.93 32.50
C GLY Q 172 43.16 0.10 33.32
N SER Q 173 44.36 -0.26 33.77
CA SER Q 173 45.17 0.64 34.60
C SER Q 173 46.28 1.24 33.74
N PRO Q 174 46.23 2.53 33.44
CA PRO Q 174 47.24 3.11 32.54
C PRO Q 174 48.59 3.27 33.21
N CYS Q 175 49.61 3.42 32.37
CA CYS Q 175 50.95 3.73 32.86
C CYS Q 175 51.00 5.17 33.34
N THR Q 176 51.68 5.39 34.46
CA THR Q 176 51.79 6.74 35.03
C THR Q 176 53.02 7.48 34.52
N ASN Q 177 53.20 7.45 33.20
CA ASN Q 177 54.25 8.26 32.57
C ASN Q 177 53.80 9.71 32.48
N VAL Q 178 52.63 9.95 31.91
CA VAL Q 178 51.98 11.25 31.95
C VAL Q 178 50.91 11.20 33.04
N ALA Q 179 50.78 12.29 33.77
CA ALA Q 179 49.73 12.38 34.77
C ALA Q 179 48.38 12.48 34.08
N VAL Q 180 47.39 11.77 34.62
CA VAL Q 180 46.08 11.77 34.00
C VAL Q 180 45.39 13.10 34.26
N ASN Q 181 44.83 13.68 33.21
CA ASN Q 181 44.15 14.96 33.29
C ASN Q 181 42.67 14.76 33.53
N PRO Q 182 41.96 15.79 33.92
CA PRO Q 182 40.50 15.74 33.81
C PRO Q 182 40.07 15.81 32.36
N GLY Q 183 39.67 14.68 31.79
CA GLY Q 183 39.28 14.62 30.40
C GLY Q 183 40.30 14.05 29.44
N ASP Q 184 41.12 13.10 29.87
CA ASP Q 184 42.04 12.41 28.98
C ASP Q 184 41.42 11.11 28.51
N CYS Q 185 41.85 10.66 27.34
CA CYS Q 185 41.32 9.43 26.76
C CYS Q 185 41.76 8.21 27.56
N PRO Q 186 40.84 7.44 28.13
CA PRO Q 186 41.24 6.30 28.95
C PRO Q 186 41.74 5.16 28.10
N PRO Q 187 42.62 4.32 28.62
CA PRO Q 187 43.10 3.16 27.87
C PRO Q 187 42.07 2.06 27.79
N LEU Q 188 42.31 1.13 26.88
CA LEU Q 188 41.40 0.02 26.62
C LEU Q 188 42.09 -1.31 26.91
N GLU Q 189 41.29 -2.32 27.22
CA GLU Q 189 41.81 -3.65 27.54
C GLU Q 189 40.71 -4.66 27.32
N LEU Q 190 41.04 -5.77 26.68
CA LEU Q 190 40.08 -6.85 26.48
C LEU Q 190 39.91 -7.62 27.77
N ILE Q 191 38.67 -7.73 28.26
CA ILE Q 191 38.37 -8.41 29.51
C ILE Q 191 37.47 -9.60 29.21
N ASN Q 192 37.78 -10.73 29.84
CA ASN Q 192 36.94 -11.91 29.78
C ASN Q 192 36.17 -12.06 31.09
N THR Q 193 34.96 -12.59 30.98
CA THR Q 193 34.10 -12.80 32.14
C THR Q 193 33.09 -13.89 31.80
N VAL Q 194 32.26 -14.23 32.77
CA VAL Q 194 31.19 -15.19 32.58
C VAL Q 194 29.92 -14.41 32.26
N ILE Q 195 29.09 -14.96 31.37
CA ILE Q 195 27.84 -14.33 30.99
C ILE Q 195 26.75 -14.78 31.98
N GLN Q 196 25.95 -13.83 32.43
CA GLN Q 196 24.80 -14.12 33.27
C GLN Q 196 23.53 -13.67 32.56
N ASP Q 197 22.40 -14.20 33.03
CA ASP Q 197 21.11 -13.79 32.52
C ASP Q 197 20.83 -12.34 32.88
N GLY Q 198 20.55 -11.51 31.87
CA GLY Q 198 20.30 -10.11 32.05
C GLY Q 198 21.26 -9.20 31.32
N ASP Q 199 22.45 -9.69 30.98
CA ASP Q 199 23.37 -8.88 30.18
C ASP Q 199 22.88 -8.76 28.75
N MET Q 200 23.42 -7.79 28.04
CA MET Q 200 22.89 -7.41 26.74
C MET Q 200 23.77 -7.89 25.61
N VAL Q 201 23.13 -8.35 24.53
CA VAL Q 201 23.83 -8.67 23.30
C VAL Q 201 24.36 -7.37 22.68
N ASP Q 202 25.45 -7.46 21.94
CA ASP Q 202 25.96 -6.30 21.21
C ASP Q 202 24.97 -5.87 20.13
N THR Q 203 24.67 -4.58 20.10
CA THR Q 203 23.66 -4.04 19.20
C THR Q 203 24.25 -3.07 18.19
N GLY Q 204 25.40 -3.42 17.60
CA GLY Q 204 26.01 -2.54 16.62
C GLY Q 204 26.65 -1.31 17.22
N PHE Q 205 27.21 -1.43 18.43
CA PHE Q 205 27.89 -0.31 19.06
C PHE Q 205 29.18 -0.74 19.73
N GLY Q 206 29.66 -1.96 19.49
CA GLY Q 206 30.88 -2.42 20.09
C GLY Q 206 30.69 -3.00 21.47
N ALA Q 207 31.33 -4.14 21.74
CA ALA Q 207 31.22 -4.80 23.03
C ALA Q 207 32.07 -4.04 24.04
N MET Q 208 31.47 -3.03 24.65
CA MET Q 208 32.21 -2.16 25.56
C MET Q 208 31.34 -1.80 26.74
N ASP Q 209 31.99 -1.51 27.87
CA ASP Q 209 31.30 -0.96 29.02
C ASP Q 209 30.74 0.41 28.68
N PHE Q 210 29.57 0.72 29.21
CA PHE Q 210 28.93 2.01 28.96
C PHE Q 210 28.73 2.81 30.24
N THR Q 211 29.38 2.42 31.34
CA THR Q 211 29.44 3.24 32.54
C THR Q 211 30.77 3.98 32.62
N THR Q 212 31.87 3.23 32.67
CA THR Q 212 33.18 3.85 32.83
C THR Q 212 33.67 4.47 31.53
N LEU Q 213 33.51 3.76 30.42
CA LEU Q 213 34.01 4.26 29.16
C LEU Q 213 33.15 5.36 28.57
N GLN Q 214 31.89 5.48 29.00
CA GLN Q 214 30.99 6.51 28.49
C GLN Q 214 30.33 7.21 29.67
N ALA Q 215 30.98 8.26 30.17
CA ALA Q 215 30.47 8.99 31.32
C ALA Q 215 29.43 10.03 30.95
N ASN Q 216 29.14 10.22 29.65
CA ASN Q 216 28.16 11.22 29.26
C ASN Q 216 26.74 10.76 29.52
N LYS Q 217 26.51 9.44 29.53
CA LYS Q 217 25.21 8.79 29.73
C LYS Q 217 24.16 9.22 28.71
N SER Q 218 24.57 9.71 27.55
CA SER Q 218 23.60 10.14 26.54
C SER Q 218 24.05 9.84 25.13
N GLU Q 219 24.80 8.75 24.92
CA GLU Q 219 25.26 8.40 23.59
C GLU Q 219 24.65 7.13 23.03
N VAL Q 220 24.05 6.30 23.88
CA VAL Q 220 23.38 5.07 23.44
C VAL Q 220 21.93 5.18 23.93
N PRO Q 221 21.01 4.32 23.50
CA PRO Q 221 19.67 4.32 24.12
C PRO Q 221 19.64 3.75 25.53
N LEU Q 222 18.43 3.68 26.11
CA LEU Q 222 18.28 3.44 27.55
C LEU Q 222 18.69 2.05 27.99
N ASP Q 223 18.49 1.04 27.14
CA ASP Q 223 18.64 -0.33 27.59
C ASP Q 223 20.08 -0.69 27.87
N ILE Q 224 21.02 -0.04 27.20
CA ILE Q 224 22.44 -0.32 27.35
C ILE Q 224 23.17 0.85 27.98
N CYS Q 225 22.45 1.84 28.51
CA CYS Q 225 23.06 3.04 29.07
C CYS Q 225 23.86 2.73 30.33
N THR Q 226 23.47 1.70 31.07
CA THR Q 226 24.21 1.28 32.25
C THR Q 226 24.71 -0.16 32.14
N SER Q 227 24.00 -1.03 31.43
CA SER Q 227 24.47 -2.39 31.27
C SER Q 227 25.62 -2.43 30.27
N ILE Q 228 26.28 -3.59 30.21
CA ILE Q 228 27.49 -3.78 29.43
C ILE Q 228 27.21 -4.81 28.35
N CYS Q 229 27.31 -4.40 27.09
CA CYS Q 229 27.08 -5.31 25.98
C CYS Q 229 28.23 -6.28 25.86
N LYS Q 230 27.95 -7.56 26.06
CA LYS Q 230 28.97 -8.59 25.96
C LYS Q 230 28.74 -9.43 24.72
N TYR Q 231 29.83 -9.99 24.20
CA TYR Q 231 29.80 -10.81 23.00
C TYR Q 231 30.56 -12.10 23.31
N PRO Q 232 29.98 -13.27 23.00
CA PRO Q 232 30.62 -14.54 23.35
C PRO Q 232 31.77 -14.84 22.40
N ASP Q 233 32.98 -14.91 22.95
CA ASP Q 233 34.14 -15.26 22.13
C ASP Q 233 34.11 -16.76 21.89
N TYR Q 234 33.97 -17.15 20.62
CA TYR Q 234 34.08 -18.54 20.27
C TYR Q 234 35.52 -19.01 20.25
N ILE Q 235 36.48 -18.08 20.15
CA ILE Q 235 37.89 -18.43 20.03
C ILE Q 235 38.41 -19.07 21.30
N LYS Q 236 38.12 -18.45 22.46
CA LYS Q 236 38.59 -19.01 23.72
C LYS Q 236 37.80 -20.26 24.11
N MET Q 237 36.56 -20.38 23.63
CA MET Q 237 35.73 -21.50 24.03
C MET Q 237 36.02 -22.75 23.22
N VAL Q 238 36.43 -22.60 21.96
CA VAL Q 238 36.80 -23.78 21.19
C VAL Q 238 38.21 -24.25 21.54
N SER Q 239 39.06 -23.36 22.02
CA SER Q 239 40.45 -23.69 22.30
C SER Q 239 40.66 -24.23 23.70
N GLU Q 240 39.58 -24.51 24.43
CA GLU Q 240 39.70 -25.11 25.75
C GLU Q 240 40.23 -26.54 25.63
N PRO Q 241 41.06 -26.99 26.58
CA PRO Q 241 41.65 -28.32 26.44
C PRO Q 241 40.67 -29.45 26.60
N TYR Q 242 39.55 -29.24 27.28
CA TYR Q 242 38.53 -30.28 27.42
C TYR Q 242 37.29 -30.05 26.58
N GLY Q 243 36.99 -28.80 26.24
CA GLY Q 243 35.83 -28.54 25.41
C GLY Q 243 34.52 -28.65 26.15
N ASP Q 244 34.50 -28.32 27.43
CA ASP Q 244 33.26 -28.35 28.20
C ASP Q 244 32.53 -27.01 28.19
N SER Q 245 33.13 -25.97 27.61
CA SER Q 245 32.47 -24.67 27.61
C SER Q 245 31.29 -24.65 26.64
N LEU Q 246 31.45 -25.27 25.48
CA LEU Q 246 30.35 -25.52 24.57
C LEU Q 246 30.68 -26.73 23.74
N PHE Q 247 29.65 -27.35 23.17
CA PHE Q 247 29.89 -28.40 22.19
C PHE Q 247 28.88 -28.37 21.05
N PHE Q 248 28.16 -27.27 20.85
CA PHE Q 248 27.17 -27.12 19.79
C PHE Q 248 26.78 -25.66 19.68
N TYR Q 249 26.79 -25.07 18.47
CA TYR Q 249 26.46 -23.65 18.39
C TYR Q 249 25.94 -23.28 17.01
N LEU Q 250 25.04 -22.29 16.99
CA LEU Q 250 24.44 -21.76 15.77
C LEU Q 250 24.26 -20.26 15.93
N ARG Q 251 24.37 -19.52 14.82
CA ARG Q 251 24.21 -18.07 14.88
C ARG Q 251 23.85 -17.53 13.50
N ARG Q 252 23.01 -16.51 13.47
CA ARG Q 252 22.75 -15.67 12.29
C ARG Q 252 22.55 -14.24 12.76
N GLU Q 253 23.09 -13.28 12.03
CA GLU Q 253 22.83 -11.88 12.33
C GLU Q 253 23.03 -11.02 11.10
N GLN Q 254 22.42 -9.84 11.12
CA GLN Q 254 22.44 -8.91 10.00
C GLN Q 254 22.19 -7.50 10.52
N MET Q 255 22.64 -6.51 9.73
CA MET Q 255 22.61 -5.11 10.14
C MET Q 255 22.92 -4.24 8.93
N PHE Q 256 22.34 -3.04 8.90
CA PHE Q 256 22.73 -2.03 7.92
C PHE Q 256 22.39 -0.65 8.44
N VAL Q 257 23.08 0.36 7.90
CA VAL Q 257 22.99 1.73 8.37
C VAL Q 257 21.70 2.38 7.87
N ARG Q 258 21.05 3.14 8.73
CA ARG Q 258 19.89 3.92 8.33
C ARG Q 258 20.19 5.42 8.27
N HIS Q 259 20.81 5.99 9.29
CA HIS Q 259 21.09 7.41 9.29
C HIS Q 259 22.48 7.67 9.84
N LEU Q 260 22.98 8.88 9.58
CA LEU Q 260 24.34 9.28 9.91
C LEU Q 260 24.28 10.60 10.67
N PHE Q 261 25.00 10.69 11.79
CA PHE Q 261 24.87 11.82 12.70
C PHE Q 261 26.25 12.30 13.17
N ASN Q 262 26.23 13.31 14.04
CA ASN Q 262 27.43 13.88 14.65
C ASN Q 262 27.38 13.74 16.16
N ARG Q 263 28.56 13.75 16.78
CA ARG Q 263 28.66 13.82 18.23
C ARG Q 263 28.79 15.28 18.64
N ALA Q 264 27.89 15.73 19.52
CA ALA Q 264 27.90 17.12 19.98
C ALA Q 264 28.68 17.21 21.30
N GLY Q 265 29.99 17.10 21.17
CA GLY Q 265 30.85 17.15 22.33
C GLY Q 265 32.17 17.78 21.95
N ALA Q 266 33.04 17.95 22.95
CA ALA Q 266 34.32 18.61 22.74
C ALA Q 266 35.23 17.76 21.87
N VAL Q 267 35.85 18.40 20.89
CA VAL Q 267 36.79 17.71 20.03
C VAL Q 267 38.04 17.39 20.85
N GLY Q 268 38.19 16.13 21.22
CA GLY Q 268 39.29 15.75 22.10
C GLY Q 268 40.62 15.74 21.37
N GLU Q 269 40.63 15.26 20.14
CA GLU Q 269 41.83 15.21 19.31
C GLU Q 269 41.51 15.90 17.99
N ASN Q 270 42.15 17.04 17.75
CA ASN Q 270 41.94 17.74 16.50
C ASN Q 270 42.67 17.05 15.37
N VAL Q 271 42.20 17.28 14.15
CA VAL Q 271 42.87 16.70 12.98
C VAL Q 271 44.16 17.47 12.71
N PRO Q 272 45.26 16.80 12.37
CA PRO Q 272 46.48 17.52 11.98
C PRO Q 272 46.25 18.31 10.71
N ASP Q 273 46.73 19.55 10.69
CA ASP Q 273 46.31 20.52 9.69
C ASP Q 273 47.06 20.40 8.37
N ASP Q 274 47.85 19.36 8.17
CA ASP Q 274 48.33 19.07 6.83
C ASP Q 274 47.34 18.24 6.03
N LEU Q 275 46.28 17.75 6.66
CA LEU Q 275 45.28 16.95 5.97
C LEU Q 275 44.17 17.78 5.34
N TYR Q 276 44.24 19.11 5.43
CA TYR Q 276 43.23 19.95 4.80
C TYR Q 276 43.87 21.30 4.47
N ILE Q 277 43.04 22.21 3.97
CA ILE Q 277 43.42 23.58 3.69
C ILE Q 277 42.47 24.48 4.47
N LYS Q 278 43.03 25.42 5.24
CA LYS Q 278 42.20 26.28 6.08
C LYS Q 278 41.40 27.25 5.23
N GLY Q 279 40.12 27.38 5.56
CA GLY Q 279 39.22 28.28 4.87
C GLY Q 279 39.18 29.64 5.49
N SER Q 280 38.07 30.34 5.29
CA SER Q 280 37.86 31.65 5.89
C SER Q 280 36.38 31.91 6.04
N GLY Q 281 36.06 32.94 6.83
CA GLY Q 281 34.70 33.37 7.02
C GLY Q 281 33.84 32.38 7.79
N SER Q 282 32.85 31.80 7.10
CA SER Q 282 31.95 30.85 7.74
C SER Q 282 32.66 29.54 8.06
N THR Q 283 33.63 29.15 7.25
CA THR Q 283 34.30 27.87 7.39
C THR Q 283 35.70 28.00 7.98
N ALA Q 284 35.97 29.08 8.70
CA ALA Q 284 37.23 29.18 9.41
C ALA Q 284 37.26 28.30 10.64
N ASN Q 285 36.11 27.86 11.12
CA ASN Q 285 36.01 26.98 12.27
C ASN Q 285 35.56 25.60 11.80
N LEU Q 286 36.26 24.57 12.29
CA LEU Q 286 36.00 23.22 11.84
C LEU Q 286 34.78 22.64 12.57
N ALA Q 287 33.97 21.90 11.83
CA ALA Q 287 32.87 21.18 12.44
C ALA Q 287 33.39 19.95 13.19
N SER Q 288 32.49 19.23 13.84
CA SER Q 288 32.89 18.11 14.69
C SER Q 288 33.42 16.96 13.86
N SER Q 289 34.54 16.39 14.29
CA SER Q 289 35.19 15.30 13.60
C SER Q 289 34.76 13.93 14.12
N ASN Q 290 33.63 13.85 14.80
CA ASN Q 290 33.12 12.59 15.31
C ASN Q 290 31.74 12.30 14.74
N TYR Q 291 31.63 11.17 14.05
CA TYR Q 291 30.37 10.69 13.51
C TYR Q 291 30.06 9.33 14.11
N PHE Q 292 28.79 8.94 14.02
CA PHE Q 292 28.37 7.65 14.51
C PHE Q 292 27.12 7.26 13.72
N PRO Q 293 26.95 5.99 13.38
CA PRO Q 293 25.76 5.59 12.64
C PRO Q 293 24.65 5.12 13.57
N THR Q 294 23.44 5.17 13.04
CA THR Q 294 22.30 4.58 13.73
C THR Q 294 21.93 3.28 13.04
N PRO Q 295 22.24 2.14 13.63
CA PRO Q 295 21.96 0.87 12.96
C PRO Q 295 20.47 0.57 12.94
N SER Q 296 20.13 -0.46 12.17
CA SER Q 296 18.73 -0.86 11.99
C SER Q 296 18.72 -2.26 11.41
N GLY Q 297 17.88 -3.12 11.97
CA GLY Q 297 17.77 -4.46 11.43
C GLY Q 297 17.01 -4.49 10.13
N SER Q 298 17.26 -5.54 9.38
CA SER Q 298 16.58 -5.76 8.11
C SER Q 298 15.29 -6.54 8.35
N MET Q 299 14.73 -7.09 7.29
CA MET Q 299 13.46 -7.80 7.37
C MET Q 299 13.59 -9.09 8.16
N VAL Q 300 12.65 -9.33 9.06
CA VAL Q 300 12.57 -10.61 9.73
C VAL Q 300 11.67 -11.54 8.91
N THR Q 301 12.04 -12.80 8.83
CA THR Q 301 11.35 -13.76 7.99
C THR Q 301 11.03 -15.02 8.78
N SER Q 302 10.40 -15.97 8.12
CA SER Q 302 10.06 -17.23 8.77
C SER Q 302 10.93 -18.39 8.32
N ASP Q 303 11.73 -18.23 7.27
CA ASP Q 303 12.63 -19.31 6.89
C ASP Q 303 13.88 -19.32 7.75
N ALA Q 304 14.34 -18.15 8.18
CA ALA Q 304 15.58 -18.00 8.91
C ALA Q 304 15.44 -18.20 10.41
N GLN Q 305 14.37 -18.88 10.84
CA GLN Q 305 14.24 -19.21 12.25
C GLN Q 305 15.24 -20.30 12.63
N ILE Q 306 15.80 -20.18 13.82
CA ILE Q 306 16.72 -21.18 14.34
C ILE Q 306 15.99 -22.14 15.27
N PHE Q 307 14.90 -21.72 15.89
CA PHE Q 307 14.24 -22.51 16.91
C PHE Q 307 13.17 -23.42 16.31
N ASN Q 308 12.50 -24.17 17.18
CA ASN Q 308 11.45 -25.14 16.85
C ASN Q 308 11.95 -26.22 15.88
N LYS Q 309 13.22 -26.60 15.98
CA LYS Q 309 13.79 -27.61 15.10
C LYS Q 309 14.71 -28.54 15.89
N PRO Q 310 14.61 -29.85 15.69
CA PRO Q 310 15.50 -30.77 16.41
C PRO Q 310 16.95 -30.65 16.01
N TYR Q 311 17.82 -30.72 17.01
CA TYR Q 311 19.25 -30.78 16.84
C TYR Q 311 19.74 -32.06 17.50
N TRP Q 312 20.21 -33.00 16.70
CA TRP Q 312 20.67 -34.28 17.21
C TRP Q 312 22.18 -34.28 17.27
N LEU Q 313 22.72 -34.54 18.45
CA LEU Q 313 24.15 -34.49 18.68
C LEU Q 313 24.74 -35.88 18.51
N GLN Q 314 25.69 -36.01 17.59
CA GLN Q 314 26.46 -37.23 17.45
C GLN Q 314 27.95 -36.98 17.33
N ARG Q 315 28.37 -35.72 17.25
CA ARG Q 315 29.78 -35.37 17.21
C ARG Q 315 29.93 -33.99 17.81
N ALA Q 316 30.96 -33.81 18.64
CA ALA Q 316 31.22 -32.53 19.26
C ALA Q 316 32.67 -32.11 19.00
N GLN Q 317 32.86 -30.81 18.83
CA GLN Q 317 34.17 -30.25 18.52
C GLN Q 317 35.08 -30.16 19.73
N GLY Q 318 34.58 -30.44 20.92
CA GLY Q 318 35.45 -30.71 22.05
C GLY Q 318 35.74 -32.19 22.15
N HIS Q 319 36.52 -32.55 23.16
CA HIS Q 319 36.64 -33.95 23.48
C HIS Q 319 35.46 -34.45 24.29
N ASN Q 320 34.69 -33.54 24.88
CA ASN Q 320 33.48 -33.90 25.60
C ASN Q 320 32.39 -34.26 24.59
N ASN Q 321 31.90 -35.49 24.67
CA ASN Q 321 30.79 -35.89 23.79
C ASN Q 321 29.45 -35.64 24.45
N GLY Q 322 29.24 -34.42 24.93
CA GLY Q 322 27.99 -34.04 25.54
C GLY Q 322 27.73 -34.62 26.91
N ILE Q 323 28.77 -35.15 27.57
CA ILE Q 323 28.60 -35.75 28.88
C ILE Q 323 28.42 -34.65 29.91
N CYS Q 324 27.32 -34.73 30.67
CA CYS Q 324 27.02 -33.76 31.71
C CYS Q 324 27.67 -34.22 33.01
N TRP Q 325 28.87 -33.71 33.30
CA TRP Q 325 29.52 -34.03 34.56
C TRP Q 325 28.84 -33.32 35.71
N GLY Q 326 28.59 -34.06 36.79
CA GLY Q 326 27.98 -33.46 37.96
C GLY Q 326 26.51 -33.21 37.86
N ASN Q 327 25.85 -33.76 36.82
CA ASN Q 327 24.40 -33.66 36.59
C ASN Q 327 23.96 -32.20 36.48
N GLN Q 328 24.65 -31.47 35.61
CA GLN Q 328 24.39 -30.05 35.40
C GLN Q 328 24.47 -29.78 33.90
N LEU Q 329 23.70 -28.80 33.44
CA LEU Q 329 23.64 -28.51 32.01
C LEU Q 329 23.23 -27.06 31.82
N PHE Q 330 23.79 -26.42 30.79
CA PHE Q 330 23.54 -25.01 30.52
C PHE Q 330 23.05 -24.83 29.09
N VAL Q 331 22.11 -23.90 28.90
CA VAL Q 331 21.56 -23.56 27.60
C VAL Q 331 21.45 -22.04 27.51
N THR Q 332 22.11 -21.45 26.53
CA THR Q 332 22.08 -20.01 26.30
C THR Q 332 21.25 -19.73 25.05
N VAL Q 333 20.33 -18.77 25.13
CA VAL Q 333 19.41 -18.48 24.03
C VAL Q 333 19.28 -16.96 23.90
N VAL Q 334 19.50 -16.45 22.69
CA VAL Q 334 19.15 -15.07 22.35
C VAL Q 334 18.29 -15.10 21.09
N ASP Q 335 17.26 -14.27 21.04
CA ASP Q 335 16.66 -13.93 19.76
C ASP Q 335 16.30 -12.45 19.76
N THR Q 336 16.10 -11.92 18.56
CA THR Q 336 15.65 -10.55 18.40
C THR Q 336 14.49 -10.47 17.42
N THR Q 337 13.98 -11.61 16.95
CA THR Q 337 12.87 -11.61 16.01
C THR Q 337 11.53 -11.45 16.69
N ARG Q 338 11.43 -11.82 17.97
CA ARG Q 338 10.16 -11.82 18.69
C ARG Q 338 10.17 -10.80 19.82
N SER Q 339 10.68 -9.60 19.52
CA SER Q 339 10.94 -8.60 20.53
C SER Q 339 9.96 -7.43 20.49
N THR Q 340 8.69 -7.71 20.16
CA THR Q 340 7.72 -6.63 20.09
C THR Q 340 7.35 -6.14 21.49
N ASN Q 341 6.87 -4.89 21.55
CA ASN Q 341 6.61 -4.22 22.82
C ASN Q 341 5.21 -3.62 22.77
N MET Q 342 4.27 -4.27 23.44
CA MET Q 342 2.90 -3.79 23.44
C MET Q 342 2.75 -2.62 24.39
N SER Q 343 1.86 -1.69 24.03
CA SER Q 343 1.57 -0.52 24.84
C SER Q 343 0.12 -0.53 25.25
N LEU Q 344 -0.15 -0.17 26.50
CA LEU Q 344 -1.49 -0.21 27.07
C LEU Q 344 -1.81 1.13 27.74
N CYS Q 345 -3.10 1.42 27.86
CA CYS Q 345 -3.52 2.56 28.67
C CYS Q 345 -4.51 2.08 29.72
N ALA Q 346 -4.93 3.02 30.55
CA ALA Q 346 -5.98 2.84 31.54
C ALA Q 346 -6.54 4.21 31.85
N ALA Q 347 -7.85 4.36 31.79
CA ALA Q 347 -8.44 5.68 31.99
C ALA Q 347 -8.42 6.05 33.46
N ILE Q 348 -8.50 7.36 33.71
CA ILE Q 348 -8.59 7.87 35.07
C ILE Q 348 -9.97 8.46 35.37
N SER Q 349 -10.75 8.80 34.35
CA SER Q 349 -12.10 9.33 34.55
C SER Q 349 -12.92 8.94 33.33
N THR Q 350 -13.84 8.00 33.50
CA THR Q 350 -14.56 7.41 32.38
C THR Q 350 -15.89 8.11 32.11
N SER Q 351 -15.98 9.41 32.38
CA SER Q 351 -17.24 10.14 32.24
C SER Q 351 -17.31 10.98 30.98
N GLU Q 352 -16.38 11.91 30.81
CA GLU Q 352 -16.51 12.95 29.80
C GLU Q 352 -16.16 12.42 28.41
N THR Q 353 -17.02 12.73 27.44
CA THR Q 353 -16.84 12.31 26.06
C THR Q 353 -15.72 13.04 25.34
N THR Q 354 -15.23 14.15 25.88
CA THR Q 354 -14.14 14.88 25.24
C THR Q 354 -12.83 14.15 25.46
N TYR Q 355 -12.07 13.97 24.38
CA TYR Q 355 -10.76 13.34 24.45
C TYR Q 355 -9.76 14.33 25.02
N LYS Q 356 -9.26 14.07 26.22
CA LYS Q 356 -8.27 14.91 26.85
C LYS Q 356 -7.01 14.12 27.10
N ASN Q 357 -5.86 14.73 26.81
CA ASN Q 357 -4.58 14.02 26.89
C ASN Q 357 -4.16 13.75 28.32
N THR Q 358 -4.75 14.43 29.29
CA THR Q 358 -4.44 14.20 30.69
C THR Q 358 -5.31 13.12 31.32
N ASN Q 359 -6.23 12.54 30.57
CA ASN Q 359 -7.20 11.60 31.09
C ASN Q 359 -6.71 10.15 31.09
N PHE Q 360 -5.52 9.88 30.54
CA PHE Q 360 -5.04 8.51 30.37
C PHE Q 360 -3.56 8.43 30.68
N LYS Q 361 -3.19 7.48 31.53
CA LYS Q 361 -1.78 7.18 31.77
C LYS Q 361 -1.31 6.12 30.77
N GLU Q 362 0.01 6.02 30.59
CA GLU Q 362 0.54 5.14 29.57
C GLU Q 362 1.74 4.36 30.10
N TYR Q 363 1.82 3.10 29.69
CA TYR Q 363 2.86 2.18 30.16
C TYR Q 363 3.31 1.32 28.99
N LEU Q 364 4.47 0.69 29.15
CA LEU Q 364 4.99 -0.26 28.18
C LEU Q 364 5.19 -1.61 28.86
N ARG Q 365 4.82 -2.68 28.16
CA ARG Q 365 4.98 -4.03 28.68
C ARG Q 365 5.50 -4.94 27.57
N HIS Q 366 6.14 -6.03 27.97
CA HIS Q 366 6.77 -6.94 27.02
C HIS Q 366 6.87 -8.31 27.65
N GLY Q 367 6.63 -9.34 26.86
CA GLY Q 367 6.57 -10.70 27.38
C GLY Q 367 7.31 -11.67 26.49
N GLU Q 368 7.87 -12.69 27.13
CA GLU Q 368 8.56 -13.79 26.46
C GLU Q 368 7.73 -15.05 26.55
N GLU Q 369 8.33 -16.15 26.12
CA GLU Q 369 7.79 -17.51 26.22
C GLU Q 369 8.91 -18.47 25.85
N TYR Q 370 8.98 -19.62 26.52
CA TYR Q 370 10.05 -20.56 26.22
C TYR Q 370 9.55 -21.99 26.42
N ASP Q 371 10.37 -22.93 25.97
CA ASP Q 371 10.18 -24.36 26.13
C ASP Q 371 11.50 -25.05 25.84
N LEU Q 372 11.85 -26.02 26.68
CA LEU Q 372 13.00 -26.87 26.45
C LEU Q 372 12.54 -28.32 26.50
N GLN Q 373 13.09 -29.14 25.61
CA GLN Q 373 12.77 -30.57 25.58
C GLN Q 373 14.04 -31.32 25.23
N PHE Q 374 14.49 -32.18 26.14
CA PHE Q 374 15.75 -32.89 25.97
C PHE Q 374 15.50 -34.37 25.75
N ILE Q 375 16.58 -35.07 25.42
CA ILE Q 375 16.64 -36.53 25.39
C ILE Q 375 17.99 -36.92 25.97
N PHE Q 376 18.00 -37.76 26.99
CA PHE Q 376 19.25 -38.18 27.61
C PHE Q 376 19.50 -39.66 27.38
N GLN Q 377 20.68 -40.10 27.78
CA GLN Q 377 21.11 -41.47 27.57
C GLN Q 377 22.05 -41.86 28.70
N LEU Q 378 21.87 -43.05 29.23
CA LEU Q 378 22.60 -43.49 30.41
C LEU Q 378 23.95 -44.10 30.02
N CYS Q 379 25.00 -43.69 30.71
CA CYS Q 379 26.36 -44.11 30.38
C CYS Q 379 27.10 -44.54 31.64
N LYS Q 380 27.92 -45.58 31.51
CA LYS Q 380 28.65 -46.16 32.63
C LYS Q 380 30.14 -45.92 32.47
N ILE Q 381 30.84 -45.90 33.60
CA ILE Q 381 32.29 -45.66 33.65
C ILE Q 381 32.92 -46.74 34.53
N THR Q 382 33.87 -47.49 33.98
CA THR Q 382 34.61 -48.48 34.75
C THR Q 382 35.83 -47.81 35.38
N LEU Q 383 35.97 -47.94 36.70
CA LEU Q 383 36.99 -47.22 37.44
C LEU Q 383 38.21 -48.11 37.67
N THR Q 384 39.36 -47.68 37.15
CA THR Q 384 40.67 -48.24 37.44
C THR Q 384 41.57 -47.04 37.77
N ALA Q 385 42.77 -47.32 38.28
CA ALA Q 385 43.64 -46.26 38.80
C ALA Q 385 44.07 -45.26 37.72
N ASP Q 386 44.36 -45.76 36.51
CA ASP Q 386 44.66 -44.86 35.40
C ASP Q 386 43.42 -44.10 34.96
N VAL Q 387 42.25 -44.71 35.04
CA VAL Q 387 41.01 -43.97 34.85
C VAL Q 387 40.78 -43.02 36.01
N MET Q 388 41.18 -43.42 37.21
CA MET Q 388 41.01 -42.56 38.38
C MET Q 388 41.97 -41.39 38.36
N THR Q 389 43.16 -41.58 37.79
CA THR Q 389 44.11 -40.48 37.72
C THR Q 389 43.67 -39.42 36.72
N TYR Q 390 43.08 -39.86 35.60
CA TYR Q 390 42.73 -38.95 34.54
C TYR Q 390 41.58 -38.03 34.93
N ILE Q 391 40.52 -38.60 35.49
CA ILE Q 391 39.37 -37.77 35.87
C ILE Q 391 39.66 -36.96 37.13
N HIS Q 392 40.70 -37.28 37.88
CA HIS Q 392 41.08 -36.43 39.00
C HIS Q 392 41.80 -35.18 38.52
N SER Q 393 42.63 -35.30 37.48
CA SER Q 393 43.35 -34.15 36.96
C SER Q 393 42.47 -33.25 36.13
N MET Q 394 41.34 -33.74 35.65
CA MET Q 394 40.38 -32.87 34.95
C MET Q 394 39.65 -31.99 35.94
N ASN Q 395 38.93 -32.60 36.88
CA ASN Q 395 38.16 -31.86 37.88
C ASN Q 395 38.04 -32.73 39.12
N SER Q 396 38.25 -32.11 40.28
CA SER Q 396 38.19 -32.87 41.52
C SER Q 396 36.78 -32.98 42.08
N THR Q 397 35.98 -31.93 41.95
CA THR Q 397 34.68 -31.86 42.60
C THR Q 397 33.65 -32.81 42.00
N ILE Q 398 33.92 -33.39 40.83
CA ILE Q 398 33.03 -34.42 40.31
C ILE Q 398 33.25 -35.77 40.98
N LEU Q 399 34.33 -35.91 41.76
CA LEU Q 399 34.51 -37.11 42.56
C LEU Q 399 33.80 -37.03 43.90
N GLU Q 400 33.63 -35.82 44.44
CA GLU Q 400 32.85 -35.65 45.66
C GLU Q 400 31.35 -35.51 45.39
N ASP Q 401 30.95 -35.17 44.16
CA ASP Q 401 29.52 -35.19 43.86
C ASP Q 401 29.02 -36.60 43.60
N TRP Q 402 29.82 -37.43 42.94
CA TRP Q 402 29.67 -38.87 43.12
C TRP Q 402 30.06 -39.23 44.54
N ASN Q 403 29.78 -40.47 44.93
CA ASN Q 403 30.55 -40.79 46.11
C ASN Q 403 31.83 -41.47 45.71
N PHE Q 404 31.77 -42.78 45.40
CA PHE Q 404 32.88 -43.75 45.30
C PHE Q 404 33.63 -43.93 46.64
N GLY Q 405 33.37 -43.07 47.63
CA GLY Q 405 33.93 -43.15 48.95
C GLY Q 405 35.21 -42.36 49.08
N LEU Q 406 35.17 -41.20 49.73
CA LEU Q 406 36.35 -40.37 49.86
C LEU Q 406 36.81 -40.32 51.32
N GLN Q 407 37.54 -41.35 51.77
CA GLN Q 407 38.33 -41.04 52.95
C GLN Q 407 39.69 -40.43 52.60
N PRO Q 408 40.57 -41.03 51.79
CA PRO Q 408 41.86 -40.36 51.51
C PRO Q 408 41.87 -39.59 50.19
N PRO Q 409 41.94 -38.26 50.23
CA PRO Q 409 42.65 -37.53 49.18
C PRO Q 409 44.02 -37.09 49.67
N PRO Q 410 45.03 -37.97 49.72
CA PRO Q 410 46.33 -37.55 50.29
C PRO Q 410 47.03 -36.48 49.48
N GLY Q 411 47.01 -36.59 48.16
CA GLY Q 411 47.35 -35.50 47.26
C GLY Q 411 48.79 -35.03 47.33
N GLY Q 412 49.71 -35.91 47.73
CA GLY Q 412 51.08 -35.50 47.94
C GLY Q 412 51.20 -34.61 49.16
N THR Q 413 50.68 -35.10 50.29
CA THR Q 413 50.71 -34.34 51.54
C THR Q 413 52.14 -34.19 52.04
N LEU Q 414 53.01 -35.15 51.71
CA LEU Q 414 54.40 -35.12 52.15
C LEU Q 414 55.17 -33.95 51.54
N GLU Q 415 55.86 -33.21 52.40
CA GLU Q 415 56.54 -31.98 52.03
C GLU Q 415 57.99 -32.05 52.49
N ASP Q 416 58.74 -30.97 52.23
CA ASP Q 416 60.15 -30.92 52.58
C ASP Q 416 60.39 -30.04 53.80
N THR Q 417 60.14 -30.62 54.98
CA THR Q 417 60.56 -30.13 56.28
C THR Q 417 60.07 -28.71 56.61
N TYR Q 418 58.76 -28.57 56.82
CA TYR Q 418 58.18 -27.34 57.36
C TYR Q 418 58.41 -27.30 58.86
N ARG Q 419 58.84 -26.17 59.38
CA ARG Q 419 58.99 -26.00 60.82
C ARG Q 419 57.71 -25.40 61.38
N PHE Q 420 57.28 -25.87 62.55
CA PHE Q 420 56.15 -25.26 63.21
C PHE Q 420 56.31 -25.31 64.73
N VAL Q 421 55.68 -24.32 65.37
CA VAL Q 421 55.89 -23.96 66.77
C VAL Q 421 54.53 -24.11 67.46
N THR Q 422 54.55 -24.21 68.79
CA THR Q 422 53.31 -23.98 69.54
C THR Q 422 53.00 -22.49 69.54
N SER Q 423 51.81 -22.13 69.07
CA SER Q 423 51.55 -20.77 68.62
C SER Q 423 51.10 -19.88 69.78
N GLN Q 424 50.58 -18.69 69.42
CA GLN Q 424 50.09 -17.66 70.34
C GLN Q 424 51.14 -17.25 71.36
N ALA Q 425 52.30 -16.84 70.84
CA ALA Q 425 53.48 -16.52 71.62
C ALA Q 425 54.27 -15.45 70.87
N ILE Q 426 55.57 -15.36 71.13
CA ILE Q 426 56.39 -14.40 70.40
C ILE Q 426 56.59 -14.84 68.95
N ALA Q 427 56.45 -16.13 68.66
CA ALA Q 427 56.56 -16.59 67.28
C ALA Q 427 55.34 -16.16 66.46
N CYS Q 428 55.59 -15.71 65.23
CA CYS Q 428 54.54 -15.23 64.34
C CYS Q 428 54.36 -16.20 63.17
N GLN Q 429 53.10 -16.44 62.79
CA GLN Q 429 52.77 -17.40 61.75
C GLN Q 429 52.21 -16.69 60.53
N LYS Q 430 52.31 -17.36 59.37
CA LYS Q 430 52.15 -16.64 58.11
C LYS Q 430 50.72 -16.68 57.59
N HIS Q 431 49.95 -17.73 57.92
CA HIS Q 431 48.58 -17.83 57.45
C HIS Q 431 47.76 -18.65 58.43
N THR Q 432 46.70 -18.03 58.97
CA THR Q 432 45.76 -18.86 59.73
C THR Q 432 44.55 -19.45 58.96
N PRO Q 433 43.63 -18.68 58.36
CA PRO Q 433 42.28 -19.25 58.11
C PRO Q 433 42.10 -19.83 56.71
N PRO Q 434 41.53 -21.06 56.61
CA PRO Q 434 41.15 -21.60 55.30
C PRO Q 434 39.67 -21.46 54.94
N ALA Q 435 39.36 -21.11 53.67
CA ALA Q 435 38.00 -21.15 53.13
C ALA Q 435 38.04 -21.17 51.60
N PRO Q 436 38.04 -22.37 50.97
CA PRO Q 436 38.14 -22.41 49.50
C PRO Q 436 36.85 -22.45 48.69
N LYS Q 437 35.83 -21.65 49.06
CA LYS Q 437 34.64 -21.34 48.24
C LYS Q 437 33.93 -22.60 47.73
N GLU Q 438 33.29 -23.31 48.66
CA GLU Q 438 32.64 -24.59 48.33
C GLU Q 438 31.48 -24.46 47.34
N ASP Q 439 30.93 -23.26 47.16
CA ASP Q 439 30.01 -23.01 46.05
C ASP Q 439 30.74 -22.14 45.03
N PRO Q 440 31.34 -22.73 43.98
CA PRO Q 440 32.14 -21.94 43.04
C PRO Q 440 31.34 -21.15 42.02
N LEU Q 441 30.02 -21.07 42.14
CA LEU Q 441 29.23 -20.32 41.18
C LEU Q 441 28.06 -19.56 41.83
N LYS Q 442 28.07 -19.40 43.15
CA LYS Q 442 26.91 -18.80 43.84
C LYS Q 442 26.78 -17.31 43.57
N LYS Q 443 27.87 -16.63 43.22
CA LYS Q 443 27.79 -15.21 42.98
C LYS Q 443 27.09 -14.90 41.66
N TYR Q 444 27.17 -15.81 40.69
CA TYR Q 444 26.48 -15.63 39.42
C TYR Q 444 25.02 -15.94 39.61
N THR Q 445 24.16 -14.96 39.39
CA THR Q 445 22.72 -15.11 39.56
C THR Q 445 22.06 -15.12 38.19
N PHE Q 446 21.44 -16.24 37.83
CA PHE Q 446 20.81 -16.36 36.53
C PHE Q 446 19.65 -17.34 36.60
N TRP Q 447 19.02 -17.53 35.45
CA TRP Q 447 17.74 -18.23 35.36
C TRP Q 447 17.91 -19.72 35.66
N GLU Q 448 17.04 -20.24 36.50
CA GLU Q 448 17.18 -21.59 37.06
C GLU Q 448 15.99 -22.43 36.66
N VAL Q 449 16.26 -23.67 36.21
CA VAL Q 449 15.23 -24.60 35.79
C VAL Q 449 15.50 -25.94 36.45
N ASN Q 450 14.51 -26.46 37.17
CA ASN Q 450 14.61 -27.75 37.81
C ASN Q 450 13.89 -28.79 36.97
N LEU Q 451 14.58 -29.89 36.67
CA LEU Q 451 14.02 -30.99 35.91
C LEU Q 451 14.12 -32.31 36.68
N LYS Q 452 14.15 -32.25 38.00
CA LYS Q 452 14.30 -33.47 38.79
C LYS Q 452 13.03 -34.30 38.80
N GLU Q 453 11.89 -33.68 38.54
CA GLU Q 453 10.60 -34.35 38.61
C GLU Q 453 9.94 -34.49 37.24
N LYS Q 454 10.75 -34.49 36.17
CA LYS Q 454 10.19 -34.44 34.81
C LYS Q 454 10.72 -35.54 33.90
N PHE Q 455 11.47 -36.51 34.41
CA PHE Q 455 12.01 -37.55 33.55
C PHE Q 455 10.92 -38.57 33.19
N SER Q 456 11.18 -39.35 32.14
CA SER Q 456 10.17 -40.31 31.69
C SER Q 456 10.82 -41.43 30.91
N ALA Q 457 10.32 -42.65 31.11
CA ALA Q 457 10.90 -43.82 30.47
C ALA Q 457 10.43 -44.03 29.04
N ASP Q 458 9.15 -43.88 28.79
CA ASP Q 458 8.60 -44.07 27.45
C ASP Q 458 8.74 -42.79 26.66
N LEU Q 459 8.94 -42.94 25.35
CA LEU Q 459 9.24 -41.80 24.51
C LEU Q 459 8.11 -41.38 23.59
N ASP Q 460 7.23 -42.30 23.18
CA ASP Q 460 6.20 -41.98 22.20
C ASP Q 460 5.11 -41.07 22.75
N GLN Q 461 5.05 -40.86 24.07
CA GLN Q 461 4.04 -40.03 24.68
C GLN Q 461 4.44 -38.56 24.75
N PHE Q 462 5.38 -38.12 23.93
CA PHE Q 462 5.89 -36.76 24.03
C PHE Q 462 6.22 -36.24 22.65
N PRO Q 463 6.05 -34.93 22.41
CA PRO Q 463 6.16 -34.41 21.04
C PRO Q 463 7.56 -34.48 20.45
N LEU Q 464 8.62 -34.33 21.24
CA LEU Q 464 9.93 -34.60 20.70
C LEU Q 464 10.22 -36.08 20.61
N GLY Q 465 9.65 -36.86 21.53
CA GLY Q 465 10.08 -38.23 21.70
C GLY Q 465 9.75 -39.12 20.53
N ARG Q 466 8.65 -38.81 19.82
CA ARG Q 466 8.34 -39.57 18.62
C ARG Q 466 9.28 -39.18 17.48
N LYS Q 467 9.72 -37.92 17.45
CA LYS Q 467 10.67 -37.48 16.43
C LYS Q 467 12.02 -38.15 16.60
N PHE Q 468 12.34 -38.53 17.84
CA PHE Q 468 13.53 -39.34 18.07
C PHE Q 468 13.35 -40.74 17.51
N LEU Q 469 12.15 -41.30 17.62
CA LEU Q 469 11.94 -42.70 17.25
C LEU Q 469 11.97 -42.90 15.74
N LEU Q 470 11.80 -41.83 14.96
CA LEU Q 470 11.93 -41.94 13.52
C LEU Q 470 13.37 -42.20 13.09
N GLN Q 471 14.34 -41.83 13.93
CA GLN Q 471 15.73 -41.91 13.53
C GLN Q 471 16.26 -43.34 13.59
N ALA Q 472 15.96 -44.06 14.67
CA ALA Q 472 16.45 -45.41 14.83
C ALA Q 472 15.41 -46.47 14.49
N GLY Q 473 14.20 -46.08 14.16
CA GLY Q 473 13.13 -47.01 13.87
C GLY Q 473 12.22 -47.24 15.07
N LEU Q 474 10.96 -47.51 14.75
CA LEU Q 474 9.93 -47.75 15.77
C LEU Q 474 10.15 -49.13 16.36
N LYS Q 475 10.52 -49.18 17.64
CA LYS Q 475 10.62 -50.42 18.38
C LYS Q 475 9.38 -50.68 19.24
N ALA Q 476 8.42 -49.78 19.22
CA ALA Q 476 7.29 -49.84 20.15
C ALA Q 476 6.35 -50.98 19.81
N LYS Q 477 5.92 -51.70 20.83
CA LYS Q 477 5.13 -52.91 20.66
C LYS Q 477 3.67 -52.55 20.59
N PRO Q 478 2.92 -53.12 19.65
CA PRO Q 478 1.49 -52.77 19.53
C PRO Q 478 0.67 -53.36 20.66
N LYS Q 479 -0.26 -52.55 21.17
CA LYS Q 479 -1.18 -53.05 22.19
C LYS Q 479 -2.22 -53.97 21.56
N PHE Q 480 -2.68 -53.65 20.36
CA PHE Q 480 -3.70 -54.44 19.70
C PHE Q 480 -3.12 -55.12 18.45
N LEU R 3 14.64 -55.08 68.08
CA LEU R 3 15.81 -55.63 67.40
C LEU R 3 15.81 -55.26 65.92
N TRP R 4 14.66 -54.93 65.37
CA TRP R 4 14.54 -54.54 63.96
C TRP R 4 14.26 -53.04 63.92
N LEU R 5 14.97 -52.33 63.04
CA LEU R 5 14.94 -50.87 63.07
C LEU R 5 14.82 -50.28 61.67
N PRO R 6 14.21 -49.10 61.54
CA PRO R 6 14.09 -48.47 60.22
C PRO R 6 15.41 -47.96 59.66
N SER R 7 15.45 -47.81 58.33
CA SER R 7 16.69 -47.44 57.65
C SER R 7 16.62 -46.05 57.04
N GLU R 8 15.52 -45.74 56.34
CA GLU R 8 15.11 -44.38 55.96
C GLU R 8 16.08 -43.59 55.07
N ALA R 9 16.22 -43.94 53.79
CA ALA R 9 16.93 -43.09 52.85
C ALA R 9 16.05 -42.74 51.65
N THR R 10 16.68 -42.17 50.63
CA THR R 10 16.01 -41.57 49.48
C THR R 10 16.48 -42.24 48.19
N VAL R 11 15.54 -42.69 47.37
CA VAL R 11 15.88 -43.44 46.15
C VAL R 11 14.73 -43.33 45.14
N TYR R 12 15.08 -43.29 43.86
CA TYR R 12 14.12 -43.12 42.77
C TYR R 12 13.61 -44.49 42.32
N LEU R 13 12.29 -44.67 42.38
CA LEU R 13 11.64 -45.96 42.13
C LEU R 13 10.67 -45.85 40.96
N PRO R 14 10.42 -46.95 40.23
CA PRO R 14 9.55 -46.88 39.04
C PRO R 14 8.12 -46.53 39.41
N PRO R 15 7.44 -45.74 38.57
CA PRO R 15 6.11 -45.26 38.94
C PRO R 15 5.02 -46.24 38.57
N VAL R 16 3.78 -45.84 38.84
CA VAL R 16 2.66 -46.64 38.38
C VAL R 16 2.51 -46.49 36.87
N PRO R 17 2.07 -47.51 36.14
CA PRO R 17 1.95 -47.36 34.69
C PRO R 17 0.71 -46.56 34.33
N VAL R 18 0.88 -45.68 33.35
CA VAL R 18 -0.22 -44.88 32.82
C VAL R 18 -0.70 -45.53 31.53
N SER R 19 -2.03 -45.55 31.35
CA SER R 19 -2.63 -46.15 30.16
C SER R 19 -2.25 -45.32 28.95
N LYS R 20 -1.32 -45.84 28.15
CA LYS R 20 -0.67 -45.06 27.12
C LYS R 20 -1.60 -44.83 25.93
N VAL R 21 -1.23 -43.87 25.11
CA VAL R 21 -1.94 -43.54 23.88
C VAL R 21 -1.22 -44.22 22.73
N VAL R 22 -1.94 -44.95 21.91
CA VAL R 22 -1.32 -45.67 20.80
C VAL R 22 -1.82 -45.08 19.49
N SER R 23 -1.01 -45.28 18.45
CA SER R 23 -1.26 -44.66 17.16
C SER R 23 -2.46 -45.29 16.47
N THR R 24 -3.07 -44.53 15.58
CA THR R 24 -4.34 -44.91 14.98
C THR R 24 -4.18 -46.04 13.97
N ASP R 25 -2.99 -46.24 13.40
CA ASP R 25 -2.79 -47.32 12.44
C ASP R 25 -2.86 -48.71 13.06
N GLU R 26 -2.96 -48.80 14.38
CA GLU R 26 -3.03 -50.08 15.07
C GLU R 26 -4.45 -50.63 15.11
N TYR R 27 -5.41 -49.83 15.56
CA TYR R 27 -6.77 -50.30 15.75
C TYR R 27 -7.73 -49.81 14.68
N VAL R 28 -7.20 -49.34 13.55
CA VAL R 28 -8.02 -48.88 12.44
C VAL R 28 -7.44 -49.49 11.17
N ALA R 29 -8.27 -50.24 10.45
CA ALA R 29 -7.84 -50.94 9.25
C ALA R 29 -8.21 -50.13 8.02
N ARG R 30 -7.26 -50.01 7.09
CA ARG R 30 -7.46 -49.18 5.91
C ARG R 30 -8.03 -50.01 4.77
N THR R 31 -9.04 -49.46 4.11
CA THR R 31 -9.74 -50.12 3.02
C THR R 31 -9.19 -49.66 1.68
N ASN R 32 -9.91 -50.00 0.60
CA ASN R 32 -9.43 -49.79 -0.75
C ASN R 32 -10.25 -48.77 -1.53
N ILE R 33 -11.22 -48.12 -0.89
CA ILE R 33 -12.22 -47.31 -1.58
C ILE R 33 -11.91 -45.84 -1.33
N TYR R 34 -11.71 -45.09 -2.41
CA TYR R 34 -11.35 -43.68 -2.33
C TYR R 34 -12.45 -42.84 -2.96
N TYR R 35 -12.86 -41.78 -2.27
CA TYR R 35 -13.90 -40.89 -2.76
C TYR R 35 -13.35 -39.48 -2.90
N HIS R 36 -14.04 -38.67 -3.69
CA HIS R 36 -13.68 -37.27 -3.92
C HIS R 36 -14.84 -36.38 -3.51
N ALA R 37 -14.53 -35.22 -2.95
CA ALA R 37 -15.56 -34.25 -2.60
C ALA R 37 -14.96 -32.86 -2.69
N GLY R 38 -15.64 -31.97 -3.41
CA GLY R 38 -15.16 -30.61 -3.53
C GLY R 38 -16.28 -29.60 -3.68
N THR R 39 -16.22 -28.52 -2.92
CA THR R 39 -17.23 -27.48 -2.99
C THR R 39 -17.08 -26.68 -4.28
N SER R 40 -18.13 -25.94 -4.61
CA SER R 40 -18.16 -25.16 -5.84
C SER R 40 -17.13 -24.03 -5.86
N ARG R 41 -17.38 -23.00 -5.05
CA ARG R 41 -16.51 -21.86 -4.77
C ARG R 41 -17.21 -21.04 -3.71
N LEU R 42 -16.44 -20.34 -2.88
CA LEU R 42 -16.99 -19.60 -1.76
C LEU R 42 -16.69 -18.12 -1.96
N LEU R 43 -17.72 -17.28 -1.90
CA LEU R 43 -17.59 -15.88 -2.22
C LEU R 43 -18.15 -15.04 -1.09
N ALA R 44 -17.57 -13.87 -0.89
CA ALA R 44 -17.97 -12.96 0.18
C ALA R 44 -17.60 -11.55 -0.18
N VAL R 45 -18.56 -10.64 -0.16
CA VAL R 45 -18.34 -9.22 -0.40
C VAL R 45 -18.75 -8.47 0.84
N GLY R 46 -17.89 -7.58 1.31
CA GLY R 46 -18.21 -6.81 2.50
C GLY R 46 -17.44 -5.53 2.57
N HIS R 47 -17.43 -4.94 3.75
CA HIS R 47 -16.68 -3.72 4.04
C HIS R 47 -15.40 -4.06 4.77
N PRO R 48 -14.27 -3.47 4.41
CA PRO R 48 -12.99 -3.94 4.96
C PRO R 48 -12.64 -3.42 6.35
N TYR R 49 -13.39 -2.47 6.89
CA TYR R 49 -13.00 -1.87 8.16
C TYR R 49 -13.95 -2.14 9.31
N PHE R 50 -15.23 -1.83 9.15
CA PHE R 50 -16.21 -1.95 10.23
C PHE R 50 -17.53 -2.45 9.66
N PRO R 51 -18.31 -3.19 10.43
CA PRO R 51 -19.64 -3.59 9.94
C PRO R 51 -20.59 -2.41 9.88
N ILE R 52 -21.43 -2.41 8.86
CA ILE R 52 -22.35 -1.31 8.59
C ILE R 52 -23.69 -1.62 9.24
N LYS R 53 -24.18 -0.69 10.07
CA LYS R 53 -25.48 -0.85 10.69
C LYS R 53 -26.23 0.48 10.67
N LYS R 54 -27.54 0.39 10.52
CA LYS R 54 -28.39 1.55 10.71
C LYS R 54 -28.43 1.91 12.19
N PRO R 55 -28.37 3.19 12.54
CA PRO R 55 -28.31 3.57 13.97
C PRO R 55 -29.59 3.27 14.76
N ASN R 56 -30.69 2.92 14.12
CA ASN R 56 -31.90 2.55 14.86
C ASN R 56 -31.84 1.12 15.36
N ASN R 57 -31.54 0.18 14.47
CA ASN R 57 -31.65 -1.24 14.76
C ASN R 57 -30.28 -1.84 15.02
N ASN R 58 -30.26 -3.16 15.22
CA ASN R 58 -29.04 -3.92 15.38
C ASN R 58 -28.79 -4.91 14.25
N LYS R 59 -29.75 -5.07 13.34
CA LYS R 59 -29.53 -5.91 12.16
C LYS R 59 -28.54 -5.24 11.23
N ILE R 60 -27.51 -5.96 10.83
CA ILE R 60 -26.40 -5.37 10.10
C ILE R 60 -26.78 -5.23 8.63
N LEU R 61 -26.41 -4.10 8.04
CA LEU R 61 -26.72 -3.84 6.65
C LEU R 61 -25.69 -4.51 5.73
N VAL R 62 -24.42 -4.15 5.89
CA VAL R 62 -23.33 -4.71 5.10
C VAL R 62 -22.38 -5.40 6.07
N PRO R 63 -22.10 -6.69 5.91
CA PRO R 63 -21.20 -7.38 6.84
C PRO R 63 -19.76 -6.94 6.65
N LYS R 64 -18.97 -7.18 7.70
CA LYS R 64 -17.56 -6.80 7.71
C LYS R 64 -16.74 -7.96 7.19
N VAL R 65 -16.17 -7.81 5.99
CA VAL R 65 -15.27 -8.78 5.41
C VAL R 65 -13.99 -8.06 5.06
N SER R 66 -12.87 -8.54 5.60
CA SER R 66 -11.56 -8.01 5.27
C SER R 66 -10.61 -9.15 5.03
N GLY R 67 -9.55 -8.86 4.27
CA GLY R 67 -8.53 -9.84 3.97
C GLY R 67 -7.52 -10.08 5.06
N LEU R 68 -7.82 -9.69 6.30
CA LEU R 68 -6.91 -9.87 7.42
C LEU R 68 -7.36 -10.93 8.40
N GLN R 69 -8.66 -11.09 8.59
CA GLN R 69 -9.19 -11.96 9.62
C GLN R 69 -9.00 -13.43 9.29
N TYR R 70 -9.29 -14.29 10.25
CA TYR R 70 -9.21 -15.72 10.04
C TYR R 70 -10.35 -16.20 9.17
N ARG R 71 -10.27 -17.48 8.79
CA ARG R 71 -11.35 -18.17 8.11
C ARG R 71 -11.34 -19.60 8.61
N VAL R 72 -12.41 -20.03 9.26
CA VAL R 72 -12.50 -21.37 9.82
C VAL R 72 -13.69 -22.06 9.16
N PHE R 73 -13.42 -23.13 8.42
CA PHE R 73 -14.43 -23.87 7.70
C PHE R 73 -14.80 -25.13 8.46
N ARG R 74 -16.10 -25.44 8.47
CA ARG R 74 -16.58 -26.70 9.03
C ARG R 74 -16.94 -27.60 7.87
N ILE R 75 -16.25 -28.72 7.76
CA ILE R 75 -16.55 -29.69 6.72
C ILE R 75 -17.45 -30.76 7.33
N HIS R 76 -18.63 -30.94 6.74
CA HIS R 76 -19.60 -31.92 7.22
C HIS R 76 -19.47 -33.17 6.36
N LEU R 77 -18.73 -34.13 6.83
CA LEU R 77 -18.70 -35.39 6.13
C LEU R 77 -20.00 -36.14 6.40
N PRO R 78 -20.59 -36.74 5.37
CA PRO R 78 -21.78 -37.56 5.59
C PRO R 78 -21.41 -38.92 6.12
N ASP R 79 -22.28 -39.48 6.93
CA ASP R 79 -21.94 -40.66 7.72
C ASP R 79 -21.91 -41.90 6.83
N PRO R 80 -20.84 -42.71 6.90
CA PRO R 80 -20.68 -43.80 5.94
C PRO R 80 -21.50 -45.05 6.22
N ASN R 81 -22.37 -45.04 7.22
CA ASN R 81 -23.20 -46.20 7.50
C ASN R 81 -24.50 -46.18 6.71
N LYS R 82 -24.65 -45.27 5.75
CA LYS R 82 -25.82 -45.21 4.89
C LYS R 82 -25.47 -45.18 3.41
N PHE R 83 -24.23 -45.52 3.04
CA PHE R 83 -23.77 -45.38 1.67
C PHE R 83 -23.56 -46.74 1.01
N GLY R 84 -23.82 -46.78 -0.29
CA GLY R 84 -23.66 -47.98 -1.08
C GLY R 84 -22.31 -48.04 -1.75
N PHE R 85 -21.49 -48.98 -1.31
CA PHE R 85 -20.16 -49.31 -1.79
C PHE R 85 -20.23 -50.52 -2.70
N PRO R 86 -19.53 -50.44 -3.86
CA PRO R 86 -19.91 -51.28 -5.00
C PRO R 86 -19.83 -52.79 -4.84
N ASP R 87 -18.63 -53.36 -4.68
CA ASP R 87 -18.46 -54.82 -4.77
C ASP R 87 -17.47 -55.31 -3.71
N THR R 88 -17.95 -55.60 -2.50
CA THR R 88 -17.28 -56.42 -1.49
C THR R 88 -18.29 -56.76 -0.40
N SER R 89 -18.21 -57.98 0.13
CA SER R 89 -18.94 -58.38 1.34
C SER R 89 -18.08 -58.17 2.58
N PHE R 90 -17.71 -56.90 2.79
CA PHE R 90 -16.69 -56.50 3.75
C PHE R 90 -17.24 -56.05 5.09
N TYR R 91 -18.43 -55.47 5.13
CA TYR R 91 -18.94 -54.78 6.31
C TYR R 91 -19.87 -55.69 7.08
N ASN R 92 -19.62 -55.80 8.39
CA ASN R 92 -20.49 -56.57 9.28
C ASN R 92 -21.05 -55.64 10.34
N PRO R 93 -22.37 -55.49 10.45
CA PRO R 93 -22.93 -54.46 11.36
C PRO R 93 -22.78 -54.76 12.83
N ASP R 94 -22.43 -56.00 13.21
CA ASP R 94 -22.21 -56.29 14.62
C ASP R 94 -20.87 -55.73 15.09
N THR R 95 -19.77 -56.23 14.52
CA THR R 95 -18.45 -56.05 15.09
C THR R 95 -17.59 -55.09 14.26
N GLN R 96 -18.22 -54.14 13.57
CA GLN R 96 -17.48 -53.20 12.74
C GLN R 96 -18.23 -51.89 12.65
N ARG R 97 -17.49 -50.80 12.44
CA ARG R 97 -18.06 -49.51 12.07
C ARG R 97 -17.16 -48.84 11.06
N LEU R 98 -17.69 -47.85 10.36
CA LEU R 98 -16.97 -47.18 9.29
C LEU R 98 -16.74 -45.72 9.63
N VAL R 99 -15.62 -45.18 9.14
CA VAL R 99 -15.21 -43.81 9.43
C VAL R 99 -14.30 -43.34 8.31
N TRP R 100 -14.31 -42.03 8.05
CA TRP R 100 -13.53 -41.45 6.97
C TRP R 100 -12.14 -41.03 7.44
N ALA R 101 -11.16 -41.17 6.56
CA ALA R 101 -9.84 -40.61 6.77
C ALA R 101 -9.55 -39.60 5.69
N CYS R 102 -8.61 -38.69 5.95
CA CYS R 102 -8.23 -37.67 4.98
C CYS R 102 -6.88 -38.00 4.39
N VAL R 103 -6.76 -37.89 3.08
CA VAL R 103 -5.55 -38.23 2.36
C VAL R 103 -4.91 -37.01 1.71
N GLY R 104 -5.69 -36.19 1.03
CA GLY R 104 -5.14 -35.05 0.34
C GLY R 104 -6.05 -33.84 0.34
N VAL R 105 -5.48 -32.66 0.56
CA VAL R 105 -6.21 -31.41 0.61
C VAL R 105 -5.58 -30.45 -0.40
N GLU R 106 -6.43 -29.73 -1.14
CA GLU R 106 -6.00 -28.62 -1.97
C GLU R 106 -6.95 -27.46 -1.75
N VAL R 107 -6.47 -26.40 -1.13
CA VAL R 107 -7.25 -25.19 -0.97
C VAL R 107 -6.84 -24.22 -2.07
N GLY R 108 -7.82 -23.56 -2.66
CA GLY R 108 -7.59 -22.71 -3.82
C GLY R 108 -8.12 -21.31 -3.62
N ARG R 109 -7.35 -20.33 -4.05
CA ARG R 109 -7.76 -18.94 -4.06
C ARG R 109 -7.70 -18.42 -5.49
N GLY R 110 -8.52 -17.42 -5.77
CA GLY R 110 -8.67 -16.97 -7.15
C GLY R 110 -8.82 -15.47 -7.33
N GLN R 111 -8.30 -14.73 -6.44
CA GLN R 111 -8.30 -13.31 -6.71
C GLN R 111 -6.91 -12.84 -7.10
N PRO R 112 -6.76 -11.76 -7.86
CA PRO R 112 -5.43 -11.29 -8.22
C PRO R 112 -4.69 -10.70 -7.02
N LEU R 113 -3.37 -10.76 -7.09
CA LEU R 113 -2.54 -10.35 -5.96
C LEU R 113 -2.58 -8.84 -5.78
N GLY R 114 -2.53 -8.42 -4.52
CA GLY R 114 -2.56 -7.00 -4.21
C GLY R 114 -2.48 -6.75 -2.72
N VAL R 115 -1.80 -5.67 -2.34
CA VAL R 115 -1.57 -5.37 -0.93
C VAL R 115 -2.61 -4.37 -0.47
N GLY R 116 -3.26 -4.65 0.65
CA GLY R 116 -4.21 -3.74 1.22
C GLY R 116 -3.55 -2.67 2.07
N ILE R 117 -4.39 -1.87 2.71
CA ILE R 117 -3.94 -0.65 3.37
C ILE R 117 -5.02 -0.25 4.36
N SER R 118 -4.60 0.32 5.49
CA SER R 118 -5.54 0.73 6.52
C SER R 118 -4.90 1.79 7.39
N GLY R 119 -5.73 2.49 8.13
CA GLY R 119 -5.25 3.49 9.04
C GLY R 119 -6.32 3.90 10.03
N HIS R 120 -6.15 5.10 10.57
CA HIS R 120 -7.10 5.67 11.49
C HIS R 120 -7.18 7.15 11.19
N PRO R 121 -8.37 7.76 11.27
CA PRO R 121 -8.43 9.22 11.16
C PRO R 121 -7.82 9.91 12.36
N LEU R 122 -7.79 9.24 13.51
CA LEU R 122 -7.34 9.81 14.77
C LEU R 122 -6.44 8.80 15.46
N LEU R 123 -5.14 9.08 15.53
CA LEU R 123 -4.18 8.18 16.13
C LEU R 123 -3.20 8.98 16.97
N ASN R 124 -2.75 8.37 18.08
CA ASN R 124 -1.81 9.03 18.99
C ASN R 124 -0.43 9.09 18.35
N LYS R 125 -0.02 10.27 17.92
CA LYS R 125 1.30 10.45 17.31
C LYS R 125 1.75 11.86 17.65
N LEU R 126 2.80 11.97 18.47
CA LEU R 126 3.26 13.29 18.89
C LEU R 126 4.14 13.93 17.82
N ASP R 127 5.23 13.28 17.46
CA ASP R 127 6.13 13.83 16.45
C ASP R 127 6.86 12.68 15.77
N ASP R 128 7.90 13.00 15.01
CA ASP R 128 8.80 11.97 14.54
C ASP R 128 9.95 11.80 15.52
N THR R 129 10.66 10.68 15.39
CA THR R 129 11.84 10.43 16.19
C THR R 129 13.00 9.90 15.34
N GLU R 130 12.75 9.62 14.05
CA GLU R 130 13.80 9.16 13.16
C GLU R 130 14.85 10.22 12.94
N ASN R 131 14.45 11.48 12.80
CA ASN R 131 15.39 12.58 12.65
C ASN R 131 14.72 13.86 13.15
N ALA R 132 15.18 14.35 14.29
CA ALA R 132 14.64 15.56 14.91
C ALA R 132 15.74 16.60 15.02
N SER R 133 15.45 17.81 14.51
CA SER R 133 16.43 18.88 14.53
C SER R 133 16.39 19.66 15.84
N ALA R 134 15.26 20.29 16.14
CA ALA R 134 15.09 21.05 17.36
C ALA R 134 14.27 20.24 18.36
N TYR R 135 14.20 20.73 19.59
CA TYR R 135 13.45 20.01 20.60
C TYR R 135 11.96 20.14 20.37
N ALA R 136 11.22 19.20 20.93
CA ALA R 136 9.80 19.06 20.66
C ALA R 136 9.00 20.20 21.30
N ALA R 137 7.79 20.38 20.80
CA ALA R 137 6.85 21.31 21.38
C ALA R 137 5.99 20.59 22.41
N ASN R 138 5.35 21.39 23.27
CA ASN R 138 4.42 20.83 24.25
C ASN R 138 3.16 20.34 23.55
N ALA R 139 2.44 19.45 24.23
CA ALA R 139 1.22 18.87 23.69
C ALA R 139 0.03 19.37 24.49
N GLY R 140 -0.95 19.94 23.78
CA GLY R 140 -2.14 20.43 24.44
C GLY R 140 -3.18 19.36 24.59
N VAL R 141 -4.37 19.62 24.05
CA VAL R 141 -5.46 18.65 24.03
C VAL R 141 -5.81 18.38 22.57
N ASP R 142 -6.19 17.13 22.27
CA ASP R 142 -6.56 16.65 20.94
C ASP R 142 -5.41 16.80 19.95
N ASN R 143 -4.34 16.06 20.24
CA ASN R 143 -3.15 16.02 19.42
C ASN R 143 -3.06 14.73 18.62
N ARG R 144 -4.17 14.30 18.03
CA ARG R 144 -4.22 13.09 17.24
C ARG R 144 -4.43 13.41 15.76
N GLU R 145 -3.61 12.79 14.91
CA GLU R 145 -3.58 13.01 13.47
C GLU R 145 -4.07 11.76 12.73
N CYS R 146 -4.04 11.80 11.41
CA CYS R 146 -4.49 10.69 10.56
C CYS R 146 -3.28 10.00 9.94
N ILE R 147 -3.04 8.75 10.34
CA ILE R 147 -1.88 7.98 9.89
C ILE R 147 -2.38 6.65 9.35
N SER R 148 -1.93 6.28 8.16
CA SER R 148 -2.24 4.97 7.58
C SER R 148 -0.98 4.13 7.48
N MET R 149 -1.17 2.83 7.31
CA MET R 149 -0.05 1.89 7.34
C MET R 149 -0.46 0.61 6.62
N ASP R 150 0.40 -0.40 6.70
CA ASP R 150 0.13 -1.72 6.18
C ASP R 150 0.65 -2.75 7.16
N TYR R 151 -0.02 -3.89 7.22
CA TYR R 151 0.31 -4.89 8.23
C TYR R 151 1.36 -5.85 7.70
N LYS R 152 1.77 -6.80 8.54
CA LYS R 152 2.74 -7.79 8.11
C LYS R 152 2.07 -8.86 7.27
N GLN R 153 2.74 -9.25 6.19
CA GLN R 153 2.22 -10.28 5.30
C GLN R 153 2.44 -11.65 5.91
N THR R 154 1.35 -12.39 6.14
CA THR R 154 1.40 -13.69 6.79
C THR R 154 0.46 -14.66 6.11
N GLN R 155 0.79 -15.96 6.23
CA GLN R 155 0.00 -17.03 5.64
C GLN R 155 0.02 -18.23 6.57
N LEU R 156 -1.07 -18.99 6.60
CA LEU R 156 -1.08 -20.26 7.31
C LEU R 156 -2.14 -21.18 6.72
N CYS R 157 -2.15 -22.42 7.21
CA CYS R 157 -3.13 -23.43 6.83
C CYS R 157 -3.11 -24.51 7.89
N LEU R 158 -4.21 -24.68 8.62
CA LEU R 158 -4.32 -25.68 9.67
C LEU R 158 -5.48 -26.61 9.37
N ILE R 159 -5.27 -27.91 9.50
CA ILE R 159 -6.30 -28.91 9.20
C ILE R 159 -6.34 -29.90 10.35
N GLY R 160 -7.51 -30.02 10.99
CA GLY R 160 -7.70 -30.96 12.08
C GLY R 160 -9.16 -31.26 12.31
N CYS R 161 -9.39 -32.23 13.18
CA CYS R 161 -10.75 -32.66 13.51
C CYS R 161 -11.30 -31.99 14.76
N LYS R 162 -10.57 -31.05 15.34
CA LYS R 162 -10.95 -30.25 16.49
C LYS R 162 -10.59 -28.81 16.17
N PRO R 163 -11.30 -27.83 16.74
CA PRO R 163 -11.03 -26.43 16.38
C PRO R 163 -9.69 -25.99 16.95
N PRO R 164 -8.97 -25.13 16.24
CA PRO R 164 -7.64 -24.71 16.70
C PRO R 164 -7.71 -23.72 17.84
N ILE R 165 -6.66 -23.74 18.67
CA ILE R 165 -6.64 -23.07 19.96
C ILE R 165 -5.66 -21.91 19.87
N GLY R 166 -6.17 -20.70 19.71
CA GLY R 166 -5.33 -19.52 19.71
C GLY R 166 -5.02 -19.04 21.11
N GLU R 167 -4.37 -17.88 21.18
CA GLU R 167 -4.03 -17.28 22.46
C GLU R 167 -3.84 -15.78 22.27
N HIS R 168 -3.90 -15.06 23.38
CA HIS R 168 -3.74 -13.61 23.40
C HIS R 168 -3.52 -13.16 24.84
N TRP R 169 -2.86 -12.02 24.99
CA TRP R 169 -2.74 -11.40 26.31
C TRP R 169 -4.05 -10.71 26.67
N GLY R 170 -4.34 -10.67 27.97
CA GLY R 170 -5.56 -10.03 28.42
C GLY R 170 -5.51 -9.79 29.92
N LYS R 171 -6.46 -8.98 30.38
CA LYS R 171 -6.44 -8.51 31.76
C LYS R 171 -6.86 -9.60 32.72
N GLY R 172 -6.05 -9.83 33.74
CA GLY R 172 -6.37 -10.76 34.80
C GLY R 172 -6.87 -10.04 36.04
N SER R 173 -6.89 -10.78 37.14
CA SER R 173 -7.42 -10.23 38.38
C SER R 173 -6.27 -9.78 39.27
N PRO R 174 -6.27 -8.52 39.73
CA PRO R 174 -5.25 -8.09 40.69
C PRO R 174 -5.55 -8.66 42.06
N CYS R 175 -4.51 -8.97 42.82
CA CYS R 175 -4.71 -9.52 44.15
C CYS R 175 -4.64 -8.43 45.20
N THR R 176 -5.40 -8.62 46.27
CA THR R 176 -5.72 -7.58 47.24
C THR R 176 -4.49 -7.27 48.08
N ASN R 177 -3.63 -6.42 47.55
CA ASN R 177 -2.47 -5.89 48.27
C ASN R 177 -2.64 -4.42 48.59
N VAL R 178 -2.92 -3.59 47.59
CA VAL R 178 -3.06 -2.15 47.75
C VAL R 178 -4.39 -1.73 47.15
N ALA R 179 -4.63 -0.43 47.15
CA ALA R 179 -5.79 0.16 46.49
C ALA R 179 -5.42 0.57 45.07
N VAL R 180 -6.28 0.23 44.12
CA VAL R 180 -6.05 0.54 42.72
C VAL R 180 -6.51 1.97 42.49
N ASN R 181 -5.55 2.88 42.41
CA ASN R 181 -5.83 4.22 41.90
C ASN R 181 -6.17 4.10 40.41
N PRO R 182 -7.12 4.90 39.92
CA PRO R 182 -7.46 4.82 38.50
C PRO R 182 -6.33 5.29 37.60
N GLY R 183 -6.18 4.61 36.47
CA GLY R 183 -5.07 4.87 35.58
C GLY R 183 -3.83 4.06 35.87
N ASP R 184 -3.84 3.22 36.91
CA ASP R 184 -2.73 2.32 37.15
C ASP R 184 -2.72 1.23 36.08
N CYS R 185 -1.56 0.60 35.92
CA CYS R 185 -1.40 -0.36 34.85
C CYS R 185 -2.17 -1.65 35.16
N PRO R 186 -2.93 -2.17 34.21
CA PRO R 186 -3.60 -3.44 34.41
C PRO R 186 -2.63 -4.59 34.27
N PRO R 187 -2.91 -5.72 34.91
CA PRO R 187 -2.02 -6.88 34.81
C PRO R 187 -2.47 -7.86 33.73
N LEU R 188 -1.49 -8.52 33.09
CA LEU R 188 -1.68 -9.26 31.83
C LEU R 188 -1.60 -10.77 31.97
N GLU R 189 -2.69 -11.46 31.65
CA GLU R 189 -2.71 -12.92 31.73
C GLU R 189 -2.54 -13.50 30.34
N LEU R 190 -2.17 -14.78 30.27
CA LEU R 190 -2.19 -15.57 29.05
C LEU R 190 -3.45 -16.44 29.03
N ILE R 191 -4.20 -16.38 27.93
CA ILE R 191 -5.52 -16.98 27.85
C ILE R 191 -5.61 -17.81 26.58
N ASN R 192 -5.98 -19.08 26.70
CA ASN R 192 -6.14 -19.98 25.57
C ASN R 192 -7.62 -20.09 25.22
N THR R 193 -8.04 -19.37 24.18
CA THR R 193 -9.39 -19.50 23.63
C THR R 193 -9.32 -20.15 22.27
N VAL R 194 -10.44 -20.67 21.81
CA VAL R 194 -10.53 -21.24 20.48
C VAL R 194 -10.82 -20.11 19.50
N ILE R 195 -10.59 -20.39 18.22
CA ILE R 195 -10.58 -19.36 17.19
C ILE R 195 -11.87 -19.47 16.37
N GLN R 196 -12.72 -18.46 16.47
CA GLN R 196 -13.89 -18.38 15.62
C GLN R 196 -13.56 -17.65 14.33
N ASP R 197 -14.47 -17.73 13.37
CA ASP R 197 -14.36 -16.91 12.17
C ASP R 197 -14.52 -15.44 12.53
N GLY R 198 -13.83 -14.59 11.80
CA GLY R 198 -13.86 -13.18 12.11
C GLY R 198 -12.92 -12.75 13.20
N ASP R 199 -12.21 -13.67 13.83
CA ASP R 199 -11.13 -13.30 14.72
C ASP R 199 -10.00 -12.69 13.92
N MET R 200 -9.47 -11.58 14.42
CA MET R 200 -8.43 -10.89 13.68
C MET R 200 -7.07 -11.55 13.91
N VAL R 201 -6.20 -11.43 12.92
CA VAL R 201 -4.83 -11.90 13.07
C VAL R 201 -4.01 -10.81 13.74
N ASP R 202 -2.87 -11.19 14.30
CA ASP R 202 -1.91 -10.20 14.76
C ASP R 202 -1.32 -9.46 13.57
N THR R 203 -1.02 -8.19 13.77
CA THR R 203 -0.51 -7.33 12.71
C THR R 203 0.83 -6.74 13.09
N GLY R 204 1.65 -7.51 13.78
CA GLY R 204 2.89 -6.97 14.29
C GLY R 204 2.68 -6.00 15.44
N PHE R 205 1.61 -6.20 16.22
CA PHE R 205 1.34 -5.37 17.38
C PHE R 205 1.13 -6.19 18.64
N GLY R 206 1.36 -7.50 18.58
CA GLY R 206 1.19 -8.36 19.74
C GLY R 206 -0.22 -8.86 19.91
N ALA R 207 -0.37 -10.16 20.23
CA ALA R 207 -1.68 -10.77 20.38
C ALA R 207 -2.27 -10.35 21.72
N MET R 208 -3.24 -9.44 21.69
CA MET R 208 -3.78 -8.91 22.93
C MET R 208 -5.24 -8.53 22.75
N ASP R 209 -5.89 -8.27 23.88
CA ASP R 209 -7.18 -7.58 23.87
C ASP R 209 -6.95 -6.10 23.62
N PHE R 210 -7.90 -5.47 22.94
CA PHE R 210 -7.77 -4.05 22.62
C PHE R 210 -8.89 -3.21 23.20
N THR R 211 -9.77 -3.78 24.02
CA THR R 211 -10.81 -3.03 24.71
C THR R 211 -10.57 -2.98 26.20
N THR R 212 -10.25 -4.11 26.83
CA THR R 212 -9.95 -4.14 28.25
C THR R 212 -8.50 -3.78 28.55
N LEU R 213 -7.68 -3.61 27.52
CA LEU R 213 -6.29 -3.20 27.70
C LEU R 213 -6.01 -1.84 27.10
N GLN R 214 -6.92 -1.28 26.32
CA GLN R 214 -6.71 0.02 25.70
C GLN R 214 -8.00 0.82 25.83
N ALA R 215 -8.00 1.80 26.74
CA ALA R 215 -9.15 2.66 26.93
C ALA R 215 -9.14 3.87 26.00
N ASN R 216 -8.03 4.12 25.31
CA ASN R 216 -7.97 5.24 24.37
C ASN R 216 -8.86 4.99 23.16
N LYS R 217 -8.83 3.74 22.66
CA LYS R 217 -9.41 3.34 21.37
C LYS R 217 -8.87 4.20 20.23
N SER R 218 -7.64 4.68 20.35
CA SER R 218 -7.02 5.56 19.37
C SER R 218 -5.55 5.23 19.22
N GLU R 219 -5.21 3.95 19.17
CA GLU R 219 -3.82 3.52 19.04
C GLU R 219 -3.53 2.83 17.73
N VAL R 220 -4.41 1.93 17.30
CA VAL R 220 -4.18 1.04 16.17
C VAL R 220 -5.22 1.41 15.12
N PRO R 221 -4.97 1.19 13.83
CA PRO R 221 -6.01 1.37 12.81
C PRO R 221 -7.32 0.66 13.10
N LEU R 222 -8.41 1.30 12.67
CA LEU R 222 -9.73 1.06 13.25
C LEU R 222 -10.38 -0.24 12.82
N ASP R 223 -9.75 -1.04 11.95
CA ASP R 223 -10.32 -2.33 11.64
C ASP R 223 -10.10 -3.33 12.77
N ILE R 224 -9.10 -3.10 13.61
CA ILE R 224 -8.70 -4.04 14.65
C ILE R 224 -8.58 -3.24 15.96
N CYS R 225 -9.31 -2.13 16.01
CA CYS R 225 -9.30 -1.30 17.22
C CYS R 225 -10.08 -1.94 18.36
N THR R 226 -11.09 -2.75 18.06
CA THR R 226 -11.96 -3.29 19.09
C THR R 226 -11.86 -4.79 19.28
N SER R 227 -11.49 -5.55 18.26
CA SER R 227 -11.49 -6.99 18.43
C SER R 227 -10.20 -7.43 19.12
N ILE R 228 -10.06 -8.73 19.31
CA ILE R 228 -8.95 -9.31 20.05
C ILE R 228 -8.14 -10.14 19.06
N CYS R 229 -6.99 -9.63 18.65
CA CYS R 229 -6.17 -10.35 17.69
C CYS R 229 -5.44 -11.50 18.37
N LYS R 230 -5.40 -12.65 17.69
CA LYS R 230 -4.89 -13.87 18.28
C LYS R 230 -3.80 -14.48 17.41
N TYR R 231 -2.94 -15.26 18.04
CA TYR R 231 -1.91 -16.04 17.42
C TYR R 231 -2.09 -17.51 17.79
N PRO R 232 -1.92 -18.44 16.85
CA PRO R 232 -2.16 -19.84 17.16
C PRO R 232 -1.08 -20.40 18.08
N ASP R 233 -1.53 -21.12 19.10
CA ASP R 233 -0.62 -21.67 20.11
C ASP R 233 -0.08 -22.98 19.58
N TYR R 234 1.06 -22.91 18.89
CA TYR R 234 1.64 -24.10 18.29
C TYR R 234 2.24 -25.03 19.34
N ILE R 235 2.82 -24.47 20.40
CA ILE R 235 3.43 -25.31 21.40
C ILE R 235 2.39 -25.97 22.30
N LYS R 236 1.17 -25.46 22.33
CA LYS R 236 0.10 -26.11 23.09
C LYS R 236 -0.59 -27.21 22.29
N MET R 237 -0.89 -26.94 21.02
CA MET R 237 -1.69 -27.87 20.22
C MET R 237 -0.94 -29.15 19.89
N VAL R 238 0.38 -29.10 19.79
CA VAL R 238 1.14 -30.32 19.61
C VAL R 238 1.21 -31.10 20.92
N SER R 239 1.26 -30.39 22.05
CA SER R 239 1.52 -31.01 23.34
C SER R 239 0.36 -31.80 23.90
N GLU R 240 -0.85 -31.66 23.34
CA GLU R 240 -1.99 -32.42 23.84
C GLU R 240 -1.80 -33.90 23.52
N PRO R 241 -2.24 -34.80 24.41
CA PRO R 241 -1.78 -36.20 24.30
C PRO R 241 -2.41 -36.97 23.16
N TYR R 242 -3.58 -36.56 22.67
CA TYR R 242 -4.21 -37.34 21.62
C TYR R 242 -3.83 -36.86 20.23
N GLY R 243 -3.51 -35.59 20.07
CA GLY R 243 -3.12 -35.08 18.78
C GLY R 243 -4.27 -34.99 17.81
N ASP R 244 -5.35 -34.33 18.22
CA ASP R 244 -6.50 -34.14 17.36
C ASP R 244 -6.72 -32.69 16.98
N SER R 245 -5.90 -31.77 17.47
CA SER R 245 -6.11 -30.37 17.18
C SER R 245 -5.63 -30.00 15.78
N LEU R 246 -4.38 -30.33 15.46
CA LEU R 246 -3.88 -30.17 14.11
C LEU R 246 -2.96 -31.34 13.79
N PHE R 247 -2.96 -31.75 12.53
CA PHE R 247 -1.99 -32.74 12.08
C PHE R 247 -1.20 -32.29 10.85
N PHE R 248 -1.41 -31.08 10.37
CA PHE R 248 -0.72 -30.61 9.17
C PHE R 248 -0.77 -29.09 9.16
N TYR R 249 0.40 -28.45 9.27
CA TYR R 249 0.40 -26.99 9.38
C TYR R 249 1.59 -26.40 8.63
N LEU R 250 1.36 -25.21 8.07
CA LEU R 250 2.36 -24.43 7.36
C LEU R 250 2.22 -22.98 7.76
N ARG R 251 3.32 -22.23 7.67
CA ARG R 251 3.24 -20.79 7.90
C ARG R 251 4.41 -20.09 7.22
N ARG R 252 4.13 -18.87 6.73
CA ARG R 252 5.14 -17.94 6.24
C ARG R 252 4.72 -16.55 6.65
N GLU R 253 5.63 -15.79 7.26
CA GLU R 253 5.32 -14.41 7.60
C GLU R 253 6.59 -13.57 7.60
N GLN R 254 6.43 -12.28 7.33
CA GLN R 254 7.57 -11.37 7.27
C GLN R 254 7.11 -9.96 7.57
N MET R 255 8.06 -9.14 8.02
CA MET R 255 7.78 -7.79 8.50
C MET R 255 9.07 -6.98 8.52
N PHE R 256 8.93 -5.67 8.35
CA PHE R 256 10.02 -4.75 8.62
C PHE R 256 9.42 -3.41 9.04
N VAL R 257 10.25 -2.58 9.66
CA VAL R 257 9.78 -1.36 10.32
C VAL R 257 9.88 -0.20 9.36
N ARG R 258 8.76 0.51 9.17
CA ARG R 258 8.71 1.62 8.23
C ARG R 258 9.09 2.95 8.89
N HIS R 259 8.34 3.35 9.91
CA HIS R 259 8.55 4.66 10.53
C HIS R 259 8.53 4.52 12.05
N LEU R 260 9.04 5.54 12.72
CA LEU R 260 9.13 5.58 14.17
C LEU R 260 8.40 6.80 14.70
N PHE R 261 7.67 6.64 15.80
CA PHE R 261 6.83 7.71 16.32
C PHE R 261 6.93 7.77 17.84
N ASN R 262 6.22 8.73 18.42
CA ASN R 262 6.24 9.00 19.85
C ASN R 262 4.82 9.17 20.35
N ARG R 263 4.55 8.63 21.55
CA ARG R 263 3.20 8.49 22.04
C ARG R 263 2.69 9.74 22.75
N ALA R 264 1.44 10.11 22.47
CA ALA R 264 0.77 11.21 23.13
C ALA R 264 -0.05 10.65 24.29
N GLY R 265 0.43 10.88 25.51
CA GLY R 265 -0.23 10.37 26.69
C GLY R 265 0.61 10.59 27.93
N ALA R 266 0.01 10.46 29.11
CA ALA R 266 0.72 10.74 30.34
C ALA R 266 1.76 9.65 30.62
N VAL R 267 2.95 10.09 31.03
CA VAL R 267 4.02 9.15 31.34
C VAL R 267 3.66 8.47 32.64
N GLY R 268 3.21 7.22 32.54
CA GLY R 268 2.73 6.52 33.72
C GLY R 268 3.85 6.06 34.63
N GLU R 269 5.02 5.81 34.07
CA GLU R 269 6.21 5.44 34.84
C GLU R 269 7.35 6.31 34.33
N ASN R 270 7.73 7.31 35.12
CA ASN R 270 8.85 8.17 34.75
C ASN R 270 10.15 7.38 34.85
N VAL R 271 11.14 7.81 34.08
CA VAL R 271 12.43 7.15 34.03
C VAL R 271 13.17 7.42 35.34
N PRO R 272 14.05 6.53 35.79
CA PRO R 272 14.87 6.83 36.96
C PRO R 272 15.85 7.95 36.66
N ASP R 273 16.19 8.70 37.70
CA ASP R 273 17.03 9.88 37.53
C ASP R 273 18.49 9.54 37.30
N ASP R 274 18.92 8.33 37.67
CA ASP R 274 20.31 7.95 37.46
C ASP R 274 20.61 7.50 36.04
N LEU R 275 19.60 7.44 35.17
CA LEU R 275 19.79 7.05 33.79
C LEU R 275 20.16 8.23 32.90
N TYR R 276 20.12 9.44 33.41
CA TYR R 276 20.44 10.62 32.61
C TYR R 276 20.93 11.73 33.54
N ILE R 277 21.20 12.88 32.95
CA ILE R 277 21.68 14.04 33.68
C ILE R 277 20.80 15.22 33.28
N LYS R 278 20.22 15.89 34.28
CA LYS R 278 19.14 16.83 34.04
C LYS R 278 19.66 18.10 33.38
N GLY R 279 18.99 18.50 32.30
CA GLY R 279 19.33 19.71 31.58
C GLY R 279 18.70 20.94 32.18
N SER R 280 18.57 21.98 31.36
CA SER R 280 18.01 23.24 31.81
C SER R 280 17.47 23.99 30.60
N GLY R 281 16.55 24.90 30.86
CA GLY R 281 15.95 25.69 29.80
C GLY R 281 14.99 24.89 28.95
N SER R 282 15.32 24.74 27.67
CA SER R 282 14.45 24.00 26.76
C SER R 282 14.45 22.51 27.07
N THR R 283 15.57 21.98 27.54
CA THR R 283 15.69 20.57 27.89
C THR R 283 15.43 20.32 29.36
N ALA R 284 14.63 21.16 30.02
CA ALA R 284 14.25 20.89 31.39
C ALA R 284 13.26 19.75 31.47
N ASN R 285 12.19 19.83 30.69
CA ASN R 285 11.13 18.83 30.71
C ASN R 285 11.45 17.70 29.74
N LEU R 286 11.20 16.47 30.20
CA LEU R 286 11.56 15.30 29.41
C LEU R 286 10.45 14.98 28.42
N ALA R 287 10.85 14.60 27.21
CA ALA R 287 9.89 14.22 26.19
C ALA R 287 9.28 12.86 26.51
N SER R 288 8.27 12.48 25.73
CA SER R 288 7.60 11.20 25.96
C SER R 288 8.52 10.06 25.58
N SER R 289 8.66 9.10 26.49
CA SER R 289 9.59 7.99 26.29
C SER R 289 8.93 6.77 25.68
N ASN R 290 7.63 6.79 25.46
CA ASN R 290 6.92 5.66 24.87
C ASN R 290 6.98 5.78 23.35
N TYR R 291 7.77 4.92 22.72
CA TYR R 291 7.84 4.84 21.27
C TYR R 291 7.10 3.60 20.78
N PHE R 292 6.73 3.63 19.50
CA PHE R 292 6.14 2.48 18.88
C PHE R 292 6.46 2.55 17.39
N PRO R 293 6.78 1.43 16.76
CA PRO R 293 7.07 1.45 15.34
C PRO R 293 5.81 1.25 14.51
N THR R 294 5.90 1.62 13.25
CA THR R 294 4.83 1.34 12.31
C THR R 294 5.29 0.22 11.40
N PRO R 295 4.65 -0.94 11.42
CA PRO R 295 5.11 -2.06 10.62
C PRO R 295 4.70 -1.90 9.16
N SER R 296 5.27 -2.76 8.32
CA SER R 296 4.95 -2.77 6.90
C SER R 296 5.31 -4.13 6.33
N GLY R 297 4.37 -4.72 5.59
CA GLY R 297 4.67 -5.94 4.89
C GLY R 297 5.54 -5.70 3.67
N SER R 298 6.27 -6.74 3.29
CA SER R 298 7.24 -6.64 2.22
C SER R 298 6.59 -6.72 0.85
N MET R 299 7.41 -6.96 -0.17
CA MET R 299 6.91 -7.36 -1.47
C MET R 299 6.15 -8.68 -1.37
N VAL R 300 5.15 -8.84 -2.22
CA VAL R 300 4.51 -10.12 -2.40
C VAL R 300 5.02 -10.72 -3.70
N THR R 301 5.13 -12.04 -3.75
CA THR R 301 5.62 -12.70 -4.95
C THR R 301 4.63 -13.73 -5.43
N SER R 302 5.04 -14.55 -6.40
CA SER R 302 4.33 -15.75 -6.77
C SER R 302 5.12 -17.00 -6.40
N ASP R 303 6.21 -16.85 -5.66
CA ASP R 303 6.98 -17.98 -5.16
C ASP R 303 6.67 -18.32 -3.72
N ALA R 304 6.18 -17.35 -2.94
CA ALA R 304 5.89 -17.57 -1.53
C ALA R 304 4.48 -18.11 -1.31
N GLN R 305 3.74 -18.40 -2.37
CA GLN R 305 2.41 -18.95 -2.21
C GLN R 305 2.47 -20.39 -1.75
N ILE R 306 1.57 -20.75 -0.84
CA ILE R 306 1.44 -22.11 -0.36
C ILE R 306 0.08 -22.69 -0.77
N PHE R 307 -0.61 -22.05 -1.71
CA PHE R 307 -1.96 -22.43 -2.09
C PHE R 307 -2.00 -22.82 -3.56
N ASN R 308 -3.15 -23.36 -3.96
CA ASN R 308 -3.35 -24.05 -5.24
C ASN R 308 -2.33 -25.16 -5.45
N LYS R 309 -1.94 -25.82 -4.38
CA LYS R 309 -0.94 -26.86 -4.40
C LYS R 309 -1.46 -28.08 -3.67
N PRO R 310 -1.10 -29.30 -4.10
CA PRO R 310 -1.60 -30.49 -3.42
C PRO R 310 -0.72 -30.85 -2.22
N TYR R 311 -1.37 -31.17 -1.11
CA TYR R 311 -0.71 -31.52 0.14
C TYR R 311 -1.08 -32.96 0.47
N TRP R 312 -0.33 -33.91 -0.08
CA TRP R 312 -0.55 -35.30 0.26
C TRP R 312 -0.08 -35.56 1.67
N LEU R 313 -0.73 -36.52 2.32
CA LEU R 313 -0.57 -36.74 3.75
C LEU R 313 -0.30 -38.21 3.99
N GLN R 314 0.80 -38.51 4.64
CA GLN R 314 1.03 -39.90 5.02
C GLN R 314 1.34 -40.06 6.50
N ARG R 315 2.07 -39.12 7.09
CA ARG R 315 2.37 -39.16 8.51
C ARG R 315 1.92 -37.86 9.15
N ALA R 316 1.88 -37.85 10.48
CA ALA R 316 1.45 -36.67 11.20
C ALA R 316 2.13 -36.65 12.56
N GLN R 317 2.31 -35.44 13.10
CA GLN R 317 3.00 -35.29 14.38
C GLN R 317 2.12 -35.70 15.55
N GLY R 318 0.82 -35.84 15.34
CA GLY R 318 -0.03 -36.45 16.33
C GLY R 318 -0.03 -37.96 16.21
N HIS R 319 -0.79 -38.60 17.09
CA HIS R 319 -1.03 -40.02 16.92
C HIS R 319 -2.19 -40.29 15.99
N ASN R 320 -2.99 -39.27 15.71
CA ASN R 320 -4.08 -39.36 14.74
C ASN R 320 -3.49 -39.23 13.33
N ASN R 321 -3.73 -40.22 12.49
CA ASN R 321 -3.29 -40.16 11.09
C ASN R 321 -4.42 -39.66 10.19
N GLY R 322 -4.94 -38.49 10.54
CA GLY R 322 -5.99 -37.87 9.76
C GLY R 322 -7.34 -38.54 9.83
N ILE R 323 -7.58 -39.38 10.83
CA ILE R 323 -8.88 -40.03 10.99
C ILE R 323 -9.85 -38.99 11.51
N CYS R 324 -10.97 -38.82 10.81
CA CYS R 324 -11.93 -37.78 11.15
C CYS R 324 -13.02 -38.36 12.03
N TRP R 325 -12.87 -38.18 13.34
CA TRP R 325 -13.86 -38.71 14.28
C TRP R 325 -15.13 -37.87 14.25
N GLY R 326 -16.27 -38.54 14.28
CA GLY R 326 -17.53 -37.83 14.39
C GLY R 326 -17.97 -37.13 13.14
N ASN R 327 -17.39 -37.49 11.98
CA ASN R 327 -17.73 -36.95 10.67
C ASN R 327 -17.56 -35.43 10.62
N GLN R 328 -16.31 -34.99 10.81
CA GLN R 328 -16.03 -33.59 11.04
C GLN R 328 -14.61 -33.29 10.60
N LEU R 329 -14.40 -32.09 10.08
CA LEU R 329 -13.08 -31.64 9.67
C LEU R 329 -13.07 -30.12 9.74
N PHE R 330 -11.91 -29.56 10.08
CA PHE R 330 -11.77 -28.11 10.22
C PHE R 330 -10.59 -27.62 9.40
N VAL R 331 -10.82 -26.59 8.60
CA VAL R 331 -9.77 -25.95 7.82
C VAL R 331 -9.65 -24.52 8.30
N THR R 332 -8.47 -24.15 8.79
CA THR R 332 -8.15 -22.78 9.12
C THR R 332 -7.25 -22.23 8.03
N VAL R 333 -7.57 -21.05 7.52
CA VAL R 333 -6.76 -20.43 6.48
C VAL R 333 -6.69 -18.94 6.72
N VAL R 334 -5.52 -18.37 6.48
CA VAL R 334 -5.26 -16.94 6.61
C VAL R 334 -4.41 -16.54 5.42
N ASP R 335 -4.92 -15.65 4.58
CA ASP R 335 -4.14 -15.09 3.48
C ASP R 335 -4.37 -13.59 3.46
N THR R 336 -3.27 -12.84 3.48
CA THR R 336 -3.33 -11.39 3.31
C THR R 336 -2.54 -10.92 2.10
N THR R 337 -2.14 -11.83 1.21
CA THR R 337 -1.52 -11.40 -0.03
C THR R 337 -2.54 -10.97 -1.08
N ARG R 338 -3.80 -11.31 -0.89
CA ARG R 338 -4.86 -11.00 -1.85
C ARG R 338 -5.91 -10.09 -1.23
N SER R 339 -5.45 -9.05 -0.54
CA SER R 339 -6.30 -8.24 0.31
C SER R 339 -6.50 -6.82 -0.23
N THR R 340 -6.62 -6.68 -1.55
CA THR R 340 -6.78 -5.34 -2.12
C THR R 340 -8.18 -4.81 -1.86
N ASN R 341 -8.27 -3.51 -1.61
CA ASN R 341 -9.52 -2.85 -1.28
C ASN R 341 -9.92 -2.00 -2.48
N MET R 342 -10.86 -2.49 -3.27
CA MET R 342 -11.29 -1.76 -4.45
C MET R 342 -12.15 -0.56 -4.04
N SER R 343 -11.78 0.62 -4.50
CA SER R 343 -12.55 1.81 -4.23
C SER R 343 -13.47 2.08 -5.40
N LEU R 344 -14.66 2.61 -5.11
CA LEU R 344 -15.66 2.83 -6.14
C LEU R 344 -16.37 4.14 -5.86
N CYS R 345 -17.02 4.66 -6.91
CA CYS R 345 -17.62 5.98 -6.91
C CYS R 345 -19.10 5.87 -7.22
N ALA R 346 -19.82 6.95 -6.94
CA ALA R 346 -21.26 6.98 -7.20
C ALA R 346 -21.67 8.41 -7.47
N ALA R 347 -22.31 8.63 -8.61
CA ALA R 347 -22.76 9.96 -8.99
C ALA R 347 -24.18 10.20 -8.50
N ILE R 348 -24.49 11.48 -8.28
CA ILE R 348 -25.85 11.87 -7.94
C ILE R 348 -26.59 12.46 -9.15
N SER R 349 -25.86 13.00 -10.13
CA SER R 349 -26.42 13.56 -11.35
C SER R 349 -25.27 13.75 -12.33
N THR R 350 -25.58 13.61 -13.62
CA THR R 350 -24.60 13.85 -14.68
C THR R 350 -24.84 15.17 -15.40
N SER R 351 -25.75 16.00 -14.89
CA SER R 351 -26.21 17.18 -15.63
C SER R 351 -25.18 18.28 -15.68
N GLU R 352 -24.25 18.34 -14.73
CA GLU R 352 -23.25 19.39 -14.71
C GLU R 352 -21.95 18.90 -15.34
N THR R 353 -21.18 19.85 -15.87
CA THR R 353 -19.92 19.53 -16.52
C THR R 353 -18.73 19.77 -15.60
N THR R 354 -18.81 20.79 -14.76
CA THR R 354 -17.68 21.16 -13.91
C THR R 354 -17.56 20.17 -12.75
N TYR R 355 -16.33 19.74 -12.47
CA TYR R 355 -16.08 18.77 -11.42
C TYR R 355 -16.34 19.38 -10.05
N LYS R 356 -17.23 18.74 -9.29
CA LYS R 356 -17.60 19.21 -7.97
C LYS R 356 -17.22 18.16 -6.94
N ASN R 357 -16.52 18.59 -5.88
CA ASN R 357 -16.13 17.68 -4.81
C ASN R 357 -17.30 17.28 -3.92
N THR R 358 -18.46 17.92 -4.05
CA THR R 358 -19.65 17.53 -3.32
C THR R 358 -20.61 16.70 -4.16
N ASN R 359 -20.19 16.26 -5.33
CA ASN R 359 -21.09 15.57 -6.24
C ASN R 359 -21.09 14.06 -6.07
N PHE R 360 -20.09 13.50 -5.40
CA PHE R 360 -19.87 12.04 -5.43
C PHE R 360 -19.67 11.50 -4.03
N LYS R 361 -20.43 10.46 -3.70
CA LYS R 361 -20.20 9.70 -2.48
C LYS R 361 -19.23 8.57 -2.76
N GLU R 362 -18.37 8.27 -1.79
CA GLU R 362 -17.33 7.27 -1.96
C GLU R 362 -17.52 6.13 -0.99
N TYR R 363 -17.13 4.93 -1.43
CA TYR R 363 -17.33 3.71 -0.67
C TYR R 363 -16.11 2.83 -0.82
N LEU R 364 -16.11 1.72 -0.08
CA LEU R 364 -15.10 0.68 -0.19
C LEU R 364 -15.79 -0.68 -0.19
N ARG R 365 -15.25 -1.60 -0.99
CA ARG R 365 -15.67 -2.99 -0.97
C ARG R 365 -14.44 -3.89 -0.93
N HIS R 366 -14.67 -5.19 -0.84
CA HIS R 366 -13.58 -6.15 -0.78
C HIS R 366 -14.11 -7.51 -1.20
N GLY R 367 -13.51 -8.09 -2.22
CA GLY R 367 -13.93 -9.39 -2.68
C GLY R 367 -13.19 -10.52 -2.00
N GLU R 368 -13.72 -11.73 -2.15
CA GLU R 368 -13.11 -12.90 -1.53
C GLU R 368 -13.45 -14.12 -2.36
N GLU R 369 -12.50 -15.05 -2.46
CA GLU R 369 -12.67 -16.23 -3.29
C GLU R 369 -12.04 -17.41 -2.58
N TYR R 370 -12.70 -18.56 -2.67
CA TYR R 370 -12.17 -19.77 -2.06
C TYR R 370 -12.58 -20.98 -2.89
N ASP R 371 -11.93 -22.11 -2.58
CA ASP R 371 -12.22 -23.38 -3.23
C ASP R 371 -11.62 -24.45 -2.34
N LEU R 372 -12.41 -25.45 -1.97
CA LEU R 372 -11.93 -26.58 -1.19
C LEU R 372 -12.12 -27.85 -1.98
N GLN R 373 -11.06 -28.67 -2.04
CA GLN R 373 -11.15 -29.99 -2.64
C GLN R 373 -10.46 -30.99 -1.71
N PHE R 374 -10.99 -32.20 -1.62
CA PHE R 374 -10.49 -33.19 -0.68
C PHE R 374 -10.50 -34.56 -1.33
N ILE R 375 -9.74 -35.49 -0.75
CA ILE R 375 -9.76 -36.90 -1.10
C ILE R 375 -9.86 -37.70 0.19
N PHE R 376 -10.91 -38.51 0.30
CA PHE R 376 -11.11 -39.33 1.48
C PHE R 376 -11.06 -40.80 1.11
N GLN R 377 -10.72 -41.64 2.09
CA GLN R 377 -10.88 -43.08 1.98
C GLN R 377 -11.41 -43.60 3.30
N LEU R 378 -12.30 -44.59 3.23
CA LEU R 378 -12.95 -45.05 4.44
C LEU R 378 -12.13 -46.14 5.11
N CYS R 379 -12.35 -46.30 6.41
CA CYS R 379 -11.63 -47.26 7.22
C CYS R 379 -12.63 -47.96 8.15
N LYS R 380 -12.35 -49.22 8.47
CA LYS R 380 -13.24 -49.99 9.32
C LYS R 380 -12.55 -50.43 10.59
N ILE R 381 -13.27 -50.35 11.70
CA ILE R 381 -12.75 -50.59 13.05
C ILE R 381 -13.46 -51.81 13.61
N THR R 382 -12.69 -52.83 13.98
CA THR R 382 -13.26 -53.99 14.66
C THR R 382 -13.41 -53.68 16.14
N LEU R 383 -14.64 -53.65 16.63
CA LEU R 383 -14.93 -53.21 17.99
C LEU R 383 -15.03 -54.44 18.89
N THR R 384 -13.88 -54.89 19.38
CA THR R 384 -13.83 -55.96 20.38
C THR R 384 -14.05 -55.36 21.77
N ALA R 385 -13.74 -56.14 22.80
CA ALA R 385 -13.89 -55.64 24.16
C ALA R 385 -12.80 -54.64 24.53
N ASP R 386 -11.62 -54.70 23.89
CA ASP R 386 -10.53 -53.85 24.35
C ASP R 386 -10.57 -52.47 23.70
N VAL R 387 -11.04 -52.40 22.46
CA VAL R 387 -11.10 -51.13 21.74
C VAL R 387 -12.14 -50.20 22.38
N MET R 388 -13.25 -50.75 22.85
CA MET R 388 -14.30 -49.94 23.44
C MET R 388 -13.90 -49.35 24.78
N THR R 389 -12.91 -49.93 25.46
CA THR R 389 -12.34 -49.28 26.62
C THR R 389 -11.46 -48.10 26.20
N TYR R 390 -10.80 -48.22 25.04
CA TYR R 390 -9.90 -47.16 24.59
C TYR R 390 -10.66 -45.94 24.12
N ILE R 391 -11.67 -46.15 23.27
CA ILE R 391 -12.40 -45.02 22.68
C ILE R 391 -13.25 -44.31 23.73
N HIS R 392 -13.77 -45.05 24.72
CA HIS R 392 -14.56 -44.41 25.77
C HIS R 392 -13.69 -43.57 26.69
N SER R 393 -12.42 -43.92 26.83
CA SER R 393 -11.50 -43.07 27.57
C SER R 393 -11.10 -41.85 26.77
N MET R 394 -11.07 -41.97 25.44
CA MET R 394 -10.68 -40.85 24.59
C MET R 394 -11.77 -39.78 24.56
N ASN R 395 -12.95 -40.15 24.08
CA ASN R 395 -14.08 -39.24 24.04
C ASN R 395 -15.35 -40.07 24.04
N SER R 396 -16.21 -39.85 25.04
CA SER R 396 -17.35 -40.73 25.24
C SER R 396 -18.44 -40.50 24.20
N THR R 397 -18.58 -39.27 23.71
CA THR R 397 -19.63 -38.96 22.76
C THR R 397 -19.32 -39.44 21.34
N ILE R 398 -18.15 -40.06 21.11
CA ILE R 398 -17.94 -40.76 19.86
C ILE R 398 -18.73 -42.06 19.85
N LEU R 399 -18.88 -42.69 21.02
CA LEU R 399 -19.68 -43.90 21.13
C LEU R 399 -21.16 -43.61 21.29
N GLU R 400 -21.61 -42.40 20.95
CA GLU R 400 -23.03 -42.08 20.82
C GLU R 400 -23.40 -41.64 19.41
N ASP R 401 -22.43 -41.42 18.53
CA ASP R 401 -22.73 -41.36 17.10
C ASP R 401 -23.26 -42.70 16.63
N TRP R 402 -22.43 -43.72 16.66
CA TRP R 402 -22.93 -45.09 16.64
C TRP R 402 -23.42 -45.43 18.04
N ASN R 403 -24.35 -46.37 18.13
CA ASN R 403 -25.05 -46.48 19.40
C ASN R 403 -24.30 -47.31 20.44
N PHE R 404 -24.28 -48.63 20.28
CA PHE R 404 -23.41 -49.59 20.99
C PHE R 404 -23.49 -49.67 22.51
N GLY R 405 -24.12 -48.71 23.18
CA GLY R 405 -23.94 -48.60 24.61
C GLY R 405 -25.20 -48.92 25.38
N LEU R 406 -26.30 -49.05 24.66
CA LEU R 406 -27.62 -49.07 25.27
C LEU R 406 -28.49 -50.05 24.51
N GLN R 407 -28.99 -51.05 25.24
CA GLN R 407 -29.54 -52.23 24.59
C GLN R 407 -30.96 -51.96 24.10
N PRO R 408 -31.80 -51.21 24.80
CA PRO R 408 -32.75 -50.38 24.10
C PRO R 408 -32.12 -49.04 23.82
N PRO R 409 -32.08 -48.61 22.56
CA PRO R 409 -31.78 -47.20 22.27
C PRO R 409 -32.80 -46.25 22.90
N PRO R 410 -34.08 -46.63 23.09
CA PRO R 410 -34.88 -45.85 24.05
C PRO R 410 -34.44 -45.94 25.51
N GLY R 411 -34.41 -47.13 26.08
CA GLY R 411 -34.60 -47.27 27.51
C GLY R 411 -36.06 -47.54 27.78
N GLY R 412 -36.36 -47.89 29.04
CA GLY R 412 -37.75 -48.18 29.38
C GLY R 412 -38.62 -46.94 29.41
N THR R 413 -38.01 -45.78 29.66
CA THR R 413 -38.77 -44.59 29.99
C THR R 413 -39.25 -43.82 28.76
N LEU R 414 -39.03 -44.33 27.56
CA LEU R 414 -39.33 -43.50 26.38
C LEU R 414 -40.78 -43.67 25.94
N GLU R 415 -41.37 -42.54 25.57
CA GLU R 415 -42.75 -42.36 25.08
C GLU R 415 -42.80 -42.75 23.59
N ASP R 416 -43.71 -42.18 22.82
CA ASP R 416 -43.49 -42.21 21.37
C ASP R 416 -42.17 -41.52 21.06
N THR R 417 -41.45 -42.05 20.07
CA THR R 417 -40.11 -41.56 19.76
C THR R 417 -40.13 -40.09 19.35
N TYR R 418 -41.08 -39.72 18.50
CA TYR R 418 -41.30 -38.32 18.15
C TYR R 418 -42.78 -38.00 18.35
N ARG R 419 -43.12 -36.73 18.26
CA ARG R 419 -44.51 -36.27 18.31
C ARG R 419 -44.61 -34.93 17.59
N PHE R 420 -45.48 -34.85 16.58
CA PHE R 420 -45.53 -33.71 15.66
C PHE R 420 -46.95 -33.15 15.59
N VAL R 421 -47.19 -32.01 16.22
CA VAL R 421 -48.48 -31.34 16.14
C VAL R 421 -48.45 -30.37 14.96
N THR R 422 -48.93 -30.80 13.80
CA THR R 422 -48.77 -29.99 12.59
C THR R 422 -50.07 -29.29 12.19
N SER R 423 -50.12 -27.99 12.45
CA SER R 423 -51.03 -27.07 11.77
C SER R 423 -50.30 -25.76 11.52
N GLN R 424 -49.16 -25.66 12.21
CA GLN R 424 -48.18 -24.59 12.44
C GLN R 424 -48.58 -23.49 13.44
N ALA R 425 -49.85 -23.05 13.55
CA ALA R 425 -50.03 -21.96 14.54
C ALA R 425 -51.41 -21.90 15.23
N ILE R 426 -51.61 -22.63 16.34
CA ILE R 426 -52.88 -22.57 17.14
C ILE R 426 -52.73 -23.28 18.49
N ALA R 427 -51.96 -24.38 18.55
CA ALA R 427 -51.77 -25.16 19.76
C ALA R 427 -50.49 -24.79 20.47
N CYS R 428 -50.04 -25.63 21.40
CA CYS R 428 -48.76 -25.42 22.04
C CYS R 428 -47.64 -25.47 21.02
N GLN R 429 -46.65 -24.61 21.22
CA GLN R 429 -45.82 -24.13 20.13
C GLN R 429 -44.70 -25.14 19.84
N LYS R 430 -44.24 -25.14 18.59
CA LYS R 430 -43.34 -26.20 18.16
C LYS R 430 -41.89 -25.88 18.47
N HIS R 431 -41.49 -24.61 18.35
CA HIS R 431 -40.09 -24.25 18.52
C HIS R 431 -39.76 -23.78 19.92
N THR R 432 -40.77 -23.48 20.73
CA THR R 432 -40.53 -23.13 22.13
C THR R 432 -39.98 -24.26 23.01
N PRO R 433 -40.19 -25.56 22.76
CA PRO R 433 -39.39 -26.56 23.49
C PRO R 433 -37.92 -26.46 23.14
N PRO R 434 -37.03 -26.51 24.13
CA PRO R 434 -35.59 -26.42 23.85
C PRO R 434 -35.08 -27.68 23.17
N ALA R 435 -34.18 -27.49 22.21
CA ALA R 435 -33.64 -28.60 21.43
C ALA R 435 -32.66 -29.39 22.27
N PRO R 436 -32.86 -30.70 22.45
CA PRO R 436 -31.93 -31.47 23.28
C PRO R 436 -30.62 -31.80 22.60
N LYS R 437 -30.64 -32.09 21.28
CA LYS R 437 -29.44 -32.50 20.56
C LYS R 437 -28.61 -31.27 20.24
N GLU R 438 -27.94 -30.77 21.29
CA GLU R 438 -27.19 -29.53 21.16
C GLU R 438 -25.84 -29.78 20.54
N ASP R 439 -25.33 -28.77 19.86
CA ASP R 439 -23.98 -28.81 19.32
C ASP R 439 -23.02 -28.30 20.38
N PRO R 440 -22.03 -29.09 20.81
CA PRO R 440 -21.12 -28.64 21.88
C PRO R 440 -20.13 -27.55 21.47
N LEU R 441 -20.23 -27.01 20.25
CA LEU R 441 -19.44 -25.88 19.80
C LEU R 441 -20.32 -24.73 19.33
N LYS R 442 -21.63 -24.81 19.55
CA LYS R 442 -22.61 -23.89 18.97
C LYS R 442 -22.54 -22.48 19.54
N LYS R 443 -21.82 -22.27 20.64
CA LYS R 443 -21.58 -20.91 21.08
C LYS R 443 -20.54 -20.22 20.20
N TYR R 444 -19.74 -20.99 19.47
CA TYR R 444 -18.76 -20.45 18.55
C TYR R 444 -19.34 -20.44 17.15
N THR R 445 -19.39 -19.27 16.52
CA THR R 445 -19.95 -19.10 15.19
C THR R 445 -18.83 -19.03 14.18
N PHE R 446 -18.94 -19.81 13.11
CA PHE R 446 -17.96 -19.78 12.03
C PHE R 446 -18.59 -20.34 10.75
N TRP R 447 -17.77 -20.39 9.68
CA TRP R 447 -18.29 -20.62 8.33
C TRP R 447 -18.82 -22.03 8.19
N GLU R 448 -20.01 -22.13 7.63
CA GLU R 448 -20.81 -23.35 7.57
C GLU R 448 -20.76 -23.91 6.14
N VAL R 449 -20.22 -25.11 6.00
CA VAL R 449 -20.03 -25.74 4.69
C VAL R 449 -20.60 -27.15 4.74
N ASN R 450 -21.50 -27.46 3.82
CA ASN R 450 -22.15 -28.76 3.74
C ASN R 450 -21.61 -29.55 2.56
N LEU R 451 -21.25 -30.80 2.81
CA LEU R 451 -20.69 -31.67 1.77
C LEU R 451 -21.39 -33.03 1.75
N LYS R 452 -22.63 -33.10 2.22
CA LYS R 452 -23.28 -34.40 2.42
C LYS R 452 -23.81 -35.02 1.14
N GLU R 453 -23.63 -34.37 -0.01
CA GLU R 453 -24.08 -34.93 -1.28
C GLU R 453 -23.09 -34.77 -2.41
N LYS R 454 -22.00 -34.04 -2.23
CA LYS R 454 -21.02 -33.79 -3.28
C LYS R 454 -20.02 -34.93 -3.44
N PHE R 455 -20.21 -36.06 -2.76
CA PHE R 455 -19.31 -37.18 -2.91
C PHE R 455 -19.49 -37.84 -4.27
N SER R 456 -18.43 -38.48 -4.73
CA SER R 456 -18.47 -39.23 -5.99
C SER R 456 -17.39 -40.30 -5.93
N ALA R 457 -17.40 -41.16 -6.94
CA ALA R 457 -16.48 -42.29 -6.98
C ALA R 457 -15.51 -42.25 -8.14
N ASP R 458 -15.78 -41.47 -9.18
CA ASP R 458 -14.93 -41.45 -10.37
C ASP R 458 -13.83 -40.40 -10.18
N LEU R 459 -12.62 -40.86 -9.90
CA LEU R 459 -11.51 -39.95 -9.66
C LEU R 459 -10.87 -39.46 -10.95
N ASP R 460 -11.44 -39.75 -12.11
CA ASP R 460 -10.90 -39.23 -13.36
C ASP R 460 -11.45 -37.87 -13.73
N GLN R 461 -12.56 -37.46 -13.14
CA GLN R 461 -13.29 -36.30 -13.63
C GLN R 461 -12.89 -35.01 -12.94
N PHE R 462 -12.55 -35.08 -11.75
CA PHE R 462 -12.36 -33.86 -11.00
C PHE R 462 -10.89 -33.42 -11.05
N PRO R 463 -10.65 -32.10 -11.06
CA PRO R 463 -9.30 -31.59 -11.34
C PRO R 463 -8.26 -31.94 -10.29
N LEU R 464 -8.65 -32.32 -9.08
CA LEU R 464 -7.67 -32.92 -8.19
C LEU R 464 -7.43 -34.37 -8.53
N GLY R 465 -8.46 -35.05 -9.04
CA GLY R 465 -8.48 -36.51 -8.99
C GLY R 465 -7.42 -37.16 -9.86
N ARG R 466 -7.13 -36.59 -11.03
CA ARG R 466 -6.06 -37.13 -11.84
C ARG R 466 -4.69 -36.68 -11.36
N LYS R 467 -4.60 -35.67 -10.50
CA LYS R 467 -3.33 -35.43 -9.82
C LYS R 467 -3.09 -36.48 -8.74
N PHE R 468 -4.16 -37.05 -8.19
CA PHE R 468 -3.97 -38.16 -7.26
C PHE R 468 -3.53 -39.42 -7.98
N LEU R 469 -4.02 -39.63 -9.20
CA LEU R 469 -3.59 -40.77 -10.00
C LEU R 469 -2.25 -40.51 -10.70
N LEU R 470 -1.73 -39.28 -10.63
CA LEU R 470 -0.34 -39.05 -10.97
C LEU R 470 0.57 -39.66 -9.90
N GLN R 471 0.30 -39.33 -8.64
CA GLN R 471 1.28 -39.54 -7.57
C GLN R 471 1.44 -41.02 -7.24
N ALA R 472 0.30 -41.66 -6.98
CA ALA R 472 0.22 -43.10 -6.67
C ALA R 472 0.29 -43.90 -7.96
N GLY R 473 0.20 -43.23 -9.11
CA GLY R 473 0.24 -43.91 -10.42
C GLY R 473 -1.10 -44.54 -10.77
N LEU R 474 -1.08 -45.48 -11.72
CA LEU R 474 -2.20 -46.30 -12.26
C LEU R 474 -3.07 -45.52 -13.26
N LYS R 475 -4.11 -46.16 -13.77
CA LYS R 475 -5.04 -45.60 -14.74
C LYS R 475 -6.34 -46.39 -14.68
N ALA R 476 -7.41 -45.72 -15.09
CA ALA R 476 -8.72 -46.36 -15.15
C ALA R 476 -8.77 -47.36 -16.30
N LYS R 477 -9.79 -48.21 -16.27
CA LYS R 477 -9.96 -49.18 -17.33
C LYS R 477 -10.42 -48.47 -18.61
N PRO R 478 -9.86 -48.81 -19.76
CA PRO R 478 -10.16 -48.06 -20.98
C PRO R 478 -11.54 -48.40 -21.51
N LYS R 479 -12.20 -47.41 -22.10
CA LYS R 479 -13.53 -47.65 -22.66
C LYS R 479 -13.43 -48.11 -24.10
N PHE R 480 -12.38 -47.67 -24.81
CA PHE R 480 -12.18 -48.08 -26.19
C PHE R 480 -10.90 -48.90 -26.32
#